data_2I9Y
#
_entry.id   2I9Y
#
_entity_poly.entity_id   1
_entity_poly.type   'polypeptide(L)'
_entity_poly.pdbx_seq_one_letter_code
;GHHHHHHLETEASSLVGKLETDVEIKASADKFHHMFAGKPHHVSKASPGNIQGCDLHEGDWGTVGSIVFWNYVHDGEAKV
AKERIEAVEPDKNLITFRVIEGDLMKEYKSFLLTIQVTPKPGGPGSIVHWHLEYEKISEEVAHPETLLQFCVEVSKEIDE
HLLAEE
;
_entity_poly.pdbx_strand_id   A
#
# COMPACT_ATOMS: atom_id res chain seq x y z
N THR A 10 -7.35 -10.08 -28.74
CA THR A 10 -6.11 -9.39 -28.87
C THR A 10 -5.15 -9.80 -27.76
N GLU A 11 -5.73 -10.04 -26.55
CA GLU A 11 -4.97 -10.42 -25.36
C GLU A 11 -4.02 -9.30 -24.96
N ALA A 12 -3.26 -9.51 -23.94
CA ALA A 12 -2.21 -8.61 -23.59
C ALA A 12 -1.08 -8.83 -24.58
N SER A 13 -1.06 -8.03 -25.61
CA SER A 13 -0.08 -8.16 -26.67
C SER A 13 1.31 -7.78 -26.19
N SER A 14 1.36 -6.81 -25.33
CA SER A 14 2.63 -6.38 -24.76
C SER A 14 2.91 -7.19 -23.48
N LEU A 15 1.91 -8.01 -23.10
CA LEU A 15 1.88 -8.79 -21.85
C LEU A 15 1.91 -7.97 -20.57
N VAL A 16 2.38 -6.75 -20.64
CA VAL A 16 2.30 -5.88 -19.54
C VAL A 16 0.87 -5.34 -19.46
N GLY A 17 0.29 -5.54 -18.35
CA GLY A 17 -1.02 -5.12 -18.11
C GLY A 17 -1.02 -4.16 -16.99
N LYS A 18 -2.00 -3.37 -16.93
CA LYS A 18 -2.10 -2.37 -15.94
C LYS A 18 -3.53 -2.14 -15.61
N LEU A 19 -3.78 -1.68 -14.45
CA LEU A 19 -5.09 -1.34 -14.06
C LEU A 19 -4.96 -0.19 -13.11
N GLU A 20 -5.80 0.77 -13.23
CA GLU A 20 -5.75 1.93 -12.40
C GLU A 20 -7.11 2.19 -11.85
N THR A 21 -7.17 2.42 -10.57
CA THR A 21 -8.40 2.66 -9.91
C THR A 21 -8.18 3.76 -8.89
N ASP A 22 -9.22 4.40 -8.47
CA ASP A 22 -9.10 5.46 -7.52
C ASP A 22 -10.08 5.21 -6.42
N VAL A 23 -9.59 5.12 -5.23
CA VAL A 23 -10.44 4.86 -4.09
C VAL A 23 -10.54 6.13 -3.28
N GLU A 24 -11.70 6.40 -2.75
CA GLU A 24 -11.88 7.59 -1.99
C GLU A 24 -11.73 7.26 -0.52
N ILE A 25 -11.10 8.12 0.21
CA ILE A 25 -10.92 7.91 1.63
C ILE A 25 -11.38 9.14 2.39
N LYS A 26 -11.64 8.96 3.65
CA LYS A 26 -12.07 10.03 4.52
C LYS A 26 -10.87 10.56 5.24
N ALA A 27 -9.85 9.71 5.33
CA ALA A 27 -8.59 10.05 5.94
C ALA A 27 -7.92 11.18 5.18
N SER A 28 -7.39 12.10 5.94
CA SER A 28 -6.73 13.26 5.40
C SER A 28 -5.44 12.83 4.70
N ALA A 29 -5.16 13.42 3.53
CA ALA A 29 -3.91 13.16 2.81
C ALA A 29 -2.73 13.58 3.66
N ASP A 30 -2.93 14.65 4.40
CA ASP A 30 -1.92 15.17 5.32
C ASP A 30 -1.68 14.19 6.43
N LYS A 31 -2.74 13.56 6.87
CA LYS A 31 -2.72 12.61 7.94
C LYS A 31 -2.14 11.28 7.45
N PHE A 32 -2.30 11.00 6.17
CA PHE A 32 -1.68 9.82 5.55
C PHE A 32 -0.19 10.10 5.38
N HIS A 33 0.12 11.27 4.80
CA HIS A 33 1.50 11.75 4.55
C HIS A 33 2.31 11.73 5.87
N HIS A 34 1.59 11.89 6.93
CA HIS A 34 2.09 11.94 8.29
C HIS A 34 2.85 10.64 8.66
N MET A 35 2.45 9.50 8.05
CA MET A 35 3.07 8.19 8.34
C MET A 35 4.54 8.16 7.92
N PHE A 36 4.89 9.04 6.98
CA PHE A 36 6.25 9.11 6.47
C PHE A 36 7.16 9.89 7.43
N ALA A 37 6.60 10.35 8.52
CA ALA A 37 7.32 11.05 9.52
C ALA A 37 7.58 10.10 10.65
N GLY A 38 8.42 10.49 11.53
CA GLY A 38 8.84 9.64 12.60
C GLY A 38 7.98 9.68 13.84
N LYS A 39 6.66 9.55 13.67
CA LYS A 39 5.74 9.49 14.77
C LYS A 39 4.34 9.12 14.23
N PRO A 40 4.02 7.81 14.17
CA PRO A 40 2.70 7.32 13.77
C PRO A 40 1.85 6.87 14.99
N HIS A 41 2.41 7.10 16.18
CA HIS A 41 1.82 6.70 17.47
C HIS A 41 1.93 5.21 17.71
N HIS A 42 2.96 4.83 18.43
CA HIS A 42 3.22 3.47 18.84
C HIS A 42 4.47 3.49 19.70
N VAL A 43 4.32 3.21 20.95
CA VAL A 43 5.40 3.31 21.88
C VAL A 43 5.60 2.00 22.63
N SER A 44 6.84 1.63 22.84
CA SER A 44 7.14 0.47 23.60
C SER A 44 7.17 0.87 25.07
N LYS A 45 6.01 0.97 25.65
CA LYS A 45 5.88 1.42 27.00
C LYS A 45 5.66 0.24 27.92
N ALA A 46 6.03 0.42 29.20
CA ALA A 46 6.01 -0.63 30.23
C ALA A 46 7.12 -1.63 29.95
N SER A 47 8.07 -1.20 29.14
CA SER A 47 9.15 -2.03 28.73
C SER A 47 10.48 -1.50 29.25
N PRO A 48 10.99 -2.08 30.34
CA PRO A 48 12.30 -1.77 30.84
C PRO A 48 13.34 -2.75 30.25
N GLY A 49 12.89 -3.51 29.28
CA GLY A 49 13.70 -4.49 28.63
C GLY A 49 12.90 -5.69 28.21
N ASN A 50 11.76 -5.42 27.57
CA ASN A 50 10.85 -6.49 27.14
C ASN A 50 11.42 -7.20 25.93
N ILE A 51 11.71 -8.46 26.11
CA ILE A 51 12.27 -9.25 25.06
C ILE A 51 11.19 -9.96 24.26
N GLN A 52 11.08 -9.58 23.02
CA GLN A 52 10.12 -10.14 22.07
C GLN A 52 10.53 -9.76 20.66
N GLY A 53 11.77 -9.34 20.53
CA GLY A 53 12.24 -8.80 19.28
C GLY A 53 12.19 -7.31 19.34
N CYS A 54 12.67 -6.65 18.33
CA CYS A 54 12.64 -5.22 18.29
C CYS A 54 11.32 -4.81 17.67
N ASP A 55 10.53 -4.05 18.42
CA ASP A 55 9.22 -3.59 17.97
C ASP A 55 9.38 -2.77 16.70
N LEU A 56 8.49 -2.98 15.74
CA LEU A 56 8.55 -2.26 14.47
C LEU A 56 8.14 -0.81 14.65
N HIS A 57 9.13 0.03 14.82
CA HIS A 57 8.92 1.44 15.01
C HIS A 57 9.14 2.22 13.74
N GLU A 58 9.11 3.53 13.91
CA GLU A 58 9.29 4.54 12.88
C GLU A 58 10.35 4.14 11.86
N GLY A 59 10.07 4.43 10.62
CA GLY A 59 10.93 4.03 9.53
C GLY A 59 12.31 4.62 9.60
N ASP A 60 13.29 3.75 9.64
CA ASP A 60 14.69 4.14 9.64
C ASP A 60 15.43 3.24 8.66
N TRP A 61 14.66 2.66 7.75
CA TRP A 61 15.17 1.71 6.78
C TRP A 61 15.69 2.47 5.54
N GLY A 62 15.55 3.80 5.56
CA GLY A 62 16.07 4.63 4.49
C GLY A 62 15.03 5.00 3.45
N THR A 63 13.78 4.66 3.72
CA THR A 63 12.65 4.96 2.85
C THR A 63 12.69 4.10 1.55
N VAL A 64 13.52 4.48 0.59
CA VAL A 64 13.61 3.72 -0.64
C VAL A 64 14.35 2.41 -0.38
N GLY A 65 13.76 1.31 -0.83
CA GLY A 65 14.36 0.03 -0.59
C GLY A 65 13.88 -0.57 0.69
N SER A 66 13.04 0.15 1.39
CA SER A 66 12.50 -0.29 2.66
C SER A 66 11.62 -1.48 2.46
N ILE A 67 11.84 -2.47 3.26
CA ILE A 67 11.04 -3.63 3.27
C ILE A 67 10.44 -3.75 4.63
N VAL A 68 9.17 -3.65 4.65
CA VAL A 68 8.42 -3.68 5.86
C VAL A 68 7.28 -4.64 5.64
N PHE A 69 6.71 -5.13 6.69
CA PHE A 69 5.63 -6.03 6.55
C PHE A 69 4.46 -5.55 7.33
N TRP A 70 3.34 -5.59 6.70
CA TRP A 70 2.12 -5.16 7.30
C TRP A 70 1.31 -6.41 7.59
N ASN A 71 1.01 -6.60 8.86
CA ASN A 71 0.31 -7.78 9.35
C ASN A 71 -0.94 -7.35 10.07
N TYR A 72 -2.03 -7.97 9.74
CA TYR A 72 -3.29 -7.64 10.30
C TYR A 72 -4.19 -8.84 10.26
N VAL A 73 -5.22 -8.83 11.03
CA VAL A 73 -6.18 -9.88 11.01
C VAL A 73 -7.40 -9.36 10.32
N HIS A 74 -7.85 -10.08 9.34
CA HIS A 74 -8.97 -9.67 8.56
C HIS A 74 -9.88 -10.87 8.36
N ASP A 75 -11.07 -10.80 8.96
CA ASP A 75 -12.09 -11.89 8.94
C ASP A 75 -11.59 -13.14 9.64
N GLY A 76 -10.72 -12.95 10.61
CA GLY A 76 -10.21 -14.08 11.36
C GLY A 76 -8.94 -14.66 10.76
N GLU A 77 -8.60 -14.24 9.56
CA GLU A 77 -7.38 -14.69 8.93
C GLU A 77 -6.28 -13.70 9.16
N ALA A 78 -5.09 -14.21 9.29
CA ALA A 78 -3.92 -13.39 9.45
C ALA A 78 -3.43 -13.03 8.08
N LYS A 79 -3.45 -11.79 7.76
CA LYS A 79 -3.09 -11.35 6.46
C LYS A 79 -1.82 -10.55 6.58
N VAL A 80 -0.92 -10.80 5.71
CA VAL A 80 0.37 -10.15 5.71
C VAL A 80 0.68 -9.70 4.30
N ALA A 81 1.19 -8.51 4.18
CA ALA A 81 1.60 -7.99 2.90
C ALA A 81 3.09 -7.90 2.86
N LYS A 82 3.66 -8.49 1.83
CA LYS A 82 5.06 -8.47 1.61
C LYS A 82 5.34 -7.47 0.52
N GLU A 83 6.11 -6.47 0.85
CA GLU A 83 6.29 -5.33 0.01
C GLU A 83 7.69 -4.76 0.13
N ARG A 84 8.07 -4.03 -0.88
CA ARG A 84 9.31 -3.30 -0.89
C ARG A 84 9.04 -1.93 -1.45
N ILE A 85 9.53 -0.89 -0.79
CA ILE A 85 9.36 0.45 -1.32
C ILE A 85 10.27 0.64 -2.50
N GLU A 86 9.67 0.99 -3.61
CA GLU A 86 10.40 1.15 -4.84
C GLU A 86 10.74 2.64 -5.01
N ALA A 87 9.77 3.51 -4.70
CA ALA A 87 9.95 4.95 -4.85
C ALA A 87 8.97 5.71 -3.97
N VAL A 88 9.39 6.86 -3.46
CA VAL A 88 8.54 7.71 -2.60
C VAL A 88 8.75 9.19 -2.90
N GLU A 89 7.66 9.88 -3.18
CA GLU A 89 7.65 11.32 -3.36
C GLU A 89 7.17 11.96 -2.10
N PRO A 90 8.02 12.65 -1.36
CA PRO A 90 7.60 13.32 -0.17
C PRO A 90 6.74 14.55 -0.47
N ASP A 91 7.04 15.22 -1.57
CA ASP A 91 6.32 16.44 -1.93
C ASP A 91 4.98 16.14 -2.58
N LYS A 92 4.96 15.09 -3.38
CA LYS A 92 3.75 14.72 -4.12
C LYS A 92 2.93 13.70 -3.36
N ASN A 93 3.49 13.24 -2.24
CA ASN A 93 2.93 12.17 -1.39
C ASN A 93 2.64 10.93 -2.24
N LEU A 94 3.70 10.24 -2.63
CA LEU A 94 3.59 9.09 -3.49
C LEU A 94 4.37 7.96 -2.91
N ILE A 95 3.84 6.77 -2.99
CA ILE A 95 4.56 5.62 -2.55
C ILE A 95 4.35 4.44 -3.51
N THR A 96 5.43 3.95 -4.02
CA THR A 96 5.42 2.84 -4.95
C THR A 96 5.77 1.54 -4.21
N PHE A 97 4.87 0.56 -4.28
CA PHE A 97 5.06 -0.73 -3.65
C PHE A 97 5.45 -1.76 -4.69
N ARG A 98 6.42 -2.54 -4.38
CA ARG A 98 6.84 -3.64 -5.21
C ARG A 98 6.44 -4.92 -4.54
N VAL A 99 5.89 -5.87 -5.29
CA VAL A 99 5.57 -7.14 -4.74
C VAL A 99 6.86 -7.96 -4.62
N ILE A 100 7.04 -8.60 -3.51
CA ILE A 100 8.20 -9.43 -3.30
C ILE A 100 7.78 -10.88 -3.08
N GLU A 101 6.58 -11.06 -2.52
CA GLU A 101 5.98 -12.37 -2.33
C GLU A 101 5.97 -13.19 -3.62
N GLY A 102 6.40 -14.43 -3.50
CA GLY A 102 6.55 -15.31 -4.61
C GLY A 102 5.24 -15.87 -5.06
N ASP A 103 4.27 -15.90 -4.16
CA ASP A 103 2.92 -16.37 -4.47
C ASP A 103 2.30 -15.55 -5.59
N LEU A 104 2.39 -14.24 -5.49
CA LEU A 104 1.85 -13.35 -6.50
C LEU A 104 2.71 -13.39 -7.77
N MET A 105 3.98 -13.77 -7.60
CA MET A 105 4.93 -13.89 -8.72
C MET A 105 4.57 -15.10 -9.60
N LYS A 106 3.67 -15.95 -9.12
CA LYS A 106 3.26 -17.15 -9.86
C LYS A 106 2.17 -16.84 -10.87
N GLU A 107 1.69 -15.62 -10.84
CA GLU A 107 0.69 -15.16 -11.77
C GLU A 107 1.19 -13.96 -12.54
N TYR A 108 2.00 -13.15 -11.88
CA TYR A 108 2.58 -11.98 -12.48
C TYR A 108 4.05 -12.06 -12.25
N LYS A 109 4.82 -11.95 -13.29
CA LYS A 109 6.26 -12.07 -13.18
C LYS A 109 6.91 -10.78 -12.68
N SER A 110 6.06 -9.78 -12.55
CA SER A 110 6.39 -8.52 -11.97
C SER A 110 5.11 -7.73 -11.74
N PHE A 111 4.96 -7.21 -10.56
CA PHE A 111 3.79 -6.43 -10.18
C PHE A 111 4.23 -5.24 -9.36
N LEU A 112 3.85 -4.10 -9.81
CA LEU A 112 4.20 -2.88 -9.17
C LEU A 112 2.93 -2.08 -8.97
N LEU A 113 2.70 -1.61 -7.79
CA LEU A 113 1.53 -0.84 -7.50
C LEU A 113 1.91 0.42 -6.79
N THR A 114 1.50 1.51 -7.32
CA THR A 114 1.85 2.78 -6.78
C THR A 114 0.60 3.50 -6.30
N ILE A 115 0.64 4.07 -5.12
CA ILE A 115 -0.50 4.83 -4.63
C ILE A 115 -0.10 6.26 -4.34
N GLN A 116 -0.99 7.16 -4.60
CA GLN A 116 -0.77 8.56 -4.32
C GLN A 116 -2.01 9.12 -3.67
N VAL A 117 -1.86 9.62 -2.48
CA VAL A 117 -2.97 10.15 -1.74
C VAL A 117 -2.86 11.66 -1.72
N THR A 118 -3.75 12.31 -2.40
CA THR A 118 -3.72 13.74 -2.45
C THR A 118 -5.17 14.25 -2.35
N PRO A 119 -5.37 15.50 -1.87
CA PRO A 119 -6.67 16.14 -1.85
C PRO A 119 -7.22 16.24 -3.27
N LYS A 120 -8.46 15.93 -3.45
CA LYS A 120 -9.01 15.97 -4.78
C LYS A 120 -10.40 16.64 -4.81
N PRO A 121 -11.43 16.14 -4.06
CA PRO A 121 -12.71 16.83 -3.97
C PRO A 121 -12.56 18.18 -3.26
N GLY A 122 -11.60 18.26 -2.34
CA GLY A 122 -11.31 19.49 -1.65
C GLY A 122 -11.05 19.31 -0.18
N GLY A 123 -10.11 20.09 0.34
CA GLY A 123 -9.79 20.10 1.76
C GLY A 123 -9.27 18.77 2.25
N PRO A 124 -9.90 18.19 3.28
CA PRO A 124 -9.49 16.90 3.86
C PRO A 124 -9.87 15.73 2.95
N GLY A 125 -10.78 15.99 2.01
CA GLY A 125 -11.21 14.99 1.08
C GLY A 125 -10.09 14.55 0.20
N SER A 126 -9.61 13.36 0.45
CA SER A 126 -8.48 12.87 -0.24
C SER A 126 -8.84 11.62 -1.02
N ILE A 127 -8.21 11.47 -2.14
CA ILE A 127 -8.41 10.35 -3.01
C ILE A 127 -7.12 9.60 -3.14
N VAL A 128 -7.20 8.31 -3.08
CA VAL A 128 -6.04 7.50 -3.24
C VAL A 128 -6.00 6.94 -4.64
N HIS A 129 -5.00 7.32 -5.36
CA HIS A 129 -4.86 6.89 -6.72
C HIS A 129 -4.07 5.63 -6.74
N TRP A 130 -4.66 4.57 -7.20
CA TRP A 130 -3.98 3.33 -7.33
C TRP A 130 -3.55 3.16 -8.76
N HIS A 131 -2.29 3.00 -8.95
CA HIS A 131 -1.71 2.78 -10.24
C HIS A 131 -1.03 1.43 -10.21
N LEU A 132 -1.59 0.47 -10.92
CA LEU A 132 -1.06 -0.87 -10.90
C LEU A 132 -0.54 -1.24 -12.26
N GLU A 133 0.61 -1.85 -12.29
CA GLU A 133 1.24 -2.32 -13.51
C GLU A 133 1.81 -3.69 -13.25
N TYR A 134 1.50 -4.63 -14.11
CA TYR A 134 1.92 -6.00 -13.92
C TYR A 134 2.14 -6.74 -15.22
N GLU A 135 3.17 -7.52 -15.24
CA GLU A 135 3.56 -8.27 -16.40
C GLU A 135 2.95 -9.69 -16.32
N LYS A 136 2.05 -10.00 -17.24
CA LYS A 136 1.43 -11.31 -17.30
C LYS A 136 2.45 -12.36 -17.64
N ILE A 137 2.42 -13.45 -16.93
CA ILE A 137 3.23 -14.59 -17.32
C ILE A 137 2.58 -15.17 -18.57
N SER A 138 1.26 -15.16 -18.53
CA SER A 138 0.41 -15.50 -19.62
C SER A 138 -0.99 -15.01 -19.22
N GLU A 139 -1.94 -15.02 -20.13
CA GLU A 139 -3.25 -14.45 -19.89
C GLU A 139 -4.09 -15.19 -18.87
N GLU A 140 -4.31 -16.49 -19.10
CA GLU A 140 -5.11 -17.32 -18.19
C GLU A 140 -4.44 -17.40 -16.82
N VAL A 141 -3.18 -17.11 -16.83
CA VAL A 141 -2.35 -17.18 -15.64
C VAL A 141 -2.58 -15.94 -14.76
N ALA A 142 -2.86 -14.82 -15.39
CA ALA A 142 -3.08 -13.58 -14.68
C ALA A 142 -4.57 -13.39 -14.39
N HIS A 143 -4.89 -12.86 -13.23
CA HIS A 143 -6.28 -12.62 -12.84
C HIS A 143 -6.45 -11.24 -12.21
N PRO A 144 -6.73 -10.20 -13.06
CA PRO A 144 -6.88 -8.77 -12.61
C PRO A 144 -7.79 -8.59 -11.36
N GLU A 145 -8.69 -9.53 -11.17
CA GLU A 145 -9.59 -9.58 -10.04
C GLU A 145 -8.85 -9.48 -8.70
N THR A 146 -7.78 -10.23 -8.60
CA THR A 146 -7.08 -10.39 -7.36
C THR A 146 -6.41 -9.11 -6.89
N LEU A 147 -6.00 -8.27 -7.83
CA LEU A 147 -5.36 -7.04 -7.49
C LEU A 147 -6.36 -6.05 -6.93
N LEU A 148 -7.56 -6.01 -7.50
CA LEU A 148 -8.59 -5.09 -7.03
C LEU A 148 -9.02 -5.42 -5.62
N GLN A 149 -9.16 -6.70 -5.33
CA GLN A 149 -9.50 -7.14 -3.99
C GLN A 149 -8.41 -6.71 -3.01
N PHE A 150 -7.17 -6.87 -3.42
CA PHE A 150 -6.04 -6.49 -2.58
C PHE A 150 -6.09 -4.98 -2.30
N CYS A 151 -6.39 -4.21 -3.33
CA CYS A 151 -6.46 -2.76 -3.22
C CYS A 151 -7.57 -2.30 -2.27
N VAL A 152 -8.76 -2.85 -2.45
CA VAL A 152 -9.91 -2.42 -1.68
C VAL A 152 -9.76 -2.75 -0.19
N GLU A 153 -9.24 -3.92 0.09
CA GLU A 153 -9.08 -4.38 1.47
C GLU A 153 -8.04 -3.55 2.22
N VAL A 154 -7.06 -3.04 1.49
CA VAL A 154 -6.07 -2.16 2.09
C VAL A 154 -6.66 -0.76 2.29
N SER A 155 -7.37 -0.27 1.26
CA SER A 155 -7.97 1.08 1.28
C SER A 155 -8.84 1.31 2.50
N LYS A 156 -9.75 0.39 2.75
CA LYS A 156 -10.68 0.50 3.87
C LYS A 156 -9.96 0.41 5.21
N GLU A 157 -8.89 -0.37 5.25
CA GLU A 157 -8.17 -0.55 6.49
C GLU A 157 -7.38 0.66 6.83
N ILE A 158 -6.62 1.14 5.88
CA ILE A 158 -5.75 2.25 6.12
C ILE A 158 -6.54 3.50 6.45
N ASP A 159 -7.64 3.66 5.75
CA ASP A 159 -8.56 4.78 5.99
C ASP A 159 -9.12 4.75 7.40
N GLU A 160 -9.68 3.61 7.78
CA GLU A 160 -10.27 3.48 9.09
C GLU A 160 -9.25 3.48 10.20
N HIS A 161 -8.07 2.95 9.93
CA HIS A 161 -7.00 2.93 10.91
C HIS A 161 -6.57 4.35 11.23
N LEU A 162 -6.56 5.21 10.23
CA LEU A 162 -6.18 6.60 10.44
C LEU A 162 -7.32 7.36 11.10
N LEU A 163 -8.55 6.99 10.80
CA LEU A 163 -9.69 7.63 11.43
C LEU A 163 -9.80 7.22 12.89
N ALA A 164 -9.40 5.98 13.15
CA ALA A 164 -9.42 5.40 14.48
C ALA A 164 -8.35 6.00 15.38
N GLU A 165 -7.42 6.69 14.79
CA GLU A 165 -6.37 7.28 15.55
C GLU A 165 -6.43 8.79 15.52
N GLU A 166 -5.78 9.38 16.48
CA GLU A 166 -5.70 10.80 16.61
C GLU A 166 -4.86 11.38 15.50
N THR A 10 -4.00 -13.94 -26.23
CA THR A 10 -3.22 -12.83 -25.73
C THR A 10 -4.12 -11.68 -25.26
N GLU A 11 -5.17 -11.39 -26.04
CA GLU A 11 -6.13 -10.31 -25.77
C GLU A 11 -5.46 -8.97 -25.84
N ALA A 12 -4.76 -8.66 -24.83
CA ALA A 12 -3.97 -7.48 -24.76
C ALA A 12 -2.62 -7.83 -25.37
N SER A 13 -2.41 -7.37 -26.59
CA SER A 13 -1.23 -7.75 -27.38
C SER A 13 0.08 -7.36 -26.67
N SER A 14 0.03 -6.33 -25.87
CA SER A 14 1.19 -5.85 -25.17
C SER A 14 1.56 -6.73 -23.96
N LEU A 15 0.58 -7.52 -23.46
CA LEU A 15 0.70 -8.38 -22.25
C LEU A 15 1.12 -7.70 -20.95
N VAL A 16 1.64 -6.50 -21.03
CA VAL A 16 1.88 -5.76 -19.85
C VAL A 16 0.55 -5.24 -19.37
N GLY A 17 0.21 -5.64 -18.23
CA GLY A 17 -1.02 -5.31 -17.67
C GLY A 17 -0.88 -4.21 -16.71
N LYS A 18 -1.72 -3.32 -16.79
CA LYS A 18 -1.72 -2.21 -15.92
C LYS A 18 -3.11 -1.89 -15.56
N LEU A 19 -3.31 -1.52 -14.37
CA LEU A 19 -4.60 -1.18 -13.93
C LEU A 19 -4.47 -0.02 -12.99
N GLU A 20 -5.34 0.91 -13.11
CA GLU A 20 -5.29 2.06 -12.28
C GLU A 20 -6.68 2.33 -11.74
N THR A 21 -6.81 2.37 -10.45
CA THR A 21 -8.09 2.53 -9.83
C THR A 21 -8.02 3.65 -8.79
N ASP A 22 -9.15 4.10 -8.33
CA ASP A 22 -9.20 5.16 -7.35
C ASP A 22 -10.11 4.77 -6.22
N VAL A 23 -9.60 4.85 -5.03
CA VAL A 23 -10.37 4.56 -3.84
C VAL A 23 -10.38 5.80 -2.98
N GLU A 24 -11.53 6.18 -2.51
CA GLU A 24 -11.62 7.30 -1.64
C GLU A 24 -11.54 6.94 -0.17
N ILE A 25 -10.85 7.75 0.56
CA ILE A 25 -10.72 7.60 1.99
C ILE A 25 -11.42 8.77 2.64
N LYS A 26 -11.77 8.60 3.89
CA LYS A 26 -12.51 9.62 4.63
C LYS A 26 -11.56 10.68 5.17
N ALA A 27 -10.29 10.34 5.20
CA ALA A 27 -9.29 11.22 5.75
C ALA A 27 -8.72 12.14 4.70
N SER A 28 -8.25 13.29 5.14
CA SER A 28 -7.64 14.27 4.29
C SER A 28 -6.22 13.84 3.94
N ALA A 29 -5.78 14.16 2.72
CA ALA A 29 -4.43 13.87 2.24
C ALA A 29 -3.41 14.56 3.12
N ASP A 30 -3.85 15.64 3.75
CA ASP A 30 -3.06 16.42 4.67
C ASP A 30 -2.51 15.52 5.77
N LYS A 31 -3.35 14.64 6.31
CA LYS A 31 -2.91 13.77 7.38
C LYS A 31 -1.95 12.72 6.88
N PHE A 32 -2.16 12.29 5.66
CA PHE A 32 -1.30 11.30 5.04
C PHE A 32 0.08 11.94 4.80
N HIS A 33 0.07 13.22 4.44
CA HIS A 33 1.31 13.99 4.29
C HIS A 33 1.99 14.14 5.66
N HIS A 34 1.17 14.32 6.69
CA HIS A 34 1.66 14.38 8.08
C HIS A 34 2.34 13.08 8.48
N MET A 35 1.89 11.98 7.89
CA MET A 35 2.45 10.67 8.18
C MET A 35 3.84 10.51 7.58
N PHE A 36 4.09 11.15 6.44
CA PHE A 36 5.42 11.11 5.84
C PHE A 36 6.41 11.93 6.64
N ALA A 37 5.89 12.91 7.33
CA ALA A 37 6.69 13.67 8.26
C ALA A 37 6.94 12.79 9.46
N GLY A 38 5.85 12.33 10.05
CA GLY A 38 5.91 11.44 11.15
C GLY A 38 6.16 12.15 12.46
N LYS A 39 5.12 12.35 13.22
CA LYS A 39 5.27 12.91 14.55
C LYS A 39 5.24 11.76 15.51
N PRO A 40 6.38 11.37 16.07
CA PRO A 40 6.47 10.24 16.96
C PRO A 40 5.53 10.35 18.14
N HIS A 41 4.49 9.56 18.11
CA HIS A 41 3.57 9.49 19.22
C HIS A 41 4.11 8.53 20.25
N HIS A 42 4.96 9.05 21.10
CA HIS A 42 5.68 8.26 22.05
C HIS A 42 5.41 8.74 23.46
N VAL A 43 4.54 8.05 24.15
CA VAL A 43 4.24 8.33 25.54
C VAL A 43 3.39 7.22 26.18
N SER A 44 4.04 6.37 26.90
CA SER A 44 3.40 5.30 27.62
C SER A 44 4.05 5.18 29.00
N LYS A 45 4.78 6.20 29.34
CA LYS A 45 5.51 6.29 30.58
C LYS A 45 5.14 7.59 31.25
N ALA A 46 5.62 7.83 32.43
CA ALA A 46 5.38 9.08 33.10
C ALA A 46 6.24 10.14 32.46
N SER A 47 7.50 9.83 32.39
CA SER A 47 8.46 10.68 31.76
C SER A 47 9.21 9.82 30.75
N PRO A 48 8.84 9.91 29.48
CA PRO A 48 9.48 9.13 28.44
C PRO A 48 10.74 9.81 27.91
N GLY A 49 11.73 9.03 27.63
CA GLY A 49 12.93 9.54 27.02
C GLY A 49 12.78 9.50 25.53
N ASN A 50 13.28 10.53 24.87
CA ASN A 50 13.17 10.70 23.41
C ASN A 50 11.73 10.82 22.98
N ILE A 51 11.21 12.04 23.02
CA ILE A 51 9.86 12.29 22.58
C ILE A 51 9.85 12.21 21.06
N GLN A 52 10.76 12.94 20.45
CA GLN A 52 10.97 12.82 19.03
C GLN A 52 11.88 11.62 18.78
N GLY A 53 11.34 10.45 18.97
CA GLY A 53 12.09 9.24 18.81
C GLY A 53 12.03 8.76 17.40
N CYS A 54 12.56 9.52 16.49
CA CYS A 54 12.56 9.14 15.12
C CYS A 54 13.81 8.39 14.72
N ASP A 55 13.83 7.13 15.06
CA ASP A 55 14.89 6.23 14.66
C ASP A 55 14.35 5.31 13.57
N LEU A 56 13.13 4.87 13.75
CA LEU A 56 12.38 4.21 12.71
C LEU A 56 11.42 5.21 12.13
N HIS A 57 10.81 4.88 11.04
CA HIS A 57 9.93 5.81 10.38
C HIS A 57 8.85 4.95 9.70
N GLU A 58 8.29 5.37 8.58
CA GLU A 58 7.24 4.57 7.91
C GLU A 58 7.77 3.20 7.46
N GLY A 59 6.89 2.23 7.48
CA GLY A 59 7.27 0.89 7.14
C GLY A 59 7.91 0.20 8.32
N ASP A 60 9.22 0.32 8.41
CA ASP A 60 9.99 -0.26 9.52
C ASP A 60 11.39 0.23 9.48
N TRP A 61 12.05 0.00 8.36
CA TRP A 61 13.46 0.32 8.24
C TRP A 61 13.69 1.83 8.14
N GLY A 62 12.64 2.58 7.83
CA GLY A 62 12.74 4.04 7.82
C GLY A 62 13.49 4.59 6.64
N THR A 63 13.73 3.77 5.65
CA THR A 63 14.49 4.15 4.51
C THR A 63 13.99 3.39 3.29
N VAL A 64 14.39 3.82 2.10
CA VAL A 64 13.98 3.17 0.87
C VAL A 64 14.58 1.77 0.83
N GLY A 65 13.79 0.80 0.41
CA GLY A 65 14.24 -0.55 0.43
C GLY A 65 13.68 -1.29 1.61
N SER A 66 12.90 -0.58 2.42
CA SER A 66 12.24 -1.16 3.56
C SER A 66 11.27 -2.24 3.08
N ILE A 67 11.29 -3.36 3.76
CA ILE A 67 10.42 -4.47 3.47
C ILE A 67 9.74 -4.90 4.73
N VAL A 68 8.45 -4.83 4.72
CA VAL A 68 7.64 -5.26 5.85
C VAL A 68 6.56 -6.16 5.38
N PHE A 69 6.07 -6.97 6.26
CA PHE A 69 5.01 -7.81 5.91
C PHE A 69 3.78 -7.45 6.66
N TRP A 70 2.74 -7.31 5.94
CA TRP A 70 1.50 -6.90 6.45
C TRP A 70 0.59 -8.10 6.44
N ASN A 71 0.11 -8.44 7.60
CA ASN A 71 -0.78 -9.56 7.77
C ASN A 71 -2.16 -9.03 7.99
N TYR A 72 -3.09 -9.56 7.28
CA TYR A 72 -4.46 -9.15 7.38
C TYR A 72 -5.34 -10.36 7.20
N VAL A 73 -6.53 -10.30 7.69
CA VAL A 73 -7.41 -11.43 7.61
C VAL A 73 -8.46 -11.18 6.55
N HIS A 74 -8.52 -12.07 5.62
CA HIS A 74 -9.44 -11.99 4.54
C HIS A 74 -10.05 -13.37 4.29
N ASP A 75 -11.36 -13.45 4.42
CA ASP A 75 -12.16 -14.67 4.30
C ASP A 75 -11.80 -15.68 5.36
N GLY A 76 -11.34 -15.19 6.48
CA GLY A 76 -10.95 -16.05 7.57
C GLY A 76 -9.51 -16.54 7.48
N GLU A 77 -8.88 -16.34 6.35
CA GLU A 77 -7.49 -16.73 6.20
C GLU A 77 -6.60 -15.56 6.45
N ALA A 78 -5.43 -15.84 6.92
CA ALA A 78 -4.47 -14.80 7.15
C ALA A 78 -3.72 -14.57 5.87
N LYS A 79 -3.87 -13.41 5.33
CA LYS A 79 -3.23 -13.05 4.11
C LYS A 79 -1.99 -12.27 4.48
N VAL A 80 -1.00 -12.34 3.66
CA VAL A 80 0.21 -11.62 3.90
C VAL A 80 0.57 -10.84 2.66
N ALA A 81 0.93 -9.61 2.83
CA ALA A 81 1.26 -8.76 1.71
C ALA A 81 2.74 -8.58 1.68
N LYS A 82 3.29 -8.63 0.49
CA LYS A 82 4.70 -8.59 0.29
C LYS A 82 5.02 -7.27 -0.36
N GLU A 83 5.91 -6.50 0.22
CA GLU A 83 6.15 -5.18 -0.28
C GLU A 83 7.57 -4.73 -0.01
N ARG A 84 8.03 -3.84 -0.83
CA ARG A 84 9.29 -3.18 -0.66
C ARG A 84 9.05 -1.73 -1.01
N ILE A 85 9.65 -0.82 -0.28
CA ILE A 85 9.56 0.57 -0.69
C ILE A 85 10.50 0.79 -1.87
N GLU A 86 9.95 1.22 -2.98
CA GLU A 86 10.73 1.51 -4.18
C GLU A 86 10.97 2.99 -4.29
N ALA A 87 9.94 3.74 -4.00
CA ALA A 87 9.98 5.17 -4.11
C ALA A 87 9.04 5.74 -3.10
N VAL A 88 9.39 6.84 -2.53
CA VAL A 88 8.57 7.49 -1.55
C VAL A 88 8.72 9.01 -1.65
N GLU A 89 7.62 9.66 -1.85
CA GLU A 89 7.58 11.10 -1.95
C GLU A 89 6.76 11.64 -0.82
N PRO A 90 7.38 12.28 0.16
CA PRO A 90 6.66 12.83 1.30
C PRO A 90 5.64 13.88 0.89
N ASP A 91 6.05 14.81 0.04
CA ASP A 91 5.18 15.91 -0.38
C ASP A 91 4.23 15.55 -1.46
N LYS A 92 4.47 14.46 -2.13
CA LYS A 92 3.60 14.07 -3.20
C LYS A 92 2.62 13.02 -2.74
N ASN A 93 2.83 12.49 -1.52
CA ASN A 93 1.98 11.42 -0.97
C ASN A 93 2.05 10.21 -1.86
N LEU A 94 3.25 9.89 -2.29
CA LEU A 94 3.47 8.84 -3.25
C LEU A 94 4.31 7.76 -2.62
N ILE A 95 3.92 6.54 -2.82
CA ILE A 95 4.66 5.41 -2.34
C ILE A 95 4.52 4.23 -3.32
N THR A 96 5.65 3.77 -3.78
CA THR A 96 5.72 2.65 -4.70
C THR A 96 6.08 1.36 -3.95
N PHE A 97 5.29 0.30 -4.17
CA PHE A 97 5.48 -1.01 -3.56
C PHE A 97 5.91 -2.01 -4.64
N ARG A 98 6.69 -3.00 -4.25
CA ARG A 98 7.17 -4.02 -5.16
C ARG A 98 7.00 -5.40 -4.54
N VAL A 99 6.69 -6.40 -5.35
CA VAL A 99 6.61 -7.75 -4.87
C VAL A 99 8.04 -8.33 -4.74
N ILE A 100 8.37 -8.85 -3.58
CA ILE A 100 9.71 -9.41 -3.38
C ILE A 100 9.68 -10.90 -3.07
N GLU A 101 8.56 -11.38 -2.56
CA GLU A 101 8.46 -12.77 -2.13
C GLU A 101 8.33 -13.75 -3.32
N GLY A 102 7.14 -13.89 -3.87
CA GLY A 102 6.98 -14.83 -4.96
C GLY A 102 5.55 -15.22 -5.24
N ASP A 103 4.69 -15.15 -4.23
CA ASP A 103 3.23 -15.49 -4.36
C ASP A 103 2.56 -14.83 -5.59
N LEU A 104 2.77 -13.55 -5.76
CA LEU A 104 2.20 -12.82 -6.89
C LEU A 104 2.93 -13.15 -8.19
N MET A 105 4.18 -13.59 -8.06
CA MET A 105 5.04 -13.90 -9.21
C MET A 105 4.63 -15.23 -9.86
N LYS A 106 3.70 -15.92 -9.22
CA LYS A 106 3.18 -17.18 -9.75
C LYS A 106 2.07 -16.90 -10.74
N GLU A 107 1.65 -15.67 -10.80
CA GLU A 107 0.59 -15.26 -11.69
C GLU A 107 1.05 -14.14 -12.62
N TYR A 108 1.96 -13.33 -12.13
CA TYR A 108 2.53 -12.25 -12.90
C TYR A 108 4.00 -12.42 -12.87
N LYS A 109 4.67 -12.12 -13.93
CA LYS A 109 6.11 -12.30 -13.93
C LYS A 109 6.85 -11.06 -13.48
N SER A 110 6.08 -10.04 -13.16
CA SER A 110 6.55 -8.84 -12.52
C SER A 110 5.33 -8.07 -12.03
N PHE A 111 5.45 -7.41 -10.90
CA PHE A 111 4.33 -6.68 -10.32
C PHE A 111 4.83 -5.50 -9.51
N LEU A 112 4.49 -4.33 -9.95
CA LEU A 112 4.89 -3.11 -9.30
C LEU A 112 3.66 -2.22 -9.16
N LEU A 113 3.41 -1.71 -7.98
CA LEU A 113 2.25 -0.88 -7.76
C LEU A 113 2.62 0.37 -7.00
N THR A 114 2.06 1.45 -7.39
CA THR A 114 2.32 2.70 -6.76
C THR A 114 1.00 3.34 -6.34
N ILE A 115 0.94 3.88 -5.14
CA ILE A 115 -0.25 4.56 -4.69
C ILE A 115 0.09 6.00 -4.35
N GLN A 116 -0.83 6.88 -4.62
CA GLN A 116 -0.65 8.27 -4.32
C GLN A 116 -1.95 8.88 -3.87
N VAL A 117 -1.93 9.58 -2.78
CA VAL A 117 -3.15 10.15 -2.24
C VAL A 117 -3.31 11.60 -2.69
N THR A 118 -4.39 11.84 -3.37
CA THR A 118 -4.71 13.12 -3.93
C THR A 118 -6.05 13.59 -3.33
N PRO A 119 -6.11 14.82 -2.79
CA PRO A 119 -7.30 15.37 -2.11
C PRO A 119 -8.55 15.43 -3.01
N LYS A 120 -9.72 15.41 -2.39
CA LYS A 120 -10.96 15.51 -3.13
C LYS A 120 -11.33 16.95 -3.38
N PRO A 121 -11.97 17.24 -4.52
CA PRO A 121 -12.37 18.61 -4.86
C PRO A 121 -13.34 19.18 -3.81
N GLY A 122 -14.44 18.51 -3.61
CA GLY A 122 -15.42 18.97 -2.66
C GLY A 122 -15.66 17.95 -1.60
N GLY A 123 -14.61 17.49 -0.99
CA GLY A 123 -14.74 16.50 0.04
C GLY A 123 -13.57 16.56 0.99
N PRO A 124 -13.80 16.34 2.30
CA PRO A 124 -12.73 16.34 3.30
C PRO A 124 -11.75 15.19 3.07
N GLY A 125 -12.23 14.14 2.45
CA GLY A 125 -11.42 12.98 2.20
C GLY A 125 -10.50 13.16 1.00
N SER A 126 -9.94 12.08 0.54
CA SER A 126 -9.04 12.10 -0.58
C SER A 126 -9.11 10.79 -1.36
N ILE A 127 -8.69 10.83 -2.60
CA ILE A 127 -8.63 9.64 -3.43
C ILE A 127 -7.22 9.11 -3.49
N VAL A 128 -7.08 7.86 -3.22
CA VAL A 128 -5.83 7.21 -3.39
C VAL A 128 -5.80 6.60 -4.78
N HIS A 129 -4.85 7.04 -5.55
CA HIS A 129 -4.69 6.59 -6.89
C HIS A 129 -3.79 5.39 -6.91
N TRP A 130 -4.36 4.27 -7.22
CA TRP A 130 -3.61 3.05 -7.31
C TRP A 130 -3.17 2.86 -8.74
N HIS A 131 -1.91 2.77 -8.94
CA HIS A 131 -1.35 2.57 -10.24
C HIS A 131 -0.60 1.24 -10.19
N LEU A 132 -1.11 0.25 -10.88
CA LEU A 132 -0.52 -1.07 -10.86
C LEU A 132 0.00 -1.42 -12.23
N GLU A 133 1.22 -1.88 -12.30
CA GLU A 133 1.80 -2.32 -13.56
C GLU A 133 2.43 -3.67 -13.38
N TYR A 134 2.07 -4.58 -14.23
CA TYR A 134 2.50 -5.96 -14.11
C TYR A 134 2.59 -6.65 -15.46
N GLU A 135 3.36 -7.70 -15.54
CA GLU A 135 3.54 -8.41 -16.78
C GLU A 135 2.85 -9.77 -16.67
N LYS A 136 1.89 -10.04 -17.56
CA LYS A 136 1.19 -11.33 -17.56
C LYS A 136 2.12 -12.46 -17.90
N ILE A 137 2.02 -13.54 -17.17
CA ILE A 137 2.70 -14.75 -17.58
C ILE A 137 1.88 -15.30 -18.74
N SER A 138 0.59 -15.19 -18.58
CA SER A 138 -0.39 -15.53 -19.56
C SER A 138 -1.70 -14.98 -19.03
N GLU A 139 -2.73 -14.99 -19.85
CA GLU A 139 -4.03 -14.40 -19.48
C GLU A 139 -4.76 -15.18 -18.41
N GLU A 140 -4.99 -16.47 -18.66
CA GLU A 140 -5.67 -17.34 -17.69
C GLU A 140 -4.86 -17.43 -16.41
N VAL A 141 -3.60 -17.09 -16.52
CA VAL A 141 -2.68 -17.17 -15.41
C VAL A 141 -2.73 -15.89 -14.55
N ALA A 142 -3.27 -14.84 -15.10
CA ALA A 142 -3.35 -13.58 -14.39
C ALA A 142 -4.75 -13.34 -13.90
N HIS A 143 -4.88 -12.77 -12.71
CA HIS A 143 -6.20 -12.42 -12.17
C HIS A 143 -6.23 -11.02 -11.62
N PRO A 144 -6.52 -9.99 -12.46
CA PRO A 144 -6.61 -8.59 -12.00
C PRO A 144 -7.75 -8.41 -10.98
N GLU A 145 -8.59 -9.43 -10.93
CA GLU A 145 -9.74 -9.53 -10.04
C GLU A 145 -9.30 -9.37 -8.61
N THR A 146 -8.27 -10.09 -8.30
CA THR A 146 -7.78 -10.21 -6.98
C THR A 146 -6.94 -9.01 -6.59
N LEU A 147 -6.31 -8.40 -7.59
CA LEU A 147 -5.51 -7.20 -7.39
C LEU A 147 -6.41 -6.07 -6.89
N LEU A 148 -7.61 -5.99 -7.44
CA LEU A 148 -8.57 -5.00 -7.00
C LEU A 148 -9.01 -5.25 -5.59
N GLN A 149 -9.15 -6.51 -5.24
CA GLN A 149 -9.52 -6.87 -3.89
C GLN A 149 -8.40 -6.53 -2.92
N PHE A 150 -7.16 -6.70 -3.37
CA PHE A 150 -5.99 -6.33 -2.58
C PHE A 150 -6.03 -4.83 -2.28
N CYS A 151 -6.46 -4.05 -3.26
CA CYS A 151 -6.60 -2.62 -3.10
C CYS A 151 -7.61 -2.31 -1.99
N VAL A 152 -8.74 -3.01 -2.02
CA VAL A 152 -9.82 -2.82 -1.05
C VAL A 152 -9.32 -3.13 0.37
N GLU A 153 -8.58 -4.22 0.52
CA GLU A 153 -8.10 -4.66 1.82
C GLU A 153 -7.13 -3.66 2.45
N VAL A 154 -6.38 -2.98 1.62
CA VAL A 154 -5.49 -1.96 2.13
C VAL A 154 -6.33 -0.73 2.50
N SER A 155 -7.30 -0.42 1.63
CA SER A 155 -8.14 0.75 1.76
C SER A 155 -8.86 0.87 3.11
N LYS A 156 -9.37 -0.24 3.68
CA LYS A 156 -10.08 -0.09 4.95
C LYS A 156 -9.14 0.27 6.10
N GLU A 157 -7.96 -0.34 6.13
CA GLU A 157 -7.02 -0.11 7.23
C GLU A 157 -6.45 1.29 7.17
N ILE A 158 -6.01 1.68 5.99
CA ILE A 158 -5.38 2.97 5.80
C ILE A 158 -6.39 4.10 6.10
N ASP A 159 -7.64 3.87 5.70
CA ASP A 159 -8.73 4.83 5.93
C ASP A 159 -8.96 5.09 7.42
N GLU A 160 -9.11 4.03 8.19
CA GLU A 160 -9.38 4.17 9.62
C GLU A 160 -8.14 4.61 10.39
N HIS A 161 -6.98 4.19 9.91
CA HIS A 161 -5.72 4.48 10.59
C HIS A 161 -5.43 5.98 10.53
N LEU A 162 -5.82 6.63 9.44
CA LEU A 162 -5.62 8.07 9.32
C LEU A 162 -6.64 8.84 10.14
N LEU A 163 -7.77 8.24 10.39
CA LEU A 163 -8.82 8.87 11.18
C LEU A 163 -8.47 8.87 12.64
N ALA A 164 -7.56 8.01 13.00
CA ALA A 164 -7.07 7.93 14.33
C ALA A 164 -6.03 9.04 14.58
N GLU A 165 -5.33 8.94 15.67
CA GLU A 165 -4.32 9.93 16.05
C GLU A 165 -3.15 9.97 15.10
N GLU A 166 -2.52 11.11 15.01
CA GLU A 166 -1.37 11.31 14.17
C GLU A 166 -0.15 11.60 15.06
N THR A 10 -6.55 -16.35 -22.70
CA THR A 10 -5.36 -15.86 -23.35
C THR A 10 -5.69 -15.36 -24.75
N GLU A 11 -5.84 -14.06 -24.82
CA GLU A 11 -6.30 -13.36 -25.99
C GLU A 11 -5.56 -12.04 -26.14
N ALA A 12 -4.42 -11.95 -25.52
CA ALA A 12 -3.64 -10.75 -25.55
C ALA A 12 -2.18 -11.10 -25.67
N SER A 13 -1.59 -10.75 -26.79
CA SER A 13 -0.21 -11.04 -27.08
C SER A 13 0.74 -10.16 -26.25
N SER A 14 0.27 -8.98 -25.89
CA SER A 14 1.06 -7.97 -25.20
C SER A 14 1.69 -8.46 -23.89
N LEU A 15 0.90 -9.18 -23.07
CA LEU A 15 1.28 -9.65 -21.73
C LEU A 15 1.51 -8.51 -20.71
N VAL A 16 2.12 -7.44 -21.13
CA VAL A 16 2.28 -6.28 -20.27
C VAL A 16 0.95 -5.59 -20.13
N GLY A 17 0.57 -5.29 -18.93
CA GLY A 17 -0.69 -4.67 -18.69
C GLY A 17 -0.67 -3.76 -17.50
N LYS A 18 -1.76 -3.11 -17.31
CA LYS A 18 -1.95 -2.20 -16.22
C LYS A 18 -3.29 -2.36 -15.63
N LEU A 19 -3.40 -1.95 -14.42
CA LEU A 19 -4.66 -1.82 -13.80
C LEU A 19 -4.61 -0.58 -12.97
N GLU A 20 -5.56 0.25 -13.15
CA GLU A 20 -5.57 1.49 -12.46
C GLU A 20 -6.93 1.74 -11.88
N THR A 21 -6.96 2.08 -10.64
CA THR A 21 -8.20 2.33 -9.96
C THR A 21 -7.97 3.42 -8.93
N ASP A 22 -9.01 4.01 -8.46
CA ASP A 22 -8.90 5.01 -7.45
C ASP A 22 -9.88 4.69 -6.36
N VAL A 23 -9.41 4.78 -5.15
CA VAL A 23 -10.23 4.49 -4.00
C VAL A 23 -10.36 5.76 -3.19
N GLU A 24 -11.48 5.97 -2.60
CA GLU A 24 -11.69 7.14 -1.82
C GLU A 24 -11.42 6.81 -0.38
N ILE A 25 -10.66 7.64 0.27
CA ILE A 25 -10.44 7.51 1.68
C ILE A 25 -11.07 8.69 2.36
N LYS A 26 -11.54 8.50 3.56
CA LYS A 26 -12.22 9.56 4.30
C LYS A 26 -11.21 10.40 5.04
N ALA A 27 -9.98 9.96 4.99
CA ALA A 27 -8.90 10.64 5.61
C ALA A 27 -8.38 11.73 4.68
N SER A 28 -7.77 12.71 5.25
CA SER A 28 -7.21 13.78 4.49
C SER A 28 -5.83 13.40 4.01
N ALA A 29 -5.48 13.88 2.83
CA ALA A 29 -4.18 13.66 2.23
C ALA A 29 -3.10 14.21 3.15
N ASP A 30 -3.46 15.22 3.93
CA ASP A 30 -2.53 15.82 4.87
C ASP A 30 -2.05 14.83 5.89
N LYS A 31 -2.90 13.92 6.32
CA LYS A 31 -2.46 12.98 7.34
C LYS A 31 -1.51 11.94 6.79
N PHE A 32 -1.68 11.60 5.51
CA PHE A 32 -0.76 10.68 4.84
C PHE A 32 0.57 11.39 4.64
N HIS A 33 0.47 12.66 4.30
CA HIS A 33 1.60 13.55 4.13
C HIS A 33 2.39 13.66 5.45
N HIS A 34 1.66 13.74 6.55
CA HIS A 34 2.26 13.87 7.88
C HIS A 34 2.82 12.56 8.42
N MET A 35 2.11 11.45 8.22
CA MET A 35 2.47 10.16 8.87
C MET A 35 3.93 9.71 8.64
N PHE A 36 4.47 9.99 7.48
CA PHE A 36 5.81 9.52 7.17
C PHE A 36 6.91 10.47 7.70
N ALA A 37 6.57 11.70 7.95
CA ALA A 37 7.57 12.68 8.36
C ALA A 37 7.10 13.51 9.55
N GLY A 38 6.18 12.98 10.29
CA GLY A 38 5.63 13.66 11.43
C GLY A 38 5.62 12.78 12.64
N LYS A 39 6.75 12.11 12.86
CA LYS A 39 6.97 11.19 13.97
C LYS A 39 6.07 9.96 13.92
N PRO A 40 6.66 8.78 13.67
CA PRO A 40 5.91 7.51 13.66
C PRO A 40 5.69 6.96 15.09
N HIS A 41 5.75 7.87 16.05
CA HIS A 41 5.57 7.58 17.47
C HIS A 41 4.15 7.12 17.74
N HIS A 42 3.99 6.19 18.64
CA HIS A 42 2.69 5.78 19.08
C HIS A 42 2.68 5.76 20.58
N VAL A 43 1.59 6.13 21.18
CA VAL A 43 1.47 6.05 22.61
C VAL A 43 0.70 4.78 22.97
N SER A 44 1.17 4.04 23.92
CA SER A 44 0.56 2.80 24.28
C SER A 44 -0.16 2.89 25.61
N LYS A 45 -1.45 3.12 25.55
CA LYS A 45 -2.31 3.21 26.71
C LYS A 45 -3.63 2.56 26.38
N ALA A 46 -4.53 2.48 27.37
CA ALA A 46 -5.89 1.89 27.19
C ALA A 46 -5.80 0.42 26.78
N SER A 47 -4.71 -0.24 27.19
CA SER A 47 -4.41 -1.62 26.84
C SER A 47 -4.09 -1.75 25.34
N PRO A 48 -2.79 -1.69 24.99
CA PRO A 48 -2.34 -1.70 23.59
C PRO A 48 -2.34 -3.10 22.95
N GLY A 49 -1.74 -4.05 23.61
CA GLY A 49 -1.60 -5.37 23.05
C GLY A 49 -0.19 -5.60 22.57
N ASN A 50 -0.02 -6.59 21.71
CA ASN A 50 1.29 -6.98 21.14
C ASN A 50 2.24 -7.44 22.23
N ILE A 51 2.31 -8.73 22.43
CA ILE A 51 3.10 -9.28 23.51
C ILE A 51 4.56 -9.58 23.14
N GLN A 52 5.41 -8.59 23.31
CA GLN A 52 6.87 -8.69 23.06
C GLN A 52 7.18 -9.01 21.59
N GLY A 53 8.42 -9.36 21.32
CA GLY A 53 8.84 -9.70 19.98
C GLY A 53 10.21 -9.16 19.65
N CYS A 54 10.67 -8.19 20.45
CA CYS A 54 11.98 -7.51 20.29
C CYS A 54 12.03 -6.59 19.05
N ASP A 55 11.51 -7.07 17.94
CA ASP A 55 11.49 -6.33 16.70
C ASP A 55 10.54 -5.14 16.79
N LEU A 56 10.94 -4.03 16.24
CA LEU A 56 10.14 -2.85 16.24
C LEU A 56 10.01 -2.29 14.84
N HIS A 57 9.02 -2.76 14.13
CA HIS A 57 8.72 -2.33 12.78
C HIS A 57 7.24 -2.45 12.55
N GLU A 58 6.54 -1.35 12.60
CA GLU A 58 5.13 -1.38 12.30
C GLU A 58 4.95 -1.41 10.81
N GLY A 59 5.32 -0.33 10.15
CA GLY A 59 5.18 -0.27 8.72
C GLY A 59 6.33 0.42 8.03
N ASP A 60 7.45 0.61 8.72
CA ASP A 60 8.58 1.31 8.06
C ASP A 60 9.91 0.97 8.71
N TRP A 61 10.97 1.23 7.97
CA TRP A 61 12.33 1.22 8.48
C TRP A 61 12.81 2.67 8.63
N GLY A 62 12.03 3.58 8.07
CA GLY A 62 12.37 4.99 8.10
C GLY A 62 13.19 5.42 6.89
N THR A 63 13.66 4.44 6.16
CA THR A 63 14.52 4.66 5.02
C THR A 63 13.84 4.09 3.76
N VAL A 64 14.11 4.70 2.60
CA VAL A 64 13.57 4.19 1.34
C VAL A 64 14.26 2.86 1.06
N GLY A 65 13.51 1.90 0.57
CA GLY A 65 14.06 0.58 0.41
C GLY A 65 13.54 -0.32 1.51
N SER A 66 12.70 0.29 2.33
CA SER A 66 12.07 -0.35 3.45
C SER A 66 11.21 -1.52 2.99
N ILE A 67 11.28 -2.60 3.75
CA ILE A 67 10.48 -3.78 3.52
C ILE A 67 9.86 -4.17 4.83
N VAL A 68 8.59 -4.12 4.89
CA VAL A 68 7.90 -4.44 6.10
C VAL A 68 6.76 -5.38 5.79
N PHE A 69 6.36 -6.17 6.74
CA PHE A 69 5.28 -7.07 6.51
C PHE A 69 4.12 -6.68 7.38
N TRP A 70 3.03 -6.41 6.75
CA TRP A 70 1.87 -5.95 7.42
C TRP A 70 0.81 -7.03 7.32
N ASN A 71 0.01 -7.18 8.34
CA ASN A 71 -1.02 -8.19 8.34
C ASN A 71 -2.37 -7.57 8.06
N TYR A 72 -3.09 -8.15 7.16
CA TYR A 72 -4.41 -7.68 6.81
C TYR A 72 -5.36 -8.83 6.93
N VAL A 73 -6.59 -8.57 7.19
CA VAL A 73 -7.53 -9.63 7.40
C VAL A 73 -8.44 -9.74 6.20
N HIS A 74 -8.39 -10.88 5.56
CA HIS A 74 -9.15 -11.14 4.39
C HIS A 74 -9.92 -12.42 4.58
N ASP A 75 -11.24 -12.28 4.69
CA ASP A 75 -12.17 -13.39 4.88
C ASP A 75 -11.96 -14.10 6.20
N GLY A 76 -11.51 -13.34 7.16
CA GLY A 76 -11.28 -13.86 8.48
C GLY A 76 -9.87 -14.36 8.72
N GLU A 77 -9.07 -14.50 7.68
CA GLU A 77 -7.68 -14.87 7.89
C GLU A 77 -6.83 -13.64 7.91
N ALA A 78 -5.85 -13.65 8.75
CA ALA A 78 -4.90 -12.58 8.77
C ALA A 78 -3.79 -13.01 7.85
N LYS A 79 -3.64 -12.30 6.79
CA LYS A 79 -2.71 -12.66 5.77
C LYS A 79 -1.61 -11.64 5.81
N VAL A 80 -0.54 -11.88 5.13
CA VAL A 80 0.58 -10.99 5.20
C VAL A 80 0.81 -10.33 3.86
N ALA A 81 1.11 -9.07 3.88
CA ALA A 81 1.42 -8.35 2.70
C ALA A 81 2.90 -8.08 2.71
N LYS A 82 3.57 -8.54 1.69
CA LYS A 82 4.98 -8.40 1.58
C LYS A 82 5.28 -7.40 0.49
N GLU A 83 6.01 -6.38 0.86
CA GLU A 83 6.15 -5.22 0.04
C GLU A 83 7.55 -4.67 0.07
N ARG A 84 7.82 -3.83 -0.87
CA ARG A 84 9.05 -3.13 -0.97
C ARG A 84 8.77 -1.70 -1.36
N ILE A 85 9.23 -0.77 -0.55
CA ILE A 85 9.13 0.61 -0.94
C ILE A 85 10.23 0.91 -1.93
N GLU A 86 9.85 1.35 -3.09
CA GLU A 86 10.80 1.67 -4.13
C GLU A 86 10.98 3.19 -4.19
N ALA A 87 9.97 3.89 -3.73
CA ALA A 87 9.97 5.33 -3.70
C ALA A 87 8.88 5.80 -2.77
N VAL A 88 9.14 6.84 -2.04
CA VAL A 88 8.17 7.39 -1.14
C VAL A 88 8.34 8.92 -1.05
N GLU A 89 7.30 9.62 -1.35
CA GLU A 89 7.30 11.05 -1.34
C GLU A 89 6.39 11.55 -0.22
N PRO A 90 6.96 12.07 0.86
CA PRO A 90 6.17 12.60 1.99
C PRO A 90 5.28 13.77 1.59
N ASP A 91 5.84 14.67 0.80
CA ASP A 91 5.09 15.83 0.34
C ASP A 91 4.17 15.56 -0.81
N LYS A 92 4.57 14.66 -1.69
CA LYS A 92 3.76 14.37 -2.86
C LYS A 92 2.70 13.33 -2.57
N ASN A 93 2.78 12.70 -1.38
CA ASN A 93 1.81 11.67 -0.94
C ASN A 93 1.88 10.47 -1.88
N LEU A 94 3.08 10.14 -2.29
CA LEU A 94 3.31 9.11 -3.29
C LEU A 94 4.14 7.99 -2.71
N ILE A 95 3.79 6.77 -3.04
CA ILE A 95 4.56 5.64 -2.60
C ILE A 95 4.48 4.49 -3.62
N THR A 96 5.64 4.06 -4.04
CA THR A 96 5.80 2.99 -5.00
C THR A 96 6.12 1.64 -4.30
N PHE A 97 5.29 0.62 -4.55
CA PHE A 97 5.47 -0.72 -3.98
C PHE A 97 5.91 -1.71 -5.05
N ARG A 98 6.88 -2.52 -4.74
CA ARG A 98 7.35 -3.58 -5.62
C ARG A 98 6.93 -4.93 -5.02
N VAL A 99 6.68 -5.92 -5.88
CA VAL A 99 6.38 -7.28 -5.44
C VAL A 99 7.70 -7.94 -4.94
N ILE A 100 7.59 -8.76 -3.92
CA ILE A 100 8.75 -9.47 -3.40
C ILE A 100 8.43 -10.93 -3.08
N GLU A 101 7.24 -11.14 -2.51
CA GLU A 101 6.79 -12.41 -2.00
C GLU A 101 6.90 -13.65 -2.91
N GLY A 102 6.18 -13.69 -3.98
CA GLY A 102 6.25 -14.82 -4.86
C GLY A 102 4.87 -15.30 -5.26
N ASP A 103 3.89 -15.07 -4.40
CA ASP A 103 2.51 -15.48 -4.67
C ASP A 103 1.92 -14.68 -5.81
N LEU A 104 2.17 -13.38 -5.81
CA LEU A 104 1.70 -12.52 -6.91
C LEU A 104 2.46 -12.85 -8.18
N MET A 105 3.65 -13.39 -8.00
CA MET A 105 4.53 -13.78 -9.10
C MET A 105 4.09 -15.11 -9.73
N LYS A 106 3.10 -15.75 -9.14
CA LYS A 106 2.58 -16.99 -9.70
C LYS A 106 1.60 -16.66 -10.80
N GLU A 107 1.12 -15.45 -10.79
CA GLU A 107 0.12 -15.03 -11.75
C GLU A 107 0.72 -13.96 -12.69
N TYR A 108 1.72 -13.26 -12.20
CA TYR A 108 2.37 -12.20 -12.98
C TYR A 108 3.86 -12.38 -12.89
N LYS A 109 4.56 -12.03 -13.94
CA LYS A 109 6.00 -12.17 -13.98
C LYS A 109 6.66 -10.97 -13.33
N SER A 110 5.89 -9.92 -13.20
CA SER A 110 6.32 -8.69 -12.64
C SER A 110 5.09 -7.94 -12.17
N PHE A 111 5.20 -7.26 -11.05
CA PHE A 111 4.07 -6.53 -10.49
C PHE A 111 4.59 -5.41 -9.57
N LEU A 112 4.33 -4.20 -9.96
CA LEU A 112 4.71 -3.08 -9.17
C LEU A 112 3.61 -2.04 -9.24
N LEU A 113 3.23 -1.52 -8.10
CA LEU A 113 2.13 -0.62 -8.03
C LEU A 113 2.50 0.63 -7.27
N THR A 114 2.13 1.75 -7.78
CA THR A 114 2.40 2.99 -7.16
C THR A 114 1.08 3.66 -6.79
N ILE A 115 0.96 4.09 -5.56
CA ILE A 115 -0.24 4.75 -5.12
C ILE A 115 0.07 6.17 -4.70
N GLN A 116 -0.88 7.05 -4.88
CA GLN A 116 -0.71 8.41 -4.48
C GLN A 116 -2.01 8.96 -3.96
N VAL A 117 -1.96 9.62 -2.83
CA VAL A 117 -3.15 10.17 -2.21
C VAL A 117 -3.29 11.61 -2.63
N THR A 118 -4.36 11.91 -3.28
CA THR A 118 -4.57 13.20 -3.82
C THR A 118 -5.82 13.85 -3.19
N PRO A 119 -5.68 15.08 -2.64
CA PRO A 119 -6.82 15.82 -2.13
C PRO A 119 -7.72 16.21 -3.27
N LYS A 120 -8.89 15.64 -3.31
CA LYS A 120 -9.78 15.85 -4.43
C LYS A 120 -11.20 16.27 -3.98
N PRO A 121 -11.89 15.53 -3.06
CA PRO A 121 -13.19 15.98 -2.54
C PRO A 121 -13.05 17.27 -1.71
N GLY A 122 -12.09 17.28 -0.81
CA GLY A 122 -11.86 18.44 0.01
C GLY A 122 -10.98 18.11 1.19
N GLY A 123 -11.49 18.35 2.38
CA GLY A 123 -10.74 18.06 3.57
C GLY A 123 -10.87 16.60 3.94
N PRO A 124 -11.97 16.21 4.60
CA PRO A 124 -12.26 14.82 4.88
C PRO A 124 -12.65 14.07 3.60
N GLY A 125 -11.69 13.44 3.02
CA GLY A 125 -11.92 12.74 1.81
C GLY A 125 -10.84 13.03 0.81
N SER A 126 -10.11 12.01 0.45
CA SER A 126 -9.06 12.12 -0.50
C SER A 126 -9.13 10.93 -1.44
N ILE A 127 -8.70 11.10 -2.65
CA ILE A 127 -8.73 10.02 -3.59
C ILE A 127 -7.35 9.45 -3.76
N VAL A 128 -7.24 8.19 -3.54
CA VAL A 128 -5.98 7.51 -3.70
C VAL A 128 -5.95 6.82 -5.05
N HIS A 129 -5.02 7.22 -5.87
CA HIS A 129 -4.90 6.68 -7.20
C HIS A 129 -3.92 5.53 -7.22
N TRP A 130 -4.40 4.37 -7.52
CA TRP A 130 -3.61 3.17 -7.55
C TRP A 130 -3.20 2.89 -8.99
N HIS A 131 -1.92 2.81 -9.23
CA HIS A 131 -1.44 2.47 -10.55
C HIS A 131 -0.75 1.14 -10.44
N LEU A 132 -1.31 0.14 -11.01
CA LEU A 132 -0.72 -1.18 -10.95
C LEU A 132 -0.17 -1.50 -12.31
N GLU A 133 1.10 -1.80 -12.37
CA GLU A 133 1.75 -2.13 -13.60
C GLU A 133 2.36 -3.50 -13.47
N TYR A 134 2.04 -4.36 -14.38
CA TYR A 134 2.40 -5.74 -14.26
C TYR A 134 2.52 -6.44 -15.59
N GLU A 135 3.11 -7.59 -15.58
CA GLU A 135 3.28 -8.37 -16.76
C GLU A 135 2.68 -9.76 -16.53
N LYS A 136 1.67 -10.12 -17.32
CA LYS A 136 1.02 -11.43 -17.22
C LYS A 136 2.03 -12.52 -17.55
N ILE A 137 1.98 -13.64 -16.85
CA ILE A 137 2.81 -14.76 -17.27
C ILE A 137 2.10 -15.37 -18.45
N SER A 138 0.82 -15.36 -18.32
CA SER A 138 -0.11 -15.75 -19.30
C SER A 138 -1.40 -15.07 -18.89
N GLU A 139 -2.29 -14.87 -19.81
CA GLU A 139 -3.50 -14.10 -19.55
C GLU A 139 -4.47 -14.88 -18.69
N GLU A 140 -4.68 -16.13 -19.07
CA GLU A 140 -5.59 -17.03 -18.38
C GLU A 140 -5.13 -17.28 -16.96
N VAL A 141 -3.87 -17.04 -16.73
CA VAL A 141 -3.23 -17.29 -15.45
C VAL A 141 -3.33 -16.04 -14.55
N ALA A 142 -3.63 -14.93 -15.15
CA ALA A 142 -3.70 -13.68 -14.44
C ALA A 142 -5.13 -13.37 -14.01
N HIS A 143 -5.27 -12.60 -12.96
CA HIS A 143 -6.57 -12.19 -12.45
C HIS A 143 -6.59 -10.74 -11.97
N PRO A 144 -6.95 -9.80 -12.85
CA PRO A 144 -7.13 -8.39 -12.47
C PRO A 144 -8.13 -8.17 -11.29
N GLU A 145 -9.06 -9.12 -11.11
CA GLU A 145 -10.04 -9.03 -10.03
C GLU A 145 -9.39 -9.09 -8.66
N THR A 146 -8.41 -9.94 -8.52
CA THR A 146 -7.75 -10.15 -7.26
C THR A 146 -6.89 -8.94 -6.94
N LEU A 147 -6.42 -8.29 -7.99
CA LEU A 147 -5.60 -7.08 -7.85
C LEU A 147 -6.45 -5.96 -7.29
N LEU A 148 -7.69 -5.87 -7.78
CA LEU A 148 -8.62 -4.88 -7.26
C LEU A 148 -8.92 -5.14 -5.80
N GLN A 149 -9.10 -6.41 -5.44
CA GLN A 149 -9.35 -6.78 -4.06
C GLN A 149 -8.17 -6.44 -3.18
N PHE A 150 -6.97 -6.66 -3.69
CA PHE A 150 -5.74 -6.33 -2.98
C PHE A 150 -5.75 -4.84 -2.63
N CYS A 151 -6.18 -4.03 -3.58
CA CYS A 151 -6.31 -2.60 -3.37
C CYS A 151 -7.36 -2.31 -2.28
N VAL A 152 -8.50 -2.98 -2.40
CA VAL A 152 -9.62 -2.82 -1.47
C VAL A 152 -9.22 -3.18 -0.03
N GLU A 153 -8.50 -4.27 0.13
CA GLU A 153 -8.09 -4.72 1.46
C GLU A 153 -7.19 -3.71 2.14
N VAL A 154 -6.23 -3.19 1.40
CA VAL A 154 -5.33 -2.18 1.93
C VAL A 154 -6.10 -0.89 2.24
N SER A 155 -7.12 -0.60 1.43
CA SER A 155 -7.94 0.59 1.60
C SER A 155 -8.51 0.75 3.02
N LYS A 156 -9.03 -0.34 3.62
CA LYS A 156 -9.56 -0.21 5.00
C LYS A 156 -8.47 0.12 5.98
N GLU A 157 -7.31 -0.47 5.80
CA GLU A 157 -6.21 -0.23 6.71
C GLU A 157 -5.78 1.22 6.64
N ILE A 158 -5.52 1.69 5.45
CA ILE A 158 -5.01 3.03 5.27
C ILE A 158 -6.07 4.09 5.66
N ASP A 159 -7.31 3.85 5.25
CA ASP A 159 -8.42 4.79 5.53
C ASP A 159 -8.63 4.93 7.03
N GLU A 160 -8.78 3.81 7.70
CA GLU A 160 -9.04 3.83 9.13
C GLU A 160 -7.81 4.18 9.94
N HIS A 161 -6.64 3.84 9.44
CA HIS A 161 -5.40 4.05 10.22
C HIS A 161 -5.14 5.53 10.37
N LEU A 162 -5.46 6.30 9.34
CA LEU A 162 -5.30 7.74 9.42
C LEU A 162 -6.41 8.37 10.25
N LEU A 163 -7.59 7.76 10.22
CA LEU A 163 -8.71 8.26 11.01
C LEU A 163 -8.52 7.93 12.48
N ALA A 164 -7.76 6.89 12.74
CA ALA A 164 -7.37 6.55 14.07
C ALA A 164 -6.26 7.48 14.48
N GLU A 165 -6.59 8.40 15.32
CA GLU A 165 -5.63 9.39 15.75
C GLU A 165 -4.59 8.82 16.69
N GLU A 166 -3.45 9.42 16.66
CA GLU A 166 -2.34 8.99 17.42
C GLU A 166 -1.71 10.21 18.09
N THR A 10 -9.93 -7.81 -20.80
CA THR A 10 -8.82 -6.98 -21.16
C THR A 10 -7.56 -7.83 -21.29
N GLU A 11 -7.31 -8.29 -22.47
CA GLU A 11 -6.19 -9.13 -22.74
C GLU A 11 -5.23 -8.43 -23.67
N ALA A 12 -4.10 -9.03 -23.91
CA ALA A 12 -3.09 -8.43 -24.74
C ALA A 12 -2.10 -9.47 -25.20
N SER A 13 -1.84 -9.47 -26.48
CA SER A 13 -0.87 -10.38 -27.07
C SER A 13 0.52 -10.12 -26.48
N SER A 14 0.72 -8.87 -26.09
CA SER A 14 1.96 -8.42 -25.54
C SER A 14 2.14 -8.87 -24.06
N LEU A 15 1.09 -9.50 -23.48
CA LEU A 15 1.07 -9.97 -22.08
C LEU A 15 1.20 -8.82 -21.06
N VAL A 16 1.04 -7.60 -21.51
CA VAL A 16 1.13 -6.45 -20.65
C VAL A 16 -0.12 -6.39 -19.75
N GLY A 17 0.03 -5.83 -18.58
CA GLY A 17 -1.08 -5.73 -17.69
C GLY A 17 -1.08 -4.47 -16.87
N LYS A 18 -2.14 -3.76 -16.95
CA LYS A 18 -2.33 -2.60 -16.14
C LYS A 18 -3.66 -2.64 -15.49
N LEU A 19 -3.77 -1.94 -14.42
CA LEU A 19 -5.03 -1.67 -13.83
C LEU A 19 -4.90 -0.39 -13.06
N GLU A 20 -5.84 0.49 -13.23
CA GLU A 20 -5.82 1.73 -12.53
C GLU A 20 -7.15 1.96 -11.90
N THR A 21 -7.12 2.33 -10.67
CA THR A 21 -8.31 2.55 -9.93
C THR A 21 -8.07 3.70 -8.95
N ASP A 22 -9.12 4.21 -8.40
CA ASP A 22 -9.01 5.26 -7.43
C ASP A 22 -9.94 4.98 -6.29
N VAL A 23 -9.40 4.91 -5.12
CA VAL A 23 -10.17 4.63 -3.93
C VAL A 23 -10.24 5.89 -3.12
N GLU A 24 -11.35 6.15 -2.53
CA GLU A 24 -11.48 7.33 -1.73
C GLU A 24 -11.19 6.97 -0.30
N ILE A 25 -10.46 7.80 0.37
CA ILE A 25 -10.27 7.63 1.79
C ILE A 25 -11.04 8.73 2.48
N LYS A 26 -11.49 8.48 3.66
CA LYS A 26 -12.28 9.45 4.40
C LYS A 26 -11.36 10.42 5.12
N ALA A 27 -10.09 10.14 5.06
CA ALA A 27 -9.09 10.94 5.68
C ALA A 27 -8.56 11.96 4.72
N SER A 28 -7.81 12.87 5.21
CA SER A 28 -7.22 13.88 4.42
C SER A 28 -5.84 13.44 3.96
N ALA A 29 -5.39 14.00 2.87
CA ALA A 29 -4.11 13.66 2.30
C ALA A 29 -2.99 14.12 3.22
N ASP A 30 -3.27 15.14 4.01
CA ASP A 30 -2.29 15.64 4.94
C ASP A 30 -2.01 14.63 6.04
N LYS A 31 -3.00 13.82 6.40
CA LYS A 31 -2.74 12.80 7.40
C LYS A 31 -1.82 11.71 6.89
N PHE A 32 -1.87 11.47 5.58
CA PHE A 32 -0.95 10.52 4.94
C PHE A 32 0.45 11.12 5.06
N HIS A 33 0.52 12.40 4.78
CA HIS A 33 1.72 13.21 4.94
C HIS A 33 2.26 13.15 6.40
N HIS A 34 1.36 13.17 7.37
CA HIS A 34 1.72 13.13 8.80
C HIS A 34 2.12 11.75 9.30
N MET A 35 1.53 10.69 8.74
CA MET A 35 1.80 9.33 9.24
C MET A 35 3.26 8.95 9.07
N PHE A 36 3.90 9.52 8.07
CA PHE A 36 5.29 9.24 7.76
C PHE A 36 6.21 9.76 8.88
N ALA A 37 5.70 10.68 9.66
CA ALA A 37 6.47 11.31 10.69
C ALA A 37 6.16 10.74 12.08
N GLY A 38 5.48 9.61 12.16
CA GLY A 38 5.18 9.07 13.49
C GLY A 38 4.43 7.75 13.49
N LYS A 39 3.38 7.67 12.72
CA LYS A 39 2.57 6.46 12.67
C LYS A 39 3.31 5.33 11.97
N PRO A 40 3.17 4.10 12.48
CA PRO A 40 3.75 2.93 11.84
C PRO A 40 3.10 2.66 10.48
N HIS A 41 3.71 1.84 9.68
CA HIS A 41 3.22 1.52 8.35
C HIS A 41 2.22 0.36 8.39
N HIS A 42 2.13 -0.26 9.54
CA HIS A 42 1.29 -1.41 9.80
C HIS A 42 0.61 -1.23 11.14
N VAL A 43 -0.61 -1.81 11.30
CA VAL A 43 -1.27 -1.83 12.61
C VAL A 43 -0.33 -2.40 13.67
N SER A 44 -0.09 -1.63 14.69
CA SER A 44 0.86 -1.97 15.69
C SER A 44 0.16 -2.43 16.98
N LYS A 45 0.20 -3.73 17.24
CA LYS A 45 -0.37 -4.32 18.42
C LYS A 45 0.12 -5.77 18.53
N ALA A 46 0.30 -6.26 19.73
CA ALA A 46 0.80 -7.60 19.92
C ALA A 46 -0.31 -8.64 19.77
N SER A 47 -0.58 -8.98 18.53
CA SER A 47 -1.57 -9.97 18.20
C SER A 47 -1.03 -10.85 17.08
N PRO A 48 -1.22 -12.18 17.19
CA PRO A 48 -0.74 -13.14 16.19
C PRO A 48 -1.30 -12.87 14.79
N GLY A 49 -0.52 -13.22 13.81
CA GLY A 49 -0.85 -12.98 12.42
C GLY A 49 0.33 -13.36 11.58
N ASN A 50 1.50 -13.11 12.13
CA ASN A 50 2.76 -13.47 11.53
C ASN A 50 3.69 -13.87 12.66
N ILE A 51 4.93 -14.19 12.33
CA ILE A 51 5.94 -14.63 13.32
C ILE A 51 6.12 -13.66 14.51
N GLN A 52 5.99 -12.37 14.24
CA GLN A 52 6.14 -11.36 15.27
C GLN A 52 4.79 -10.84 15.73
N GLY A 53 3.87 -10.74 14.80
CA GLY A 53 2.56 -10.18 15.10
C GLY A 53 2.63 -8.68 14.97
N CYS A 54 3.39 -8.07 15.84
CA CYS A 54 3.66 -6.66 15.79
C CYS A 54 5.10 -6.53 15.35
N ASP A 55 5.43 -5.49 14.62
CA ASP A 55 6.79 -5.31 14.13
C ASP A 55 7.70 -4.95 15.27
N LEU A 56 8.39 -5.93 15.77
CA LEU A 56 9.26 -5.75 16.90
C LEU A 56 10.69 -5.72 16.43
N HIS A 57 11.44 -4.73 16.92
CA HIS A 57 12.86 -4.56 16.60
C HIS A 57 13.04 -4.19 15.12
N GLU A 58 13.03 -2.92 14.87
CA GLU A 58 13.14 -2.38 13.54
C GLU A 58 14.53 -1.81 13.30
N GLY A 59 15.00 -1.93 12.09
CA GLY A 59 16.30 -1.40 11.76
C GLY A 59 16.23 -0.39 10.64
N ASP A 60 15.20 -0.54 9.78
CA ASP A 60 14.98 0.33 8.62
C ASP A 60 16.02 0.10 7.52
N TRP A 61 15.61 0.30 6.29
CA TRP A 61 16.48 0.06 5.14
C TRP A 61 16.92 1.38 4.52
N GLY A 62 16.76 2.48 5.24
CA GLY A 62 17.06 3.77 4.68
C GLY A 62 15.80 4.45 4.20
N THR A 63 14.66 3.91 4.63
CA THR A 63 13.33 4.34 4.21
C THR A 63 13.04 3.90 2.77
N VAL A 64 13.72 4.49 1.82
CA VAL A 64 13.59 4.07 0.45
C VAL A 64 14.27 2.73 0.29
N GLY A 65 13.53 1.73 -0.11
CA GLY A 65 14.09 0.41 -0.22
C GLY A 65 13.67 -0.45 0.94
N SER A 66 12.90 0.13 1.85
CA SER A 66 12.45 -0.56 3.03
C SER A 66 11.39 -1.60 2.70
N ILE A 67 11.32 -2.59 3.54
CA ILE A 67 10.38 -3.65 3.42
C ILE A 67 9.65 -3.82 4.73
N VAL A 68 8.37 -3.59 4.69
CA VAL A 68 7.51 -3.71 5.85
C VAL A 68 6.43 -4.73 5.50
N PHE A 69 5.71 -5.23 6.47
CA PHE A 69 4.67 -6.20 6.19
C PHE A 69 3.33 -5.79 6.77
N TRP A 70 2.28 -6.11 6.06
CA TRP A 70 0.93 -5.87 6.51
C TRP A 70 0.28 -7.15 6.90
N ASN A 71 -0.65 -7.07 7.83
CA ASN A 71 -1.43 -8.20 8.29
C ASN A 71 -2.89 -7.84 8.24
N TYR A 72 -3.67 -8.70 7.66
CA TYR A 72 -5.09 -8.50 7.50
C TYR A 72 -5.75 -9.84 7.43
N VAL A 73 -7.03 -9.88 7.63
CA VAL A 73 -7.73 -11.14 7.62
C VAL A 73 -8.52 -11.25 6.34
N HIS A 74 -8.22 -12.25 5.57
CA HIS A 74 -8.88 -12.48 4.31
C HIS A 74 -9.09 -13.98 4.18
N ASP A 75 -10.35 -14.37 3.94
CA ASP A 75 -10.79 -15.79 3.90
C ASP A 75 -10.53 -16.45 5.23
N GLY A 76 -10.57 -15.66 6.28
CA GLY A 76 -10.35 -16.16 7.60
C GLY A 76 -8.89 -16.38 7.94
N GLU A 77 -8.00 -16.17 6.99
CA GLU A 77 -6.60 -16.37 7.23
C GLU A 77 -5.95 -15.04 7.48
N ALA A 78 -4.92 -15.02 8.28
CA ALA A 78 -4.17 -13.82 8.47
C ALA A 78 -3.21 -13.74 7.33
N LYS A 79 -3.37 -12.76 6.52
CA LYS A 79 -2.60 -12.64 5.34
C LYS A 79 -1.56 -11.60 5.56
N VAL A 80 -0.41 -11.85 5.04
CA VAL A 80 0.68 -10.96 5.16
C VAL A 80 1.04 -10.44 3.79
N ALA A 81 1.19 -9.16 3.68
CA ALA A 81 1.53 -8.57 2.41
C ALA A 81 2.95 -8.16 2.46
N LYS A 82 3.65 -8.43 1.40
CA LYS A 82 5.06 -8.27 1.36
C LYS A 82 5.39 -7.26 0.27
N GLU A 83 6.04 -6.21 0.68
CA GLU A 83 6.25 -5.06 -0.17
C GLU A 83 7.71 -4.66 -0.24
N ARG A 84 7.97 -3.81 -1.17
CA ARG A 84 9.23 -3.17 -1.36
C ARG A 84 8.96 -1.72 -1.65
N ILE A 85 9.50 -0.85 -0.85
CA ILE A 85 9.40 0.56 -1.11
C ILE A 85 10.41 0.91 -2.15
N GLU A 86 9.95 1.46 -3.23
CA GLU A 86 10.87 1.82 -4.26
C GLU A 86 11.09 3.33 -4.24
N ALA A 87 10.09 4.07 -3.76
CA ALA A 87 10.14 5.52 -3.67
C ALA A 87 9.07 6.03 -2.72
N VAL A 88 9.40 7.04 -1.93
CA VAL A 88 8.46 7.67 -0.99
C VAL A 88 8.54 9.19 -1.09
N GLU A 89 7.41 9.80 -1.37
CA GLU A 89 7.28 11.23 -1.36
C GLU A 89 6.37 11.61 -0.21
N PRO A 90 6.90 12.20 0.86
CA PRO A 90 6.10 12.62 1.99
C PRO A 90 5.22 13.81 1.63
N ASP A 91 5.76 14.73 0.83
CA ASP A 91 5.05 15.93 0.44
C ASP A 91 4.07 15.68 -0.69
N LYS A 92 4.45 14.80 -1.62
CA LYS A 92 3.59 14.50 -2.76
C LYS A 92 2.60 13.39 -2.45
N ASN A 93 2.75 12.78 -1.26
CA ASN A 93 1.89 11.68 -0.79
C ASN A 93 1.95 10.51 -1.77
N LEU A 94 3.14 10.21 -2.24
CA LEU A 94 3.35 9.18 -3.25
C LEU A 94 4.23 8.08 -2.71
N ILE A 95 3.88 6.86 -2.97
CA ILE A 95 4.69 5.75 -2.56
C ILE A 95 4.56 4.62 -3.59
N THR A 96 5.70 4.16 -4.03
CA THR A 96 5.79 3.09 -5.01
C THR A 96 6.07 1.72 -4.33
N PHE A 97 5.15 0.76 -4.50
CA PHE A 97 5.30 -0.59 -3.94
C PHE A 97 5.69 -1.56 -5.05
N ARG A 98 6.59 -2.44 -4.74
CA ARG A 98 7.05 -3.47 -5.66
C ARG A 98 6.84 -4.80 -4.94
N VAL A 99 6.19 -5.77 -5.58
CA VAL A 99 5.91 -7.02 -4.87
C VAL A 99 7.17 -7.86 -4.73
N ILE A 100 7.38 -8.38 -3.56
CA ILE A 100 8.51 -9.25 -3.31
C ILE A 100 8.02 -10.69 -3.12
N GLU A 101 6.79 -10.81 -2.65
CA GLU A 101 6.13 -12.09 -2.48
C GLU A 101 5.97 -12.82 -3.82
N GLY A 102 6.28 -14.11 -3.82
CA GLY A 102 6.23 -14.90 -5.02
C GLY A 102 4.84 -15.37 -5.36
N ASP A 103 3.88 -15.11 -4.48
CA ASP A 103 2.49 -15.49 -4.71
C ASP A 103 1.94 -14.81 -5.95
N LEU A 104 2.15 -13.50 -6.05
CA LEU A 104 1.70 -12.74 -7.21
C LEU A 104 2.58 -13.07 -8.42
N MET A 105 3.77 -13.53 -8.13
CA MET A 105 4.74 -13.92 -9.15
C MET A 105 4.36 -15.25 -9.82
N LYS A 106 3.30 -15.90 -9.34
CA LYS A 106 2.88 -17.17 -9.93
C LYS A 106 2.13 -16.91 -11.22
N GLU A 107 1.59 -15.72 -11.35
CA GLU A 107 0.89 -15.32 -12.56
C GLU A 107 1.48 -14.09 -13.18
N TYR A 108 2.06 -13.24 -12.40
CA TYR A 108 2.66 -12.07 -12.92
C TYR A 108 4.14 -12.21 -12.75
N LYS A 109 4.88 -11.86 -13.75
CA LYS A 109 6.33 -11.96 -13.68
C LYS A 109 6.93 -10.65 -13.19
N SER A 110 6.05 -9.73 -12.85
CA SER A 110 6.38 -8.45 -12.28
C SER A 110 5.08 -7.76 -11.89
N PHE A 111 5.08 -7.12 -10.73
CA PHE A 111 3.92 -6.38 -10.25
C PHE A 111 4.40 -5.16 -9.48
N LEU A 112 4.13 -4.01 -10.03
CA LEU A 112 4.50 -2.75 -9.45
C LEU A 112 3.22 -1.94 -9.24
N LEU A 113 3.04 -1.43 -8.05
CA LEU A 113 1.86 -0.66 -7.77
C LEU A 113 2.22 0.60 -7.03
N THR A 114 1.85 1.69 -7.59
CA THR A 114 2.18 2.94 -7.01
C THR A 114 0.91 3.65 -6.57
N ILE A 115 0.87 4.13 -5.36
CA ILE A 115 -0.28 4.83 -4.87
C ILE A 115 0.09 6.25 -4.52
N GLN A 116 -0.84 7.13 -4.71
CA GLN A 116 -0.64 8.49 -4.36
C GLN A 116 -1.93 9.07 -3.85
N VAL A 117 -1.89 9.66 -2.70
CA VAL A 117 -3.05 10.24 -2.11
C VAL A 117 -3.12 11.70 -2.45
N THR A 118 -4.06 12.04 -3.24
CA THR A 118 -4.19 13.36 -3.72
C THR A 118 -5.50 13.97 -3.24
N PRO A 119 -5.44 15.20 -2.69
CA PRO A 119 -6.64 15.91 -2.29
C PRO A 119 -7.40 16.36 -3.52
N LYS A 120 -8.23 15.47 -4.00
CA LYS A 120 -8.97 15.68 -5.20
C LYS A 120 -10.28 16.44 -4.94
N PRO A 121 -11.20 15.95 -4.05
CA PRO A 121 -12.41 16.69 -3.72
C PRO A 121 -12.08 17.90 -2.84
N GLY A 122 -11.44 17.66 -1.71
CA GLY A 122 -11.06 18.75 -0.84
C GLY A 122 -10.78 18.30 0.58
N GLY A 123 -9.49 18.31 0.95
CA GLY A 123 -9.07 17.95 2.31
C GLY A 123 -9.52 16.57 2.77
N PRO A 124 -10.35 16.50 3.84
CA PRO A 124 -10.88 15.23 4.34
C PRO A 124 -11.68 14.52 3.28
N GLY A 125 -11.16 13.42 2.84
CA GLY A 125 -11.73 12.74 1.76
C GLY A 125 -10.88 12.91 0.55
N SER A 126 -9.72 12.33 0.59
CA SER A 126 -8.81 12.43 -0.50
C SER A 126 -8.88 11.17 -1.37
N ILE A 127 -8.41 11.29 -2.58
CA ILE A 127 -8.49 10.22 -3.53
C ILE A 127 -7.14 9.57 -3.70
N VAL A 128 -7.14 8.29 -3.61
CA VAL A 128 -5.91 7.54 -3.77
C VAL A 128 -5.84 7.07 -5.18
N HIS A 129 -4.86 7.50 -5.89
CA HIS A 129 -4.70 7.07 -7.24
C HIS A 129 -3.84 5.82 -7.25
N TRP A 130 -4.44 4.70 -7.57
CA TRP A 130 -3.74 3.44 -7.61
C TRP A 130 -3.29 3.13 -9.01
N HIS A 131 -2.01 2.94 -9.16
CA HIS A 131 -1.45 2.55 -10.43
C HIS A 131 -0.95 1.14 -10.30
N LEU A 132 -1.58 0.22 -10.96
CA LEU A 132 -1.11 -1.13 -10.93
C LEU A 132 -0.56 -1.46 -12.28
N GLU A 133 0.68 -1.84 -12.32
CA GLU A 133 1.33 -2.18 -13.54
C GLU A 133 2.04 -3.49 -13.35
N TYR A 134 1.79 -4.40 -14.22
CA TYR A 134 2.28 -5.73 -14.08
C TYR A 134 2.47 -6.42 -15.42
N GLU A 135 3.17 -7.51 -15.38
CA GLU A 135 3.51 -8.24 -16.57
C GLU A 135 2.95 -9.67 -16.44
N LYS A 136 2.14 -10.11 -17.41
CA LYS A 136 1.55 -11.46 -17.37
C LYS A 136 2.54 -12.51 -17.78
N ILE A 137 2.60 -13.59 -17.03
CA ILE A 137 3.35 -14.76 -17.47
C ILE A 137 2.47 -15.42 -18.51
N SER A 138 1.22 -15.49 -18.16
CA SER A 138 0.19 -15.98 -18.97
C SER A 138 -1.05 -15.18 -18.55
N GLU A 139 -1.95 -15.00 -19.46
CA GLU A 139 -3.09 -14.14 -19.23
C GLU A 139 -4.15 -14.82 -18.42
N GLU A 140 -4.51 -16.02 -18.84
CA GLU A 140 -5.54 -16.81 -18.19
C GLU A 140 -5.14 -17.16 -16.76
N VAL A 141 -3.87 -17.11 -16.50
CA VAL A 141 -3.36 -17.48 -15.20
C VAL A 141 -3.47 -16.28 -14.24
N ALA A 142 -3.58 -15.09 -14.82
CA ALA A 142 -3.64 -13.85 -14.06
C ALA A 142 -5.02 -13.66 -13.42
N HIS A 143 -5.13 -12.68 -12.54
CA HIS A 143 -6.37 -12.38 -11.85
C HIS A 143 -6.43 -10.93 -11.33
N PRO A 144 -6.73 -9.95 -12.22
CA PRO A 144 -6.92 -8.52 -11.84
C PRO A 144 -7.99 -8.35 -10.76
N GLU A 145 -8.91 -9.31 -10.73
CA GLU A 145 -9.98 -9.37 -9.74
C GLU A 145 -9.43 -9.28 -8.33
N THR A 146 -8.40 -10.04 -8.04
CA THR A 146 -7.86 -10.09 -6.72
C THR A 146 -6.99 -8.88 -6.45
N LEU A 147 -6.37 -8.36 -7.50
CA LEU A 147 -5.53 -7.18 -7.40
C LEU A 147 -6.36 -5.98 -6.95
N LEU A 148 -7.56 -5.87 -7.49
CA LEU A 148 -8.44 -4.82 -7.16
C LEU A 148 -8.94 -5.00 -5.73
N GLN A 149 -9.16 -6.25 -5.32
CA GLN A 149 -9.57 -6.53 -3.95
C GLN A 149 -8.44 -6.24 -2.98
N PHE A 150 -7.20 -6.46 -3.43
CA PHE A 150 -6.01 -6.17 -2.63
C PHE A 150 -5.97 -4.68 -2.34
N CYS A 151 -6.38 -3.89 -3.32
CA CYS A 151 -6.46 -2.46 -3.17
C CYS A 151 -7.46 -2.12 -2.06
N VAL A 152 -8.59 -2.83 -2.04
CA VAL A 152 -9.64 -2.63 -1.05
C VAL A 152 -9.12 -2.99 0.36
N GLU A 153 -8.42 -4.12 0.44
CA GLU A 153 -7.85 -4.60 1.70
C GLU A 153 -6.85 -3.58 2.26
N VAL A 154 -6.02 -3.02 1.38
CA VAL A 154 -5.06 -2.01 1.78
C VAL A 154 -5.78 -0.70 2.13
N SER A 155 -6.88 -0.40 1.43
CA SER A 155 -7.70 0.76 1.74
C SER A 155 -8.19 0.70 3.18
N LYS A 156 -8.60 -0.49 3.62
CA LYS A 156 -9.03 -0.71 5.00
C LYS A 156 -7.93 -0.40 6.01
N GLU A 157 -6.69 -0.65 5.60
CA GLU A 157 -5.57 -0.34 6.45
C GLU A 157 -5.32 1.15 6.45
N ILE A 158 -5.18 1.72 5.29
CA ILE A 158 -4.77 3.11 5.17
C ILE A 158 -5.85 4.10 5.65
N ASP A 159 -7.06 3.87 5.24
CA ASP A 159 -8.20 4.74 5.59
C ASP A 159 -8.38 4.80 7.11
N GLU A 160 -8.45 3.64 7.70
CA GLU A 160 -8.62 3.49 9.13
C GLU A 160 -7.36 3.82 9.91
N HIS A 161 -6.22 3.65 9.31
CA HIS A 161 -4.96 3.98 9.97
C HIS A 161 -4.88 5.49 10.14
N LEU A 162 -5.34 6.22 9.12
CA LEU A 162 -5.33 7.66 9.15
C LEU A 162 -6.47 8.21 10.02
N LEU A 163 -7.64 7.61 9.93
CA LEU A 163 -8.78 8.05 10.73
C LEU A 163 -8.63 7.60 12.17
N ALA A 164 -8.17 6.37 12.31
CA ALA A 164 -7.96 5.71 13.58
C ALA A 164 -9.28 5.54 14.32
N GLU A 165 -10.36 5.42 13.55
CA GLU A 165 -11.67 5.20 14.09
C GLU A 165 -11.76 3.84 14.75
N GLU A 166 -12.57 3.75 15.73
CA GLU A 166 -12.74 2.55 16.48
C GLU A 166 -14.16 2.09 16.35
N THR A 10 -9.18 -10.61 -25.75
CA THR A 10 -9.07 -11.88 -26.43
C THR A 10 -7.84 -12.61 -25.91
N GLU A 11 -6.74 -11.91 -25.91
CA GLU A 11 -5.48 -12.39 -25.43
C GLU A 11 -4.58 -11.19 -25.26
N ALA A 12 -3.46 -11.39 -24.61
CA ALA A 12 -2.53 -10.33 -24.41
C ALA A 12 -1.25 -10.65 -25.16
N SER A 13 -1.07 -10.02 -26.27
CA SER A 13 0.10 -10.22 -27.08
C SER A 13 1.33 -9.61 -26.43
N SER A 14 1.16 -8.42 -25.91
CA SER A 14 2.23 -7.69 -25.30
C SER A 14 2.45 -8.20 -23.87
N LEU A 15 1.40 -8.81 -23.30
CA LEU A 15 1.39 -9.38 -21.94
C LEU A 15 1.59 -8.38 -20.79
N VAL A 16 2.14 -7.24 -21.05
CA VAL A 16 2.25 -6.24 -20.02
C VAL A 16 0.90 -5.56 -19.86
N GLY A 17 0.47 -5.44 -18.65
CA GLY A 17 -0.81 -4.89 -18.38
C GLY A 17 -0.76 -3.99 -17.19
N LYS A 18 -1.74 -3.19 -17.07
CA LYS A 18 -1.82 -2.26 -15.99
C LYS A 18 -3.26 -2.04 -15.64
N LEU A 19 -3.50 -1.64 -14.44
CA LEU A 19 -4.83 -1.34 -14.01
C LEU A 19 -4.74 -0.18 -13.05
N GLU A 20 -5.66 0.73 -13.16
CA GLU A 20 -5.71 1.87 -12.30
C GLU A 20 -7.09 2.01 -11.71
N THR A 21 -7.16 2.30 -10.45
CA THR A 21 -8.41 2.46 -9.77
C THR A 21 -8.27 3.59 -8.75
N ASP A 22 -9.31 4.36 -8.58
CA ASP A 22 -9.31 5.41 -7.61
C ASP A 22 -10.20 5.05 -6.45
N VAL A 23 -9.62 4.98 -5.28
CA VAL A 23 -10.35 4.65 -4.08
C VAL A 23 -10.42 5.87 -3.20
N GLU A 24 -11.60 6.23 -2.79
CA GLU A 24 -11.73 7.35 -1.92
C GLU A 24 -11.75 6.97 -0.46
N ILE A 25 -10.97 7.69 0.27
CA ILE A 25 -10.82 7.51 1.69
C ILE A 25 -11.40 8.70 2.42
N LYS A 26 -11.49 8.61 3.71
CA LYS A 26 -12.10 9.63 4.52
C LYS A 26 -11.02 10.57 4.98
N ALA A 27 -9.83 10.03 5.15
CA ALA A 27 -8.68 10.80 5.54
C ALA A 27 -8.31 11.80 4.47
N SER A 28 -7.73 12.89 4.88
CA SER A 28 -7.30 13.88 3.94
C SER A 28 -5.83 13.69 3.59
N ALA A 29 -5.50 13.97 2.33
CA ALA A 29 -4.14 13.87 1.83
C ALA A 29 -3.25 14.87 2.54
N ASP A 30 -3.85 15.98 2.96
CA ASP A 30 -3.14 17.01 3.67
C ASP A 30 -2.74 16.54 5.04
N LYS A 31 -3.67 15.89 5.75
CA LYS A 31 -3.42 15.49 7.11
C LYS A 31 -2.40 14.37 7.17
N PHE A 32 -2.33 13.61 6.08
CA PHE A 32 -1.33 12.57 5.91
C PHE A 32 0.08 13.17 6.11
N HIS A 33 0.29 14.37 5.56
CA HIS A 33 1.60 15.05 5.65
C HIS A 33 1.90 15.39 7.10
N HIS A 34 0.86 15.70 7.86
CA HIS A 34 1.02 16.08 9.27
C HIS A 34 1.50 14.88 10.09
N MET A 35 0.93 13.72 9.81
CA MET A 35 1.24 12.49 10.54
C MET A 35 2.60 11.91 10.15
N PHE A 36 2.90 11.94 8.88
CA PHE A 36 4.13 11.33 8.37
C PHE A 36 5.29 12.33 8.29
N ALA A 37 5.08 13.53 8.78
CA ALA A 37 6.12 14.55 8.79
C ALA A 37 7.27 14.12 9.70
N GLY A 38 6.91 13.56 10.85
CA GLY A 38 7.91 13.14 11.79
C GLY A 38 8.01 14.09 12.95
N LYS A 39 7.47 15.27 12.79
CA LYS A 39 7.51 16.27 13.82
C LYS A 39 6.13 16.89 13.94
N PRO A 40 5.80 17.49 15.10
CA PRO A 40 4.56 18.22 15.27
C PRO A 40 4.58 19.41 14.31
N HIS A 41 3.71 19.40 13.34
CA HIS A 41 3.75 20.41 12.33
C HIS A 41 2.81 21.55 12.69
N HIS A 42 3.23 22.78 12.42
CA HIS A 42 2.44 23.97 12.68
C HIS A 42 1.07 23.84 12.01
N VAL A 43 0.03 23.73 12.84
CA VAL A 43 -1.34 23.47 12.34
C VAL A 43 -1.87 24.61 11.50
N SER A 44 -1.38 25.82 11.76
CA SER A 44 -1.71 27.01 10.98
C SER A 44 -3.19 27.37 11.13
N LYS A 45 -3.75 27.06 12.31
CA LYS A 45 -5.17 27.27 12.63
C LYS A 45 -6.08 26.36 11.81
N ALA A 46 -7.39 26.65 11.86
CA ALA A 46 -8.44 25.92 11.15
C ALA A 46 -8.78 24.59 11.80
N SER A 47 -7.78 23.83 12.16
CA SER A 47 -7.96 22.57 12.80
C SER A 47 -6.72 22.23 13.63
N PRO A 48 -6.90 21.58 14.79
CA PRO A 48 -5.78 21.18 15.64
C PRO A 48 -5.03 19.98 15.03
N GLY A 49 -3.94 19.61 15.65
CA GLY A 49 -3.17 18.50 15.18
C GLY A 49 -3.02 17.45 16.25
N ASN A 50 -4.13 16.87 16.63
CA ASN A 50 -4.13 15.83 17.64
C ASN A 50 -3.70 14.53 17.00
N ILE A 51 -3.21 13.60 17.82
CA ILE A 51 -2.63 12.34 17.37
C ILE A 51 -1.23 12.63 16.84
N GLN A 52 -0.24 12.37 17.67
CA GLN A 52 1.13 12.71 17.34
C GLN A 52 1.69 11.92 16.17
N GLY A 53 2.26 12.64 15.23
CA GLY A 53 2.91 12.01 14.12
C GLY A 53 4.39 12.25 14.22
N CYS A 54 4.95 11.82 15.31
CA CYS A 54 6.35 12.01 15.57
C CYS A 54 7.17 10.88 14.96
N ASP A 55 8.44 11.16 14.78
CA ASP A 55 9.39 10.26 14.13
C ASP A 55 9.62 8.96 14.88
N LEU A 56 9.63 7.90 14.11
CA LEU A 56 9.90 6.56 14.58
C LEU A 56 11.30 6.26 14.08
N HIS A 57 11.73 5.03 14.16
CA HIS A 57 12.98 4.69 13.52
C HIS A 57 12.68 4.29 12.09
N GLU A 58 13.41 4.84 11.16
CA GLU A 58 13.19 4.54 9.76
C GLU A 58 13.77 3.19 9.40
N GLY A 59 13.27 2.64 8.29
CA GLY A 59 13.71 1.35 7.83
C GLY A 59 15.19 1.34 7.55
N ASP A 60 15.90 0.48 8.27
CA ASP A 60 17.39 0.39 8.18
C ASP A 60 17.86 -0.15 6.85
N TRP A 61 16.93 -0.41 5.96
CA TRP A 61 17.22 -0.81 4.61
C TRP A 61 17.50 0.44 3.77
N GLY A 62 17.38 1.62 4.39
CA GLY A 62 17.59 2.85 3.66
C GLY A 62 16.27 3.46 3.23
N THR A 63 15.19 2.97 3.83
CA THR A 63 13.83 3.32 3.48
C THR A 63 13.45 2.63 2.16
N VAL A 64 14.11 2.98 1.09
CA VAL A 64 13.93 2.29 -0.16
C VAL A 64 14.57 0.92 -0.04
N GLY A 65 13.84 -0.11 -0.37
CA GLY A 65 14.34 -1.45 -0.20
C GLY A 65 13.85 -2.06 1.09
N SER A 66 13.07 -1.28 1.84
CA SER A 66 12.51 -1.76 3.08
C SER A 66 11.48 -2.84 2.76
N ILE A 67 11.58 -3.94 3.45
CA ILE A 67 10.69 -5.05 3.25
C ILE A 67 10.13 -5.52 4.56
N VAL A 68 8.85 -5.40 4.68
CA VAL A 68 8.13 -5.86 5.85
C VAL A 68 6.95 -6.69 5.41
N PHE A 69 6.53 -7.61 6.24
CA PHE A 69 5.40 -8.44 5.91
C PHE A 69 4.34 -8.31 6.94
N TRP A 70 3.15 -8.04 6.50
CA TRP A 70 2.03 -7.93 7.39
C TRP A 70 1.12 -9.11 7.25
N ASN A 71 0.89 -9.76 8.36
CA ASN A 71 -0.03 -10.87 8.43
C ASN A 71 -1.29 -10.39 9.05
N TYR A 72 -2.38 -10.71 8.44
CA TYR A 72 -3.66 -10.25 8.89
C TYR A 72 -4.70 -11.29 8.51
N VAL A 73 -5.86 -11.18 9.08
CA VAL A 73 -6.92 -12.10 8.76
C VAL A 73 -7.93 -11.38 7.92
N HIS A 74 -8.13 -11.87 6.73
CA HIS A 74 -9.05 -11.26 5.80
C HIS A 74 -9.80 -12.37 5.09
N ASP A 75 -11.12 -12.25 5.09
CA ASP A 75 -12.06 -13.28 4.55
C ASP A 75 -11.94 -14.55 5.38
N GLY A 76 -11.57 -14.39 6.64
CA GLY A 76 -11.40 -15.52 7.53
C GLY A 76 -10.10 -16.29 7.28
N GLU A 77 -9.40 -15.92 6.23
CA GLU A 77 -8.18 -16.57 5.85
C GLU A 77 -7.01 -15.71 6.30
N ALA A 78 -5.90 -16.34 6.60
CA ALA A 78 -4.72 -15.60 6.95
C ALA A 78 -4.06 -15.16 5.67
N LYS A 79 -4.00 -13.89 5.47
CA LYS A 79 -3.44 -13.35 4.27
C LYS A 79 -2.25 -12.48 4.58
N VAL A 80 -1.27 -12.55 3.73
CA VAL A 80 -0.03 -11.86 3.94
C VAL A 80 0.18 -10.84 2.83
N ALA A 81 0.75 -9.72 3.17
CA ALA A 81 1.05 -8.70 2.20
C ALA A 81 2.55 -8.66 1.99
N LYS A 82 2.96 -8.54 0.74
CA LYS A 82 4.36 -8.53 0.41
C LYS A 82 4.68 -7.22 -0.27
N GLU A 83 5.74 -6.58 0.17
CA GLU A 83 6.05 -5.26 -0.31
C GLU A 83 7.53 -4.96 -0.18
N ARG A 84 7.99 -4.10 -1.03
CA ARG A 84 9.29 -3.51 -0.96
C ARG A 84 9.08 -2.06 -1.26
N ILE A 85 9.70 -1.19 -0.52
CA ILE A 85 9.55 0.22 -0.80
C ILE A 85 10.45 0.58 -1.98
N GLU A 86 9.86 1.11 -3.03
CA GLU A 86 10.63 1.50 -4.19
C GLU A 86 10.88 3.00 -4.19
N ALA A 87 9.86 3.73 -3.83
CA ALA A 87 9.91 5.17 -3.81
C ALA A 87 8.87 5.68 -2.88
N VAL A 88 9.17 6.74 -2.17
CA VAL A 88 8.25 7.33 -1.23
C VAL A 88 8.44 8.85 -1.19
N GLU A 89 7.39 9.55 -1.41
CA GLU A 89 7.41 10.99 -1.38
C GLU A 89 6.57 11.48 -0.24
N PRO A 90 7.17 12.08 0.78
CA PRO A 90 6.42 12.58 1.93
C PRO A 90 5.56 13.79 1.55
N ASP A 91 6.12 14.70 0.78
CA ASP A 91 5.40 15.91 0.40
C ASP A 91 4.42 15.66 -0.74
N LYS A 92 4.81 14.82 -1.69
CA LYS A 92 3.93 14.50 -2.82
C LYS A 92 2.94 13.43 -2.44
N ASN A 93 3.21 12.79 -1.32
CA ASN A 93 2.43 11.68 -0.80
C ASN A 93 2.28 10.58 -1.85
N LEU A 94 3.41 9.98 -2.14
CA LEU A 94 3.52 8.95 -3.14
C LEU A 94 4.27 7.78 -2.58
N ILE A 95 3.81 6.59 -2.86
CA ILE A 95 4.49 5.40 -2.40
C ILE A 95 4.33 4.25 -3.40
N THR A 96 5.45 3.74 -3.86
CA THR A 96 5.50 2.60 -4.75
C THR A 96 5.83 1.32 -3.98
N PHE A 97 4.98 0.31 -4.14
CA PHE A 97 5.16 -0.99 -3.56
C PHE A 97 5.58 -1.95 -4.66
N ARG A 98 6.37 -2.94 -4.31
CA ARG A 98 6.86 -3.91 -5.27
C ARG A 98 6.69 -5.32 -4.74
N VAL A 99 6.45 -6.26 -5.62
CA VAL A 99 6.39 -7.64 -5.28
C VAL A 99 7.83 -8.18 -5.12
N ILE A 100 8.04 -8.97 -4.09
CA ILE A 100 9.34 -9.58 -3.85
C ILE A 100 9.21 -11.07 -3.64
N GLU A 101 8.03 -11.47 -3.23
CA GLU A 101 7.76 -12.84 -2.88
C GLU A 101 7.18 -13.59 -4.08
N GLY A 102 7.50 -14.86 -4.18
CA GLY A 102 7.05 -15.70 -5.28
C GLY A 102 5.54 -15.88 -5.34
N ASP A 103 4.87 -15.58 -4.23
CA ASP A 103 3.41 -15.74 -4.10
C ASP A 103 2.64 -15.00 -5.21
N LEU A 104 2.95 -13.72 -5.41
CA LEU A 104 2.36 -12.94 -6.49
C LEU A 104 3.02 -13.25 -7.84
N MET A 105 4.27 -13.72 -7.79
CA MET A 105 5.10 -13.94 -9.00
C MET A 105 4.61 -15.14 -9.83
N LYS A 106 3.66 -15.88 -9.32
CA LYS A 106 3.12 -17.02 -10.05
C LYS A 106 1.88 -16.62 -10.82
N GLU A 107 1.53 -15.37 -10.74
CA GLU A 107 0.44 -14.83 -11.50
C GLU A 107 0.99 -13.76 -12.43
N TYR A 108 1.92 -12.99 -11.90
CA TYR A 108 2.55 -11.92 -12.64
C TYR A 108 4.01 -12.12 -12.50
N LYS A 109 4.74 -11.94 -13.55
CA LYS A 109 6.19 -12.13 -13.51
C LYS A 109 6.91 -10.83 -13.17
N SER A 110 6.11 -9.81 -12.96
CA SER A 110 6.52 -8.51 -12.51
C SER A 110 5.26 -7.78 -12.12
N PHE A 111 5.31 -7.08 -11.00
CA PHE A 111 4.14 -6.41 -10.47
C PHE A 111 4.53 -5.22 -9.59
N LEU A 112 4.10 -4.06 -10.00
CA LEU A 112 4.28 -2.84 -9.25
C LEU A 112 2.99 -2.19 -9.01
N LEU A 113 2.91 -1.56 -7.93
CA LEU A 113 1.73 -0.81 -7.56
C LEU A 113 2.12 0.44 -6.83
N THR A 114 1.68 1.55 -7.31
CA THR A 114 2.01 2.80 -6.74
C THR A 114 0.76 3.57 -6.40
N ILE A 115 0.71 4.10 -5.21
CA ILE A 115 -0.42 4.85 -4.79
C ILE A 115 -0.02 6.27 -4.47
N GLN A 116 -0.87 7.19 -4.81
CA GLN A 116 -0.67 8.57 -4.49
C GLN A 116 -2.01 9.16 -4.15
N VAL A 117 -2.06 9.89 -3.08
CA VAL A 117 -3.32 10.35 -2.56
C VAL A 117 -3.47 11.87 -2.79
N THR A 118 -4.62 12.25 -3.31
CA THR A 118 -4.94 13.63 -3.57
C THR A 118 -6.40 13.86 -3.08
N PRO A 119 -6.76 15.09 -2.65
CA PRO A 119 -8.12 15.43 -2.13
C PRO A 119 -9.29 14.98 -3.03
N LYS A 120 -10.44 14.77 -2.41
CA LYS A 120 -11.65 14.40 -3.13
C LYS A 120 -12.27 15.62 -3.79
N PRO A 121 -12.98 15.40 -4.92
CA PRO A 121 -13.72 16.47 -5.57
C PRO A 121 -14.83 16.98 -4.66
N GLY A 122 -14.58 18.09 -4.02
CA GLY A 122 -15.51 18.66 -3.10
C GLY A 122 -14.85 18.99 -1.80
N GLY A 123 -13.80 18.26 -1.48
CA GLY A 123 -13.07 18.55 -0.26
C GLY A 123 -12.87 17.32 0.62
N PRO A 124 -13.83 17.05 1.55
CA PRO A 124 -13.71 15.99 2.59
C PRO A 124 -13.23 14.62 2.08
N GLY A 125 -12.05 14.23 2.54
CA GLY A 125 -11.49 12.97 2.18
C GLY A 125 -10.49 13.11 1.05
N SER A 126 -10.03 12.01 0.54
CA SER A 126 -9.10 12.03 -0.55
C SER A 126 -9.17 10.75 -1.40
N ILE A 127 -8.74 10.84 -2.64
CA ILE A 127 -8.67 9.71 -3.52
C ILE A 127 -7.25 9.17 -3.56
N VAL A 128 -7.12 7.91 -3.32
CA VAL A 128 -5.89 7.25 -3.49
C VAL A 128 -5.87 6.66 -4.89
N HIS A 129 -4.94 7.09 -5.69
CA HIS A 129 -4.82 6.59 -7.04
C HIS A 129 -3.94 5.40 -7.05
N TRP A 130 -4.52 4.27 -7.32
CA TRP A 130 -3.77 3.07 -7.41
C TRP A 130 -3.35 2.88 -8.82
N HIS A 131 -2.07 2.78 -9.02
CA HIS A 131 -1.54 2.54 -10.32
C HIS A 131 -0.84 1.22 -10.25
N LEU A 132 -1.38 0.24 -10.92
CA LEU A 132 -0.79 -1.06 -10.90
C LEU A 132 -0.23 -1.34 -12.27
N GLU A 133 1.01 -1.69 -12.34
CA GLU A 133 1.67 -1.99 -13.58
C GLU A 133 2.28 -3.35 -13.43
N TYR A 134 1.99 -4.24 -14.36
CA TYR A 134 2.43 -5.62 -14.20
C TYR A 134 2.61 -6.36 -15.52
N GLU A 135 3.38 -7.40 -15.47
CA GLU A 135 3.66 -8.21 -16.64
C GLU A 135 2.96 -9.57 -16.43
N LYS A 136 1.98 -9.88 -17.28
CA LYS A 136 1.29 -11.15 -17.21
C LYS A 136 2.23 -12.27 -17.57
N ILE A 137 2.11 -13.39 -16.90
CA ILE A 137 2.81 -14.57 -17.35
C ILE A 137 2.00 -15.10 -18.53
N SER A 138 0.71 -14.93 -18.37
CA SER A 138 -0.29 -15.29 -19.32
C SER A 138 -1.59 -14.63 -18.80
N GLU A 139 -2.66 -14.73 -19.53
CA GLU A 139 -3.91 -14.08 -19.17
C GLU A 139 -4.64 -14.73 -18.01
N GLU A 140 -5.07 -15.95 -18.22
CA GLU A 140 -5.88 -16.69 -17.25
C GLU A 140 -5.12 -16.97 -15.95
N VAL A 141 -3.81 -16.91 -16.03
CA VAL A 141 -2.99 -17.16 -14.84
C VAL A 141 -2.98 -15.91 -13.94
N ALA A 142 -3.15 -14.76 -14.57
CA ALA A 142 -3.18 -13.49 -13.88
C ALA A 142 -4.62 -13.15 -13.56
N HIS A 143 -4.85 -12.45 -12.47
CA HIS A 143 -6.21 -12.13 -12.07
C HIS A 143 -6.35 -10.71 -11.57
N PRO A 144 -6.65 -9.75 -12.48
CA PRO A 144 -6.87 -8.32 -12.11
C PRO A 144 -7.98 -8.17 -11.05
N GLU A 145 -8.84 -9.16 -11.04
CA GLU A 145 -9.94 -9.26 -10.11
C GLU A 145 -9.47 -9.30 -8.64
N THR A 146 -8.36 -9.99 -8.39
CA THR A 146 -7.83 -10.11 -7.06
C THR A 146 -7.09 -8.85 -6.71
N LEU A 147 -6.55 -8.22 -7.75
CA LEU A 147 -5.79 -6.99 -7.59
C LEU A 147 -6.67 -5.89 -7.06
N LEU A 148 -7.87 -5.77 -7.62
CA LEU A 148 -8.84 -4.79 -7.13
C LEU A 148 -9.17 -5.02 -5.68
N GLN A 149 -9.39 -6.27 -5.32
CA GLN A 149 -9.68 -6.62 -3.94
C GLN A 149 -8.52 -6.28 -3.01
N PHE A 150 -7.30 -6.59 -3.46
CA PHE A 150 -6.11 -6.28 -2.70
C PHE A 150 -5.99 -4.77 -2.49
N CYS A 151 -6.40 -4.01 -3.49
CA CYS A 151 -6.39 -2.56 -3.39
C CYS A 151 -7.42 -2.10 -2.35
N VAL A 152 -8.61 -2.68 -2.43
CA VAL A 152 -9.70 -2.34 -1.54
C VAL A 152 -9.34 -2.62 -0.08
N GLU A 153 -8.81 -3.80 0.19
CA GLU A 153 -8.51 -4.20 1.57
C GLU A 153 -7.43 -3.30 2.20
N VAL A 154 -6.46 -2.91 1.40
CA VAL A 154 -5.42 -2.01 1.84
C VAL A 154 -5.96 -0.59 2.01
N SER A 155 -6.94 -0.20 1.19
CA SER A 155 -7.57 1.10 1.29
C SER A 155 -8.13 1.36 2.70
N LYS A 156 -8.64 0.31 3.37
CA LYS A 156 -9.11 0.47 4.74
C LYS A 156 -7.94 0.71 5.66
N GLU A 157 -6.87 -0.05 5.44
CA GLU A 157 -5.67 -0.01 6.28
C GLU A 157 -5.08 1.39 6.33
N ILE A 158 -4.92 1.99 5.17
CA ILE A 158 -4.32 3.29 5.06
C ILE A 158 -5.29 4.36 5.64
N ASP A 159 -6.56 4.24 5.32
CA ASP A 159 -7.57 5.21 5.78
C ASP A 159 -7.70 5.18 7.31
N GLU A 160 -7.84 3.97 7.88
CA GLU A 160 -7.92 3.78 9.35
C GLU A 160 -6.66 4.27 10.04
N HIS A 161 -5.53 4.16 9.37
CA HIS A 161 -4.27 4.63 9.93
C HIS A 161 -4.33 6.15 10.13
N LEU A 162 -4.80 6.85 9.12
CA LEU A 162 -4.89 8.29 9.17
C LEU A 162 -6.06 8.80 10.01
N LEU A 163 -7.12 8.04 10.10
CA LEU A 163 -8.25 8.46 10.90
C LEU A 163 -8.02 8.13 12.36
N ALA A 164 -7.47 6.95 12.58
CA ALA A 164 -7.15 6.41 13.89
C ALA A 164 -8.26 6.57 14.91
N GLU A 165 -9.27 5.78 14.72
CA GLU A 165 -10.43 5.72 15.56
C GLU A 165 -10.74 4.25 15.80
N GLU A 166 -11.95 3.96 16.17
CA GLU A 166 -12.37 2.60 16.39
C GLU A 166 -12.57 1.86 15.05
N THR A 10 11.72 -13.46 -26.08
CA THR A 10 11.12 -12.79 -27.22
C THR A 10 9.59 -12.76 -27.07
N GLU A 11 9.10 -13.31 -25.96
CA GLU A 11 7.67 -13.34 -25.67
C GLU A 11 7.46 -12.92 -24.24
N ALA A 12 6.19 -12.76 -23.84
CA ALA A 12 5.75 -12.42 -22.46
C ALA A 12 6.10 -10.98 -22.05
N SER A 13 6.95 -10.35 -22.79
CA SER A 13 7.38 -9.00 -22.54
C SER A 13 6.27 -8.02 -22.87
N SER A 14 5.46 -8.34 -23.86
CA SER A 14 4.36 -7.51 -24.25
C SER A 14 3.13 -7.78 -23.38
N LEU A 15 3.24 -8.79 -22.50
CA LEU A 15 2.14 -9.15 -21.60
C LEU A 15 2.12 -8.23 -20.39
N VAL A 16 2.75 -7.10 -20.51
CA VAL A 16 2.72 -6.07 -19.52
C VAL A 16 1.33 -5.42 -19.55
N GLY A 17 0.76 -5.23 -18.41
CA GLY A 17 -0.55 -4.71 -18.33
C GLY A 17 -0.69 -3.71 -17.22
N LYS A 18 -1.78 -3.02 -17.23
CA LYS A 18 -2.06 -2.00 -16.27
C LYS A 18 -3.40 -2.19 -15.68
N LEU A 19 -3.57 -1.62 -14.52
CA LEU A 19 -4.87 -1.47 -13.96
C LEU A 19 -4.85 -0.25 -13.07
N GLU A 20 -5.85 0.57 -13.16
CA GLU A 20 -5.91 1.76 -12.35
C GLU A 20 -7.27 1.90 -11.73
N THR A 21 -7.31 2.37 -10.52
CA THR A 21 -8.53 2.57 -9.80
C THR A 21 -8.31 3.71 -8.81
N ASP A 22 -9.37 4.24 -8.27
CA ASP A 22 -9.27 5.28 -7.29
C ASP A 22 -10.20 4.97 -6.16
N VAL A 23 -9.66 5.00 -4.97
CA VAL A 23 -10.40 4.71 -3.77
C VAL A 23 -10.49 5.97 -2.93
N GLU A 24 -11.59 6.18 -2.27
CA GLU A 24 -11.72 7.33 -1.43
C GLU A 24 -11.37 6.93 -0.01
N ILE A 25 -10.56 7.71 0.63
CA ILE A 25 -10.30 7.52 2.02
C ILE A 25 -11.05 8.60 2.76
N LYS A 26 -11.42 8.35 3.98
CA LYS A 26 -12.22 9.29 4.75
C LYS A 26 -11.32 10.25 5.50
N ALA A 27 -10.04 9.96 5.47
CA ALA A 27 -9.07 10.75 6.17
C ALA A 27 -8.50 11.84 5.30
N SER A 28 -7.93 12.83 5.94
CA SER A 28 -7.30 13.93 5.26
C SER A 28 -5.96 13.48 4.68
N ALA A 29 -5.59 14.08 3.55
CA ALA A 29 -4.34 13.80 2.90
C ALA A 29 -3.18 14.23 3.79
N ASP A 30 -3.47 15.18 4.67
CA ASP A 30 -2.48 15.71 5.60
C ASP A 30 -1.95 14.59 6.51
N LYS A 31 -2.84 13.68 6.89
CA LYS A 31 -2.47 12.54 7.73
C LYS A 31 -1.60 11.55 7.00
N PHE A 32 -1.84 11.36 5.72
CA PHE A 32 -1.05 10.42 4.95
C PHE A 32 0.37 10.97 4.81
N HIS A 33 0.43 12.28 4.58
CA HIS A 33 1.71 13.01 4.49
C HIS A 33 2.40 12.94 5.86
N HIS A 34 1.59 12.94 6.91
CA HIS A 34 2.03 12.93 8.31
C HIS A 34 2.81 11.67 8.61
N MET A 35 2.41 10.56 8.01
CA MET A 35 3.04 9.27 8.30
C MET A 35 4.42 9.17 7.68
N PHE A 36 4.66 9.96 6.65
CA PHE A 36 5.96 10.00 6.00
C PHE A 36 6.80 11.14 6.54
N ALA A 37 6.26 11.84 7.52
CA ALA A 37 6.96 12.96 8.12
C ALA A 37 7.27 12.68 9.58
N GLY A 38 6.27 12.27 10.33
CA GLY A 38 6.43 12.00 11.74
C GLY A 38 5.95 10.63 12.10
N LYS A 39 5.41 10.48 13.29
CA LYS A 39 4.92 9.19 13.76
C LYS A 39 3.40 9.22 13.79
N PRO A 40 2.75 8.05 13.72
CA PRO A 40 1.31 7.95 13.88
C PRO A 40 0.95 8.28 15.33
N HIS A 41 0.17 9.30 15.55
CA HIS A 41 -0.17 9.72 16.89
C HIS A 41 -1.66 9.56 17.09
N HIS A 42 -2.04 8.87 18.13
CA HIS A 42 -3.43 8.57 18.37
C HIS A 42 -4.12 9.61 19.25
N VAL A 43 -5.43 9.60 19.24
CA VAL A 43 -6.24 10.49 20.03
C VAL A 43 -6.08 10.18 21.52
N SER A 44 -5.78 11.18 22.29
CA SER A 44 -5.59 10.99 23.71
C SER A 44 -5.64 12.34 24.42
N LYS A 45 -4.97 13.34 23.83
CA LYS A 45 -4.87 14.70 24.39
C LYS A 45 -3.97 14.72 25.63
N ALA A 46 -3.24 15.83 25.80
CA ALA A 46 -2.29 16.01 26.90
C ALA A 46 -1.22 14.93 26.89
N SER A 47 -0.34 15.07 25.94
CA SER A 47 0.75 14.17 25.73
C SER A 47 1.96 15.04 25.39
N PRO A 48 3.19 14.49 25.45
CA PRO A 48 4.38 15.26 25.06
C PRO A 48 4.31 15.67 23.59
N GLY A 49 4.96 16.76 23.27
CA GLY A 49 4.96 17.25 21.92
C GLY A 49 6.06 16.65 21.09
N ASN A 50 6.74 17.47 20.34
CA ASN A 50 7.79 16.99 19.48
C ASN A 50 9.08 16.79 20.27
N ILE A 51 9.39 15.55 20.53
CA ILE A 51 10.60 15.16 21.22
C ILE A 51 11.14 13.91 20.55
N GLN A 52 12.30 13.49 20.97
CA GLN A 52 12.86 12.26 20.48
C GLN A 52 12.29 11.10 21.30
N GLY A 53 12.12 9.97 20.67
CA GLY A 53 11.54 8.85 21.34
C GLY A 53 10.21 8.50 20.74
N CYS A 54 10.13 7.36 20.13
CA CYS A 54 8.91 6.94 19.49
C CYS A 54 8.09 6.07 20.44
N ASP A 55 6.79 6.05 20.24
CA ASP A 55 5.88 5.28 21.08
C ASP A 55 5.48 3.98 20.41
N LEU A 56 5.79 3.86 19.14
CA LEU A 56 5.46 2.67 18.38
C LEU A 56 6.52 2.41 17.31
N HIS A 57 7.50 1.61 17.64
CA HIS A 57 8.55 1.32 16.70
C HIS A 57 8.18 0.16 15.77
N GLU A 58 8.04 0.49 14.51
CA GLU A 58 7.71 -0.48 13.49
C GLU A 58 8.99 -1.01 12.86
N GLY A 59 8.87 -2.04 12.05
CA GLY A 59 10.04 -2.64 11.43
C GLY A 59 10.45 -1.93 10.16
N ASP A 60 10.75 -0.66 10.27
CA ASP A 60 11.13 0.17 9.13
C ASP A 60 12.59 0.01 8.82
N TRP A 61 12.97 0.32 7.60
CA TRP A 61 14.37 0.27 7.21
C TRP A 61 14.97 1.67 7.27
N GLY A 62 14.10 2.67 7.30
CA GLY A 62 14.52 4.06 7.46
C GLY A 62 14.87 4.75 6.15
N THR A 63 14.95 3.98 5.10
CA THR A 63 15.33 4.47 3.80
C THR A 63 14.50 3.81 2.70
N VAL A 64 14.63 4.32 1.48
CA VAL A 64 13.91 3.76 0.33
C VAL A 64 14.48 2.37 0.06
N GLY A 65 13.61 1.45 -0.29
CA GLY A 65 14.05 0.08 -0.47
C GLY A 65 13.61 -0.77 0.69
N SER A 66 12.93 -0.13 1.62
CA SER A 66 12.39 -0.75 2.80
C SER A 66 11.38 -1.84 2.43
N ILE A 67 11.34 -2.89 3.25
CA ILE A 67 10.43 -3.99 3.09
C ILE A 67 9.73 -4.26 4.42
N VAL A 68 8.45 -4.09 4.44
CA VAL A 68 7.64 -4.31 5.63
C VAL A 68 6.42 -5.13 5.26
N PHE A 69 6.05 -6.04 6.10
CA PHE A 69 4.94 -6.89 5.81
C PHE A 69 3.78 -6.59 6.71
N TRP A 70 2.61 -6.59 6.14
CA TRP A 70 1.40 -6.41 6.87
C TRP A 70 0.66 -7.72 6.92
N ASN A 71 0.17 -8.05 8.08
CA ASN A 71 -0.53 -9.30 8.27
C ASN A 71 -1.93 -9.03 8.75
N TYR A 72 -2.87 -9.66 8.14
CA TYR A 72 -4.26 -9.54 8.54
C TYR A 72 -4.88 -10.92 8.50
N VAL A 73 -5.94 -11.12 9.23
CA VAL A 73 -6.48 -12.47 9.35
C VAL A 73 -7.78 -12.63 8.59
N HIS A 74 -7.80 -13.61 7.71
CA HIS A 74 -8.98 -13.95 6.93
C HIS A 74 -9.00 -15.48 6.80
N ASP A 75 -10.15 -16.08 7.09
CA ASP A 75 -10.35 -17.58 7.12
C ASP A 75 -9.47 -18.21 8.16
N GLY A 76 -9.18 -17.45 9.19
CA GLY A 76 -8.33 -17.93 10.25
C GLY A 76 -6.86 -17.95 9.87
N GLU A 77 -6.54 -17.58 8.65
CA GLU A 77 -5.17 -17.52 8.20
C GLU A 77 -4.69 -16.11 8.23
N ALA A 78 -3.42 -15.97 8.38
CA ALA A 78 -2.82 -14.68 8.32
C ALA A 78 -2.37 -14.43 6.90
N LYS A 79 -2.89 -13.39 6.33
CA LYS A 79 -2.55 -13.00 4.99
C LYS A 79 -1.48 -11.98 5.05
N VAL A 80 -0.62 -11.98 4.08
CA VAL A 80 0.53 -11.13 4.10
C VAL A 80 0.55 -10.22 2.88
N ALA A 81 0.99 -9.01 3.10
CA ALA A 81 1.18 -8.05 2.05
C ALA A 81 2.67 -7.90 1.85
N LYS A 82 3.17 -8.28 0.68
CA LYS A 82 4.59 -8.30 0.43
C LYS A 82 4.93 -7.08 -0.40
N GLU A 83 5.87 -6.27 0.06
CA GLU A 83 6.17 -5.01 -0.59
C GLU A 83 7.61 -4.61 -0.41
N ARG A 84 8.09 -3.85 -1.35
CA ARG A 84 9.41 -3.27 -1.33
C ARG A 84 9.21 -1.85 -1.83
N ILE A 85 9.63 -0.86 -1.06
CA ILE A 85 9.47 0.52 -1.53
C ILE A 85 10.37 0.75 -2.73
N GLU A 86 9.78 1.14 -3.83
CA GLU A 86 10.55 1.37 -5.04
C GLU A 86 10.86 2.85 -5.16
N ALA A 87 9.88 3.67 -4.85
CA ALA A 87 10.01 5.10 -4.89
C ALA A 87 8.99 5.69 -3.96
N VAL A 88 9.31 6.79 -3.35
CA VAL A 88 8.40 7.43 -2.44
C VAL A 88 8.56 8.94 -2.50
N GLU A 89 7.49 9.67 -2.38
CA GLU A 89 7.57 11.09 -2.27
C GLU A 89 6.79 11.43 -1.02
N PRO A 90 7.49 11.77 0.09
CA PRO A 90 6.83 12.08 1.36
C PRO A 90 6.02 13.36 1.26
N ASP A 91 6.49 14.24 0.39
CA ASP A 91 5.86 15.53 0.20
C ASP A 91 4.63 15.42 -0.68
N LYS A 92 4.66 14.53 -1.64
CA LYS A 92 3.56 14.43 -2.58
C LYS A 92 2.61 13.32 -2.24
N ASN A 93 2.80 12.69 -1.09
CA ASN A 93 1.94 11.55 -0.67
C ASN A 93 1.98 10.44 -1.71
N LEU A 94 3.18 10.12 -2.17
CA LEU A 94 3.35 9.16 -3.24
C LEU A 94 4.16 8.00 -2.74
N ILE A 95 3.75 6.80 -3.09
CA ILE A 95 4.46 5.61 -2.70
C ILE A 95 4.30 4.49 -3.75
N THR A 96 5.41 4.02 -4.23
CA THR A 96 5.49 2.92 -5.18
C THR A 96 5.88 1.61 -4.46
N PHE A 97 5.01 0.62 -4.57
CA PHE A 97 5.18 -0.69 -3.95
C PHE A 97 5.60 -1.71 -5.01
N ARG A 98 6.64 -2.46 -4.74
CA ARG A 98 6.98 -3.58 -5.60
C ARG A 98 6.67 -4.85 -4.83
N VAL A 99 5.84 -5.69 -5.38
CA VAL A 99 5.58 -6.96 -4.73
C VAL A 99 6.73 -7.88 -5.03
N ILE A 100 7.36 -8.39 -4.00
CA ILE A 100 8.56 -9.19 -4.18
C ILE A 100 8.31 -10.66 -3.94
N GLU A 101 7.34 -10.97 -3.14
CA GLU A 101 7.12 -12.32 -2.73
C GLU A 101 5.64 -12.60 -2.75
N GLY A 102 5.29 -13.84 -2.63
CA GLY A 102 3.94 -14.20 -2.47
C GLY A 102 3.31 -14.75 -3.69
N ASP A 103 2.07 -15.05 -3.51
CA ASP A 103 1.17 -15.60 -4.48
C ASP A 103 1.05 -14.72 -5.73
N LEU A 104 1.21 -13.43 -5.55
CA LEU A 104 1.11 -12.49 -6.64
C LEU A 104 2.25 -12.68 -7.67
N MET A 105 3.39 -13.14 -7.20
CA MET A 105 4.54 -13.34 -8.08
C MET A 105 4.46 -14.65 -8.87
N LYS A 106 3.53 -15.51 -8.49
CA LYS A 106 3.36 -16.73 -9.23
C LYS A 106 2.18 -16.63 -10.19
N GLU A 107 1.51 -15.50 -10.12
CA GLU A 107 0.43 -15.17 -11.04
C GLU A 107 0.98 -14.21 -12.09
N TYR A 108 1.74 -13.24 -11.61
CA TYR A 108 2.32 -12.21 -12.43
C TYR A 108 3.82 -12.30 -12.26
N LYS A 109 4.55 -12.14 -13.33
CA LYS A 109 6.01 -12.23 -13.26
C LYS A 109 6.65 -10.90 -12.91
N SER A 110 5.80 -9.93 -12.67
CA SER A 110 6.18 -8.63 -12.20
C SER A 110 4.93 -7.88 -11.82
N PHE A 111 5.00 -7.12 -10.76
CA PHE A 111 3.89 -6.35 -10.26
C PHE A 111 4.40 -5.18 -9.43
N LEU A 112 4.12 -4.00 -9.90
CA LEU A 112 4.55 -2.77 -9.29
C LEU A 112 3.33 -1.84 -9.22
N LEU A 113 3.04 -1.30 -8.08
CA LEU A 113 1.89 -0.43 -7.94
C LEU A 113 2.23 0.84 -7.20
N THR A 114 1.82 1.93 -7.75
CA THR A 114 2.08 3.21 -7.17
C THR A 114 0.79 3.87 -6.77
N ILE A 115 0.73 4.38 -5.56
CA ILE A 115 -0.44 5.09 -5.12
C ILE A 115 -0.07 6.48 -4.69
N GLN A 116 -0.98 7.38 -4.85
CA GLN A 116 -0.78 8.72 -4.42
C GLN A 116 -2.08 9.28 -3.91
N VAL A 117 -2.04 9.94 -2.79
CA VAL A 117 -3.22 10.51 -2.21
C VAL A 117 -3.32 11.94 -2.64
N THR A 118 -4.44 12.29 -3.20
CA THR A 118 -4.65 13.59 -3.77
C THR A 118 -6.00 14.13 -3.30
N PRO A 119 -6.11 15.45 -3.02
CA PRO A 119 -7.38 16.11 -2.71
C PRO A 119 -8.44 15.70 -3.73
N LYS A 120 -9.53 15.14 -3.25
CA LYS A 120 -10.58 14.62 -4.12
C LYS A 120 -11.25 15.74 -4.91
N PRO A 121 -11.58 15.47 -6.19
CA PRO A 121 -12.33 16.44 -7.02
C PRO A 121 -13.77 16.56 -6.51
N GLY A 122 -14.21 15.53 -5.84
CA GLY A 122 -15.51 15.48 -5.24
C GLY A 122 -15.58 14.28 -4.35
N GLY A 123 -16.36 14.35 -3.30
CA GLY A 123 -16.48 13.23 -2.41
C GLY A 123 -15.90 13.53 -1.05
N PRO A 124 -15.76 12.53 -0.18
CA PRO A 124 -15.24 12.71 1.17
C PRO A 124 -13.72 12.41 1.28
N GLY A 125 -13.15 12.82 2.41
CA GLY A 125 -11.76 12.53 2.77
C GLY A 125 -10.74 12.96 1.74
N SER A 126 -10.22 12.01 0.99
CA SER A 126 -9.22 12.26 -0.03
C SER A 126 -9.31 11.13 -1.06
N ILE A 127 -8.86 11.37 -2.28
CA ILE A 127 -8.85 10.31 -3.25
C ILE A 127 -7.46 9.69 -3.33
N VAL A 128 -7.39 8.41 -3.31
CA VAL A 128 -6.12 7.74 -3.51
C VAL A 128 -6.10 7.11 -4.90
N HIS A 129 -5.16 7.57 -5.71
CA HIS A 129 -5.02 7.07 -7.07
C HIS A 129 -4.10 5.88 -7.12
N TRP A 130 -4.66 4.75 -7.43
CA TRP A 130 -3.92 3.52 -7.53
C TRP A 130 -3.50 3.29 -8.97
N HIS A 131 -2.22 3.10 -9.18
CA HIS A 131 -1.70 2.82 -10.50
C HIS A 131 -1.00 1.48 -10.42
N LEU A 132 -1.55 0.50 -11.08
CA LEU A 132 -1.01 -0.83 -11.00
C LEU A 132 -0.44 -1.25 -12.33
N GLU A 133 0.79 -1.67 -12.32
CA GLU A 133 1.47 -2.10 -13.51
C GLU A 133 2.06 -3.48 -13.24
N TYR A 134 1.78 -4.39 -14.10
CA TYR A 134 2.14 -5.77 -13.87
C TYR A 134 2.36 -6.52 -15.17
N GLU A 135 2.97 -7.65 -15.08
CA GLU A 135 3.31 -8.44 -16.25
C GLU A 135 2.78 -9.86 -16.05
N LYS A 136 1.98 -10.32 -17.00
CA LYS A 136 1.39 -11.66 -16.91
C LYS A 136 2.42 -12.73 -17.21
N ILE A 137 2.39 -13.82 -16.43
CA ILE A 137 3.19 -15.00 -16.75
C ILE A 137 2.55 -15.66 -17.95
N SER A 138 1.25 -15.58 -17.93
CA SER A 138 0.39 -16.01 -18.96
C SER A 138 -0.94 -15.39 -18.62
N GLU A 139 -1.83 -15.29 -19.57
CA GLU A 139 -3.08 -14.57 -19.37
C GLU A 139 -4.03 -15.36 -18.54
N GLU A 140 -4.14 -16.64 -18.85
CA GLU A 140 -4.99 -17.56 -18.12
C GLU A 140 -4.56 -17.66 -16.65
N VAL A 141 -3.34 -17.27 -16.42
CA VAL A 141 -2.73 -17.37 -15.10
C VAL A 141 -3.03 -16.13 -14.25
N ALA A 142 -3.12 -15.00 -14.90
CA ALA A 142 -3.29 -13.74 -14.21
C ALA A 142 -4.75 -13.33 -14.13
N HIS A 143 -5.15 -12.80 -13.00
CA HIS A 143 -6.53 -12.36 -12.78
C HIS A 143 -6.59 -10.99 -12.13
N PRO A 144 -6.64 -9.90 -12.97
CA PRO A 144 -6.67 -8.47 -12.52
C PRO A 144 -7.80 -8.16 -11.53
N GLU A 145 -8.74 -9.08 -11.42
CA GLU A 145 -9.90 -9.00 -10.50
C GLU A 145 -9.40 -8.75 -9.11
N THR A 146 -8.40 -9.49 -8.79
CA THR A 146 -7.83 -9.58 -7.49
C THR A 146 -7.12 -8.28 -7.10
N LEU A 147 -6.60 -7.59 -8.08
CA LEU A 147 -5.91 -6.35 -7.83
C LEU A 147 -6.82 -5.27 -7.33
N LEU A 148 -8.04 -5.23 -7.84
CA LEU A 148 -9.01 -4.26 -7.37
C LEU A 148 -9.33 -4.48 -5.90
N GLN A 149 -9.57 -5.73 -5.55
CA GLN A 149 -9.85 -6.05 -4.17
C GLN A 149 -8.61 -5.96 -3.27
N PHE A 150 -7.44 -6.22 -3.84
CA PHE A 150 -6.17 -6.03 -3.15
C PHE A 150 -6.03 -4.55 -2.75
N CYS A 151 -6.48 -3.66 -3.63
CA CYS A 151 -6.49 -2.23 -3.33
C CYS A 151 -7.43 -1.97 -2.15
N VAL A 152 -8.58 -2.64 -2.18
CA VAL A 152 -9.59 -2.56 -1.13
C VAL A 152 -8.98 -2.96 0.22
N GLU A 153 -8.26 -4.09 0.22
CA GLU A 153 -7.61 -4.62 1.41
C GLU A 153 -6.76 -3.59 2.12
N VAL A 154 -5.93 -2.93 1.36
CA VAL A 154 -5.03 -1.92 1.90
C VAL A 154 -5.81 -0.66 2.30
N SER A 155 -6.86 -0.34 1.54
CA SER A 155 -7.66 0.86 1.78
C SER A 155 -8.18 0.95 3.23
N LYS A 156 -8.79 -0.12 3.75
CA LYS A 156 -9.34 -0.06 5.12
C LYS A 156 -8.22 0.05 6.14
N GLU A 157 -7.13 -0.66 5.86
CA GLU A 157 -5.99 -0.74 6.75
C GLU A 157 -5.41 0.65 7.01
N ILE A 158 -5.19 1.37 5.94
CA ILE A 158 -4.62 2.69 6.03
C ILE A 158 -5.65 3.71 6.52
N ASP A 159 -6.83 3.68 5.95
CA ASP A 159 -7.92 4.62 6.24
C ASP A 159 -8.28 4.66 7.73
N GLU A 160 -8.53 3.51 8.30
CA GLU A 160 -8.86 3.41 9.71
C GLU A 160 -7.69 3.73 10.59
N HIS A 161 -6.49 3.45 10.11
CA HIS A 161 -5.29 3.76 10.86
C HIS A 161 -5.10 5.28 10.90
N LEU A 162 -5.53 5.96 9.83
CA LEU A 162 -5.46 7.42 9.76
C LEU A 162 -6.53 8.05 10.62
N LEU A 163 -7.75 7.53 10.51
CA LEU A 163 -8.87 8.08 11.29
C LEU A 163 -8.66 7.79 12.77
N ALA A 164 -8.25 6.57 13.05
CA ALA A 164 -7.90 6.04 14.38
C ALA A 164 -8.81 6.53 15.52
N GLU A 165 -9.90 5.84 15.73
CA GLU A 165 -10.80 6.19 16.80
C GLU A 165 -10.60 5.30 17.99
N GLU A 166 -10.62 5.90 19.11
CA GLU A 166 -10.38 5.21 20.36
C GLU A 166 -11.35 5.74 21.40
N THR A 10 -4.00 -14.95 -29.64
CA THR A 10 -3.44 -14.88 -28.34
C THR A 10 -2.88 -13.49 -28.15
N GLU A 11 -3.65 -12.66 -27.51
CA GLU A 11 -3.31 -11.27 -27.30
C GLU A 11 -2.66 -11.09 -25.96
N ALA A 12 -2.28 -9.83 -25.65
CA ALA A 12 -1.56 -9.49 -24.42
C ALA A 12 -0.21 -10.16 -24.43
N SER A 13 0.33 -10.28 -25.63
CA SER A 13 1.59 -10.93 -25.92
C SER A 13 2.76 -10.27 -25.17
N SER A 14 2.63 -8.98 -24.90
CA SER A 14 3.67 -8.28 -24.19
C SER A 14 3.64 -8.64 -22.69
N LEU A 15 2.53 -9.24 -22.25
CA LEU A 15 2.26 -9.63 -20.87
C LEU A 15 2.35 -8.48 -19.87
N VAL A 16 2.34 -7.28 -20.37
CA VAL A 16 2.36 -6.12 -19.53
C VAL A 16 0.95 -5.70 -19.29
N GLY A 17 0.57 -5.79 -18.08
CA GLY A 17 -0.76 -5.47 -17.71
C GLY A 17 -0.78 -4.35 -16.75
N LYS A 18 -1.73 -3.53 -16.86
CA LYS A 18 -1.83 -2.39 -16.02
C LYS A 18 -3.25 -2.04 -15.76
N LEU A 19 -3.50 -1.43 -14.64
CA LEU A 19 -4.82 -1.04 -14.30
C LEU A 19 -4.68 0.15 -13.37
N GLU A 20 -5.57 1.09 -13.48
CA GLU A 20 -5.50 2.26 -12.65
C GLU A 20 -6.87 2.54 -12.06
N THR A 21 -6.92 2.64 -10.76
CA THR A 21 -8.16 2.85 -10.07
C THR A 21 -7.99 4.01 -9.09
N ASP A 22 -9.08 4.45 -8.54
CA ASP A 22 -9.07 5.50 -7.58
C ASP A 22 -9.99 5.12 -6.46
N VAL A 23 -9.48 5.15 -5.27
CA VAL A 23 -10.27 4.81 -4.12
C VAL A 23 -10.42 6.03 -3.26
N GLU A 24 -11.61 6.33 -2.86
CA GLU A 24 -11.83 7.47 -2.04
C GLU A 24 -11.78 7.03 -0.59
N ILE A 25 -11.09 7.77 0.22
CA ILE A 25 -10.96 7.44 1.61
C ILE A 25 -11.63 8.49 2.49
N LYS A 26 -11.76 8.18 3.76
CA LYS A 26 -12.37 9.08 4.72
C LYS A 26 -11.34 10.10 5.11
N ALA A 27 -10.11 9.60 5.23
CA ALA A 27 -8.99 10.37 5.67
C ALA A 27 -8.55 11.43 4.67
N SER A 28 -7.82 12.37 5.17
CA SER A 28 -7.32 13.45 4.38
C SER A 28 -5.82 13.24 4.09
N ALA A 29 -5.39 13.71 2.93
CA ALA A 29 -3.99 13.60 2.47
C ALA A 29 -3.00 14.21 3.45
N ASP A 30 -3.44 15.26 4.13
CA ASP A 30 -2.62 15.93 5.14
C ASP A 30 -2.27 14.99 6.28
N LYS A 31 -3.15 14.05 6.58
CA LYS A 31 -2.89 13.08 7.63
C LYS A 31 -1.93 12.02 7.16
N PHE A 32 -2.00 11.69 5.87
CA PHE A 32 -1.10 10.72 5.26
C PHE A 32 0.33 11.25 5.35
N HIS A 33 0.47 12.51 4.99
CA HIS A 33 1.73 13.23 5.05
C HIS A 33 2.21 13.31 6.50
N HIS A 34 1.28 13.63 7.38
CA HIS A 34 1.53 13.80 8.80
C HIS A 34 2.00 12.51 9.48
N MET A 35 1.36 11.40 9.19
CA MET A 35 1.68 10.15 9.85
C MET A 35 3.08 9.65 9.47
N PHE A 36 3.49 9.93 8.25
CA PHE A 36 4.79 9.49 7.76
C PHE A 36 5.91 10.31 8.44
N ALA A 37 5.56 11.48 8.92
CA ALA A 37 6.52 12.37 9.57
C ALA A 37 6.56 12.10 11.08
N GLY A 38 5.95 11.01 11.50
CA GLY A 38 5.93 10.66 12.89
C GLY A 38 5.53 9.22 13.10
N LYS A 39 4.94 8.93 14.22
CA LYS A 39 4.47 7.59 14.52
C LYS A 39 2.99 7.64 14.80
N PRO A 40 2.27 6.54 14.62
CA PRO A 40 0.88 6.48 15.02
C PRO A 40 0.81 6.33 16.52
N HIS A 41 -0.18 6.92 17.14
CA HIS A 41 -0.34 6.78 18.57
C HIS A 41 -0.68 5.34 18.89
N HIS A 42 -1.67 4.82 18.16
CA HIS A 42 -2.11 3.43 18.26
C HIS A 42 -2.67 3.09 19.65
N VAL A 43 -1.80 2.84 20.60
CA VAL A 43 -2.18 2.50 21.96
C VAL A 43 -1.16 3.06 22.93
N SER A 44 -1.64 3.47 24.06
CA SER A 44 -0.79 3.95 25.10
C SER A 44 -0.68 2.84 26.13
N LYS A 45 0.51 2.34 26.31
CA LYS A 45 0.72 1.22 27.20
C LYS A 45 1.71 1.57 28.27
N ALA A 46 1.91 0.65 29.17
CA ALA A 46 2.87 0.82 30.22
C ALA A 46 4.17 0.18 29.79
N SER A 47 5.00 0.97 29.17
CA SER A 47 6.25 0.51 28.66
C SER A 47 7.33 1.49 29.10
N PRO A 48 8.14 1.12 30.10
CA PRO A 48 9.22 1.97 30.62
C PRO A 48 10.28 2.27 29.56
N GLY A 49 10.55 1.29 28.74
CA GLY A 49 11.50 1.48 27.68
C GLY A 49 10.81 1.79 26.38
N ASN A 50 11.30 1.19 25.29
CA ASN A 50 10.73 1.37 23.94
C ASN A 50 10.82 2.85 23.54
N ILE A 51 11.82 3.53 24.09
CA ILE A 51 11.99 4.94 23.87
C ILE A 51 12.50 5.21 22.47
N GLN A 52 11.64 5.84 21.67
CA GLN A 52 11.95 6.26 20.30
C GLN A 52 12.05 5.10 19.31
N GLY A 53 13.00 4.22 19.54
CA GLY A 53 13.26 3.14 18.65
C GLY A 53 14.74 3.02 18.39
N CYS A 54 15.35 2.05 19.01
CA CYS A 54 16.80 1.87 18.91
C CYS A 54 17.19 1.30 17.53
N ASP A 55 16.20 0.73 16.86
CA ASP A 55 16.41 0.10 15.56
C ASP A 55 16.22 1.07 14.41
N LEU A 56 15.92 2.32 14.70
CA LEU A 56 15.77 3.31 13.65
C LEU A 56 16.85 4.38 13.74
N HIS A 57 17.28 4.87 12.61
CA HIS A 57 18.31 5.90 12.56
C HIS A 57 18.07 6.85 11.39
N GLU A 58 17.47 6.31 10.33
CA GLU A 58 17.24 6.97 9.05
C GLU A 58 18.50 6.93 8.23
N GLY A 59 18.41 6.30 7.10
CA GLY A 59 19.55 6.02 6.31
C GLY A 59 20.09 4.66 6.67
N ASP A 60 19.32 3.95 7.49
CA ASP A 60 19.70 2.63 7.98
C ASP A 60 19.02 1.55 7.16
N TRP A 61 17.73 1.72 6.91
CA TRP A 61 16.97 0.75 6.16
C TRP A 61 16.68 1.30 4.75
N GLY A 62 17.07 2.56 4.57
CA GLY A 62 17.13 3.21 3.26
C GLY A 62 15.86 3.90 2.78
N THR A 63 14.72 3.64 3.39
CA THR A 63 13.42 4.22 2.96
C THR A 63 13.06 3.79 1.50
N VAL A 64 13.68 4.37 0.49
CA VAL A 64 13.53 3.86 -0.85
C VAL A 64 14.32 2.56 -0.92
N GLY A 65 13.66 1.49 -1.25
CA GLY A 65 14.31 0.21 -1.24
C GLY A 65 14.03 -0.52 0.05
N SER A 66 13.31 0.15 0.94
CA SER A 66 12.92 -0.40 2.21
C SER A 66 12.01 -1.59 1.99
N ILE A 67 12.17 -2.57 2.80
CA ILE A 67 11.35 -3.73 2.73
C ILE A 67 10.54 -3.85 3.99
N VAL A 68 9.26 -3.77 3.83
CA VAL A 68 8.30 -3.89 4.91
C VAL A 68 7.22 -4.81 4.44
N PHE A 69 6.65 -5.55 5.35
CA PHE A 69 5.64 -6.53 4.99
C PHE A 69 4.37 -6.34 5.78
N TRP A 70 3.26 -6.70 5.19
CA TRP A 70 1.99 -6.64 5.87
C TRP A 70 1.51 -8.02 6.24
N ASN A 71 1.02 -8.15 7.44
CA ASN A 71 0.45 -9.39 7.90
C ASN A 71 -1.02 -9.14 8.20
N TYR A 72 -1.87 -9.99 7.70
CA TYR A 72 -3.29 -9.83 7.90
C TYR A 72 -3.95 -11.19 7.84
N VAL A 73 -5.21 -11.25 8.18
CA VAL A 73 -5.95 -12.48 8.15
C VAL A 73 -6.99 -12.39 7.06
N HIS A 74 -7.00 -13.37 6.20
CA HIS A 74 -7.94 -13.40 5.11
C HIS A 74 -8.48 -14.81 4.94
N ASP A 75 -9.79 -14.95 5.18
CA ASP A 75 -10.52 -16.25 5.12
C ASP A 75 -10.03 -17.20 6.18
N GLY A 76 -9.55 -16.63 7.27
CA GLY A 76 -9.06 -17.43 8.37
C GLY A 76 -7.57 -17.73 8.28
N GLU A 77 -6.96 -17.45 7.15
CA GLU A 77 -5.54 -17.69 7.00
C GLU A 77 -4.74 -16.46 7.31
N ALA A 78 -3.59 -16.67 7.86
CA ALA A 78 -2.67 -15.60 8.09
C ALA A 78 -1.93 -15.39 6.80
N LYS A 79 -2.09 -14.24 6.22
CA LYS A 79 -1.52 -13.97 4.95
C LYS A 79 -0.54 -12.83 5.05
N VAL A 80 0.59 -13.00 4.41
CA VAL A 80 1.64 -12.01 4.45
C VAL A 80 1.83 -11.44 3.06
N ALA A 81 2.07 -10.19 3.01
CA ALA A 81 2.28 -9.51 1.77
C ALA A 81 3.74 -9.19 1.71
N LYS A 82 4.33 -9.37 0.54
CA LYS A 82 5.74 -9.18 0.40
C LYS A 82 6.04 -8.20 -0.72
N GLU A 83 6.69 -7.13 -0.36
CA GLU A 83 6.97 -6.06 -1.25
C GLU A 83 8.22 -5.30 -0.84
N ARG A 84 8.63 -4.43 -1.72
CA ARG A 84 9.78 -3.58 -1.55
C ARG A 84 9.35 -2.18 -1.95
N ILE A 85 9.82 -1.18 -1.24
CA ILE A 85 9.52 0.20 -1.60
C ILE A 85 10.32 0.57 -2.83
N GLU A 86 9.64 0.99 -3.88
CA GLU A 86 10.32 1.34 -5.10
C GLU A 86 10.53 2.86 -5.17
N ALA A 87 9.53 3.59 -4.73
CA ALA A 87 9.58 5.04 -4.74
C ALA A 87 8.63 5.57 -3.68
N VAL A 88 9.02 6.59 -2.98
CA VAL A 88 8.18 7.15 -1.94
C VAL A 88 8.38 8.67 -1.83
N GLU A 89 7.30 9.38 -1.94
CA GLU A 89 7.29 10.82 -1.85
C GLU A 89 6.53 11.25 -0.62
N PRO A 90 7.22 11.72 0.41
CA PRO A 90 6.58 12.20 1.63
C PRO A 90 5.81 13.49 1.38
N ASP A 91 6.35 14.34 0.51
CA ASP A 91 5.72 15.60 0.20
C ASP A 91 4.58 15.45 -0.79
N LYS A 92 4.74 14.54 -1.74
CA LYS A 92 3.71 14.36 -2.75
C LYS A 92 2.72 13.27 -2.39
N ASN A 93 2.90 12.66 -1.22
CA ASN A 93 2.00 11.60 -0.70
C ASN A 93 1.92 10.42 -1.67
N LEU A 94 3.06 10.03 -2.20
CA LEU A 94 3.14 8.94 -3.17
C LEU A 94 3.98 7.83 -2.64
N ILE A 95 3.58 6.63 -2.93
CA ILE A 95 4.37 5.49 -2.59
C ILE A 95 4.14 4.32 -3.57
N THR A 96 5.20 3.88 -4.18
CA THR A 96 5.19 2.76 -5.11
C THR A 96 5.65 1.47 -4.40
N PHE A 97 4.80 0.46 -4.44
CA PHE A 97 5.07 -0.84 -3.86
C PHE A 97 5.45 -1.81 -4.97
N ARG A 98 6.57 -2.45 -4.85
CA ARG A 98 7.00 -3.46 -5.81
C ARG A 98 6.93 -4.79 -5.09
N VAL A 99 6.09 -5.69 -5.53
CA VAL A 99 5.95 -6.98 -4.89
C VAL A 99 7.11 -7.88 -5.28
N ILE A 100 7.83 -8.40 -4.30
CA ILE A 100 8.99 -9.22 -4.60
C ILE A 100 8.68 -10.71 -4.51
N GLU A 101 7.73 -11.05 -3.64
CA GLU A 101 7.30 -12.42 -3.44
C GLU A 101 5.89 -12.47 -2.96
N GLY A 102 5.41 -13.65 -2.82
CA GLY A 102 4.10 -13.84 -2.28
C GLY A 102 3.10 -14.43 -3.24
N ASP A 103 1.84 -14.33 -2.85
CA ASP A 103 0.68 -14.84 -3.59
C ASP A 103 0.59 -14.22 -4.96
N LEU A 104 0.71 -12.91 -5.00
CA LEU A 104 0.60 -12.14 -6.25
C LEU A 104 1.69 -12.52 -7.24
N MET A 105 2.82 -12.96 -6.72
CA MET A 105 3.97 -13.30 -7.55
C MET A 105 3.71 -14.65 -8.29
N LYS A 106 2.68 -15.38 -7.85
CA LYS A 106 2.27 -16.64 -8.49
C LYS A 106 1.45 -16.37 -9.75
N GLU A 107 0.95 -15.17 -9.87
CA GLU A 107 0.19 -14.79 -11.05
C GLU A 107 1.00 -13.88 -11.93
N TYR A 108 1.65 -12.94 -11.30
CA TYR A 108 2.37 -11.95 -12.01
C TYR A 108 3.81 -12.10 -11.64
N LYS A 109 4.67 -12.04 -12.59
CA LYS A 109 6.09 -12.21 -12.36
C LYS A 109 6.76 -10.89 -11.99
N SER A 110 5.94 -9.88 -11.90
CA SER A 110 6.32 -8.59 -11.43
C SER A 110 5.04 -7.80 -11.23
N PHE A 111 4.97 -7.05 -10.17
CA PHE A 111 3.78 -6.31 -9.84
C PHE A 111 4.14 -5.07 -9.05
N LEU A 112 3.84 -3.91 -9.60
CA LEU A 112 4.05 -2.67 -8.91
C LEU A 112 2.80 -1.86 -8.90
N LEU A 113 2.59 -1.19 -7.82
CA LEU A 113 1.45 -0.36 -7.66
C LEU A 113 1.82 0.89 -6.91
N THR A 114 1.51 2.00 -7.47
CA THR A 114 1.78 3.26 -6.86
C THR A 114 0.50 3.87 -6.35
N ILE A 115 0.51 4.31 -5.13
CA ILE A 115 -0.61 4.99 -4.59
C ILE A 115 -0.21 6.40 -4.23
N GLN A 116 -1.02 7.33 -4.59
CA GLN A 116 -0.77 8.70 -4.26
C GLN A 116 -2.05 9.32 -3.78
N VAL A 117 -2.02 9.87 -2.61
CA VAL A 117 -3.19 10.43 -1.99
C VAL A 117 -3.27 11.93 -2.24
N THR A 118 -4.27 12.32 -2.98
CA THR A 118 -4.49 13.70 -3.26
C THR A 118 -5.79 14.18 -2.64
N PRO A 119 -5.81 15.44 -2.18
CA PRO A 119 -7.01 16.09 -1.63
C PRO A 119 -8.22 15.95 -2.58
N LYS A 120 -9.40 15.73 -2.01
CA LYS A 120 -10.63 15.61 -2.78
C LYS A 120 -10.91 16.95 -3.49
N PRO A 121 -10.86 16.95 -4.84
CA PRO A 121 -11.03 18.17 -5.66
C PRO A 121 -12.33 18.93 -5.38
N GLY A 122 -13.32 18.24 -4.85
CA GLY A 122 -14.58 18.88 -4.62
C GLY A 122 -14.94 19.04 -3.16
N GLY A 123 -13.95 19.10 -2.28
CA GLY A 123 -14.25 19.33 -0.89
C GLY A 123 -13.42 18.49 0.05
N PRO A 124 -13.97 18.09 1.21
CA PRO A 124 -13.25 17.30 2.21
C PRO A 124 -13.05 15.84 1.77
N GLY A 125 -12.01 15.23 2.33
CA GLY A 125 -11.69 13.88 1.99
C GLY A 125 -10.51 13.83 1.07
N SER A 126 -10.12 12.66 0.64
CA SER A 126 -9.01 12.52 -0.27
C SER A 126 -9.18 11.31 -1.17
N ILE A 127 -8.54 11.36 -2.31
CA ILE A 127 -8.60 10.32 -3.29
C ILE A 127 -7.26 9.63 -3.35
N VAL A 128 -7.28 8.36 -3.42
CA VAL A 128 -6.06 7.62 -3.56
C VAL A 128 -5.98 7.16 -4.98
N HIS A 129 -5.00 7.62 -5.68
CA HIS A 129 -4.82 7.19 -7.03
C HIS A 129 -3.93 5.98 -7.03
N TRP A 130 -4.51 4.87 -7.37
CA TRP A 130 -3.79 3.65 -7.45
C TRP A 130 -3.41 3.42 -8.89
N HIS A 131 -2.15 3.31 -9.15
CA HIS A 131 -1.66 3.05 -10.46
C HIS A 131 -0.94 1.74 -10.42
N LEU A 132 -1.47 0.75 -11.06
CA LEU A 132 -0.91 -0.57 -11.02
C LEU A 132 -0.36 -0.95 -12.38
N GLU A 133 0.80 -1.51 -12.38
CA GLU A 133 1.40 -2.02 -13.59
C GLU A 133 2.13 -3.30 -13.23
N TYR A 134 1.85 -4.32 -13.97
CA TYR A 134 2.33 -5.63 -13.64
C TYR A 134 2.62 -6.47 -14.85
N GLU A 135 3.30 -7.53 -14.62
CA GLU A 135 3.77 -8.38 -15.66
C GLU A 135 3.21 -9.77 -15.46
N LYS A 136 2.42 -10.21 -16.40
CA LYS A 136 1.82 -11.53 -16.36
C LYS A 136 2.85 -12.61 -16.61
N ILE A 137 2.67 -13.74 -15.96
CA ILE A 137 3.43 -14.92 -16.30
C ILE A 137 2.80 -15.50 -17.57
N SER A 138 1.47 -15.40 -17.59
CA SER A 138 0.63 -15.83 -18.66
C SER A 138 -0.77 -15.29 -18.34
N GLU A 139 -1.63 -15.22 -19.31
CA GLU A 139 -3.00 -14.72 -19.09
C GLU A 139 -3.82 -15.75 -18.39
N GLU A 140 -3.53 -17.00 -18.69
CA GLU A 140 -4.25 -18.16 -18.16
C GLU A 140 -4.16 -18.19 -16.62
N VAL A 141 -3.18 -17.51 -16.11
CA VAL A 141 -2.91 -17.54 -14.68
C VAL A 141 -3.27 -16.21 -13.99
N ALA A 142 -3.23 -15.14 -14.74
CA ALA A 142 -3.45 -13.80 -14.21
C ALA A 142 -4.92 -13.48 -14.10
N HIS A 143 -5.29 -12.90 -12.98
CA HIS A 143 -6.67 -12.47 -12.78
C HIS A 143 -6.70 -10.99 -12.38
N PRO A 144 -6.85 -10.06 -13.36
CA PRO A 144 -6.87 -8.58 -13.14
C PRO A 144 -7.93 -8.09 -12.10
N GLU A 145 -8.79 -8.99 -11.73
CA GLU A 145 -9.87 -8.71 -10.80
C GLU A 145 -9.32 -8.60 -9.40
N THR A 146 -8.41 -9.47 -9.10
CA THR A 146 -7.86 -9.64 -7.78
C THR A 146 -7.14 -8.40 -7.28
N LEU A 147 -6.55 -7.64 -8.21
CA LEU A 147 -5.80 -6.46 -7.84
C LEU A 147 -6.71 -5.40 -7.28
N LEU A 148 -7.90 -5.29 -7.82
CA LEU A 148 -8.87 -4.34 -7.33
C LEU A 148 -9.34 -4.72 -5.96
N GLN A 149 -9.47 -6.01 -5.74
CA GLN A 149 -9.88 -6.50 -4.45
C GLN A 149 -8.78 -6.27 -3.42
N PHE A 150 -7.52 -6.39 -3.88
CA PHE A 150 -6.35 -6.08 -3.05
C PHE A 150 -6.40 -4.61 -2.68
N CYS A 151 -6.80 -3.78 -3.64
CA CYS A 151 -6.93 -2.36 -3.41
C CYS A 151 -7.97 -2.10 -2.33
N VAL A 152 -9.14 -2.75 -2.45
CA VAL A 152 -10.24 -2.60 -1.51
C VAL A 152 -9.81 -2.93 -0.07
N GLU A 153 -9.18 -4.09 0.09
CA GLU A 153 -8.84 -4.58 1.43
C GLU A 153 -7.75 -3.73 2.08
N VAL A 154 -6.86 -3.20 1.25
CA VAL A 154 -5.83 -2.32 1.74
C VAL A 154 -6.39 -0.93 2.02
N SER A 155 -7.34 -0.46 1.19
CA SER A 155 -7.92 0.88 1.35
C SER A 155 -8.59 1.03 2.70
N LYS A 156 -9.45 0.09 3.05
CA LYS A 156 -10.15 0.15 4.32
C LYS A 156 -9.16 0.01 5.49
N GLU A 157 -8.11 -0.75 5.27
CA GLU A 157 -7.10 -1.00 6.28
C GLU A 157 -6.32 0.27 6.58
N ILE A 158 -5.83 0.89 5.52
CA ILE A 158 -5.00 2.05 5.65
C ILE A 158 -5.80 3.27 6.12
N ASP A 159 -6.96 3.44 5.55
CA ASP A 159 -7.86 4.58 5.86
C ASP A 159 -8.19 4.64 7.36
N GLU A 160 -8.55 3.48 7.94
CA GLU A 160 -8.79 3.35 9.39
C GLU A 160 -7.54 3.70 10.17
N HIS A 161 -6.40 3.43 9.58
CA HIS A 161 -5.14 3.70 10.25
C HIS A 161 -4.83 5.21 10.33
N LEU A 162 -5.25 5.99 9.33
CA LEU A 162 -4.99 7.44 9.36
C LEU A 162 -5.88 8.13 10.36
N LEU A 163 -7.15 7.77 10.36
CA LEU A 163 -8.10 8.39 11.27
C LEU A 163 -8.01 7.78 12.63
N ALA A 164 -7.84 6.48 12.63
CA ALA A 164 -7.77 5.67 13.81
C ALA A 164 -9.04 5.76 14.61
N GLU A 165 -10.03 5.11 14.07
CA GLU A 165 -11.34 5.07 14.63
C GLU A 165 -11.81 3.65 14.64
N GLU A 166 -12.73 3.35 15.50
CA GLU A 166 -13.28 2.03 15.62
C GLU A 166 -14.47 2.14 16.56
N THR A 10 10.08 -16.23 -22.29
CA THR A 10 9.40 -16.88 -23.42
C THR A 10 8.19 -16.09 -23.97
N GLU A 11 7.31 -15.65 -23.10
CA GLU A 11 6.09 -14.98 -23.51
C GLU A 11 6.34 -13.58 -24.07
N ALA A 12 5.33 -13.06 -24.74
CA ALA A 12 5.40 -11.77 -25.40
C ALA A 12 5.46 -10.63 -24.40
N SER A 13 6.20 -9.61 -24.74
CA SER A 13 6.39 -8.45 -23.90
C SER A 13 5.09 -7.66 -23.72
N SER A 14 4.21 -7.75 -24.71
CA SER A 14 2.95 -7.03 -24.73
C SER A 14 1.95 -7.47 -23.62
N LEU A 15 2.30 -8.48 -22.83
CA LEU A 15 1.45 -8.96 -21.69
C LEU A 15 1.42 -7.95 -20.53
N VAL A 16 1.49 -6.69 -20.86
CA VAL A 16 1.48 -5.63 -19.91
C VAL A 16 0.11 -5.45 -19.36
N GLY A 17 0.04 -5.45 -18.08
CA GLY A 17 -1.17 -5.24 -17.38
C GLY A 17 -1.05 -3.99 -16.59
N LYS A 18 -1.86 -3.03 -16.89
CA LYS A 18 -1.81 -1.82 -16.20
C LYS A 18 -3.22 -1.49 -15.79
N LEU A 19 -3.41 -1.06 -14.58
CA LEU A 19 -4.73 -0.73 -14.11
C LEU A 19 -4.65 0.49 -13.20
N GLU A 20 -5.64 1.34 -13.28
CA GLU A 20 -5.73 2.52 -12.45
C GLU A 20 -7.12 2.56 -11.86
N THR A 21 -7.18 2.60 -10.57
CA THR A 21 -8.43 2.66 -9.90
C THR A 21 -8.34 3.69 -8.78
N ASP A 22 -9.36 4.48 -8.66
CA ASP A 22 -9.40 5.49 -7.64
C ASP A 22 -10.28 5.06 -6.49
N VAL A 23 -9.70 4.93 -5.36
CA VAL A 23 -10.43 4.57 -4.18
C VAL A 23 -10.50 5.79 -3.30
N GLU A 24 -11.56 5.97 -2.62
CA GLU A 24 -11.71 7.13 -1.81
C GLU A 24 -11.41 6.81 -0.37
N ILE A 25 -10.63 7.63 0.26
CA ILE A 25 -10.39 7.48 1.66
C ILE A 25 -11.17 8.54 2.41
N LYS A 26 -11.37 8.34 3.65
CA LYS A 26 -12.16 9.21 4.45
C LYS A 26 -11.26 10.08 5.30
N ALA A 27 -10.03 9.66 5.42
CA ALA A 27 -9.00 10.42 6.08
C ALA A 27 -8.51 11.52 5.14
N SER A 28 -7.76 12.45 5.68
CA SER A 28 -7.26 13.54 4.89
C SER A 28 -5.86 13.21 4.39
N ALA A 29 -5.59 13.55 3.13
CA ALA A 29 -4.30 13.30 2.48
C ALA A 29 -3.14 13.90 3.27
N ASP A 30 -3.39 15.01 3.93
CA ASP A 30 -2.36 15.67 4.72
C ASP A 30 -1.84 14.77 5.84
N LYS A 31 -2.68 13.88 6.35
CA LYS A 31 -2.23 12.97 7.39
C LYS A 31 -1.22 11.96 6.85
N PHE A 32 -1.36 11.63 5.58
CA PHE A 32 -0.41 10.75 4.91
C PHE A 32 0.90 11.52 4.78
N HIS A 33 0.74 12.79 4.46
CA HIS A 33 1.81 13.77 4.35
C HIS A 33 2.60 13.91 5.69
N HIS A 34 1.94 13.65 6.82
CA HIS A 34 2.61 13.65 8.15
C HIS A 34 3.40 12.37 8.44
N MET A 35 2.98 11.25 7.86
CA MET A 35 3.49 9.89 8.20
C MET A 35 5.02 9.68 8.15
N PHE A 36 5.73 10.47 7.38
CA PHE A 36 7.16 10.25 7.25
C PHE A 36 7.95 11.20 8.17
N ALA A 37 7.28 12.25 8.60
CA ALA A 37 7.87 13.26 9.42
C ALA A 37 8.12 12.73 10.80
N GLY A 38 9.37 12.49 11.06
CA GLY A 38 9.81 12.01 12.34
C GLY A 38 9.78 13.08 13.39
N LYS A 39 8.60 13.49 13.76
CA LYS A 39 8.40 14.43 14.82
C LYS A 39 8.20 13.69 16.12
N PRO A 40 8.59 14.31 17.26
CA PRO A 40 8.46 13.70 18.58
C PRO A 40 7.06 13.16 18.83
N HIS A 41 6.98 11.85 18.99
CA HIS A 41 5.72 11.21 19.27
C HIS A 41 5.40 11.43 20.73
N HIS A 42 4.47 12.33 20.97
CA HIS A 42 4.07 12.76 22.31
C HIS A 42 3.63 11.64 23.27
N VAL A 43 3.46 12.03 24.53
CA VAL A 43 3.22 11.13 25.66
C VAL A 43 4.55 10.54 26.11
N SER A 44 5.14 11.19 27.06
CA SER A 44 6.43 10.84 27.56
C SER A 44 6.38 10.78 29.07
N LYS A 45 7.33 10.10 29.66
CA LYS A 45 7.39 9.98 31.09
C LYS A 45 8.82 10.18 31.55
N ALA A 46 8.99 10.71 32.76
CA ALA A 46 10.31 10.98 33.32
C ALA A 46 11.10 9.68 33.48
N SER A 47 11.92 9.40 32.49
CA SER A 47 12.69 8.19 32.40
C SER A 47 13.68 8.38 31.24
N PRO A 48 14.61 7.42 30.98
CA PRO A 48 15.50 7.50 29.82
C PRO A 48 14.69 7.53 28.53
N GLY A 49 14.75 8.65 27.87
CA GLY A 49 13.99 8.86 26.68
C GLY A 49 12.91 9.89 26.90
N ASN A 50 13.32 11.11 27.24
CA ASN A 50 12.37 12.20 27.45
C ASN A 50 11.87 12.71 26.12
N ILE A 51 10.58 13.01 26.06
CA ILE A 51 9.90 13.47 24.85
C ILE A 51 9.78 12.36 23.81
N GLN A 52 10.89 11.80 23.42
CA GLN A 52 10.90 10.68 22.52
C GLN A 52 11.00 9.43 23.36
N GLY A 53 9.87 8.85 23.68
CA GLY A 53 9.85 7.65 24.47
C GLY A 53 10.33 6.46 23.69
N CYS A 54 9.46 5.91 22.87
CA CYS A 54 9.80 4.78 22.05
C CYS A 54 8.70 4.49 21.06
N ASP A 55 9.10 4.26 19.84
CA ASP A 55 8.20 3.81 18.81
C ASP A 55 8.96 2.87 17.93
N LEU A 56 8.33 1.81 17.56
CA LEU A 56 8.93 0.78 16.75
C LEU A 56 7.79 -0.01 16.15
N HIS A 57 7.71 -0.02 14.84
CA HIS A 57 6.63 -0.73 14.18
C HIS A 57 7.15 -2.00 13.49
N GLU A 58 8.46 -2.03 13.23
CA GLU A 58 9.14 -3.16 12.57
C GLU A 58 8.70 -3.31 11.11
N GLY A 59 9.60 -3.00 10.22
CA GLY A 59 9.32 -3.10 8.81
C GLY A 59 9.45 -1.76 8.16
N ASP A 60 9.13 -0.74 8.91
CA ASP A 60 9.28 0.62 8.46
C ASP A 60 10.70 1.05 8.70
N TRP A 61 11.48 1.07 7.67
CA TRP A 61 12.86 1.48 7.81
C TRP A 61 13.03 2.95 7.49
N GLY A 62 12.02 3.54 6.86
CA GLY A 62 12.04 4.95 6.52
C GLY A 62 12.93 5.24 5.33
N THR A 63 13.33 4.20 4.64
CA THR A 63 14.21 4.31 3.53
C THR A 63 13.71 3.48 2.36
N VAL A 64 14.24 3.74 1.19
CA VAL A 64 13.94 2.94 0.03
C VAL A 64 14.50 1.53 0.24
N GLY A 65 13.72 0.53 -0.06
CA GLY A 65 14.13 -0.82 0.19
C GLY A 65 13.51 -1.36 1.46
N SER A 66 12.74 -0.51 2.12
CA SER A 66 12.05 -0.87 3.33
C SER A 66 11.02 -1.94 3.03
N ILE A 67 11.00 -2.98 3.82
CA ILE A 67 10.07 -4.06 3.66
C ILE A 67 9.30 -4.29 4.94
N VAL A 68 8.02 -4.16 4.85
CA VAL A 68 7.11 -4.32 5.95
C VAL A 68 5.95 -5.18 5.46
N PHE A 69 5.23 -5.82 6.34
CA PHE A 69 4.13 -6.63 5.91
C PHE A 69 2.87 -6.23 6.62
N TRP A 70 1.84 -6.01 5.88
CA TRP A 70 0.59 -5.67 6.44
C TRP A 70 -0.34 -6.86 6.27
N ASN A 71 -1.16 -7.10 7.25
CA ASN A 71 -2.10 -8.19 7.20
C ASN A 71 -3.49 -7.63 7.09
N TYR A 72 -4.25 -8.14 6.18
CA TYR A 72 -5.61 -7.71 6.01
C TYR A 72 -6.51 -8.90 6.03
N VAL A 73 -7.69 -8.77 6.57
CA VAL A 73 -8.56 -9.89 6.69
C VAL A 73 -9.65 -9.82 5.66
N HIS A 74 -9.67 -10.79 4.79
CA HIS A 74 -10.62 -10.85 3.72
C HIS A 74 -11.16 -12.28 3.67
N ASP A 75 -12.49 -12.40 3.72
CA ASP A 75 -13.20 -13.70 3.78
C ASP A 75 -12.85 -14.46 5.05
N GLY A 76 -12.54 -13.72 6.09
CA GLY A 76 -12.22 -14.31 7.37
C GLY A 76 -10.77 -14.76 7.49
N GLU A 77 -10.06 -14.80 6.38
CA GLU A 77 -8.67 -15.20 6.40
C GLU A 77 -7.79 -14.00 6.43
N ALA A 78 -6.65 -14.17 7.00
CA ALA A 78 -5.69 -13.12 7.06
C ALA A 78 -4.77 -13.23 5.87
N LYS A 79 -4.80 -12.25 5.04
CA LYS A 79 -3.96 -12.19 3.89
C LYS A 79 -2.76 -11.35 4.21
N VAL A 80 -1.68 -11.58 3.52
CA VAL A 80 -0.47 -10.86 3.77
C VAL A 80 -0.12 -10.04 2.55
N ALA A 81 0.36 -8.85 2.78
CA ALA A 81 0.75 -7.98 1.73
C ALA A 81 2.25 -7.89 1.70
N LYS A 82 2.81 -8.28 0.57
CA LYS A 82 4.22 -8.27 0.37
C LYS A 82 4.58 -6.99 -0.36
N GLU A 83 5.46 -6.21 0.21
CA GLU A 83 5.74 -4.92 -0.30
C GLU A 83 7.16 -4.49 0.02
N ARG A 84 7.69 -3.69 -0.84
CA ARG A 84 8.97 -3.07 -0.71
C ARG A 84 8.83 -1.64 -1.13
N ILE A 85 9.38 -0.74 -0.35
CA ILE A 85 9.33 0.65 -0.69
C ILE A 85 10.33 0.92 -1.81
N GLU A 86 9.85 1.42 -2.91
CA GLU A 86 10.69 1.76 -4.04
C GLU A 86 10.87 3.24 -4.13
N ALA A 87 9.88 3.96 -3.68
CA ALA A 87 9.87 5.39 -3.69
C ALA A 87 8.78 5.87 -2.80
N VAL A 88 9.05 6.86 -2.01
CA VAL A 88 8.04 7.41 -1.13
C VAL A 88 8.19 8.92 -1.01
N GLU A 89 7.14 9.60 -1.33
CA GLU A 89 7.07 11.03 -1.22
C GLU A 89 6.03 11.39 -0.20
N PRO A 90 6.42 11.85 0.97
CA PRO A 90 5.46 12.35 1.95
C PRO A 90 4.87 13.67 1.44
N ASP A 91 5.69 14.37 0.69
CA ASP A 91 5.36 15.66 0.10
C ASP A 91 4.34 15.56 -1.00
N LYS A 92 4.33 14.46 -1.68
CA LYS A 92 3.43 14.28 -2.79
C LYS A 92 2.44 13.18 -2.52
N ASN A 93 2.48 12.67 -1.30
CA ASN A 93 1.61 11.52 -0.88
C ASN A 93 1.73 10.35 -1.86
N LEU A 94 2.94 10.04 -2.26
CA LEU A 94 3.19 9.02 -3.26
C LEU A 94 4.02 7.91 -2.66
N ILE A 95 3.66 6.70 -2.95
CA ILE A 95 4.40 5.58 -2.46
C ILE A 95 4.34 4.40 -3.45
N THR A 96 5.49 3.93 -3.82
CA THR A 96 5.64 2.82 -4.74
C THR A 96 5.91 1.50 -3.98
N PHE A 97 5.06 0.50 -4.22
CA PHE A 97 5.18 -0.83 -3.61
C PHE A 97 5.65 -1.82 -4.69
N ARG A 98 6.37 -2.84 -4.26
CA ARG A 98 6.94 -3.83 -5.16
C ARG A 98 6.81 -5.24 -4.58
N VAL A 99 6.62 -6.23 -5.44
CA VAL A 99 6.63 -7.62 -5.01
C VAL A 99 8.08 -8.05 -4.67
N ILE A 100 8.25 -8.82 -3.60
CA ILE A 100 9.59 -9.27 -3.22
C ILE A 100 9.66 -10.77 -2.98
N GLU A 101 8.59 -11.38 -2.51
CA GLU A 101 8.67 -12.78 -2.18
C GLU A 101 8.35 -13.71 -3.37
N GLY A 102 7.10 -14.13 -3.52
CA GLY A 102 6.80 -15.03 -4.63
C GLY A 102 5.32 -15.22 -4.91
N ASP A 103 4.47 -14.94 -3.94
CA ASP A 103 2.99 -15.08 -4.08
C ASP A 103 2.44 -14.43 -5.34
N LEU A 104 2.83 -13.21 -5.59
CA LEU A 104 2.38 -12.47 -6.76
C LEU A 104 3.08 -12.96 -8.04
N MET A 105 4.25 -13.54 -7.87
CA MET A 105 5.09 -13.97 -9.00
C MET A 105 4.61 -15.30 -9.60
N LYS A 106 3.65 -15.92 -8.97
CA LYS A 106 3.13 -17.19 -9.48
C LYS A 106 2.15 -16.92 -10.60
N GLU A 107 1.56 -15.74 -10.55
CA GLU A 107 0.61 -15.30 -11.55
C GLU A 107 1.23 -14.28 -12.49
N TYR A 108 2.15 -13.48 -11.96
CA TYR A 108 2.76 -12.42 -12.72
C TYR A 108 4.24 -12.57 -12.71
N LYS A 109 4.88 -12.15 -13.75
CA LYS A 109 6.31 -12.26 -13.85
C LYS A 109 7.02 -10.99 -13.39
N SER A 110 6.23 -9.96 -13.14
CA SER A 110 6.68 -8.72 -12.59
C SER A 110 5.45 -7.98 -12.11
N PHE A 111 5.55 -7.23 -11.03
CA PHE A 111 4.39 -6.57 -10.44
C PHE A 111 4.78 -5.35 -9.61
N LEU A 112 4.21 -4.23 -9.95
CA LEU A 112 4.40 -2.98 -9.23
C LEU A 112 3.11 -2.28 -9.05
N LEU A 113 3.02 -1.60 -7.99
CA LEU A 113 1.87 -0.78 -7.70
C LEU A 113 2.30 0.48 -7.02
N THR A 114 1.81 1.56 -7.47
CA THR A 114 2.16 2.83 -6.93
C THR A 114 0.89 3.59 -6.61
N ILE A 115 0.77 4.08 -5.40
CA ILE A 115 -0.41 4.82 -5.04
C ILE A 115 -0.05 6.23 -4.68
N GLN A 116 -0.95 7.12 -4.92
CA GLN A 116 -0.75 8.48 -4.58
C GLN A 116 -2.06 9.07 -4.12
N VAL A 117 -2.03 9.72 -2.98
CA VAL A 117 -3.23 10.27 -2.39
C VAL A 117 -3.38 11.73 -2.79
N THR A 118 -4.43 11.99 -3.49
CA THR A 118 -4.72 13.27 -4.02
C THR A 118 -6.02 13.79 -3.37
N PRO A 119 -6.10 15.11 -3.04
CA PRO A 119 -7.32 15.72 -2.47
C PRO A 119 -8.60 15.33 -3.22
N LYS A 120 -9.69 15.25 -2.50
CA LYS A 120 -10.95 14.87 -3.07
C LYS A 120 -11.80 16.09 -3.38
N PRO A 121 -12.28 16.22 -4.64
CA PRO A 121 -13.20 17.28 -5.03
C PRO A 121 -14.52 17.11 -4.28
N GLY A 122 -14.81 18.06 -3.44
CA GLY A 122 -16.00 17.98 -2.64
C GLY A 122 -15.72 18.49 -1.26
N GLY A 123 -14.52 18.23 -0.79
CA GLY A 123 -14.15 18.69 0.52
C GLY A 123 -13.57 17.60 1.39
N PRO A 124 -14.42 16.92 2.18
CA PRO A 124 -13.97 15.88 3.11
C PRO A 124 -13.47 14.61 2.40
N GLY A 125 -12.41 14.04 2.93
CA GLY A 125 -11.85 12.84 2.39
C GLY A 125 -10.78 13.14 1.37
N SER A 126 -10.24 12.12 0.78
CA SER A 126 -9.23 12.24 -0.24
C SER A 126 -9.30 11.03 -1.16
N ILE A 127 -8.71 11.11 -2.31
CA ILE A 127 -8.76 10.04 -3.27
C ILE A 127 -7.40 9.41 -3.39
N VAL A 128 -7.36 8.15 -3.40
CA VAL A 128 -6.13 7.44 -3.58
C VAL A 128 -6.13 6.80 -4.95
N HIS A 129 -5.22 7.23 -5.78
CA HIS A 129 -5.11 6.66 -7.10
C HIS A 129 -4.14 5.56 -7.11
N TRP A 130 -4.62 4.41 -7.45
CA TRP A 130 -3.81 3.24 -7.52
C TRP A 130 -3.35 3.03 -8.94
N HIS A 131 -2.06 3.01 -9.14
CA HIS A 131 -1.51 2.67 -10.41
C HIS A 131 -0.90 1.31 -10.28
N LEU A 132 -1.48 0.37 -10.92
CA LEU A 132 -1.00 -0.97 -10.88
C LEU A 132 -0.40 -1.23 -12.20
N GLU A 133 0.78 -1.74 -12.20
CA GLU A 133 1.42 -2.04 -13.42
C GLU A 133 2.13 -3.35 -13.19
N TYR A 134 1.84 -4.29 -14.00
CA TYR A 134 2.28 -5.64 -13.80
C TYR A 134 2.38 -6.35 -15.12
N GLU A 135 3.03 -7.45 -15.11
CA GLU A 135 3.24 -8.19 -16.31
C GLU A 135 2.75 -9.61 -16.13
N LYS A 136 1.76 -9.99 -16.93
CA LYS A 136 1.19 -11.34 -16.88
C LYS A 136 2.19 -12.37 -17.29
N ILE A 137 2.14 -13.52 -16.65
CA ILE A 137 2.88 -14.66 -17.15
C ILE A 137 2.11 -15.16 -18.34
N SER A 138 0.84 -15.25 -18.13
CA SER A 138 -0.12 -15.61 -19.11
C SER A 138 -1.47 -15.07 -18.62
N GLU A 139 -2.37 -14.81 -19.53
CA GLU A 139 -3.65 -14.17 -19.24
C GLU A 139 -4.50 -14.95 -18.27
N GLU A 140 -4.80 -16.18 -18.62
CA GLU A 140 -5.63 -17.08 -17.84
C GLU A 140 -4.99 -17.40 -16.50
N VAL A 141 -3.71 -17.19 -16.45
CA VAL A 141 -2.92 -17.48 -15.25
C VAL A 141 -3.03 -16.31 -14.26
N ALA A 142 -3.27 -15.14 -14.79
CA ALA A 142 -3.35 -13.93 -13.99
C ALA A 142 -4.74 -13.76 -13.38
N HIS A 143 -4.83 -12.95 -12.34
CA HIS A 143 -6.10 -12.71 -11.65
C HIS A 143 -6.26 -11.22 -11.33
N PRO A 144 -6.80 -10.41 -12.25
CA PRO A 144 -7.05 -8.98 -12.00
C PRO A 144 -8.03 -8.75 -10.84
N GLU A 145 -8.89 -9.74 -10.60
CA GLU A 145 -9.91 -9.68 -9.56
C GLU A 145 -9.27 -9.52 -8.19
N THR A 146 -8.25 -10.31 -7.96
CA THR A 146 -7.61 -10.37 -6.70
C THR A 146 -6.81 -9.09 -6.43
N LEU A 147 -6.31 -8.47 -7.50
CA LEU A 147 -5.66 -7.17 -7.40
C LEU A 147 -6.62 -6.12 -6.91
N LEU A 148 -7.83 -6.10 -7.46
CA LEU A 148 -8.81 -5.13 -7.01
C LEU A 148 -9.25 -5.41 -5.59
N GLN A 149 -9.36 -6.69 -5.24
CA GLN A 149 -9.66 -7.06 -3.86
C GLN A 149 -8.52 -6.61 -2.95
N PHE A 150 -7.29 -6.76 -3.43
CA PHE A 150 -6.11 -6.34 -2.71
C PHE A 150 -6.14 -4.82 -2.50
N CYS A 151 -6.43 -4.09 -3.56
CA CYS A 151 -6.49 -2.65 -3.52
C CYS A 151 -7.58 -2.14 -2.57
N VAL A 152 -8.78 -2.69 -2.69
CA VAL A 152 -9.87 -2.22 -1.88
C VAL A 152 -9.60 -2.43 -0.40
N GLU A 153 -9.12 -3.60 -0.05
CA GLU A 153 -8.83 -3.95 1.35
C GLU A 153 -7.81 -3.04 1.97
N VAL A 154 -6.70 -2.86 1.27
CA VAL A 154 -5.63 -1.99 1.75
C VAL A 154 -6.14 -0.55 1.90
N SER A 155 -7.06 -0.15 1.02
CA SER A 155 -7.64 1.18 1.08
C SER A 155 -8.29 1.48 2.45
N LYS A 156 -9.01 0.50 3.04
CA LYS A 156 -9.56 0.73 4.38
C LYS A 156 -8.45 0.71 5.41
N GLU A 157 -7.55 -0.25 5.26
CA GLU A 157 -6.43 -0.44 6.19
C GLU A 157 -5.60 0.83 6.35
N ILE A 158 -5.22 1.42 5.24
CA ILE A 158 -4.40 2.61 5.26
C ILE A 158 -5.24 3.83 5.74
N ASP A 159 -6.48 3.90 5.29
CA ASP A 159 -7.42 4.98 5.65
C ASP A 159 -7.69 5.01 7.14
N GLU A 160 -8.07 3.87 7.67
CA GLU A 160 -8.35 3.73 9.09
C GLU A 160 -7.10 3.92 9.90
N HIS A 161 -5.96 3.54 9.32
CA HIS A 161 -4.67 3.76 9.96
C HIS A 161 -4.44 5.26 10.13
N LEU A 162 -4.79 6.03 9.13
CA LEU A 162 -4.62 7.47 9.19
C LEU A 162 -5.58 8.07 10.19
N LEU A 163 -6.79 7.55 10.23
CA LEU A 163 -7.79 8.02 11.20
C LEU A 163 -7.32 7.74 12.62
N ALA A 164 -6.63 6.63 12.77
CA ALA A 164 -6.10 6.20 14.05
C ALA A 164 -4.89 7.00 14.47
N GLU A 165 -4.01 7.30 13.53
CA GLU A 165 -2.78 8.04 13.84
C GLU A 165 -3.05 9.49 14.19
N GLU A 166 -2.03 10.14 14.64
CA GLU A 166 -2.09 11.52 15.07
C GLU A 166 -2.03 12.45 13.88
N THR A 10 -10.71 -10.70 -22.31
CA THR A 10 -9.75 -9.82 -22.86
C THR A 10 -8.41 -10.17 -22.28
N GLU A 11 -7.49 -10.55 -23.11
CA GLU A 11 -6.19 -10.94 -22.66
C GLU A 11 -5.21 -9.82 -22.87
N ALA A 12 -4.13 -9.85 -22.16
CA ALA A 12 -3.08 -8.91 -22.37
C ALA A 12 -2.22 -9.44 -23.49
N SER A 13 -2.35 -8.86 -24.66
CA SER A 13 -1.64 -9.31 -25.83
C SER A 13 -0.13 -9.21 -25.63
N SER A 14 0.29 -8.16 -24.99
CA SER A 14 1.67 -7.91 -24.73
C SER A 14 2.09 -8.54 -23.39
N LEU A 15 1.11 -9.12 -22.68
CA LEU A 15 1.27 -9.69 -21.32
C LEU A 15 1.51 -8.63 -20.24
N VAL A 16 2.00 -7.49 -20.63
CA VAL A 16 2.09 -6.36 -19.75
C VAL A 16 0.71 -5.75 -19.71
N GLY A 17 0.23 -5.54 -18.54
CA GLY A 17 -1.06 -4.99 -18.38
C GLY A 17 -1.11 -3.95 -17.32
N LYS A 18 -2.11 -3.13 -17.38
CA LYS A 18 -2.32 -2.11 -16.43
C LYS A 18 -3.59 -2.29 -15.72
N LEU A 19 -3.64 -1.75 -14.56
CA LEU A 19 -4.87 -1.61 -13.89
C LEU A 19 -4.82 -0.33 -13.13
N GLU A 20 -5.77 0.49 -13.33
CA GLU A 20 -5.76 1.78 -12.72
C GLU A 20 -7.14 2.08 -12.16
N THR A 21 -7.20 2.55 -10.94
CA THR A 21 -8.47 2.84 -10.32
C THR A 21 -8.29 3.99 -9.33
N ASP A 22 -9.38 4.53 -8.83
CA ASP A 22 -9.33 5.62 -7.87
C ASP A 22 -10.16 5.26 -6.66
N VAL A 23 -9.52 5.17 -5.54
CA VAL A 23 -10.19 4.84 -4.31
C VAL A 23 -10.27 6.09 -3.47
N GLU A 24 -11.32 6.27 -2.75
CA GLU A 24 -11.48 7.45 -1.99
C GLU A 24 -11.25 7.12 -0.53
N ILE A 25 -10.30 7.76 0.07
CA ILE A 25 -10.14 7.61 1.49
C ILE A 25 -10.95 8.71 2.10
N LYS A 26 -11.47 8.49 3.27
CA LYS A 26 -12.37 9.46 3.84
C LYS A 26 -11.67 10.25 4.92
N ALA A 27 -10.37 10.22 4.84
CA ALA A 27 -9.53 11.03 5.65
C ALA A 27 -8.88 12.05 4.74
N SER A 28 -8.40 13.13 5.27
CA SER A 28 -7.80 14.15 4.44
C SER A 28 -6.37 13.76 4.08
N ALA A 29 -5.95 14.15 2.88
CA ALA A 29 -4.61 13.89 2.36
C ALA A 29 -3.55 14.49 3.27
N ASP A 30 -3.92 15.53 4.01
CA ASP A 30 -3.03 16.17 4.98
C ASP A 30 -2.58 15.16 5.99
N LYS A 31 -3.48 14.26 6.35
CA LYS A 31 -3.19 13.27 7.34
C LYS A 31 -2.24 12.23 6.81
N PHE A 32 -2.27 12.01 5.50
CA PHE A 32 -1.35 11.07 4.88
C PHE A 32 0.06 11.65 4.94
N HIS A 33 0.14 12.96 4.81
CA HIS A 33 1.40 13.67 4.93
C HIS A 33 1.86 13.69 6.40
N HIS A 34 0.91 13.85 7.29
CA HIS A 34 1.19 13.88 8.72
C HIS A 34 1.47 12.52 9.34
N MET A 35 0.91 11.45 8.78
CA MET A 35 0.98 10.07 9.36
C MET A 35 2.40 9.57 9.66
N PHE A 36 3.40 10.18 9.03
CA PHE A 36 4.77 9.80 9.30
C PHE A 36 5.13 10.19 10.74
N ALA A 37 4.53 11.26 11.22
CA ALA A 37 4.70 11.69 12.59
C ALA A 37 3.46 11.32 13.40
N GLY A 38 2.31 11.62 12.84
CA GLY A 38 1.04 11.37 13.46
C GLY A 38 0.27 12.66 13.63
N LYS A 39 -0.02 12.98 14.85
CA LYS A 39 -0.67 14.22 15.19
C LYS A 39 0.37 15.20 15.70
N PRO A 40 0.06 16.53 15.70
CA PRO A 40 0.93 17.59 16.23
C PRO A 40 1.63 17.19 17.55
N HIS A 41 0.88 16.61 18.46
CA HIS A 41 1.44 16.11 19.70
C HIS A 41 0.66 14.87 20.18
N HIS A 42 -0.67 14.97 20.17
CA HIS A 42 -1.59 13.91 20.64
C HIS A 42 -1.50 13.73 22.14
N VAL A 43 -2.57 14.04 22.82
CA VAL A 43 -2.65 13.84 24.25
C VAL A 43 -3.78 12.88 24.56
N SER A 44 -3.63 12.11 25.59
CA SER A 44 -4.66 11.21 26.02
C SER A 44 -5.48 11.88 27.10
N LYS A 45 -6.76 12.18 26.77
CA LYS A 45 -7.69 12.90 27.66
C LYS A 45 -7.29 14.38 27.74
N ALA A 46 -8.21 15.22 28.14
CA ALA A 46 -7.90 16.61 28.30
C ALA A 46 -7.24 16.79 29.65
N SER A 47 -5.94 16.57 29.66
CA SER A 47 -5.10 16.64 30.82
C SER A 47 -3.67 16.79 30.32
N PRO A 48 -2.67 17.02 31.20
CA PRO A 48 -1.27 17.04 30.79
C PRO A 48 -0.90 15.72 30.11
N GLY A 49 -0.68 15.78 28.82
CA GLY A 49 -0.40 14.61 28.05
C GLY A 49 0.91 13.97 28.42
N ASN A 50 1.98 14.76 28.33
CA ASN A 50 3.36 14.31 28.62
C ASN A 50 3.82 13.34 27.52
N ILE A 51 3.24 12.17 27.53
CA ILE A 51 3.52 11.18 26.56
C ILE A 51 2.84 11.58 25.27
N GLN A 52 3.62 11.81 24.27
CA GLN A 52 3.11 12.24 23.01
C GLN A 52 2.87 11.06 22.10
N GLY A 53 1.92 11.22 21.22
CA GLY A 53 1.60 10.18 20.29
C GLY A 53 2.40 10.31 19.03
N CYS A 54 3.33 11.26 19.01
CA CYS A 54 4.19 11.46 17.89
C CYS A 54 5.27 10.38 17.92
N ASP A 55 4.93 9.23 17.39
CA ASP A 55 5.81 8.08 17.38
C ASP A 55 6.86 8.22 16.31
N LEU A 56 6.47 8.87 15.23
CA LEU A 56 7.31 9.02 14.04
C LEU A 56 7.57 7.64 13.45
N HIS A 57 6.64 7.18 12.68
CA HIS A 57 6.66 5.84 12.15
C HIS A 57 7.37 5.81 10.82
N GLU A 58 8.63 5.47 10.86
CA GLU A 58 9.45 5.40 9.67
C GLU A 58 9.79 3.94 9.39
N GLY A 59 10.05 3.62 8.14
CA GLY A 59 10.41 2.28 7.78
C GLY A 59 11.76 1.94 8.34
N ASP A 60 11.88 0.78 8.93
CA ASP A 60 13.11 0.38 9.63
C ASP A 60 14.33 0.30 8.74
N TRP A 61 14.13 0.22 7.45
CA TRP A 61 15.26 0.21 6.53
C TRP A 61 15.45 1.59 5.87
N GLY A 62 14.87 2.61 6.47
CA GLY A 62 14.98 3.96 5.93
C GLY A 62 13.77 4.37 5.12
N THR A 63 12.71 3.60 5.24
CA THR A 63 11.44 3.84 4.53
C THR A 63 11.55 3.51 3.02
N VAL A 64 12.26 4.33 2.27
CA VAL A 64 12.44 4.03 0.86
C VAL A 64 13.39 2.85 0.73
N GLY A 65 12.93 1.78 0.13
CA GLY A 65 13.73 0.60 0.02
C GLY A 65 13.46 -0.34 1.16
N SER A 66 12.57 0.07 2.06
CA SER A 66 12.26 -0.71 3.23
C SER A 66 11.20 -1.75 2.86
N ILE A 67 11.21 -2.84 3.58
CA ILE A 67 10.30 -3.92 3.33
C ILE A 67 9.51 -4.27 4.58
N VAL A 68 8.21 -4.15 4.47
CA VAL A 68 7.28 -4.47 5.54
C VAL A 68 6.39 -5.61 5.04
N PHE A 69 5.97 -6.48 5.93
CA PHE A 69 5.16 -7.62 5.52
C PHE A 69 3.81 -7.66 6.21
N TRP A 70 2.86 -8.24 5.52
CA TRP A 70 1.59 -8.57 6.09
C TRP A 70 1.40 -10.05 6.03
N ASN A 71 1.20 -10.66 7.16
CA ASN A 71 0.89 -12.07 7.22
C ASN A 71 -0.53 -12.15 7.64
N TYR A 72 -1.32 -12.91 6.95
CA TYR A 72 -2.73 -12.96 7.26
C TYR A 72 -3.37 -14.17 6.62
N VAL A 73 -4.42 -14.62 7.21
CA VAL A 73 -5.16 -15.71 6.65
C VAL A 73 -6.44 -15.18 6.08
N HIS A 74 -6.59 -15.33 4.80
CA HIS A 74 -7.73 -14.82 4.11
C HIS A 74 -8.60 -15.99 3.69
N ASP A 75 -9.76 -16.12 4.33
CA ASP A 75 -10.76 -17.18 4.02
C ASP A 75 -10.23 -18.57 4.23
N GLY A 76 -9.36 -18.74 5.20
CA GLY A 76 -8.81 -20.04 5.49
C GLY A 76 -7.53 -20.33 4.72
N GLU A 77 -7.21 -19.49 3.77
CA GLU A 77 -5.97 -19.62 3.05
C GLU A 77 -4.99 -18.61 3.52
N ALA A 78 -3.82 -19.06 3.79
CA ALA A 78 -2.77 -18.21 4.29
C ALA A 78 -2.18 -17.38 3.16
N LYS A 79 -2.14 -16.10 3.38
CA LYS A 79 -1.58 -15.17 2.44
C LYS A 79 -0.47 -14.37 3.08
N VAL A 80 0.52 -14.08 2.31
CA VAL A 80 1.63 -13.30 2.75
C VAL A 80 1.86 -12.23 1.71
N ALA A 81 2.01 -11.03 2.16
CA ALA A 81 2.24 -9.94 1.26
C ALA A 81 3.67 -9.50 1.39
N LYS A 82 4.41 -9.70 0.33
CA LYS A 82 5.79 -9.34 0.27
C LYS A 82 5.96 -8.26 -0.76
N GLU A 83 6.50 -7.16 -0.32
CA GLU A 83 6.58 -5.98 -1.11
C GLU A 83 7.83 -5.24 -0.72
N ARG A 84 8.23 -4.33 -1.55
CA ARG A 84 9.32 -3.48 -1.27
C ARG A 84 8.94 -2.09 -1.66
N ILE A 85 9.20 -1.15 -0.78
CA ILE A 85 8.97 0.23 -1.12
C ILE A 85 10.03 0.65 -2.13
N GLU A 86 9.59 1.12 -3.26
CA GLU A 86 10.49 1.52 -4.30
C GLU A 86 10.74 3.02 -4.17
N ALA A 87 9.72 3.75 -3.76
CA ALA A 87 9.82 5.20 -3.60
C ALA A 87 8.73 5.70 -2.67
N VAL A 88 9.06 6.71 -1.88
CA VAL A 88 8.11 7.39 -1.00
C VAL A 88 8.42 8.85 -1.00
N GLU A 89 7.46 9.64 -1.34
CA GLU A 89 7.59 11.06 -1.33
C GLU A 89 6.65 11.57 -0.25
N PRO A 90 7.17 12.01 0.89
CA PRO A 90 6.34 12.52 1.98
C PRO A 90 5.64 13.82 1.58
N ASP A 91 6.30 14.61 0.76
CA ASP A 91 5.77 15.90 0.35
C ASP A 91 4.72 15.73 -0.74
N LYS A 92 4.93 14.78 -1.61
CA LYS A 92 4.06 14.57 -2.74
C LYS A 92 2.97 13.58 -2.42
N ASN A 93 3.04 12.99 -1.22
CA ASN A 93 2.10 11.93 -0.76
C ASN A 93 2.09 10.77 -1.75
N LEU A 94 3.28 10.35 -2.15
CA LEU A 94 3.45 9.31 -3.16
C LEU A 94 4.18 8.13 -2.59
N ILE A 95 3.79 6.94 -2.99
CA ILE A 95 4.46 5.74 -2.58
C ILE A 95 4.35 4.63 -3.65
N THR A 96 5.48 4.13 -4.06
CA THR A 96 5.59 3.10 -5.07
C THR A 96 5.85 1.71 -4.40
N PHE A 97 4.96 0.74 -4.66
CA PHE A 97 5.08 -0.63 -4.10
C PHE A 97 5.50 -1.61 -5.18
N ARG A 98 6.55 -2.35 -4.93
CA ARG A 98 6.98 -3.41 -5.83
C ARG A 98 6.78 -4.74 -5.13
N VAL A 99 6.28 -5.75 -5.83
CA VAL A 99 6.18 -7.06 -5.23
C VAL A 99 7.52 -7.76 -5.45
N ILE A 100 8.09 -8.32 -4.41
CA ILE A 100 9.38 -8.99 -4.62
C ILE A 100 9.24 -10.49 -4.56
N GLU A 101 8.20 -10.95 -3.89
CA GLU A 101 7.90 -12.34 -3.77
C GLU A 101 6.49 -12.43 -3.19
N GLY A 102 5.94 -13.61 -3.05
CA GLY A 102 4.64 -13.74 -2.43
C GLY A 102 3.60 -14.32 -3.34
N ASP A 103 2.35 -14.27 -2.88
CA ASP A 103 1.16 -14.83 -3.56
C ASP A 103 1.04 -14.31 -4.99
N LEU A 104 1.16 -13.00 -5.15
CA LEU A 104 1.00 -12.33 -6.46
C LEU A 104 2.15 -12.65 -7.42
N MET A 105 3.30 -13.01 -6.88
CA MET A 105 4.51 -13.25 -7.70
C MET A 105 4.36 -14.57 -8.49
N LYS A 106 3.40 -15.39 -8.08
CA LYS A 106 3.13 -16.67 -8.76
C LYS A 106 2.10 -16.50 -9.87
N GLU A 107 1.59 -15.32 -10.01
CA GLU A 107 0.62 -15.03 -11.05
C GLU A 107 1.19 -13.99 -11.99
N TYR A 108 1.94 -13.09 -11.44
CA TYR A 108 2.56 -12.05 -12.19
C TYR A 108 4.02 -12.14 -11.92
N LYS A 109 4.82 -12.10 -12.95
CA LYS A 109 6.26 -12.19 -12.78
C LYS A 109 6.85 -10.85 -12.36
N SER A 110 6.01 -9.84 -12.39
CA SER A 110 6.34 -8.54 -11.92
C SER A 110 5.06 -7.78 -11.71
N PHE A 111 4.93 -7.19 -10.57
CA PHE A 111 3.75 -6.43 -10.20
C PHE A 111 4.21 -5.24 -9.40
N LEU A 112 3.99 -4.07 -9.93
CA LEU A 112 4.39 -2.90 -9.25
C LEU A 112 3.30 -1.86 -9.39
N LEU A 113 2.92 -1.30 -8.28
CA LEU A 113 1.83 -0.38 -8.25
C LEU A 113 2.23 0.85 -7.48
N THR A 114 1.83 1.97 -7.95
CA THR A 114 2.15 3.21 -7.31
C THR A 114 0.86 3.90 -6.93
N ILE A 115 0.81 4.44 -5.72
CA ILE A 115 -0.34 5.16 -5.28
C ILE A 115 0.04 6.55 -4.86
N GLN A 116 -0.84 7.48 -5.09
CA GLN A 116 -0.59 8.82 -4.68
C GLN A 116 -1.89 9.45 -4.22
N VAL A 117 -1.86 9.99 -3.04
CA VAL A 117 -3.02 10.59 -2.44
C VAL A 117 -2.96 12.09 -2.66
N THR A 118 -4.02 12.66 -3.13
CA THR A 118 -4.03 14.07 -3.33
C THR A 118 -5.40 14.63 -2.88
N PRO A 119 -5.41 15.87 -2.39
CA PRO A 119 -6.66 16.58 -2.06
C PRO A 119 -7.46 16.82 -3.33
N LYS A 120 -8.49 16.07 -3.52
CA LYS A 120 -9.27 16.20 -4.70
C LYS A 120 -10.74 16.58 -4.37
N PRO A 121 -11.48 15.81 -3.54
CA PRO A 121 -12.80 16.23 -3.08
C PRO A 121 -12.66 17.28 -1.98
N GLY A 122 -11.92 16.95 -0.94
CA GLY A 122 -11.64 17.88 0.12
C GLY A 122 -12.17 17.41 1.45
N GLY A 123 -11.42 17.67 2.50
CA GLY A 123 -11.83 17.31 3.84
C GLY A 123 -11.85 15.82 4.08
N PRO A 124 -13.01 15.25 4.45
CA PRO A 124 -13.17 13.81 4.71
C PRO A 124 -13.30 13.02 3.40
N GLY A 125 -12.54 13.42 2.46
CA GLY A 125 -12.53 12.78 1.19
C GLY A 125 -11.31 13.16 0.41
N SER A 126 -10.46 12.19 0.18
CA SER A 126 -9.27 12.39 -0.61
C SER A 126 -9.16 11.24 -1.59
N ILE A 127 -8.66 11.51 -2.76
CA ILE A 127 -8.59 10.49 -3.77
C ILE A 127 -7.20 9.93 -3.85
N VAL A 128 -7.12 8.63 -3.82
CA VAL A 128 -5.88 7.94 -3.99
C VAL A 128 -5.88 7.28 -5.34
N HIS A 129 -4.94 7.65 -6.14
CA HIS A 129 -4.86 7.13 -7.48
C HIS A 129 -4.03 5.89 -7.48
N TRP A 130 -4.64 4.77 -7.78
CA TRP A 130 -3.91 3.55 -7.86
C TRP A 130 -3.52 3.31 -9.29
N HIS A 131 -2.26 3.21 -9.51
CA HIS A 131 -1.72 2.95 -10.81
C HIS A 131 -0.92 1.66 -10.73
N LEU A 132 -1.42 0.63 -11.34
CA LEU A 132 -0.81 -0.68 -11.29
C LEU A 132 -0.32 -1.07 -12.67
N GLU A 133 0.91 -1.55 -12.73
CA GLU A 133 1.49 -2.04 -13.97
C GLU A 133 2.15 -3.37 -13.65
N TYR A 134 1.83 -4.37 -14.42
CA TYR A 134 2.25 -5.70 -14.10
C TYR A 134 2.43 -6.58 -15.33
N GLU A 135 3.32 -7.52 -15.18
CA GLU A 135 3.73 -8.43 -16.21
C GLU A 135 3.11 -9.81 -15.94
N LYS A 136 2.23 -10.25 -16.81
CA LYS A 136 1.65 -11.58 -16.67
C LYS A 136 2.67 -12.65 -16.98
N ILE A 137 2.60 -13.74 -16.23
CA ILE A 137 3.37 -14.90 -16.59
C ILE A 137 2.63 -15.55 -17.75
N SER A 138 1.33 -15.57 -17.60
CA SER A 138 0.41 -16.03 -18.58
C SER A 138 -0.96 -15.50 -18.16
N GLU A 139 -1.95 -15.66 -18.99
CA GLU A 139 -3.27 -15.15 -18.71
C GLU A 139 -4.07 -16.07 -17.84
N GLU A 140 -3.82 -17.35 -17.98
CA GLU A 140 -4.52 -18.38 -17.22
C GLU A 140 -4.26 -18.21 -15.75
N VAL A 141 -3.21 -17.48 -15.43
CA VAL A 141 -2.83 -17.30 -14.05
C VAL A 141 -3.08 -15.87 -13.57
N ALA A 142 -3.63 -15.04 -14.41
CA ALA A 142 -3.84 -13.64 -14.07
C ALA A 142 -5.20 -13.43 -13.42
N HIS A 143 -5.22 -12.72 -12.31
CA HIS A 143 -6.47 -12.41 -11.61
C HIS A 143 -6.64 -10.91 -11.33
N PRO A 144 -7.15 -10.13 -12.30
CA PRO A 144 -7.50 -8.71 -12.08
C PRO A 144 -8.52 -8.54 -10.92
N GLU A 145 -9.36 -9.58 -10.73
CA GLU A 145 -10.36 -9.63 -9.66
C GLU A 145 -9.70 -9.47 -8.29
N THR A 146 -8.62 -10.20 -8.06
CA THR A 146 -7.96 -10.17 -6.79
C THR A 146 -7.19 -8.87 -6.59
N LEU A 147 -6.71 -8.30 -7.69
CA LEU A 147 -5.96 -7.05 -7.66
C LEU A 147 -6.83 -5.91 -7.13
N LEU A 148 -8.04 -5.80 -7.66
CA LEU A 148 -8.97 -4.78 -7.21
C LEU A 148 -9.36 -4.96 -5.76
N GLN A 149 -9.54 -6.18 -5.35
CA GLN A 149 -9.85 -6.38 -3.96
C GLN A 149 -8.65 -6.13 -3.06
N PHE A 150 -7.46 -6.42 -3.56
CA PHE A 150 -6.23 -6.14 -2.82
C PHE A 150 -6.11 -4.65 -2.54
N CYS A 151 -6.34 -3.84 -3.58
CA CYS A 151 -6.22 -2.41 -3.44
C CYS A 151 -7.27 -1.83 -2.47
N VAL A 152 -8.47 -2.39 -2.47
CA VAL A 152 -9.52 -1.86 -1.60
C VAL A 152 -9.20 -2.19 -0.14
N GLU A 153 -8.64 -3.37 0.07
CA GLU A 153 -8.25 -3.80 1.40
C GLU A 153 -7.19 -2.88 1.96
N VAL A 154 -6.17 -2.61 1.16
CA VAL A 154 -5.08 -1.71 1.56
C VAL A 154 -5.62 -0.29 1.82
N SER A 155 -6.58 0.13 1.01
CA SER A 155 -7.21 1.44 1.16
C SER A 155 -7.83 1.60 2.55
N LYS A 156 -8.40 0.53 3.07
CA LYS A 156 -9.02 0.54 4.38
C LYS A 156 -7.93 0.60 5.46
N GLU A 157 -6.87 -0.18 5.25
CA GLU A 157 -5.73 -0.23 6.17
C GLU A 157 -5.14 1.15 6.37
N ILE A 158 -4.90 1.82 5.27
CA ILE A 158 -4.28 3.12 5.31
C ILE A 158 -5.22 4.17 5.91
N ASP A 159 -6.46 4.15 5.49
CA ASP A 159 -7.52 5.06 5.99
C ASP A 159 -7.59 4.99 7.53
N GLU A 160 -7.55 3.77 8.07
CA GLU A 160 -7.52 3.52 9.53
C GLU A 160 -6.31 4.14 10.20
N HIS A 161 -5.19 4.19 9.51
CA HIS A 161 -3.99 4.78 10.08
C HIS A 161 -4.14 6.29 10.20
N LEU A 162 -4.87 6.88 9.26
CA LEU A 162 -5.16 8.30 9.26
C LEU A 162 -6.22 8.66 10.28
N LEU A 163 -7.26 7.84 10.39
CA LEU A 163 -8.28 8.15 11.39
C LEU A 163 -7.72 7.91 12.77
N ALA A 164 -7.00 6.79 12.89
CA ALA A 164 -6.33 6.33 14.09
C ALA A 164 -7.09 6.62 15.38
N GLU A 165 -8.10 5.85 15.62
CA GLU A 165 -8.91 5.96 16.78
C GLU A 165 -9.05 4.61 17.42
N GLU A 166 -9.17 4.59 18.69
CA GLU A 166 -9.17 3.36 19.44
C GLU A 166 -10.55 3.07 19.96
N THR A 10 -5.69 -12.18 -29.99
CA THR A 10 -4.53 -11.37 -30.38
C THR A 10 -4.15 -10.34 -29.27
N GLU A 11 -5.15 -9.83 -28.58
CA GLU A 11 -4.97 -8.83 -27.56
C GLU A 11 -4.37 -9.42 -26.30
N ALA A 12 -3.06 -9.40 -26.27
CA ALA A 12 -2.20 -9.83 -25.19
C ALA A 12 -0.78 -9.63 -25.68
N SER A 13 -0.66 -8.69 -26.60
CA SER A 13 0.55 -8.43 -27.34
C SER A 13 1.74 -8.11 -26.44
N SER A 14 1.54 -7.22 -25.50
CA SER A 14 2.62 -6.79 -24.64
C SER A 14 2.80 -7.72 -23.44
N LEU A 15 1.69 -8.35 -23.00
CA LEU A 15 1.62 -9.16 -21.77
C LEU A 15 1.83 -8.33 -20.51
N VAL A 16 1.93 -7.04 -20.68
CA VAL A 16 2.08 -6.14 -19.60
C VAL A 16 0.72 -5.65 -19.21
N GLY A 17 0.37 -5.91 -18.01
CA GLY A 17 -0.90 -5.53 -17.53
C GLY A 17 -0.80 -4.34 -16.66
N LYS A 18 -1.63 -3.40 -16.88
CA LYS A 18 -1.67 -2.24 -16.08
C LYS A 18 -3.07 -1.79 -15.88
N LEU A 19 -3.41 -1.54 -14.68
CA LEU A 19 -4.74 -1.20 -14.33
C LEU A 19 -4.68 -0.03 -13.39
N GLU A 20 -5.57 0.88 -13.56
CA GLU A 20 -5.57 2.07 -12.75
C GLU A 20 -6.94 2.31 -12.18
N THR A 21 -6.99 2.73 -10.95
CA THR A 21 -8.23 2.95 -10.29
C THR A 21 -8.03 4.07 -9.26
N ASP A 22 -9.09 4.72 -8.90
CA ASP A 22 -9.01 5.74 -7.89
C ASP A 22 -9.99 5.43 -6.78
N VAL A 23 -9.45 5.23 -5.61
CA VAL A 23 -10.23 4.84 -4.46
C VAL A 23 -10.32 6.02 -3.51
N GLU A 24 -11.48 6.25 -2.98
CA GLU A 24 -11.65 7.36 -2.07
C GLU A 24 -11.40 6.88 -0.67
N ILE A 25 -10.79 7.70 0.11
CA ILE A 25 -10.61 7.42 1.50
C ILE A 25 -11.27 8.51 2.31
N LYS A 26 -11.41 8.29 3.58
CA LYS A 26 -12.01 9.24 4.48
C LYS A 26 -10.89 9.93 5.23
N ALA A 27 -9.77 9.26 5.29
CA ALA A 27 -8.59 9.79 5.89
C ALA A 27 -8.05 10.96 5.05
N SER A 28 -7.27 11.79 5.67
CA SER A 28 -6.75 12.96 5.02
C SER A 28 -5.34 12.70 4.48
N ALA A 29 -5.10 13.18 3.27
CA ALA A 29 -3.78 13.07 2.60
C ALA A 29 -2.67 13.63 3.46
N ASP A 30 -3.01 14.65 4.23
CA ASP A 30 -2.08 15.33 5.12
C ASP A 30 -1.43 14.34 6.11
N LYS A 31 -2.22 13.42 6.66
CA LYS A 31 -1.68 12.50 7.64
C LYS A 31 -0.76 11.48 7.00
N PHE A 32 -1.04 11.18 5.74
CA PHE A 32 -0.22 10.27 4.96
C PHE A 32 1.17 10.91 4.80
N HIS A 33 1.15 12.19 4.51
CA HIS A 33 2.34 13.02 4.34
C HIS A 33 3.16 13.02 5.66
N HIS A 34 2.48 13.25 6.78
CA HIS A 34 3.15 13.34 8.10
C HIS A 34 3.74 12.02 8.56
N MET A 35 2.99 10.94 8.40
CA MET A 35 3.41 9.64 8.95
C MET A 35 4.68 9.09 8.30
N PHE A 36 4.98 9.50 7.08
CA PHE A 36 6.17 8.95 6.43
C PHE A 36 7.34 9.94 6.50
N ALA A 37 7.16 11.04 7.21
CA ALA A 37 8.21 12.04 7.35
C ALA A 37 9.25 11.61 8.42
N GLY A 38 9.30 10.32 8.66
CA GLY A 38 10.17 9.75 9.63
C GLY A 38 9.67 8.39 9.99
N LYS A 39 9.81 8.03 11.23
CA LYS A 39 9.34 6.76 11.72
C LYS A 39 8.88 6.94 13.15
N PRO A 40 7.86 6.21 13.58
CA PRO A 40 7.34 6.32 14.94
C PRO A 40 8.26 5.65 15.96
N HIS A 41 7.94 5.84 17.22
CA HIS A 41 8.69 5.21 18.28
C HIS A 41 8.19 3.80 18.47
N HIS A 42 8.89 2.89 17.88
CA HIS A 42 8.51 1.51 17.87
C HIS A 42 9.50 0.70 18.65
N VAL A 43 9.02 0.05 19.68
CA VAL A 43 9.86 -0.79 20.48
C VAL A 43 9.93 -2.15 19.82
N SER A 44 11.06 -2.74 19.85
CA SER A 44 11.27 -3.97 19.19
C SER A 44 12.15 -4.81 20.09
N LYS A 45 12.54 -5.99 19.65
CA LYS A 45 13.34 -6.84 20.50
C LYS A 45 14.74 -6.32 20.66
N ALA A 46 15.10 -6.12 21.90
CA ALA A 46 16.36 -5.53 22.25
C ALA A 46 17.49 -6.48 22.01
N SER A 47 18.29 -6.21 21.03
CA SER A 47 19.45 -6.99 20.74
C SER A 47 20.54 -6.12 20.13
N PRO A 48 21.33 -5.42 20.97
CA PRO A 48 22.42 -4.59 20.51
C PRO A 48 23.59 -5.44 20.05
N GLY A 49 24.32 -4.95 19.08
CA GLY A 49 25.45 -5.66 18.58
C GLY A 49 26.71 -5.21 19.25
N ASN A 50 27.83 -5.72 18.82
CA ASN A 50 29.10 -5.36 19.39
C ASN A 50 29.61 -4.09 18.75
N ILE A 51 29.48 -2.97 19.47
CA ILE A 51 29.96 -1.66 19.01
C ILE A 51 29.17 -1.18 17.73
N GLN A 52 27.98 -1.73 17.58
CA GLN A 52 27.09 -1.37 16.48
C GLN A 52 25.70 -1.90 16.77
N GLY A 53 24.76 -1.66 15.90
CA GLY A 53 23.43 -2.16 16.10
C GLY A 53 22.39 -1.26 15.51
N CYS A 54 21.18 -1.44 15.93
CA CYS A 54 20.06 -0.69 15.44
C CYS A 54 19.06 -0.52 16.57
N ASP A 55 18.29 0.56 16.56
CA ASP A 55 17.30 0.81 17.61
C ASP A 55 16.08 -0.06 17.35
N LEU A 56 15.59 0.00 16.14
CA LEU A 56 14.48 -0.82 15.74
C LEU A 56 15.03 -2.12 15.20
N HIS A 57 14.81 -3.20 15.93
CA HIS A 57 15.23 -4.52 15.49
C HIS A 57 14.47 -4.86 14.21
N GLU A 58 13.19 -4.50 14.21
CA GLU A 58 12.28 -4.62 13.08
C GLU A 58 11.33 -3.43 13.14
N GLY A 59 10.87 -2.95 12.00
CA GLY A 59 9.95 -1.83 12.00
C GLY A 59 10.07 -0.97 10.76
N ASP A 60 9.61 0.25 10.85
CA ASP A 60 9.61 1.21 9.74
C ASP A 60 10.96 1.83 9.61
N TRP A 61 11.51 1.83 8.42
CA TRP A 61 12.81 2.42 8.24
C TRP A 61 12.66 3.88 7.79
N GLY A 62 11.48 4.24 7.32
CA GLY A 62 11.15 5.65 7.06
C GLY A 62 11.77 6.24 5.80
N THR A 63 12.32 5.40 4.94
CA THR A 63 12.98 5.91 3.76
C THR A 63 12.75 4.95 2.58
N VAL A 64 13.34 5.27 1.44
CA VAL A 64 13.21 4.47 0.23
C VAL A 64 13.89 3.14 0.46
N GLY A 65 13.24 2.06 0.07
CA GLY A 65 13.82 0.75 0.26
C GLY A 65 13.37 0.12 1.55
N SER A 66 12.55 0.86 2.32
CA SER A 66 12.02 0.35 3.56
C SER A 66 11.13 -0.84 3.27
N ILE A 67 11.17 -1.81 4.15
CA ILE A 67 10.39 -3.00 4.04
C ILE A 67 9.63 -3.22 5.32
N VAL A 68 8.35 -3.19 5.23
CA VAL A 68 7.47 -3.40 6.35
C VAL A 68 6.64 -4.65 6.06
N PHE A 69 5.99 -5.20 7.05
CA PHE A 69 5.20 -6.39 6.85
C PHE A 69 3.79 -6.21 7.33
N TRP A 70 2.85 -6.60 6.52
CA TRP A 70 1.47 -6.51 6.89
C TRP A 70 0.95 -7.89 7.17
N ASN A 71 0.32 -8.07 8.29
CA ASN A 71 -0.28 -9.33 8.62
C ASN A 71 -1.76 -9.20 8.39
N TYR A 72 -2.32 -10.13 7.71
CA TYR A 72 -3.72 -10.09 7.40
C TYR A 72 -4.25 -11.48 7.26
N VAL A 73 -5.46 -11.68 7.60
CA VAL A 73 -6.04 -12.99 7.54
C VAL A 73 -6.98 -13.04 6.37
N HIS A 74 -6.68 -13.91 5.45
CA HIS A 74 -7.49 -14.09 4.27
C HIS A 74 -7.87 -15.53 4.15
N ASP A 75 -9.18 -15.79 4.22
CA ASP A 75 -9.75 -17.16 4.14
C ASP A 75 -9.32 -18.02 5.31
N GLY A 76 -9.14 -17.39 6.45
CA GLY A 76 -8.83 -18.12 7.66
C GLY A 76 -7.34 -18.32 7.90
N GLU A 77 -6.54 -18.05 6.92
CA GLU A 77 -5.10 -18.19 7.09
C GLU A 77 -4.50 -16.86 7.31
N ALA A 78 -3.44 -16.84 8.03
CA ALA A 78 -2.74 -15.64 8.26
C ALA A 78 -1.71 -15.46 7.17
N LYS A 79 -1.90 -14.45 6.40
CA LYS A 79 -1.00 -14.12 5.35
C LYS A 79 -0.15 -12.96 5.76
N VAL A 80 1.03 -12.91 5.22
CA VAL A 80 1.96 -11.85 5.50
C VAL A 80 2.36 -11.22 4.19
N ALA A 81 2.38 -9.93 4.14
CA ALA A 81 2.75 -9.24 2.95
C ALA A 81 4.10 -8.63 3.16
N LYS A 82 4.97 -8.85 2.20
CA LYS A 82 6.28 -8.34 2.24
C LYS A 82 6.40 -7.34 1.09
N GLU A 83 6.84 -6.17 1.41
CA GLU A 83 6.81 -5.05 0.51
C GLU A 83 8.21 -4.51 0.30
N ARG A 84 8.35 -3.76 -0.74
CA ARG A 84 9.55 -3.04 -1.01
C ARG A 84 9.17 -1.66 -1.49
N ILE A 85 9.63 -0.62 -0.82
CA ILE A 85 9.37 0.71 -1.31
C ILE A 85 10.33 1.01 -2.44
N GLU A 86 9.81 1.34 -3.59
CA GLU A 86 10.64 1.57 -4.73
C GLU A 86 10.87 3.06 -4.95
N ALA A 87 9.82 3.82 -4.77
CA ALA A 87 9.88 5.26 -4.92
C ALA A 87 8.89 5.86 -3.98
N VAL A 88 9.26 6.90 -3.30
CA VAL A 88 8.35 7.52 -2.39
C VAL A 88 8.60 9.02 -2.30
N GLU A 89 7.54 9.77 -2.46
CA GLU A 89 7.58 11.18 -2.33
C GLU A 89 6.60 11.57 -1.24
N PRO A 90 7.12 11.95 -0.07
CA PRO A 90 6.31 12.36 1.05
C PRO A 90 5.57 13.64 0.76
N ASP A 91 6.13 14.48 -0.10
CA ASP A 91 5.54 15.79 -0.35
C ASP A 91 4.30 15.69 -1.20
N LYS A 92 4.33 14.78 -2.13
CA LYS A 92 3.25 14.63 -3.07
C LYS A 92 2.33 13.49 -2.67
N ASN A 93 2.65 12.85 -1.53
CA ASN A 93 1.87 11.68 -1.02
C ASN A 93 1.88 10.55 -2.04
N LEU A 94 3.06 10.28 -2.57
CA LEU A 94 3.23 9.30 -3.63
C LEU A 94 4.13 8.18 -3.15
N ILE A 95 3.76 6.96 -3.42
CA ILE A 95 4.57 5.85 -3.05
C ILE A 95 4.39 4.66 -4.02
N THR A 96 5.49 4.18 -4.51
CA THR A 96 5.57 3.03 -5.37
C THR A 96 5.97 1.79 -4.54
N PHE A 97 5.09 0.80 -4.54
CA PHE A 97 5.31 -0.45 -3.82
C PHE A 97 5.71 -1.54 -4.79
N ARG A 98 6.73 -2.27 -4.44
CA ARG A 98 7.08 -3.47 -5.16
C ARG A 98 6.74 -4.61 -4.27
N VAL A 99 5.84 -5.45 -4.69
CA VAL A 99 5.48 -6.58 -3.89
C VAL A 99 6.52 -7.66 -4.07
N ILE A 100 7.11 -8.11 -2.97
CA ILE A 100 8.20 -9.07 -3.05
C ILE A 100 7.73 -10.50 -2.79
N GLU A 101 6.91 -10.68 -1.75
CA GLU A 101 6.32 -12.00 -1.46
C GLU A 101 5.27 -12.28 -2.51
N GLY A 102 4.17 -11.56 -2.40
CA GLY A 102 3.14 -11.55 -3.38
C GLY A 102 2.37 -12.82 -3.60
N ASP A 103 1.11 -12.79 -3.21
CA ASP A 103 0.17 -13.86 -3.59
C ASP A 103 -0.05 -13.68 -5.09
N LEU A 104 0.11 -12.43 -5.51
CA LEU A 104 -0.01 -11.99 -6.87
C LEU A 104 1.10 -12.62 -7.73
N MET A 105 2.24 -12.90 -7.09
CA MET A 105 3.43 -13.49 -7.76
C MET A 105 3.19 -14.86 -8.33
N LYS A 106 2.09 -15.47 -7.98
CA LYS A 106 1.79 -16.77 -8.50
C LYS A 106 1.08 -16.66 -9.83
N GLU A 107 0.50 -15.50 -10.08
CA GLU A 107 -0.19 -15.24 -11.32
C GLU A 107 0.58 -14.25 -12.18
N TYR A 108 1.25 -13.32 -11.53
CA TYR A 108 2.01 -12.28 -12.18
C TYR A 108 3.42 -12.40 -11.72
N LYS A 109 4.33 -12.29 -12.62
CA LYS A 109 5.74 -12.47 -12.29
C LYS A 109 6.35 -11.22 -11.65
N SER A 110 5.54 -10.20 -11.50
CA SER A 110 5.88 -8.98 -10.83
C SER A 110 4.66 -8.10 -10.76
N PHE A 111 4.54 -7.36 -9.68
CA PHE A 111 3.44 -6.47 -9.46
C PHE A 111 3.96 -5.22 -8.76
N LEU A 112 3.93 -4.13 -9.47
CA LEU A 112 4.40 -2.86 -8.99
C LEU A 112 3.21 -1.92 -8.95
N LEU A 113 2.98 -1.28 -7.85
CA LEU A 113 1.86 -0.39 -7.75
C LEU A 113 2.26 0.92 -7.14
N THR A 114 1.84 1.98 -7.74
CA THR A 114 2.15 3.26 -7.24
C THR A 114 0.86 3.96 -6.85
N ILE A 115 0.79 4.42 -5.64
CA ILE A 115 -0.37 5.10 -5.17
C ILE A 115 -0.01 6.51 -4.82
N GLN A 116 -0.93 7.39 -4.99
CA GLN A 116 -0.74 8.75 -4.62
C GLN A 116 -2.02 9.31 -4.08
N VAL A 117 -1.96 9.87 -2.91
CA VAL A 117 -3.13 10.38 -2.27
C VAL A 117 -3.25 11.86 -2.57
N THR A 118 -4.25 12.19 -3.34
CA THR A 118 -4.45 13.52 -3.81
C THR A 118 -5.87 13.99 -3.42
N PRO A 119 -6.01 15.22 -2.90
CA PRO A 119 -7.31 15.78 -2.55
C PRO A 119 -8.20 15.95 -3.79
N LYS A 120 -9.49 15.93 -3.58
CA LYS A 120 -10.44 16.03 -4.66
C LYS A 120 -11.74 16.79 -4.24
N PRO A 121 -12.51 16.30 -3.23
CA PRO A 121 -13.70 17.02 -2.76
C PRO A 121 -13.33 17.96 -1.59
N GLY A 122 -12.05 18.04 -1.33
CA GLY A 122 -11.51 18.83 -0.26
C GLY A 122 -10.27 18.17 0.27
N GLY A 123 -9.81 18.61 1.41
CA GLY A 123 -8.63 18.03 2.03
C GLY A 123 -8.94 16.70 2.70
N PRO A 124 -9.60 16.71 3.88
CA PRO A 124 -10.06 15.50 4.57
C PRO A 124 -10.91 14.66 3.64
N GLY A 125 -10.59 13.39 3.53
CA GLY A 125 -11.29 12.54 2.60
C GLY A 125 -10.69 12.72 1.23
N SER A 126 -9.52 12.15 1.07
CA SER A 126 -8.77 12.34 -0.14
C SER A 126 -8.95 11.13 -1.07
N ILE A 127 -8.41 11.23 -2.26
CA ILE A 127 -8.51 10.18 -3.24
C ILE A 127 -7.16 9.52 -3.41
N VAL A 128 -7.16 8.25 -3.49
CA VAL A 128 -5.94 7.52 -3.71
C VAL A 128 -5.91 7.10 -5.15
N HIS A 129 -4.97 7.59 -5.87
CA HIS A 129 -4.83 7.20 -7.24
C HIS A 129 -3.92 6.00 -7.30
N TRP A 130 -4.49 4.89 -7.66
CA TRP A 130 -3.79 3.62 -7.70
C TRP A 130 -3.36 3.31 -9.12
N HIS A 131 -2.10 3.10 -9.32
CA HIS A 131 -1.60 2.71 -10.61
C HIS A 131 -0.96 1.36 -10.45
N LEU A 132 -1.55 0.36 -11.04
CA LEU A 132 -1.08 -0.99 -10.90
C LEU A 132 -0.45 -1.45 -12.19
N GLU A 133 0.78 -1.87 -12.11
CA GLU A 133 1.53 -2.30 -13.28
C GLU A 133 2.13 -3.67 -12.99
N TYR A 134 1.90 -4.59 -13.86
CA TYR A 134 2.29 -5.97 -13.62
C TYR A 134 2.59 -6.73 -14.90
N GLU A 135 3.35 -7.79 -14.76
CA GLU A 135 3.80 -8.59 -15.88
C GLU A 135 3.09 -9.95 -15.84
N LYS A 136 2.49 -10.33 -16.95
CA LYS A 136 1.79 -11.62 -17.05
C LYS A 136 2.75 -12.79 -17.19
N ILE A 137 2.50 -13.83 -16.40
CA ILE A 137 3.23 -15.07 -16.58
C ILE A 137 2.66 -15.75 -17.81
N SER A 138 1.35 -15.72 -17.89
CA SER A 138 0.61 -16.28 -18.96
C SER A 138 -0.74 -15.57 -19.03
N GLU A 139 -1.45 -15.73 -20.12
CA GLU A 139 -2.72 -15.04 -20.36
C GLU A 139 -3.79 -15.52 -19.41
N GLU A 140 -4.07 -16.81 -19.49
CA GLU A 140 -5.14 -17.47 -18.73
C GLU A 140 -4.87 -17.45 -17.24
N VAL A 141 -3.63 -17.26 -16.90
CA VAL A 141 -3.21 -17.29 -15.52
C VAL A 141 -3.52 -15.97 -14.83
N ALA A 142 -3.47 -14.90 -15.59
CA ALA A 142 -3.72 -13.59 -15.06
C ALA A 142 -5.20 -13.33 -14.92
N HIS A 143 -5.58 -12.76 -13.79
CA HIS A 143 -6.97 -12.42 -13.51
C HIS A 143 -7.05 -11.05 -12.88
N PRO A 144 -7.16 -9.98 -13.71
CA PRO A 144 -7.17 -8.56 -13.26
C PRO A 144 -8.07 -8.25 -12.03
N GLU A 145 -9.05 -9.09 -11.78
CA GLU A 145 -9.96 -8.96 -10.64
C GLU A 145 -9.17 -8.92 -9.34
N THR A 146 -8.22 -9.82 -9.27
CA THR A 146 -7.43 -10.05 -8.09
C THR A 146 -6.67 -8.80 -7.62
N LEU A 147 -6.26 -7.97 -8.57
CA LEU A 147 -5.53 -6.77 -8.24
C LEU A 147 -6.46 -5.74 -7.62
N LEU A 148 -7.69 -5.69 -8.11
CA LEU A 148 -8.68 -4.77 -7.58
C LEU A 148 -9.14 -5.22 -6.21
N GLN A 149 -9.07 -6.52 -5.98
CA GLN A 149 -9.38 -7.07 -4.69
C GLN A 149 -8.27 -6.71 -3.71
N PHE A 150 -7.02 -6.85 -4.15
CA PHE A 150 -5.86 -6.45 -3.34
C PHE A 150 -5.99 -4.96 -3.02
N CYS A 151 -6.37 -4.20 -4.01
CA CYS A 151 -6.58 -2.77 -3.90
C CYS A 151 -7.62 -2.42 -2.83
N VAL A 152 -8.80 -3.03 -2.90
CA VAL A 152 -9.89 -2.69 -1.97
C VAL A 152 -9.56 -3.07 -0.53
N GLU A 153 -8.92 -4.20 -0.38
CA GLU A 153 -8.55 -4.69 0.95
C GLU A 153 -7.48 -3.80 1.58
N VAL A 154 -6.57 -3.30 0.76
CA VAL A 154 -5.55 -2.40 1.26
C VAL A 154 -6.14 -1.00 1.51
N SER A 155 -7.04 -0.55 0.62
CA SER A 155 -7.68 0.76 0.75
C SER A 155 -8.39 0.91 2.10
N LYS A 156 -9.12 -0.12 2.49
CA LYS A 156 -9.86 -0.09 3.75
C LYS A 156 -8.90 -0.15 4.94
N GLU A 157 -7.82 -0.91 4.78
CA GLU A 157 -6.83 -1.10 5.83
C GLU A 157 -6.12 0.22 6.14
N ILE A 158 -5.61 0.86 5.09
CA ILE A 158 -4.83 2.07 5.23
C ILE A 158 -5.71 3.25 5.69
N ASP A 159 -6.92 3.33 5.13
CA ASP A 159 -7.85 4.43 5.45
C ASP A 159 -8.18 4.52 6.92
N GLU A 160 -8.61 3.43 7.50
CA GLU A 160 -8.96 3.45 8.89
C GLU A 160 -7.74 3.52 9.78
N HIS A 161 -6.63 2.95 9.30
CA HIS A 161 -5.35 3.01 10.03
C HIS A 161 -4.99 4.48 10.37
N LEU A 162 -5.28 5.39 9.45
CA LEU A 162 -4.97 6.80 9.66
C LEU A 162 -5.93 7.46 10.64
N LEU A 163 -7.16 6.97 10.66
CA LEU A 163 -8.17 7.51 11.55
C LEU A 163 -8.06 6.90 12.94
N ALA A 164 -7.50 5.70 12.98
CA ALA A 164 -7.29 4.93 14.21
C ALA A 164 -6.26 5.59 15.12
N GLU A 165 -5.46 6.45 14.56
CA GLU A 165 -4.43 7.12 15.32
C GLU A 165 -4.59 8.61 15.26
N GLU A 166 -3.97 9.29 16.17
CA GLU A 166 -3.98 10.72 16.17
C GLU A 166 -2.72 11.18 15.52
N THR A 10 -8.53 -10.82 -21.05
CA THR A 10 -7.12 -10.45 -20.85
C THR A 10 -6.21 -10.91 -22.04
N GLU A 11 -6.79 -11.13 -23.20
CA GLU A 11 -6.02 -11.53 -24.35
C GLU A 11 -5.21 -10.35 -24.84
N ALA A 12 -3.92 -10.53 -24.87
CA ALA A 12 -3.04 -9.49 -25.23
C ALA A 12 -1.74 -10.04 -25.75
N SER A 13 -1.20 -9.40 -26.75
CA SER A 13 0.01 -9.83 -27.38
C SER A 13 1.25 -9.59 -26.52
N SER A 14 1.27 -8.49 -25.80
CA SER A 14 2.41 -8.15 -24.98
C SER A 14 2.34 -8.80 -23.60
N LEU A 15 1.11 -9.14 -23.18
CA LEU A 15 0.80 -9.65 -21.82
C LEU A 15 1.00 -8.61 -20.74
N VAL A 16 1.50 -7.44 -21.12
CA VAL A 16 1.70 -6.37 -20.21
C VAL A 16 0.36 -5.77 -19.90
N GLY A 17 0.10 -5.59 -18.66
CA GLY A 17 -1.13 -5.07 -18.26
C GLY A 17 -0.96 -4.09 -17.17
N LYS A 18 -1.83 -3.17 -17.10
CA LYS A 18 -1.81 -2.19 -16.10
C LYS A 18 -3.21 -1.79 -15.78
N LEU A 19 -3.46 -1.51 -14.56
CA LEU A 19 -4.76 -1.20 -14.09
C LEU A 19 -4.67 0.03 -13.26
N GLU A 20 -5.61 0.89 -13.41
CA GLU A 20 -5.62 2.09 -12.66
C GLU A 20 -7.00 2.31 -12.09
N THR A 21 -7.09 2.52 -10.82
CA THR A 21 -8.35 2.70 -10.17
C THR A 21 -8.21 3.78 -9.11
N ASP A 22 -9.30 4.33 -8.68
CA ASP A 22 -9.30 5.35 -7.69
C ASP A 22 -10.22 4.98 -6.58
N VAL A 23 -9.76 5.10 -5.39
CA VAL A 23 -10.57 4.82 -4.24
C VAL A 23 -10.65 6.09 -3.41
N GLU A 24 -11.80 6.40 -2.92
CA GLU A 24 -11.95 7.58 -2.12
C GLU A 24 -11.79 7.22 -0.67
N ILE A 25 -11.08 8.01 0.05
CA ILE A 25 -10.96 7.83 1.47
C ILE A 25 -11.53 9.04 2.15
N LYS A 26 -11.89 8.90 3.37
CA LYS A 26 -12.51 9.98 4.12
C LYS A 26 -11.41 10.75 4.82
N ALA A 27 -10.27 10.10 4.88
CA ALA A 27 -9.12 10.62 5.53
C ALA A 27 -8.42 11.67 4.70
N SER A 28 -7.80 12.59 5.38
CA SER A 28 -7.09 13.67 4.80
C SER A 28 -5.68 13.24 4.33
N ALA A 29 -5.33 13.58 3.09
CA ALA A 29 -3.99 13.34 2.58
C ALA A 29 -3.03 14.16 3.39
N ASP A 30 -3.49 15.34 3.77
CA ASP A 30 -2.75 16.24 4.64
C ASP A 30 -2.43 15.54 5.93
N LYS A 31 -3.39 14.81 6.45
CA LYS A 31 -3.24 14.11 7.69
C LYS A 31 -2.27 12.94 7.54
N PHE A 32 -2.32 12.26 6.41
CA PHE A 32 -1.40 11.16 6.11
C PHE A 32 0.02 11.76 6.03
N HIS A 33 0.10 12.93 5.43
CA HIS A 33 1.34 13.70 5.30
C HIS A 33 1.91 14.07 6.69
N HIS A 34 1.02 14.24 7.67
CA HIS A 34 1.43 14.53 9.07
C HIS A 34 2.24 13.38 9.65
N MET A 35 1.96 12.19 9.18
CA MET A 35 2.66 11.01 9.67
C MET A 35 4.09 10.93 9.14
N PHE A 36 4.32 11.53 7.97
CA PHE A 36 5.68 11.57 7.43
C PHE A 36 6.45 12.73 8.06
N ALA A 37 5.72 13.78 8.37
CA ALA A 37 6.29 14.94 9.03
C ALA A 37 6.02 14.83 10.53
N GLY A 38 5.93 13.60 10.98
CA GLY A 38 5.59 13.33 12.33
C GLY A 38 6.77 13.21 13.26
N LYS A 39 7.67 14.15 13.19
CA LYS A 39 8.73 14.22 14.16
C LYS A 39 8.50 15.47 14.99
N PRO A 40 7.85 15.33 16.17
CA PRO A 40 7.51 16.45 17.04
C PRO A 40 8.72 17.09 17.69
N HIS A 41 8.47 18.15 18.42
CA HIS A 41 9.50 18.85 19.13
C HIS A 41 9.81 18.09 20.39
N HIS A 42 11.02 18.20 20.84
CA HIS A 42 11.44 17.48 22.01
C HIS A 42 12.13 18.45 22.95
N VAL A 43 11.49 18.77 24.05
CA VAL A 43 12.05 19.72 25.00
C VAL A 43 13.20 19.10 25.78
N SER A 44 14.15 19.92 26.17
CA SER A 44 15.31 19.44 26.86
C SER A 44 15.73 20.40 27.97
N LYS A 45 15.20 20.19 29.15
CA LYS A 45 15.62 20.97 30.30
C LYS A 45 16.87 20.33 30.86
N ALA A 46 16.86 19.03 30.88
CA ALA A 46 17.99 18.25 31.31
C ALA A 46 17.97 16.96 30.53
N SER A 47 18.56 16.99 29.36
CA SER A 47 18.54 15.84 28.51
C SER A 47 19.73 15.80 27.57
N PRO A 48 20.74 14.97 27.87
CA PRO A 48 21.87 14.75 26.96
C PRO A 48 21.42 13.93 25.76
N GLY A 49 20.33 13.21 25.95
CA GLY A 49 19.74 12.38 24.93
C GLY A 49 18.68 11.55 25.57
N ASN A 50 17.59 12.17 25.92
CA ASN A 50 16.55 11.50 26.67
C ASN A 50 15.47 10.91 25.81
N ILE A 51 15.67 9.68 25.49
CA ILE A 51 14.72 8.90 24.77
C ILE A 51 14.43 7.68 25.62
N GLN A 52 13.18 7.48 25.96
CA GLN A 52 12.83 6.35 26.83
C GLN A 52 12.70 5.04 26.06
N GLY A 53 12.80 5.13 24.75
CA GLY A 53 12.77 3.94 23.93
C GLY A 53 11.40 3.34 23.85
N CYS A 54 10.54 3.97 23.10
CA CYS A 54 9.19 3.47 22.89
C CYS A 54 9.08 2.85 21.51
N ASP A 55 10.18 2.93 20.78
CA ASP A 55 10.22 2.47 19.41
C ASP A 55 10.56 1.00 19.32
N LEU A 56 9.83 0.32 18.48
CA LEU A 56 10.07 -1.04 18.10
C LEU A 56 9.94 -1.07 16.60
N HIS A 57 8.76 -0.71 16.13
CA HIS A 57 8.46 -0.55 14.71
C HIS A 57 7.43 0.52 14.61
N GLU A 58 7.78 1.62 13.98
CA GLU A 58 6.86 2.75 13.84
C GLU A 58 6.09 2.65 12.53
N GLY A 59 6.49 1.69 11.73
CA GLY A 59 5.90 1.45 10.46
C GLY A 59 6.90 0.79 9.59
N ASP A 60 7.07 1.29 8.40
CA ASP A 60 8.08 0.74 7.53
C ASP A 60 9.39 1.45 7.85
N TRP A 61 10.40 1.21 7.05
CA TRP A 61 11.71 1.77 7.33
C TRP A 61 11.80 3.25 6.93
N GLY A 62 10.86 3.72 6.11
CA GLY A 62 10.85 5.12 5.72
C GLY A 62 11.89 5.44 4.69
N THR A 63 12.45 4.41 4.11
CA THR A 63 13.54 4.57 3.19
C THR A 63 13.23 3.87 1.85
N VAL A 64 13.67 4.48 0.77
CA VAL A 64 13.50 3.90 -0.56
C VAL A 64 14.42 2.69 -0.70
N GLY A 65 13.86 1.59 -1.18
CA GLY A 65 14.63 0.37 -1.37
C GLY A 65 14.51 -0.55 -0.18
N SER A 66 13.82 -0.11 0.83
CA SER A 66 13.61 -0.89 2.02
C SER A 66 12.55 -1.94 1.83
N ILE A 67 12.70 -3.04 2.49
CA ILE A 67 11.78 -4.13 2.41
C ILE A 67 11.14 -4.34 3.76
N VAL A 68 9.84 -4.35 3.77
CA VAL A 68 9.07 -4.49 4.99
C VAL A 68 8.03 -5.58 4.78
N PHE A 69 7.54 -6.18 5.84
CA PHE A 69 6.57 -7.22 5.71
C PHE A 69 5.36 -6.90 6.54
N TRP A 70 4.22 -6.88 5.91
CA TRP A 70 3.01 -6.57 6.56
C TRP A 70 2.15 -7.83 6.67
N ASN A 71 1.52 -8.01 7.82
CA ASN A 71 0.65 -9.15 8.06
C ASN A 71 -0.77 -8.69 7.95
N TYR A 72 -1.55 -9.43 7.23
CA TYR A 72 -2.91 -9.07 6.98
C TYR A 72 -3.76 -10.31 6.88
N VAL A 73 -5.02 -10.15 7.13
CA VAL A 73 -5.94 -11.24 6.98
C VAL A 73 -6.74 -10.97 5.74
N HIS A 74 -6.61 -11.85 4.81
CA HIS A 74 -7.25 -11.71 3.54
C HIS A 74 -7.77 -13.06 3.12
N ASP A 75 -9.09 -13.15 2.91
CA ASP A 75 -9.81 -14.41 2.61
C ASP A 75 -9.72 -15.35 3.78
N GLY A 76 -9.63 -14.79 4.96
CA GLY A 76 -9.58 -15.59 6.18
C GLY A 76 -8.20 -16.09 6.51
N GLU A 77 -7.25 -15.87 5.63
CA GLU A 77 -5.89 -16.28 5.88
C GLU A 77 -5.12 -15.15 6.44
N ALA A 78 -4.32 -15.45 7.39
CA ALA A 78 -3.38 -14.50 7.85
C ALA A 78 -2.20 -14.70 6.97
N LYS A 79 -1.92 -13.74 6.20
CA LYS A 79 -0.95 -13.89 5.18
C LYS A 79 -0.05 -12.68 5.09
N VAL A 80 1.12 -12.88 4.55
CA VAL A 80 2.13 -11.85 4.53
C VAL A 80 2.42 -11.43 3.10
N ALA A 81 2.76 -10.18 2.93
CA ALA A 81 3.19 -9.69 1.65
C ALA A 81 4.64 -9.40 1.73
N LYS A 82 5.37 -9.81 0.73
CA LYS A 82 6.72 -9.50 0.65
C LYS A 82 6.83 -8.39 -0.35
N GLU A 83 7.34 -7.28 0.08
CA GLU A 83 7.29 -6.08 -0.70
C GLU A 83 8.53 -5.24 -0.49
N ARG A 84 8.84 -4.47 -1.48
CA ARG A 84 9.93 -3.56 -1.42
C ARG A 84 9.41 -2.18 -1.67
N ILE A 85 9.88 -1.21 -0.91
CA ILE A 85 9.54 0.15 -1.17
C ILE A 85 10.33 0.54 -2.38
N GLU A 86 9.66 0.94 -3.43
CA GLU A 86 10.37 1.23 -4.66
C GLU A 86 10.65 2.72 -4.72
N ALA A 87 9.73 3.51 -4.22
CA ALA A 87 9.85 4.95 -4.19
C ALA A 87 8.88 5.47 -3.15
N VAL A 88 9.29 6.47 -2.41
CA VAL A 88 8.43 7.06 -1.43
C VAL A 88 8.68 8.55 -1.28
N GLU A 89 7.65 9.32 -1.47
CA GLU A 89 7.71 10.73 -1.29
C GLU A 89 7.01 11.05 0.01
N PRO A 90 7.75 11.40 1.05
CA PRO A 90 7.16 11.76 2.32
C PRO A 90 6.31 13.01 2.21
N ASP A 91 6.82 14.02 1.53
CA ASP A 91 6.12 15.28 1.40
C ASP A 91 5.03 15.24 0.35
N LYS A 92 5.26 14.54 -0.74
CA LYS A 92 4.28 14.50 -1.83
C LYS A 92 3.25 13.43 -1.62
N ASN A 93 3.47 12.63 -0.60
CA ASN A 93 2.63 11.48 -0.27
C ASN A 93 2.59 10.51 -1.44
N LEU A 94 3.65 9.79 -1.60
CA LEU A 94 3.74 8.82 -2.67
C LEU A 94 4.42 7.59 -2.16
N ILE A 95 3.89 6.45 -2.47
CA ILE A 95 4.53 5.22 -2.10
C ILE A 95 4.33 4.15 -3.18
N THR A 96 5.43 3.66 -3.67
CA THR A 96 5.43 2.64 -4.68
C THR A 96 5.73 1.26 -4.06
N PHE A 97 4.84 0.31 -4.28
CA PHE A 97 4.99 -1.06 -3.78
C PHE A 97 5.44 -1.96 -4.92
N ARG A 98 6.50 -2.68 -4.70
CA ARG A 98 6.99 -3.63 -5.68
C ARG A 98 6.92 -4.98 -4.99
N VAL A 99 6.12 -5.90 -5.53
CA VAL A 99 6.00 -7.21 -4.90
C VAL A 99 7.28 -7.97 -5.19
N ILE A 100 7.88 -8.53 -4.21
CA ILE A 100 9.14 -9.23 -4.44
C ILE A 100 8.94 -10.73 -4.54
N GLU A 101 8.09 -11.26 -3.70
CA GLU A 101 7.79 -12.65 -3.68
C GLU A 101 6.38 -12.75 -3.06
N GLY A 102 5.66 -13.79 -3.33
CA GLY A 102 4.33 -13.90 -2.82
C GLY A 102 3.38 -14.47 -3.83
N ASP A 103 2.10 -14.53 -3.46
CA ASP A 103 1.02 -15.09 -4.31
C ASP A 103 0.98 -14.40 -5.66
N LEU A 104 1.06 -13.08 -5.63
CA LEU A 104 0.99 -12.24 -6.83
C LEU A 104 2.10 -12.55 -7.83
N MET A 105 3.20 -13.10 -7.34
CA MET A 105 4.34 -13.43 -8.20
C MET A 105 4.15 -14.75 -8.94
N LYS A 106 3.07 -15.45 -8.63
CA LYS A 106 2.72 -16.66 -9.36
C LYS A 106 1.71 -16.34 -10.42
N GLU A 107 1.16 -15.16 -10.31
CA GLU A 107 0.16 -14.69 -11.22
C GLU A 107 0.86 -13.83 -12.26
N TYR A 108 1.73 -12.96 -11.76
CA TYR A 108 2.46 -12.02 -12.58
C TYR A 108 3.92 -12.21 -12.28
N LYS A 109 4.77 -11.85 -13.20
CA LYS A 109 6.22 -11.98 -13.02
C LYS A 109 6.82 -10.65 -12.63
N SER A 110 5.97 -9.67 -12.48
CA SER A 110 6.32 -8.36 -12.05
C SER A 110 5.03 -7.64 -11.74
N PHE A 111 4.91 -7.13 -10.54
CA PHE A 111 3.72 -6.41 -10.11
C PHE A 111 4.16 -5.20 -9.33
N LEU A 112 3.92 -4.06 -9.91
CA LEU A 112 4.30 -2.82 -9.32
C LEU A 112 3.05 -1.99 -9.16
N LEU A 113 2.82 -1.46 -8.00
CA LEU A 113 1.66 -0.63 -7.79
C LEU A 113 2.04 0.59 -7.01
N THR A 114 1.67 1.71 -7.51
CA THR A 114 1.99 2.93 -6.85
C THR A 114 0.71 3.61 -6.39
N ILE A 115 0.69 4.03 -5.15
CA ILE A 115 -0.43 4.75 -4.63
C ILE A 115 0.00 6.13 -4.22
N GLN A 116 -0.84 7.06 -4.48
CA GLN A 116 -0.63 8.41 -4.07
C GLN A 116 -1.95 8.99 -3.66
N VAL A 117 -1.98 9.54 -2.49
CA VAL A 117 -3.19 10.08 -1.96
C VAL A 117 -3.23 11.55 -2.27
N THR A 118 -4.21 11.92 -3.02
CA THR A 118 -4.38 13.24 -3.49
C THR A 118 -5.73 13.76 -2.99
N PRO A 119 -5.77 14.93 -2.31
CA PRO A 119 -7.01 15.50 -1.80
C PRO A 119 -8.07 15.62 -2.88
N LYS A 120 -9.31 15.35 -2.52
CA LYS A 120 -10.40 15.40 -3.48
C LYS A 120 -10.94 16.83 -3.54
N PRO A 121 -11.78 17.17 -4.57
CA PRO A 121 -12.38 18.49 -4.66
C PRO A 121 -13.07 18.85 -3.35
N GLY A 122 -12.54 19.83 -2.67
CA GLY A 122 -13.04 20.21 -1.38
C GLY A 122 -11.92 20.44 -0.41
N GLY A 123 -11.06 19.43 -0.24
CA GLY A 123 -9.93 19.58 0.66
C GLY A 123 -9.80 18.49 1.74
N PRO A 124 -10.79 18.38 2.69
CA PRO A 124 -10.74 17.41 3.80
C PRO A 124 -10.55 15.96 3.36
N GLY A 125 -11.38 15.50 2.46
CA GLY A 125 -11.30 14.14 2.00
C GLY A 125 -10.24 13.98 0.93
N SER A 126 -9.86 12.78 0.63
CA SER A 126 -8.84 12.55 -0.36
C SER A 126 -9.12 11.31 -1.19
N ILE A 127 -8.48 11.23 -2.32
CA ILE A 127 -8.62 10.11 -3.22
C ILE A 127 -7.28 9.41 -3.26
N VAL A 128 -7.31 8.16 -3.29
CA VAL A 128 -6.10 7.40 -3.44
C VAL A 128 -6.02 6.87 -4.85
N HIS A 129 -5.01 7.31 -5.57
CA HIS A 129 -4.86 6.90 -6.95
C HIS A 129 -3.96 5.70 -7.04
N TRP A 130 -4.54 4.59 -7.42
CA TRP A 130 -3.83 3.35 -7.55
C TRP A 130 -3.38 3.14 -8.97
N HIS A 131 -2.10 2.98 -9.16
CA HIS A 131 -1.57 2.72 -10.48
C HIS A 131 -0.87 1.38 -10.41
N LEU A 132 -1.40 0.40 -11.07
CA LEU A 132 -0.87 -0.94 -11.02
C LEU A 132 -0.31 -1.31 -12.38
N GLU A 133 0.91 -1.75 -12.42
CA GLU A 133 1.56 -2.19 -13.65
C GLU A 133 2.14 -3.57 -13.45
N TYR A 134 1.88 -4.47 -14.37
CA TYR A 134 2.32 -5.83 -14.20
C TYR A 134 2.56 -6.59 -15.51
N GLU A 135 3.55 -7.45 -15.48
CA GLU A 135 3.90 -8.34 -16.58
C GLU A 135 3.37 -9.72 -16.22
N LYS A 136 2.74 -10.39 -17.15
CA LYS A 136 2.11 -11.66 -16.85
C LYS A 136 2.96 -12.83 -17.24
N ILE A 137 2.93 -13.88 -16.42
CA ILE A 137 3.64 -15.12 -16.74
C ILE A 137 2.83 -15.86 -17.78
N SER A 138 1.55 -15.84 -17.56
CA SER A 138 0.60 -16.42 -18.41
C SER A 138 -0.69 -15.63 -18.24
N GLU A 139 -1.65 -15.90 -19.04
CA GLU A 139 -2.88 -15.15 -19.03
C GLU A 139 -3.83 -15.69 -17.98
N GLU A 140 -4.14 -16.98 -18.08
CA GLU A 140 -5.08 -17.63 -17.17
C GLU A 140 -4.57 -17.62 -15.74
N VAL A 141 -3.28 -17.41 -15.59
CA VAL A 141 -2.69 -17.41 -14.24
C VAL A 141 -2.77 -16.01 -13.62
N ALA A 142 -3.14 -15.03 -14.42
CA ALA A 142 -3.25 -13.67 -13.97
C ALA A 142 -4.67 -13.41 -13.53
N HIS A 143 -4.82 -12.71 -12.43
CA HIS A 143 -6.15 -12.48 -11.89
C HIS A 143 -6.34 -10.98 -11.63
N PRO A 144 -6.80 -10.20 -12.64
CA PRO A 144 -7.10 -8.76 -12.44
C PRO A 144 -8.25 -8.58 -11.43
N GLU A 145 -8.95 -9.69 -11.24
CA GLU A 145 -10.08 -9.81 -10.35
C GLU A 145 -9.67 -9.47 -8.92
N THR A 146 -8.56 -10.05 -8.51
CA THR A 146 -8.09 -9.94 -7.17
C THR A 146 -7.46 -8.59 -6.89
N LEU A 147 -6.88 -7.98 -7.92
CA LEU A 147 -6.29 -6.65 -7.84
C LEU A 147 -7.27 -5.62 -7.31
N LEU A 148 -8.45 -5.58 -7.89
CA LEU A 148 -9.45 -4.63 -7.43
C LEU A 148 -9.85 -4.90 -6.00
N GLN A 149 -9.97 -6.16 -5.65
CA GLN A 149 -10.35 -6.50 -4.30
C GLN A 149 -9.21 -6.23 -3.32
N PHE A 150 -7.98 -6.38 -3.81
CA PHE A 150 -6.78 -6.07 -3.04
C PHE A 150 -6.78 -4.58 -2.70
N CYS A 151 -7.00 -3.74 -3.71
CA CYS A 151 -7.02 -2.32 -3.47
C CYS A 151 -8.17 -1.90 -2.56
N VAL A 152 -9.32 -2.59 -2.66
CA VAL A 152 -10.48 -2.27 -1.81
C VAL A 152 -10.16 -2.46 -0.32
N GLU A 153 -9.64 -3.62 0.01
CA GLU A 153 -9.41 -3.97 1.39
C GLU A 153 -8.23 -3.21 2.00
N VAL A 154 -7.25 -2.86 1.17
CA VAL A 154 -6.15 -2.02 1.62
C VAL A 154 -6.65 -0.59 1.84
N SER A 155 -7.55 -0.13 0.95
CA SER A 155 -8.08 1.22 1.06
C SER A 155 -8.88 1.40 2.33
N LYS A 156 -9.63 0.38 2.70
CA LYS A 156 -10.41 0.45 3.92
C LYS A 156 -9.51 0.45 5.14
N GLU A 157 -8.44 -0.38 5.10
CA GLU A 157 -7.49 -0.48 6.21
C GLU A 157 -6.89 0.89 6.46
N ILE A 158 -6.39 1.50 5.41
CA ILE A 158 -5.71 2.77 5.52
C ILE A 158 -6.67 3.90 5.91
N ASP A 159 -7.86 3.85 5.38
CA ASP A 159 -8.92 4.84 5.68
C ASP A 159 -9.21 4.85 7.19
N GLU A 160 -9.49 3.68 7.74
CA GLU A 160 -9.75 3.53 9.17
C GLU A 160 -8.49 3.72 10.00
N HIS A 161 -7.37 3.39 9.42
CA HIS A 161 -6.05 3.58 10.05
C HIS A 161 -5.78 5.08 10.26
N LEU A 162 -6.06 5.88 9.23
CA LEU A 162 -5.82 7.33 9.27
C LEU A 162 -6.87 8.04 10.08
N LEU A 163 -8.13 7.70 9.88
CA LEU A 163 -9.21 8.32 10.65
C LEU A 163 -9.11 7.86 12.07
N ALA A 164 -8.82 6.57 12.20
CA ALA A 164 -8.70 5.86 13.47
C ALA A 164 -10.03 5.85 14.20
N GLU A 165 -11.05 6.16 13.47
CA GLU A 165 -12.39 6.17 13.95
C GLU A 165 -12.99 4.83 13.69
N GLU A 166 -13.88 4.45 14.53
CA GLU A 166 -14.47 3.16 14.45
C GLU A 166 -15.97 3.30 14.44
N THR A 10 -5.37 -12.20 -28.43
CA THR A 10 -5.01 -10.99 -27.71
C THR A 10 -3.50 -10.84 -27.67
N GLU A 11 -3.00 -9.94 -28.47
CA GLU A 11 -1.60 -9.73 -28.59
C GLU A 11 -1.05 -8.88 -27.48
N ALA A 12 -0.05 -9.38 -26.85
CA ALA A 12 0.67 -8.66 -25.84
C ALA A 12 2.11 -9.17 -25.84
N SER A 13 2.97 -8.47 -26.53
CA SER A 13 4.35 -8.88 -26.72
C SER A 13 5.12 -8.99 -25.40
N SER A 14 5.01 -7.98 -24.57
CA SER A 14 5.70 -8.00 -23.31
C SER A 14 4.80 -8.59 -22.21
N LEU A 15 3.53 -8.88 -22.57
CA LEU A 15 2.50 -9.36 -21.61
C LEU A 15 2.30 -8.40 -20.44
N VAL A 16 2.56 -7.13 -20.68
CA VAL A 16 2.38 -6.12 -19.67
C VAL A 16 0.96 -5.61 -19.67
N GLY A 17 0.39 -5.56 -18.51
CA GLY A 17 -0.93 -5.08 -18.33
C GLY A 17 -0.94 -4.09 -17.22
N LYS A 18 -1.84 -3.18 -17.23
CA LYS A 18 -1.89 -2.19 -16.22
C LYS A 18 -3.31 -1.79 -15.89
N LEU A 19 -3.53 -1.49 -14.67
CA LEU A 19 -4.83 -1.18 -14.18
C LEU A 19 -4.75 0.00 -13.25
N GLU A 20 -5.68 0.87 -13.36
CA GLU A 20 -5.74 2.03 -12.52
C GLU A 20 -7.13 2.17 -11.98
N THR A 21 -7.21 2.46 -10.72
CA THR A 21 -8.45 2.64 -10.06
C THR A 21 -8.28 3.72 -9.01
N ASP A 22 -9.35 4.20 -8.46
CA ASP A 22 -9.27 5.20 -7.43
C ASP A 22 -10.19 4.82 -6.29
N VAL A 23 -9.73 5.06 -5.10
CA VAL A 23 -10.47 4.75 -3.89
C VAL A 23 -10.50 6.01 -3.03
N GLU A 24 -11.57 6.24 -2.32
CA GLU A 24 -11.64 7.42 -1.51
C GLU A 24 -11.38 7.06 -0.07
N ILE A 25 -10.46 7.75 0.54
CA ILE A 25 -10.24 7.60 1.94
C ILE A 25 -10.94 8.77 2.62
N LYS A 26 -11.44 8.54 3.78
CA LYS A 26 -12.28 9.50 4.46
C LYS A 26 -11.46 10.34 5.42
N ALA A 27 -10.19 10.30 5.22
CA ALA A 27 -9.27 11.08 5.99
C ALA A 27 -8.49 11.98 5.07
N SER A 28 -7.81 12.92 5.63
CA SER A 28 -7.01 13.82 4.88
C SER A 28 -5.68 13.15 4.50
N ALA A 29 -5.21 13.43 3.29
CA ALA A 29 -3.97 12.85 2.75
C ALA A 29 -2.77 13.15 3.63
N ASP A 30 -2.85 14.26 4.34
CA ASP A 30 -1.80 14.68 5.27
C ASP A 30 -1.58 13.65 6.37
N LYS A 31 -2.62 12.93 6.78
CA LYS A 31 -2.47 11.95 7.83
C LYS A 31 -1.62 10.79 7.36
N PHE A 32 -1.76 10.48 6.08
CA PHE A 32 -0.98 9.44 5.44
C PHE A 32 0.48 9.89 5.40
N HIS A 33 0.67 11.17 5.14
CA HIS A 33 2.00 11.78 5.11
C HIS A 33 2.64 11.69 6.50
N HIS A 34 1.83 11.91 7.54
CA HIS A 34 2.33 11.81 8.92
C HIS A 34 2.87 10.43 9.21
N MET A 35 2.21 9.41 8.66
CA MET A 35 2.63 8.03 8.90
C MET A 35 4.05 7.75 8.42
N PHE A 36 4.52 8.49 7.44
CA PHE A 36 5.86 8.26 6.92
C PHE A 36 6.86 9.30 7.48
N ALA A 37 6.39 10.51 7.73
CA ALA A 37 7.27 11.59 8.20
C ALA A 37 7.52 11.50 9.71
N GLY A 38 6.50 11.13 10.43
CA GLY A 38 6.57 10.99 11.87
C GLY A 38 5.40 10.19 12.35
N LYS A 39 5.53 8.88 12.22
CA LYS A 39 4.45 7.92 12.45
C LYS A 39 3.64 8.18 13.74
N PRO A 40 2.30 8.16 13.62
CA PRO A 40 1.38 8.35 14.76
C PRO A 40 1.17 7.02 15.51
N HIS A 41 1.89 6.02 15.07
CA HIS A 41 1.82 4.71 15.61
C HIS A 41 3.22 4.19 15.80
N HIS A 42 3.76 4.37 16.95
CA HIS A 42 5.10 3.91 17.23
C HIS A 42 5.04 2.55 17.89
N VAL A 43 6.05 1.76 17.67
CA VAL A 43 6.09 0.46 18.26
C VAL A 43 6.93 0.45 19.53
N SER A 44 6.25 0.57 20.62
CA SER A 44 6.85 0.55 21.91
C SER A 44 5.91 -0.16 22.85
N LYS A 45 6.14 -1.42 23.05
CA LYS A 45 5.27 -2.21 23.87
C LYS A 45 6.07 -3.07 24.81
N ALA A 46 6.92 -3.93 24.23
CA ALA A 46 7.75 -4.89 24.97
C ALA A 46 6.90 -5.93 25.69
N SER A 47 7.05 -7.16 25.29
CA SER A 47 6.29 -8.26 25.83
C SER A 47 6.58 -8.49 27.33
N PRO A 48 5.51 -8.67 28.16
CA PRO A 48 5.67 -8.96 29.58
C PRO A 48 6.50 -10.22 29.79
N GLY A 49 7.60 -10.07 30.48
CA GLY A 49 8.50 -11.16 30.70
C GLY A 49 9.68 -11.04 29.78
N ASN A 50 10.24 -9.86 29.74
CA ASN A 50 11.37 -9.55 28.88
C ASN A 50 12.24 -8.55 29.63
N ILE A 51 13.48 -8.42 29.22
CA ILE A 51 14.40 -7.45 29.78
C ILE A 51 13.87 -6.04 29.45
N GLN A 52 13.21 -5.96 28.29
CA GLN A 52 12.57 -4.76 27.77
C GLN A 52 13.57 -3.74 27.31
N GLY A 53 13.83 -3.76 26.04
CA GLY A 53 14.72 -2.81 25.47
C GLY A 53 14.00 -1.97 24.46
N CYS A 54 13.42 -2.64 23.45
CA CYS A 54 12.69 -2.00 22.35
C CYS A 54 13.65 -1.06 21.61
N ASP A 55 14.91 -1.44 21.66
CA ASP A 55 16.01 -0.68 21.10
C ASP A 55 16.06 -0.82 19.60
N LEU A 56 15.59 -1.94 19.12
CA LEU A 56 15.52 -2.19 17.69
C LEU A 56 14.39 -1.38 17.08
N HIS A 57 14.75 -0.39 16.28
CA HIS A 57 13.79 0.50 15.66
C HIS A 57 13.07 -0.22 14.53
N GLU A 58 11.77 -0.26 14.60
CA GLU A 58 10.99 -0.91 13.60
C GLU A 58 9.82 -0.01 13.22
N GLY A 59 9.27 -0.22 12.05
CA GLY A 59 8.17 0.58 11.58
C GLY A 59 8.58 1.36 10.34
N ASP A 60 9.88 1.39 10.13
CA ASP A 60 10.50 2.07 9.00
C ASP A 60 11.99 1.81 9.09
N TRP A 61 12.65 1.82 7.97
CA TRP A 61 14.09 1.65 7.94
C TRP A 61 14.75 3.00 7.62
N GLY A 62 13.95 3.92 7.10
CA GLY A 62 14.44 5.26 6.78
C GLY A 62 15.08 5.35 5.41
N THR A 63 15.23 4.23 4.74
CA THR A 63 15.86 4.18 3.45
C THR A 63 14.89 3.73 2.35
N VAL A 64 15.04 4.28 1.15
CA VAL A 64 14.25 3.85 0.02
C VAL A 64 14.76 2.47 -0.43
N GLY A 65 13.85 1.56 -0.70
CA GLY A 65 14.26 0.22 -1.07
C GLY A 65 14.18 -0.72 0.09
N SER A 66 13.78 -0.19 1.22
CA SER A 66 13.63 -0.98 2.41
C SER A 66 12.38 -1.85 2.33
N ILE A 67 12.39 -2.92 3.05
CA ILE A 67 11.30 -3.84 3.01
C ILE A 67 10.58 -3.93 4.35
N VAL A 68 9.34 -3.52 4.30
CA VAL A 68 8.42 -3.55 5.40
C VAL A 68 7.20 -4.27 4.90
N PHE A 69 6.33 -4.68 5.78
CA PHE A 69 5.15 -5.39 5.35
C PHE A 69 3.91 -4.71 5.87
N TRP A 70 2.84 -4.77 5.11
CA TRP A 70 1.58 -4.21 5.54
C TRP A 70 0.64 -5.27 5.94
N ASN A 71 0.08 -5.07 7.08
CA ASN A 71 -0.89 -5.96 7.66
C ASN A 71 -2.26 -5.38 7.48
N TYR A 72 -3.16 -6.18 7.04
CA TYR A 72 -4.55 -5.77 6.86
C TYR A 72 -5.45 -6.94 7.22
N VAL A 73 -6.66 -6.67 7.61
CA VAL A 73 -7.54 -7.73 8.05
C VAL A 73 -8.60 -8.01 7.00
N HIS A 74 -8.64 -9.23 6.55
CA HIS A 74 -9.60 -9.67 5.58
C HIS A 74 -10.00 -11.07 5.93
N ASP A 75 -11.32 -11.31 6.01
CA ASP A 75 -11.89 -12.61 6.43
C ASP A 75 -11.52 -12.89 7.88
N GLY A 76 -11.34 -11.82 8.62
CA GLY A 76 -10.98 -11.92 10.01
C GLY A 76 -9.49 -12.22 10.23
N GLU A 77 -8.78 -12.60 9.20
CA GLU A 77 -7.39 -12.96 9.35
C GLU A 77 -6.54 -11.76 9.04
N ALA A 78 -5.43 -11.65 9.73
CA ALA A 78 -4.50 -10.61 9.44
C ALA A 78 -3.67 -11.10 8.29
N LYS A 79 -3.77 -10.43 7.21
CA LYS A 79 -3.12 -10.82 6.02
C LYS A 79 -1.90 -9.96 5.88
N VAL A 80 -0.86 -10.52 5.37
CA VAL A 80 0.40 -9.82 5.24
C VAL A 80 0.84 -9.83 3.79
N ALA A 81 1.25 -8.70 3.29
CA ALA A 81 1.72 -8.58 1.93
C ALA A 81 3.22 -8.35 1.92
N LYS A 82 3.91 -9.01 1.01
CA LYS A 82 5.33 -8.83 0.85
C LYS A 82 5.57 -7.78 -0.22
N GLU A 83 6.32 -6.78 0.11
CA GLU A 83 6.47 -5.63 -0.70
C GLU A 83 7.80 -4.96 -0.42
N ARG A 84 8.16 -4.03 -1.24
CA ARG A 84 9.36 -3.27 -1.08
C ARG A 84 9.01 -1.83 -1.35
N ILE A 85 9.62 -0.92 -0.64
CA ILE A 85 9.43 0.47 -0.96
C ILE A 85 10.28 0.74 -2.18
N GLU A 86 9.66 1.20 -3.24
CA GLU A 86 10.42 1.41 -4.45
C GLU A 86 10.60 2.90 -4.72
N ALA A 87 9.56 3.65 -4.50
CA ALA A 87 9.61 5.08 -4.71
C ALA A 87 8.68 5.74 -3.74
N VAL A 88 9.09 6.86 -3.22
CA VAL A 88 8.29 7.59 -2.27
C VAL A 88 8.50 9.08 -2.45
N GLU A 89 7.44 9.79 -2.67
CA GLU A 89 7.47 11.22 -2.83
C GLU A 89 6.83 11.85 -1.62
N PRO A 90 7.59 12.55 -0.80
CA PRO A 90 7.05 13.24 0.37
C PRO A 90 6.10 14.37 -0.02
N ASP A 91 6.51 15.18 -0.97
CA ASP A 91 5.73 16.34 -1.38
C ASP A 91 4.59 15.98 -2.29
N LYS A 92 4.81 15.01 -3.17
CA LYS A 92 3.76 14.60 -4.12
C LYS A 92 2.84 13.58 -3.50
N ASN A 93 3.23 13.13 -2.31
CA ASN A 93 2.52 12.11 -1.53
C ASN A 93 2.27 10.87 -2.38
N LEU A 94 3.35 10.20 -2.70
CA LEU A 94 3.33 9.03 -3.53
C LEU A 94 4.14 7.94 -2.91
N ILE A 95 3.67 6.74 -3.04
CA ILE A 95 4.41 5.59 -2.62
C ILE A 95 4.21 4.43 -3.61
N THR A 96 5.30 3.97 -4.15
CA THR A 96 5.34 2.85 -5.05
C THR A 96 5.71 1.57 -4.29
N PHE A 97 4.86 0.58 -4.40
CA PHE A 97 5.04 -0.71 -3.79
C PHE A 97 5.47 -1.69 -4.86
N ARG A 98 6.40 -2.53 -4.53
CA ARG A 98 6.93 -3.54 -5.42
C ARG A 98 6.81 -4.89 -4.76
N VAL A 99 6.08 -5.82 -5.39
CA VAL A 99 5.95 -7.12 -4.81
C VAL A 99 7.25 -7.88 -5.11
N ILE A 100 7.88 -8.37 -4.09
CA ILE A 100 9.14 -9.08 -4.30
C ILE A 100 8.94 -10.58 -4.17
N GLU A 101 7.94 -10.95 -3.43
CA GLU A 101 7.61 -12.31 -3.16
C GLU A 101 6.17 -12.20 -2.67
N GLY A 102 5.44 -13.28 -2.59
CA GLY A 102 4.10 -13.16 -2.10
C GLY A 102 3.11 -13.99 -2.86
N ASP A 103 1.86 -13.69 -2.64
CA ASP A 103 0.71 -14.39 -3.23
C ASP A 103 0.64 -14.17 -4.74
N LEU A 104 0.77 -12.92 -5.14
CA LEU A 104 0.61 -12.50 -6.54
C LEU A 104 1.78 -12.94 -7.42
N MET A 105 2.95 -13.14 -6.83
CA MET A 105 4.17 -13.49 -7.59
C MET A 105 4.11 -14.84 -8.27
N LYS A 106 3.15 -15.65 -7.90
CA LYS A 106 3.02 -16.96 -8.49
C LYS A 106 2.10 -16.91 -9.72
N GLU A 107 1.35 -15.83 -9.84
CA GLU A 107 0.48 -15.63 -10.99
C GLU A 107 1.02 -14.54 -11.90
N TYR A 108 1.63 -13.57 -11.31
CA TYR A 108 2.20 -12.46 -12.04
C TYR A 108 3.69 -12.53 -11.91
N LYS A 109 4.40 -12.26 -12.97
CA LYS A 109 5.85 -12.32 -12.92
C LYS A 109 6.46 -11.00 -12.51
N SER A 110 5.60 -10.01 -12.36
CA SER A 110 5.98 -8.72 -11.87
C SER A 110 4.71 -7.94 -11.58
N PHE A 111 4.73 -7.19 -10.50
CA PHE A 111 3.62 -6.39 -10.08
C PHE A 111 4.17 -5.18 -9.34
N LEU A 112 3.91 -4.03 -9.88
CA LEU A 112 4.37 -2.79 -9.33
C LEU A 112 3.15 -1.89 -9.20
N LEU A 113 2.94 -1.31 -8.06
CA LEU A 113 1.78 -0.47 -7.89
C LEU A 113 2.14 0.77 -7.14
N THR A 114 1.63 1.86 -7.58
CA THR A 114 1.91 3.11 -6.97
C THR A 114 0.62 3.76 -6.53
N ILE A 115 0.60 4.27 -5.32
CA ILE A 115 -0.54 4.99 -4.86
C ILE A 115 -0.14 6.42 -4.59
N GLN A 116 -0.98 7.30 -4.99
CA GLN A 116 -0.74 8.69 -4.81
C GLN A 116 -2.02 9.31 -4.29
N VAL A 117 -1.95 9.88 -3.11
CA VAL A 117 -3.12 10.37 -2.43
C VAL A 117 -3.12 11.89 -2.40
N THR A 118 -4.24 12.48 -2.74
CA THR A 118 -4.35 13.91 -2.64
C THR A 118 -5.75 14.25 -2.10
N PRO A 119 -5.89 15.35 -1.37
CA PRO A 119 -7.20 15.85 -0.93
C PRO A 119 -8.03 16.30 -2.14
N LYS A 120 -9.07 15.58 -2.46
CA LYS A 120 -9.86 15.95 -3.60
C LYS A 120 -11.13 16.71 -3.15
N PRO A 121 -12.13 16.05 -2.45
CA PRO A 121 -13.24 16.81 -1.83
C PRO A 121 -12.69 17.75 -0.75
N GLY A 122 -11.72 17.25 0.00
CA GLY A 122 -11.11 18.03 1.05
C GLY A 122 -11.63 17.63 2.41
N GLY A 123 -10.73 17.51 3.38
CA GLY A 123 -11.11 17.12 4.71
C GLY A 123 -11.30 15.64 4.82
N PRO A 124 -12.54 15.17 5.01
CA PRO A 124 -12.86 13.74 5.11
C PRO A 124 -12.96 13.07 3.74
N GLY A 125 -12.23 13.59 2.81
CA GLY A 125 -12.25 13.07 1.48
C GLY A 125 -10.95 13.29 0.75
N SER A 126 -10.21 12.25 0.58
CA SER A 126 -9.00 12.28 -0.19
C SER A 126 -9.02 11.09 -1.15
N ILE A 127 -8.48 11.28 -2.32
CA ILE A 127 -8.48 10.23 -3.31
C ILE A 127 -7.14 9.56 -3.38
N VAL A 128 -7.16 8.27 -3.31
CA VAL A 128 -5.97 7.49 -3.50
C VAL A 128 -5.98 6.93 -4.90
N HIS A 129 -5.04 7.38 -5.70
CA HIS A 129 -4.95 6.95 -7.07
C HIS A 129 -4.06 5.74 -7.13
N TRP A 130 -4.64 4.62 -7.45
CA TRP A 130 -3.92 3.37 -7.55
C TRP A 130 -3.47 3.16 -8.97
N HIS A 131 -2.19 3.01 -9.16
CA HIS A 131 -1.66 2.76 -10.48
C HIS A 131 -0.98 1.41 -10.42
N LEU A 132 -1.53 0.44 -11.09
CA LEU A 132 -1.02 -0.91 -11.04
C LEU A 132 -0.43 -1.27 -12.39
N GLU A 133 0.80 -1.65 -12.40
CA GLU A 133 1.49 -2.05 -13.60
C GLU A 133 2.09 -3.40 -13.36
N TYR A 134 1.82 -4.33 -14.22
CA TYR A 134 2.21 -5.70 -13.97
C TYR A 134 2.43 -6.50 -15.24
N GLU A 135 3.05 -7.63 -15.10
CA GLU A 135 3.40 -8.43 -16.23
C GLU A 135 2.87 -9.85 -16.05
N LYS A 136 2.17 -10.34 -17.05
CA LYS A 136 1.55 -11.65 -17.02
C LYS A 136 2.54 -12.75 -17.35
N ILE A 137 2.45 -13.85 -16.61
CA ILE A 137 3.19 -15.05 -16.96
C ILE A 137 2.46 -15.68 -18.12
N SER A 138 1.17 -15.59 -18.00
CA SER A 138 0.22 -16.03 -18.96
C SER A 138 -1.01 -15.20 -18.73
N GLU A 139 -1.89 -15.18 -19.67
CA GLU A 139 -3.10 -14.42 -19.56
C GLU A 139 -4.03 -15.13 -18.60
N GLU A 140 -4.06 -16.43 -18.75
CA GLU A 140 -4.97 -17.32 -18.03
C GLU A 140 -4.68 -17.30 -16.55
N VAL A 141 -3.48 -16.95 -16.20
CA VAL A 141 -3.06 -17.03 -14.81
C VAL A 141 -3.27 -15.67 -14.10
N ALA A 142 -3.30 -14.62 -14.86
CA ALA A 142 -3.46 -13.31 -14.31
C ALA A 142 -4.91 -12.95 -14.27
N HIS A 143 -5.37 -12.54 -13.12
CA HIS A 143 -6.75 -12.18 -12.96
C HIS A 143 -6.87 -10.86 -12.25
N PRO A 144 -6.94 -9.75 -13.02
CA PRO A 144 -7.03 -8.35 -12.49
C PRO A 144 -8.13 -8.15 -11.42
N GLU A 145 -9.04 -9.10 -11.33
CA GLU A 145 -10.10 -9.10 -10.33
C GLU A 145 -9.49 -9.07 -8.93
N THR A 146 -8.47 -9.89 -8.78
CA THR A 146 -7.77 -10.08 -7.52
C THR A 146 -7.05 -8.81 -7.11
N LEU A 147 -6.60 -8.07 -8.11
CA LEU A 147 -5.84 -6.87 -7.91
C LEU A 147 -6.75 -5.76 -7.42
N LEU A 148 -7.94 -5.67 -8.00
CA LEU A 148 -8.93 -4.73 -7.53
C LEU A 148 -9.32 -5.03 -6.12
N GLN A 149 -9.45 -6.28 -5.81
CA GLN A 149 -9.75 -6.65 -4.45
C GLN A 149 -8.59 -6.34 -3.51
N PHE A 150 -7.37 -6.59 -3.96
CA PHE A 150 -6.17 -6.31 -3.17
C PHE A 150 -6.09 -4.82 -2.81
N CYS A 151 -6.43 -3.95 -3.77
CA CYS A 151 -6.40 -2.54 -3.47
C CYS A 151 -7.49 -2.18 -2.47
N VAL A 152 -8.61 -2.91 -2.51
CA VAL A 152 -9.69 -2.71 -1.55
C VAL A 152 -9.21 -3.14 -0.16
N GLU A 153 -8.58 -4.33 -0.10
CA GLU A 153 -7.98 -4.86 1.15
C GLU A 153 -7.07 -3.86 1.83
N VAL A 154 -6.19 -3.25 1.06
CA VAL A 154 -5.28 -2.27 1.58
C VAL A 154 -6.04 -1.01 2.02
N SER A 155 -7.01 -0.58 1.17
CA SER A 155 -7.84 0.60 1.46
C SER A 155 -8.57 0.44 2.78
N LYS A 156 -8.96 -0.79 3.10
CA LYS A 156 -9.65 -1.09 4.36
C LYS A 156 -8.80 -0.70 5.53
N GLU A 157 -7.58 -1.19 5.56
CA GLU A 157 -6.68 -0.93 6.65
C GLU A 157 -6.30 0.51 6.67
N ILE A 158 -5.83 1.00 5.56
CA ILE A 158 -5.25 2.32 5.52
C ILE A 158 -6.27 3.42 5.86
N ASP A 159 -7.42 3.34 5.27
CA ASP A 159 -8.48 4.35 5.46
C ASP A 159 -8.98 4.38 6.89
N GLU A 160 -9.34 3.22 7.39
CA GLU A 160 -9.82 3.12 8.75
C GLU A 160 -8.71 3.41 9.76
N HIS A 161 -7.47 3.08 9.39
CA HIS A 161 -6.30 3.30 10.24
C HIS A 161 -6.11 4.81 10.47
N LEU A 162 -6.29 5.59 9.42
CA LEU A 162 -6.20 7.04 9.49
C LEU A 162 -7.28 7.65 10.34
N LEU A 163 -8.41 7.02 10.37
CA LEU A 163 -9.51 7.50 11.20
C LEU A 163 -9.38 7.00 12.62
N ALA A 164 -8.59 5.96 12.77
CA ALA A 164 -8.35 5.34 14.05
C ALA A 164 -7.30 6.10 14.85
N GLU A 165 -6.22 6.47 14.21
CA GLU A 165 -5.14 7.13 14.91
C GLU A 165 -5.03 8.61 14.56
N GLU A 166 -4.23 9.30 15.32
CA GLU A 166 -4.06 10.72 15.17
C GLU A 166 -2.60 11.07 15.42
N THR A 10 4.94 -18.65 -25.88
CA THR A 10 5.65 -18.03 -26.97
C THR A 10 6.22 -16.67 -26.57
N GLU A 11 5.66 -16.09 -25.48
CA GLU A 11 6.01 -14.75 -25.00
C GLU A 11 5.52 -13.67 -25.95
N ALA A 12 5.13 -12.55 -25.42
CA ALA A 12 4.63 -11.46 -26.22
C ALA A 12 4.72 -10.19 -25.44
N SER A 13 5.12 -9.13 -26.10
CA SER A 13 5.28 -7.83 -25.48
C SER A 13 3.95 -7.31 -24.91
N SER A 14 2.86 -7.73 -25.52
CA SER A 14 1.53 -7.32 -25.12
C SER A 14 1.07 -7.95 -23.80
N LEU A 15 1.89 -8.87 -23.24
CA LEU A 15 1.60 -9.47 -21.95
C LEU A 15 1.76 -8.46 -20.82
N VAL A 16 2.23 -7.26 -21.16
CA VAL A 16 2.31 -6.17 -20.22
C VAL A 16 0.88 -5.78 -19.80
N GLY A 17 0.68 -5.57 -18.54
CA GLY A 17 -0.62 -5.26 -18.07
C GLY A 17 -0.60 -4.24 -16.99
N LYS A 18 -1.56 -3.41 -16.97
CA LYS A 18 -1.65 -2.43 -15.94
C LYS A 18 -3.07 -2.17 -15.63
N LEU A 19 -3.31 -1.73 -14.46
CA LEU A 19 -4.63 -1.41 -14.06
C LEU A 19 -4.57 -0.28 -13.08
N GLU A 20 -5.49 0.62 -13.18
CA GLU A 20 -5.49 1.75 -12.32
C GLU A 20 -6.88 1.95 -11.75
N THR A 21 -6.93 2.37 -10.55
CA THR A 21 -8.15 2.61 -9.88
C THR A 21 -7.90 3.69 -8.86
N ASP A 22 -8.92 4.26 -8.34
CA ASP A 22 -8.77 5.22 -7.31
C ASP A 22 -9.79 4.95 -6.26
N VAL A 23 -9.34 4.90 -5.06
CA VAL A 23 -10.16 4.59 -3.92
C VAL A 23 -10.26 5.82 -3.06
N GLU A 24 -11.38 6.02 -2.47
CA GLU A 24 -11.54 7.16 -1.64
C GLU A 24 -11.32 6.74 -0.20
N ILE A 25 -10.51 7.47 0.49
CA ILE A 25 -10.29 7.24 1.89
C ILE A 25 -11.00 8.34 2.63
N LYS A 26 -11.47 8.05 3.80
CA LYS A 26 -12.21 9.02 4.59
C LYS A 26 -11.25 9.81 5.47
N ALA A 27 -9.98 9.57 5.25
CA ALA A 27 -8.92 10.25 5.93
C ALA A 27 -8.49 11.46 5.11
N SER A 28 -7.66 12.28 5.71
CA SER A 28 -7.20 13.49 5.08
C SER A 28 -5.93 13.22 4.27
N ALA A 29 -5.88 13.75 3.06
CA ALA A 29 -4.68 13.69 2.24
C ALA A 29 -3.62 14.58 2.85
N ASP A 30 -4.09 15.67 3.47
CA ASP A 30 -3.22 16.60 4.15
C ASP A 30 -2.63 15.96 5.36
N LYS A 31 -3.44 15.16 6.04
CA LYS A 31 -2.98 14.45 7.20
C LYS A 31 -1.99 13.33 6.78
N PHE A 32 -2.17 12.80 5.59
CA PHE A 32 -1.22 11.80 5.06
C PHE A 32 0.13 12.47 4.83
N HIS A 33 0.08 13.67 4.27
CA HIS A 33 1.27 14.49 4.03
C HIS A 33 1.88 14.92 5.39
N HIS A 34 0.99 15.10 6.34
CA HIS A 34 1.28 15.50 7.72
C HIS A 34 2.09 14.40 8.42
N MET A 35 1.87 13.16 8.02
CA MET A 35 2.54 11.97 8.61
C MET A 35 4.05 12.03 8.49
N PHE A 36 4.56 12.76 7.51
CA PHE A 36 5.99 12.87 7.33
C PHE A 36 6.61 13.79 8.37
N ALA A 37 5.84 14.72 8.85
CA ALA A 37 6.32 15.65 9.84
C ALA A 37 5.92 15.19 11.20
N GLY A 38 6.82 14.53 11.88
CA GLY A 38 6.54 14.03 13.19
C GLY A 38 7.10 12.64 13.36
N LYS A 39 6.75 12.01 14.44
CA LYS A 39 7.20 10.66 14.72
C LYS A 39 6.07 9.67 14.52
N PRO A 40 6.39 8.41 14.16
CA PRO A 40 5.39 7.35 13.95
C PRO A 40 4.56 7.07 15.20
N HIS A 41 3.43 6.40 15.02
CA HIS A 41 2.57 6.08 16.11
C HIS A 41 3.09 4.92 16.90
N HIS A 42 3.54 5.23 18.11
CA HIS A 42 4.05 4.24 19.02
C HIS A 42 2.92 3.32 19.42
N VAL A 43 3.14 2.05 19.29
CA VAL A 43 2.14 1.08 19.60
C VAL A 43 2.58 0.27 20.81
N SER A 44 1.69 0.07 21.74
CA SER A 44 2.03 -0.64 22.93
C SER A 44 1.79 -2.13 22.70
N LYS A 45 2.86 -2.84 22.53
CA LYS A 45 2.85 -4.25 22.32
C LYS A 45 3.81 -4.88 23.28
N ALA A 46 3.54 -6.07 23.69
CA ALA A 46 4.47 -6.80 24.51
C ALA A 46 5.58 -7.29 23.61
N SER A 47 5.22 -8.22 22.71
CA SER A 47 6.10 -8.84 21.69
C SER A 47 7.36 -9.53 22.28
N PRO A 48 7.82 -10.64 21.67
CA PRO A 48 9.06 -11.27 22.07
C PRO A 48 10.23 -10.40 21.64
N GLY A 49 10.77 -9.65 22.57
CA GLY A 49 11.85 -8.75 22.25
C GLY A 49 13.18 -9.31 22.61
N ASN A 50 14.21 -8.71 22.09
CA ASN A 50 15.57 -9.14 22.37
C ASN A 50 16.05 -8.47 23.65
N ILE A 51 16.01 -9.25 24.73
CA ILE A 51 16.32 -8.79 26.09
C ILE A 51 15.18 -7.88 26.58
N GLN A 52 14.27 -8.46 27.35
CA GLN A 52 13.08 -7.79 27.84
C GLN A 52 13.43 -6.49 28.56
N GLY A 53 12.89 -5.43 28.06
CA GLY A 53 13.14 -4.11 28.56
C GLY A 53 13.01 -3.14 27.43
N CYS A 54 14.13 -2.69 26.92
CA CYS A 54 14.12 -1.81 25.79
C CYS A 54 15.43 -1.95 25.03
N ASP A 55 15.32 -2.00 23.74
CA ASP A 55 16.46 -2.03 22.86
C ASP A 55 16.04 -1.30 21.62
N LEU A 56 16.96 -0.62 20.97
CA LEU A 56 16.60 0.12 19.79
C LEU A 56 16.48 -0.83 18.59
N HIS A 57 15.46 -1.65 18.62
CA HIS A 57 15.20 -2.63 17.60
C HIS A 57 14.18 -2.06 16.65
N GLU A 58 14.63 -1.61 15.52
CA GLU A 58 13.78 -0.92 14.58
C GLU A 58 13.52 -1.77 13.36
N GLY A 59 12.33 -1.65 12.84
CA GLY A 59 11.97 -2.33 11.61
C GLY A 59 12.03 -1.35 10.48
N ASP A 60 12.73 -0.26 10.72
CA ASP A 60 12.89 0.82 9.78
C ASP A 60 14.14 0.58 8.94
N TRP A 61 13.98 0.65 7.64
CA TRP A 61 15.09 0.41 6.71
C TRP A 61 15.56 1.72 6.07
N GLY A 62 15.08 2.84 6.57
CA GLY A 62 15.42 4.10 5.94
C GLY A 62 14.34 4.51 4.96
N THR A 63 13.19 3.85 5.05
CA THR A 63 12.04 4.07 4.19
C THR A 63 12.25 3.43 2.80
N VAL A 64 13.17 3.95 2.02
CA VAL A 64 13.44 3.39 0.71
C VAL A 64 14.15 2.06 0.86
N GLY A 65 13.58 1.01 0.32
CA GLY A 65 14.17 -0.30 0.43
C GLY A 65 13.56 -1.13 1.54
N SER A 66 12.60 -0.55 2.23
CA SER A 66 11.98 -1.24 3.35
C SER A 66 11.09 -2.38 2.89
N ILE A 67 11.09 -3.44 3.67
CA ILE A 67 10.24 -4.56 3.48
C ILE A 67 9.56 -4.86 4.78
N VAL A 68 8.28 -4.72 4.80
CA VAL A 68 7.48 -4.97 5.98
C VAL A 68 6.28 -5.79 5.52
N PHE A 69 5.73 -6.60 6.37
CA PHE A 69 4.61 -7.38 5.97
C PHE A 69 3.37 -7.00 6.74
N TRP A 70 2.25 -7.02 6.06
CA TRP A 70 1.00 -6.65 6.68
C TRP A 70 0.24 -7.85 6.92
N ASN A 71 -0.32 -7.89 8.02
CA ASN A 71 -1.18 -8.96 8.39
C ASN A 71 -2.54 -8.39 8.67
N TYR A 72 -3.52 -8.95 8.07
CA TYR A 72 -4.88 -8.51 8.24
C TYR A 72 -5.79 -9.67 7.93
N VAL A 73 -7.03 -9.55 8.22
CA VAL A 73 -7.93 -10.65 8.03
C VAL A 73 -8.95 -10.33 6.95
N HIS A 74 -9.06 -11.22 6.00
CA HIS A 74 -10.05 -11.12 4.95
C HIS A 74 -10.59 -12.48 4.68
N ASP A 75 -11.91 -12.59 4.65
CA ASP A 75 -12.63 -13.84 4.36
C ASP A 75 -12.33 -14.86 5.47
N GLY A 76 -12.05 -14.32 6.66
CA GLY A 76 -11.72 -15.14 7.80
C GLY A 76 -10.27 -15.61 7.78
N GLU A 77 -9.60 -15.45 6.66
CA GLU A 77 -8.23 -15.88 6.53
C GLU A 77 -7.29 -14.71 6.76
N ALA A 78 -6.20 -14.98 7.40
CA ALA A 78 -5.19 -13.98 7.60
C ALA A 78 -4.43 -13.79 6.31
N LYS A 79 -4.52 -12.62 5.76
CA LYS A 79 -3.89 -12.29 4.51
C LYS A 79 -2.61 -11.56 4.80
N VAL A 80 -1.66 -11.67 3.90
CA VAL A 80 -0.39 -11.03 4.09
C VAL A 80 -0.10 -10.12 2.91
N ALA A 81 0.39 -8.94 3.19
CA ALA A 81 0.77 -8.03 2.16
C ALA A 81 2.27 -7.97 2.10
N LYS A 82 2.76 -7.95 0.91
CA LYS A 82 4.13 -8.10 0.59
C LYS A 82 4.60 -6.92 -0.23
N GLU A 83 5.62 -6.23 0.26
CA GLU A 83 6.05 -4.98 -0.29
C GLU A 83 7.54 -4.81 -0.19
N ARG A 84 8.05 -4.06 -1.11
CA ARG A 84 9.39 -3.57 -1.08
C ARG A 84 9.26 -2.14 -1.55
N ILE A 85 9.71 -1.20 -0.75
CA ILE A 85 9.58 0.20 -1.13
C ILE A 85 10.60 0.59 -2.17
N GLU A 86 10.11 1.05 -3.31
CA GLU A 86 10.95 1.45 -4.43
C GLU A 86 11.22 2.94 -4.41
N ALA A 87 10.20 3.71 -4.12
CA ALA A 87 10.28 5.15 -4.14
C ALA A 87 9.19 5.73 -3.28
N VAL A 88 9.44 6.90 -2.75
CA VAL A 88 8.49 7.59 -1.92
C VAL A 88 8.61 9.11 -2.11
N GLU A 89 7.48 9.77 -2.20
CA GLU A 89 7.44 11.23 -2.24
C GLU A 89 6.74 11.71 -1.00
N PRO A 90 7.45 12.29 -0.04
CA PRO A 90 6.83 12.88 1.15
C PRO A 90 6.05 14.14 0.77
N ASP A 91 6.52 14.80 -0.28
CA ASP A 91 5.90 16.03 -0.79
C ASP A 91 4.68 15.75 -1.66
N LYS A 92 4.75 14.71 -2.43
CA LYS A 92 3.68 14.43 -3.38
C LYS A 92 2.78 13.33 -2.91
N ASN A 93 3.04 12.84 -1.70
CA ASN A 93 2.27 11.72 -1.10
C ASN A 93 2.29 10.47 -2.00
N LEU A 94 3.48 10.06 -2.42
CA LEU A 94 3.62 8.95 -3.34
C LEU A 94 4.42 7.83 -2.70
N ILE A 95 4.03 6.62 -2.97
CA ILE A 95 4.74 5.46 -2.47
C ILE A 95 4.63 4.29 -3.47
N THR A 96 5.76 3.81 -3.90
CA THR A 96 5.85 2.71 -4.85
C THR A 96 6.17 1.38 -4.14
N PHE A 97 5.29 0.39 -4.31
CA PHE A 97 5.43 -0.94 -3.70
C PHE A 97 5.78 -1.98 -4.78
N ARG A 98 6.80 -2.76 -4.53
CA ARG A 98 7.11 -3.91 -5.39
C ARG A 98 6.77 -5.18 -4.66
N VAL A 99 6.13 -6.12 -5.31
CA VAL A 99 5.86 -7.38 -4.68
C VAL A 99 7.04 -8.30 -4.86
N ILE A 100 7.53 -8.80 -3.74
CA ILE A 100 8.72 -9.64 -3.72
C ILE A 100 8.39 -11.10 -3.51
N GLU A 101 7.36 -11.38 -2.74
CA GLU A 101 7.03 -12.72 -2.33
C GLU A 101 6.28 -13.45 -3.47
N GLY A 102 6.52 -14.74 -3.57
CA GLY A 102 6.09 -15.58 -4.66
C GLY A 102 4.58 -15.66 -4.97
N ASP A 103 3.67 -15.48 -4.00
CA ASP A 103 2.20 -15.68 -4.29
C ASP A 103 1.70 -14.90 -5.49
N LEU A 104 1.98 -13.63 -5.54
CA LEU A 104 1.55 -12.81 -6.65
C LEU A 104 2.40 -13.07 -7.90
N MET A 105 3.62 -13.55 -7.66
CA MET A 105 4.57 -13.86 -8.72
C MET A 105 4.21 -15.17 -9.42
N LYS A 106 3.22 -15.86 -8.91
CA LYS A 106 2.74 -17.10 -9.53
C LYS A 106 1.73 -16.73 -10.61
N GLU A 107 1.21 -15.53 -10.50
CA GLU A 107 0.19 -15.06 -11.41
C GLU A 107 0.84 -14.11 -12.43
N TYR A 108 1.80 -13.32 -11.96
CA TYR A 108 2.48 -12.32 -12.77
C TYR A 108 3.96 -12.52 -12.66
N LYS A 109 4.70 -12.17 -13.68
CA LYS A 109 6.14 -12.34 -13.63
C LYS A 109 6.75 -11.17 -12.88
N SER A 110 6.02 -10.08 -12.86
CA SER A 110 6.42 -8.88 -12.20
C SER A 110 5.17 -8.12 -11.84
N PHE A 111 5.12 -7.57 -10.65
CA PHE A 111 3.96 -6.82 -10.20
C PHE A 111 4.38 -5.72 -9.23
N LEU A 112 4.12 -4.50 -9.62
CA LEU A 112 4.37 -3.37 -8.77
C LEU A 112 3.13 -2.51 -8.73
N LEU A 113 2.97 -1.81 -7.66
CA LEU A 113 1.86 -0.94 -7.51
C LEU A 113 2.30 0.33 -6.82
N THR A 114 1.84 1.42 -7.30
CA THR A 114 2.22 2.69 -6.78
C THR A 114 0.97 3.48 -6.43
N ILE A 115 0.93 4.06 -5.26
CA ILE A 115 -0.23 4.83 -4.85
C ILE A 115 0.16 6.25 -4.52
N GLN A 116 -0.72 7.17 -4.82
CA GLN A 116 -0.48 8.55 -4.51
C GLN A 116 -1.77 9.17 -4.00
N VAL A 117 -1.71 9.78 -2.83
CA VAL A 117 -2.88 10.32 -2.16
C VAL A 117 -3.00 11.83 -2.36
N THR A 118 -4.10 12.26 -2.93
CA THR A 118 -4.31 13.68 -3.13
C THR A 118 -5.81 13.98 -2.81
N PRO A 119 -6.13 15.23 -2.41
CA PRO A 119 -7.52 15.64 -2.11
C PRO A 119 -8.44 15.65 -3.34
N LYS A 120 -9.73 15.70 -3.08
CA LYS A 120 -10.76 15.78 -4.10
C LYS A 120 -12.11 16.22 -3.46
N PRO A 121 -12.77 15.38 -2.57
CA PRO A 121 -13.92 15.87 -1.80
C PRO A 121 -13.49 16.95 -0.79
N GLY A 122 -12.52 16.63 0.05
CA GLY A 122 -12.01 17.62 0.98
C GLY A 122 -12.14 17.20 2.42
N GLY A 123 -11.02 16.92 3.05
CA GLY A 123 -11.02 16.49 4.43
C GLY A 123 -11.33 15.02 4.52
N PRO A 124 -12.48 14.63 5.12
CA PRO A 124 -12.94 13.26 5.08
C PRO A 124 -13.34 12.90 3.66
N GLY A 125 -12.39 12.40 2.95
CA GLY A 125 -12.58 12.09 1.59
C GLY A 125 -11.40 12.55 0.80
N SER A 126 -10.48 11.66 0.62
CA SER A 126 -9.30 11.91 -0.15
C SER A 126 -9.14 10.78 -1.12
N ILE A 127 -8.53 11.02 -2.24
CA ILE A 127 -8.42 10.02 -3.24
C ILE A 127 -7.05 9.41 -3.26
N VAL A 128 -7.01 8.14 -3.20
CA VAL A 128 -5.78 7.44 -3.34
C VAL A 128 -5.75 6.82 -4.72
N HIS A 129 -4.81 7.27 -5.51
CA HIS A 129 -4.69 6.82 -6.87
C HIS A 129 -3.80 5.61 -6.92
N TRP A 130 -4.37 4.51 -7.31
CA TRP A 130 -3.63 3.27 -7.41
C TRP A 130 -3.21 3.04 -8.82
N HIS A 131 -1.94 2.90 -9.01
CA HIS A 131 -1.40 2.56 -10.29
C HIS A 131 -0.75 1.19 -10.15
N LEU A 132 -1.33 0.23 -10.78
CA LEU A 132 -0.80 -1.11 -10.73
C LEU A 132 -0.19 -1.39 -12.07
N GLU A 133 1.03 -1.83 -12.09
CA GLU A 133 1.69 -2.10 -13.33
C GLU A 133 2.37 -3.45 -13.19
N TYR A 134 2.10 -4.31 -14.13
CA TYR A 134 2.52 -5.68 -14.00
C TYR A 134 2.71 -6.38 -15.34
N GLU A 135 3.31 -7.53 -15.30
CA GLU A 135 3.52 -8.28 -16.49
C GLU A 135 2.88 -9.67 -16.35
N LYS A 136 1.96 -9.98 -17.26
CA LYS A 136 1.33 -11.30 -17.29
C LYS A 136 2.35 -12.33 -17.65
N ILE A 137 2.28 -13.48 -17.03
CA ILE A 137 3.10 -14.59 -17.46
C ILE A 137 2.43 -15.15 -18.69
N SER A 138 1.14 -15.05 -18.63
CA SER A 138 0.22 -15.44 -19.62
C SER A 138 -1.08 -14.77 -19.18
N GLU A 139 -2.02 -14.63 -20.05
CA GLU A 139 -3.27 -13.92 -19.72
C GLU A 139 -4.10 -14.64 -18.68
N GLU A 140 -4.46 -15.87 -19.00
CA GLU A 140 -5.37 -16.68 -18.19
C GLU A 140 -4.82 -16.98 -16.81
N VAL A 141 -3.53 -16.84 -16.64
CA VAL A 141 -2.92 -17.13 -15.33
C VAL A 141 -3.01 -15.89 -14.42
N ALA A 142 -3.26 -14.76 -15.03
CA ALA A 142 -3.35 -13.50 -14.32
C ALA A 142 -4.78 -13.27 -13.87
N HIS A 143 -4.96 -12.45 -12.84
CA HIS A 143 -6.29 -12.18 -12.30
C HIS A 143 -6.38 -10.72 -11.82
N PRO A 144 -6.75 -9.78 -12.72
CA PRO A 144 -6.91 -8.34 -12.35
C PRO A 144 -7.98 -8.15 -11.27
N GLU A 145 -8.86 -9.12 -11.16
CA GLU A 145 -9.97 -9.12 -10.21
C GLU A 145 -9.44 -9.06 -8.78
N THR A 146 -8.47 -9.91 -8.50
CA THR A 146 -7.93 -10.09 -7.19
C THR A 146 -7.06 -8.91 -6.80
N LEU A 147 -6.45 -8.30 -7.80
CA LEU A 147 -5.62 -7.13 -7.61
C LEU A 147 -6.43 -6.00 -7.02
N LEU A 148 -7.63 -5.80 -7.54
CA LEU A 148 -8.52 -4.77 -7.02
C LEU A 148 -8.91 -5.08 -5.59
N GLN A 149 -9.18 -6.35 -5.32
CA GLN A 149 -9.54 -6.80 -3.97
C GLN A 149 -8.40 -6.47 -3.00
N PHE A 150 -7.16 -6.74 -3.44
CA PHE A 150 -5.96 -6.44 -2.67
C PHE A 150 -5.90 -4.94 -2.39
N CYS A 151 -6.22 -4.15 -3.41
CA CYS A 151 -6.24 -2.71 -3.27
C CYS A 151 -7.28 -2.28 -2.24
N VAL A 152 -8.49 -2.83 -2.33
CA VAL A 152 -9.57 -2.49 -1.41
C VAL A 152 -9.19 -2.82 0.04
N GLU A 153 -8.63 -3.99 0.24
CA GLU A 153 -8.24 -4.43 1.57
C GLU A 153 -7.13 -3.58 2.15
N VAL A 154 -6.22 -3.13 1.33
CA VAL A 154 -5.17 -2.25 1.79
C VAL A 154 -5.74 -0.84 2.02
N SER A 155 -6.69 -0.43 1.18
CA SER A 155 -7.34 0.87 1.29
C SER A 155 -7.98 1.05 2.67
N LYS A 156 -8.72 0.05 3.12
CA LYS A 156 -9.38 0.10 4.42
C LYS A 156 -8.36 0.13 5.57
N GLU A 157 -7.21 -0.51 5.38
CA GLU A 157 -6.14 -0.53 6.38
C GLU A 157 -5.47 0.83 6.51
N ILE A 158 -5.06 1.38 5.38
CA ILE A 158 -4.34 2.65 5.35
C ILE A 158 -5.29 3.77 5.83
N ASP A 159 -6.55 3.65 5.46
CA ASP A 159 -7.63 4.57 5.86
C ASP A 159 -7.74 4.62 7.39
N GLU A 160 -7.85 3.44 8.00
CA GLU A 160 -7.99 3.29 9.41
C GLU A 160 -6.68 3.71 10.09
N HIS A 161 -5.57 3.45 9.45
CA HIS A 161 -4.27 3.79 10.02
C HIS A 161 -4.15 5.31 10.23
N LEU A 162 -4.70 6.10 9.32
CA LEU A 162 -4.61 7.55 9.41
C LEU A 162 -5.57 8.13 10.44
N LEU A 163 -6.78 7.62 10.48
CA LEU A 163 -7.77 8.14 11.40
C LEU A 163 -7.63 7.52 12.76
N ALA A 164 -7.37 6.22 12.76
CA ALA A 164 -7.25 5.40 13.94
C ALA A 164 -8.46 5.56 14.84
N GLU A 165 -9.53 4.90 14.44
CA GLU A 165 -10.80 5.04 15.11
C GLU A 165 -11.00 4.03 16.22
N GLU A 166 -11.92 4.35 17.10
CA GLU A 166 -12.25 3.55 18.23
C GLU A 166 -13.60 4.00 18.75
N THR A 10 -10.59 -12.09 -20.42
CA THR A 10 -9.39 -11.66 -19.79
C THR A 10 -8.17 -12.32 -20.42
N GLU A 11 -7.66 -11.71 -21.45
CA GLU A 11 -6.41 -12.11 -22.03
C GLU A 11 -5.64 -10.90 -22.47
N ALA A 12 -4.37 -11.06 -22.64
CA ALA A 12 -3.49 -9.97 -22.98
C ALA A 12 -2.26 -10.49 -23.65
N SER A 13 -2.25 -10.43 -24.95
CA SER A 13 -1.16 -10.92 -25.74
C SER A 13 0.08 -10.04 -25.60
N SER A 14 -0.13 -8.77 -25.28
CA SER A 14 0.96 -7.82 -25.06
C SER A 14 1.76 -8.20 -23.79
N LEU A 15 1.20 -9.12 -22.98
CA LEU A 15 1.74 -9.62 -21.71
C LEU A 15 1.89 -8.57 -20.60
N VAL A 16 2.22 -7.37 -20.95
CA VAL A 16 2.28 -6.32 -19.98
C VAL A 16 0.85 -5.80 -19.72
N GLY A 17 0.54 -5.49 -18.47
CA GLY A 17 -0.78 -5.03 -18.16
C GLY A 17 -0.79 -4.03 -17.05
N LYS A 18 -1.92 -3.39 -16.90
CA LYS A 18 -2.12 -2.34 -15.92
C LYS A 18 -3.39 -2.49 -15.19
N LEU A 19 -3.44 -1.88 -14.05
CA LEU A 19 -4.67 -1.69 -13.37
C LEU A 19 -4.62 -0.34 -12.71
N GLU A 20 -5.59 0.47 -12.99
CA GLU A 20 -5.63 1.78 -12.44
C GLU A 20 -7.04 2.05 -11.91
N THR A 21 -7.16 2.44 -10.67
CA THR A 21 -8.46 2.63 -10.06
C THR A 21 -8.42 3.74 -8.99
N ASP A 22 -9.58 4.24 -8.60
CA ASP A 22 -9.70 5.25 -7.56
C ASP A 22 -10.38 4.65 -6.36
N VAL A 23 -9.69 4.62 -5.27
CA VAL A 23 -10.29 4.17 -4.04
C VAL A 23 -10.45 5.37 -3.17
N GLU A 24 -11.56 5.49 -2.53
CA GLU A 24 -11.79 6.63 -1.72
C GLU A 24 -11.50 6.28 -0.28
N ILE A 25 -10.84 7.18 0.40
CA ILE A 25 -10.52 6.98 1.79
C ILE A 25 -11.24 8.03 2.61
N LYS A 26 -11.18 7.92 3.90
CA LYS A 26 -11.86 8.84 4.79
C LYS A 26 -10.88 9.88 5.29
N ALA A 27 -9.63 9.50 5.39
CA ALA A 27 -8.59 10.39 5.81
C ALA A 27 -8.19 11.34 4.68
N SER A 28 -7.45 12.36 5.00
CA SER A 28 -7.02 13.31 4.01
C SER A 28 -5.55 13.14 3.71
N ALA A 29 -5.15 13.60 2.55
CA ALA A 29 -3.76 13.55 2.09
C ALA A 29 -2.88 14.38 3.01
N ASP A 30 -3.50 15.37 3.62
CA ASP A 30 -2.86 16.25 4.56
C ASP A 30 -2.34 15.45 5.74
N LYS A 31 -3.19 14.64 6.34
CA LYS A 31 -2.78 13.89 7.50
C LYS A 31 -1.90 12.72 7.16
N PHE A 32 -2.05 12.23 5.93
CA PHE A 32 -1.21 11.16 5.39
C PHE A 32 0.27 11.53 5.55
N HIS A 33 0.56 12.82 5.43
CA HIS A 33 1.92 13.32 5.59
C HIS A 33 2.38 13.09 7.01
N HIS A 34 1.55 13.53 7.95
CA HIS A 34 1.87 13.52 9.39
C HIS A 34 2.10 12.10 9.88
N MET A 35 1.39 11.17 9.29
CA MET A 35 1.45 9.79 9.72
C MET A 35 2.76 9.11 9.35
N PHE A 36 3.34 9.46 8.21
CA PHE A 36 4.56 8.77 7.80
C PHE A 36 5.81 9.64 7.90
N ALA A 37 5.67 10.94 7.68
CA ALA A 37 6.80 11.88 7.73
C ALA A 37 6.32 13.30 7.50
N GLY A 38 6.10 14.00 8.56
CA GLY A 38 5.67 15.37 8.46
C GLY A 38 6.72 16.28 9.03
N LYS A 39 6.29 17.36 9.64
CA LYS A 39 7.23 18.25 10.28
C LYS A 39 7.62 17.68 11.65
N PRO A 40 8.85 18.00 12.14
CA PRO A 40 9.39 17.50 13.43
C PRO A 40 8.37 17.50 14.58
N HIS A 41 7.59 18.56 14.69
CA HIS A 41 6.58 18.64 15.71
C HIS A 41 5.37 17.82 15.29
N HIS A 42 5.35 16.60 15.72
CA HIS A 42 4.27 15.70 15.43
C HIS A 42 3.33 15.67 16.61
N VAL A 43 2.06 15.85 16.37
CA VAL A 43 1.10 15.70 17.42
C VAL A 43 0.79 14.23 17.55
N SER A 44 1.37 13.63 18.55
CA SER A 44 1.26 12.21 18.78
C SER A 44 -0.03 11.89 19.51
N LYS A 45 -0.23 10.63 19.83
CA LYS A 45 -1.41 10.20 20.53
C LYS A 45 -1.43 10.75 21.94
N ALA A 46 -2.62 10.97 22.47
CA ALA A 46 -2.78 11.41 23.85
C ALA A 46 -2.39 10.26 24.77
N SER A 47 -2.64 9.07 24.28
CA SER A 47 -2.26 7.85 24.94
C SER A 47 -0.73 7.79 25.04
N PRO A 48 -0.18 7.35 26.20
CA PRO A 48 1.29 7.23 26.40
C PRO A 48 1.95 6.36 25.33
N GLY A 49 1.20 5.40 24.80
CA GLY A 49 1.70 4.58 23.76
C GLY A 49 2.27 3.30 24.31
N ASN A 50 1.50 2.63 25.15
CA ASN A 50 1.93 1.39 25.74
C ASN A 50 1.76 0.25 24.75
N ILE A 51 2.71 0.12 23.90
CA ILE A 51 2.72 -0.92 22.90
C ILE A 51 4.05 -1.63 22.98
N GLN A 52 4.02 -2.92 23.10
CA GLN A 52 5.22 -3.71 23.19
C GLN A 52 5.94 -3.69 21.85
N GLY A 53 7.02 -2.96 21.81
CA GLY A 53 7.78 -2.86 20.60
C GLY A 53 7.31 -1.72 19.75
N CYS A 54 7.59 -0.53 20.18
CA CYS A 54 7.26 0.64 19.41
C CYS A 54 8.44 0.95 18.50
N ASP A 55 8.34 0.51 17.26
CA ASP A 55 9.42 0.73 16.32
C ASP A 55 9.24 2.08 15.68
N LEU A 56 9.68 3.09 16.39
CA LEU A 56 9.56 4.45 15.94
C LEU A 56 10.91 4.97 15.52
N HIS A 57 11.83 5.04 16.46
CA HIS A 57 13.16 5.54 16.18
C HIS A 57 14.00 4.42 15.64
N GLU A 58 13.79 3.24 16.16
CA GLU A 58 14.55 2.08 15.77
C GLU A 58 13.96 1.44 14.52
N GLY A 59 12.72 1.81 14.24
CA GLY A 59 12.04 1.27 13.09
C GLY A 59 12.29 2.12 11.87
N ASP A 60 13.52 2.19 11.45
CA ASP A 60 13.87 2.98 10.30
C ASP A 60 14.77 2.26 9.35
N TRP A 61 14.27 2.06 8.17
CA TRP A 61 15.00 1.43 7.10
C TRP A 61 15.44 2.49 6.09
N GLY A 62 15.37 3.75 6.51
CA GLY A 62 15.73 4.84 5.64
C GLY A 62 14.56 5.29 4.82
N THR A 63 13.37 4.82 5.20
CA THR A 63 12.12 5.09 4.52
C THR A 63 12.07 4.33 3.17
N VAL A 64 12.81 4.81 2.19
CA VAL A 64 12.89 4.15 0.92
C VAL A 64 13.74 2.88 1.07
N GLY A 65 13.20 1.75 0.68
CA GLY A 65 13.90 0.51 0.83
C GLY A 65 13.41 -0.26 2.02
N SER A 66 12.45 0.32 2.72
CA SER A 66 11.85 -0.30 3.87
C SER A 66 11.15 -1.58 3.48
N ILE A 67 11.42 -2.62 4.21
CA ILE A 67 10.80 -3.89 3.99
C ILE A 67 10.19 -4.38 5.27
N VAL A 68 8.91 -4.51 5.26
CA VAL A 68 8.14 -4.98 6.38
C VAL A 68 7.13 -5.95 5.85
N PHE A 69 6.61 -6.78 6.69
CA PHE A 69 5.62 -7.72 6.25
C PHE A 69 4.37 -7.48 7.00
N TRP A 70 3.33 -7.22 6.30
CA TRP A 70 2.12 -6.88 6.92
C TRP A 70 1.12 -8.00 6.73
N ASN A 71 0.41 -8.30 7.79
CA ASN A 71 -0.60 -9.34 7.79
C ASN A 71 -1.98 -8.72 7.77
N TYR A 72 -2.80 -9.20 6.91
CA TYR A 72 -4.16 -8.74 6.82
C TYR A 72 -5.03 -9.95 6.63
N VAL A 73 -6.27 -9.86 6.99
CA VAL A 73 -7.13 -10.99 6.88
C VAL A 73 -8.06 -10.80 5.73
N HIS A 74 -8.12 -11.77 4.85
CA HIS A 74 -8.97 -11.73 3.71
C HIS A 74 -9.65 -13.06 3.55
N ASP A 75 -10.98 -13.04 3.72
CA ASP A 75 -11.85 -14.24 3.65
C ASP A 75 -11.51 -15.25 4.71
N GLY A 76 -11.00 -14.76 5.81
CA GLY A 76 -10.69 -15.64 6.90
C GLY A 76 -9.28 -16.17 6.88
N GLU A 77 -8.52 -15.96 5.81
CA GLU A 77 -7.13 -16.38 5.85
C GLU A 77 -6.27 -15.23 6.25
N ALA A 78 -5.19 -15.55 6.89
CA ALA A 78 -4.21 -14.57 7.23
C ALA A 78 -3.29 -14.42 6.04
N LYS A 79 -3.30 -13.27 5.47
CA LYS A 79 -2.54 -13.00 4.30
C LYS A 79 -1.37 -12.18 4.70
N VAL A 80 -0.28 -12.43 4.09
CA VAL A 80 0.90 -11.69 4.37
C VAL A 80 1.57 -11.31 3.07
N ALA A 81 1.91 -10.07 2.96
CA ALA A 81 2.51 -9.55 1.78
C ALA A 81 3.93 -9.22 2.03
N LYS A 82 4.78 -9.55 1.09
CA LYS A 82 6.13 -9.20 1.20
C LYS A 82 6.32 -8.03 0.26
N GLU A 83 6.75 -6.92 0.81
CA GLU A 83 6.76 -5.69 0.10
C GLU A 83 8.05 -4.94 0.29
N ARG A 84 8.32 -4.07 -0.64
CA ARG A 84 9.45 -3.20 -0.61
C ARG A 84 9.04 -1.80 -1.04
N ILE A 85 9.36 -0.80 -0.24
CA ILE A 85 9.07 0.58 -0.62
C ILE A 85 10.10 1.06 -1.63
N GLU A 86 9.64 1.48 -2.77
CA GLU A 86 10.50 1.90 -3.87
C GLU A 86 10.67 3.39 -3.99
N ALA A 87 9.61 4.11 -3.79
CA ALA A 87 9.65 5.54 -3.91
C ALA A 87 8.56 6.14 -3.08
N VAL A 88 8.85 7.24 -2.46
CA VAL A 88 7.88 7.94 -1.67
C VAL A 88 8.11 9.45 -1.77
N GLU A 89 7.09 10.15 -2.18
CA GLU A 89 7.11 11.57 -2.33
C GLU A 89 6.27 12.20 -1.24
N PRO A 90 6.90 12.87 -0.26
CA PRO A 90 6.17 13.54 0.81
C PRO A 90 5.26 14.64 0.26
N ASP A 91 5.80 15.44 -0.64
CA ASP A 91 5.05 16.55 -1.22
C ASP A 91 4.10 16.10 -2.30
N LYS A 92 4.48 15.11 -3.06
CA LYS A 92 3.64 14.67 -4.17
C LYS A 92 2.65 13.59 -3.77
N ASN A 93 2.67 13.20 -2.49
CA ASN A 93 1.73 12.18 -1.92
C ASN A 93 1.81 10.86 -2.68
N LEU A 94 3.00 10.48 -3.08
CA LEU A 94 3.18 9.34 -3.95
C LEU A 94 4.00 8.26 -3.27
N ILE A 95 3.64 7.02 -3.46
CA ILE A 95 4.40 5.92 -2.91
C ILE A 95 4.29 4.65 -3.79
N THR A 96 5.42 4.15 -4.18
CA THR A 96 5.56 2.96 -4.99
C THR A 96 5.91 1.71 -4.11
N PHE A 97 5.15 0.60 -4.28
CA PHE A 97 5.41 -0.64 -3.58
C PHE A 97 5.83 -1.68 -4.61
N ARG A 98 6.82 -2.47 -4.28
CA ARG A 98 7.23 -3.56 -5.15
C ARG A 98 6.84 -4.85 -4.46
N VAL A 99 6.33 -5.82 -5.20
CA VAL A 99 6.08 -7.08 -4.59
C VAL A 99 7.39 -7.87 -4.66
N ILE A 100 7.84 -8.36 -3.57
CA ILE A 100 9.07 -9.11 -3.56
C ILE A 100 8.79 -10.60 -3.53
N GLU A 101 7.73 -10.96 -2.82
CA GLU A 101 7.28 -12.32 -2.72
C GLU A 101 5.79 -12.20 -2.35
N GLY A 102 5.01 -13.20 -2.66
CA GLY A 102 3.63 -13.14 -2.33
C GLY A 102 2.79 -13.91 -3.30
N ASP A 103 1.54 -14.12 -2.91
CA ASP A 103 0.53 -14.84 -3.71
C ASP A 103 0.42 -14.29 -5.13
N LEU A 104 0.58 -12.98 -5.27
CA LEU A 104 0.48 -12.30 -6.56
C LEU A 104 1.54 -12.78 -7.56
N MET A 105 2.65 -13.30 -7.06
CA MET A 105 3.75 -13.78 -7.91
C MET A 105 3.35 -15.09 -8.64
N LYS A 106 2.22 -15.66 -8.26
CA LYS A 106 1.76 -16.90 -8.89
C LYS A 106 0.92 -16.60 -10.13
N GLU A 107 0.59 -15.34 -10.30
CA GLU A 107 -0.21 -14.90 -11.43
C GLU A 107 0.56 -13.87 -12.24
N TYR A 108 1.32 -13.06 -11.55
CA TYR A 108 2.10 -12.01 -12.15
C TYR A 108 3.53 -12.26 -11.81
N LYS A 109 4.39 -12.19 -12.77
CA LYS A 109 5.82 -12.46 -12.56
C LYS A 109 6.55 -11.20 -12.17
N SER A 110 5.80 -10.14 -12.03
CA SER A 110 6.28 -8.86 -11.64
C SER A 110 5.06 -8.00 -11.37
N PHE A 111 5.13 -7.19 -10.34
CA PHE A 111 4.02 -6.39 -9.93
C PHE A 111 4.53 -5.18 -9.16
N LEU A 112 4.29 -4.02 -9.73
CA LEU A 112 4.71 -2.78 -9.14
C LEU A 112 3.48 -1.93 -8.86
N LEU A 113 3.38 -1.42 -7.66
CA LEU A 113 2.23 -0.64 -7.27
C LEU A 113 2.66 0.75 -7.03
N THR A 114 1.95 1.69 -7.51
CA THR A 114 2.19 3.02 -7.15
C THR A 114 0.88 3.67 -6.78
N ILE A 115 0.79 4.22 -5.60
CA ILE A 115 -0.43 4.87 -5.19
C ILE A 115 -0.13 6.32 -4.92
N GLN A 116 -1.10 7.15 -5.15
CA GLN A 116 -0.94 8.54 -4.91
C GLN A 116 -2.25 9.10 -4.42
N VAL A 117 -2.22 9.75 -3.29
CA VAL A 117 -3.40 10.30 -2.68
C VAL A 117 -3.52 11.76 -3.09
N THR A 118 -4.56 12.09 -3.78
CA THR A 118 -4.70 13.44 -4.23
C THR A 118 -5.83 14.19 -3.59
N PRO A 119 -5.67 15.52 -3.52
CA PRO A 119 -6.70 16.50 -3.09
C PRO A 119 -7.83 16.60 -4.13
N LYS A 120 -8.24 15.45 -4.63
CA LYS A 120 -9.25 15.33 -5.68
C LYS A 120 -10.58 16.06 -5.29
N PRO A 121 -11.20 15.79 -4.10
CA PRO A 121 -12.38 16.54 -3.64
C PRO A 121 -11.99 17.86 -2.94
N GLY A 122 -10.72 17.99 -2.63
CA GLY A 122 -10.23 19.19 -1.98
C GLY A 122 -9.25 18.84 -0.90
N GLY A 123 -9.19 19.67 0.12
CA GLY A 123 -8.33 19.39 1.27
C GLY A 123 -8.94 18.30 2.12
N PRO A 124 -10.05 18.60 2.84
CA PRO A 124 -10.81 17.59 3.54
C PRO A 124 -11.49 16.67 2.51
N GLY A 125 -11.07 15.44 2.49
CA GLY A 125 -11.54 14.54 1.49
C GLY A 125 -10.45 14.29 0.49
N SER A 126 -9.96 13.10 0.43
CA SER A 126 -8.90 12.76 -0.47
C SER A 126 -9.18 11.39 -1.09
N ILE A 127 -8.78 11.23 -2.33
CA ILE A 127 -9.00 9.99 -3.05
C ILE A 127 -7.66 9.42 -3.42
N VAL A 128 -7.53 8.14 -3.36
CA VAL A 128 -6.27 7.52 -3.68
C VAL A 128 -6.33 6.84 -5.04
N HIS A 129 -5.41 7.24 -5.88
CA HIS A 129 -5.32 6.67 -7.18
C HIS A 129 -4.33 5.53 -7.13
N TRP A 130 -4.78 4.39 -7.52
CA TRP A 130 -3.91 3.26 -7.57
C TRP A 130 -3.47 3.04 -8.99
N HIS A 131 -2.20 3.05 -9.18
CA HIS A 131 -1.62 2.79 -10.46
C HIS A 131 -0.81 1.52 -10.32
N LEU A 132 -1.25 0.48 -10.94
CA LEU A 132 -0.62 -0.80 -10.85
C LEU A 132 -0.10 -1.22 -12.20
N GLU A 133 1.10 -1.69 -12.24
CA GLU A 133 1.68 -2.21 -13.45
C GLU A 133 2.29 -3.55 -13.16
N TYR A 134 1.94 -4.52 -13.96
CA TYR A 134 2.33 -5.88 -13.71
C TYR A 134 2.55 -6.67 -14.98
N GLU A 135 3.34 -7.70 -14.87
CA GLU A 135 3.73 -8.52 -15.99
C GLU A 135 2.97 -9.84 -15.94
N LYS A 136 2.24 -10.13 -16.99
CA LYS A 136 1.47 -11.37 -17.08
C LYS A 136 2.38 -12.55 -17.32
N ILE A 137 2.24 -13.57 -16.50
CA ILE A 137 2.92 -14.83 -16.75
C ILE A 137 2.28 -15.43 -17.97
N SER A 138 0.99 -15.38 -17.98
CA SER A 138 0.21 -15.84 -19.07
C SER A 138 -1.07 -15.02 -19.09
N GLU A 139 -1.78 -15.07 -20.17
CA GLU A 139 -2.96 -14.23 -20.39
C GLU A 139 -4.09 -14.61 -19.45
N GLU A 140 -4.55 -15.84 -19.55
CA GLU A 140 -5.67 -16.35 -18.77
C GLU A 140 -5.30 -16.47 -17.30
N VAL A 141 -4.02 -16.51 -17.04
CA VAL A 141 -3.51 -16.70 -15.69
C VAL A 141 -3.58 -15.41 -14.87
N ALA A 142 -3.57 -14.29 -15.56
CA ALA A 142 -3.61 -13.01 -14.91
C ALA A 142 -5.04 -12.51 -14.82
N HIS A 143 -5.41 -12.00 -13.67
CA HIS A 143 -6.75 -11.48 -13.48
C HIS A 143 -6.75 -10.18 -12.70
N PRO A 144 -6.81 -9.03 -13.40
CA PRO A 144 -6.85 -7.67 -12.79
C PRO A 144 -7.73 -7.55 -11.53
N GLU A 145 -8.81 -8.31 -11.50
CA GLU A 145 -9.71 -8.35 -10.36
C GLU A 145 -9.01 -8.71 -9.06
N THR A 146 -8.00 -9.56 -9.12
CA THR A 146 -7.34 -10.01 -7.93
C THR A 146 -6.56 -8.88 -7.30
N LEU A 147 -6.09 -7.96 -8.14
CA LEU A 147 -5.38 -6.82 -7.65
C LEU A 147 -6.35 -5.89 -6.98
N LEU A 148 -7.57 -5.78 -7.53
CA LEU A 148 -8.62 -4.99 -6.90
C LEU A 148 -8.92 -5.54 -5.52
N GLN A 149 -8.85 -6.86 -5.40
CA GLN A 149 -9.08 -7.53 -4.12
C GLN A 149 -7.97 -7.17 -3.15
N PHE A 150 -6.76 -7.03 -3.67
CA PHE A 150 -5.63 -6.65 -2.88
C PHE A 150 -5.74 -5.17 -2.48
N CYS A 151 -6.03 -4.33 -3.47
CA CYS A 151 -6.17 -2.90 -3.30
C CYS A 151 -7.24 -2.55 -2.27
N VAL A 152 -8.42 -3.17 -2.39
CA VAL A 152 -9.54 -2.85 -1.51
C VAL A 152 -9.21 -3.11 -0.02
N GLU A 153 -8.56 -4.21 0.23
CA GLU A 153 -8.20 -4.61 1.59
C GLU A 153 -7.15 -3.66 2.15
N VAL A 154 -6.15 -3.36 1.33
CA VAL A 154 -5.09 -2.45 1.73
C VAL A 154 -5.64 -1.03 1.92
N SER A 155 -6.63 -0.65 1.11
CA SER A 155 -7.27 0.65 1.24
C SER A 155 -7.92 0.80 2.60
N LYS A 156 -8.61 -0.24 3.06
CA LYS A 156 -9.25 -0.23 4.36
C LYS A 156 -8.18 -0.10 5.44
N GLU A 157 -7.14 -0.92 5.31
CA GLU A 157 -6.03 -0.99 6.24
C GLU A 157 -5.30 0.36 6.36
N ILE A 158 -4.93 0.93 5.23
CA ILE A 158 -4.14 2.14 5.20
C ILE A 158 -4.99 3.34 5.70
N ASP A 159 -6.28 3.35 5.35
CA ASP A 159 -7.18 4.43 5.76
C ASP A 159 -7.39 4.45 7.27
N GLU A 160 -7.68 3.30 7.85
CA GLU A 160 -7.84 3.19 9.31
C GLU A 160 -6.52 3.44 10.00
N HIS A 161 -5.43 3.10 9.34
CA HIS A 161 -4.12 3.36 9.87
C HIS A 161 -3.93 4.89 10.00
N LEU A 162 -4.50 5.63 9.06
CA LEU A 162 -4.44 7.08 9.07
C LEU A 162 -5.42 7.66 10.08
N LEU A 163 -6.67 7.15 10.08
CA LEU A 163 -7.72 7.67 10.97
C LEU A 163 -7.42 7.31 12.40
N ALA A 164 -6.99 6.06 12.59
CA ALA A 164 -6.64 5.48 13.89
C ALA A 164 -7.77 5.62 14.92
N GLU A 165 -8.98 5.76 14.43
CA GLU A 165 -10.14 5.95 15.27
C GLU A 165 -10.73 4.64 15.71
N GLU A 166 -11.31 4.67 16.87
CA GLU A 166 -12.02 3.57 17.48
C GLU A 166 -13.10 4.16 18.34
N THR A 10 -7.74 -16.40 -26.99
CA THR A 10 -6.86 -15.74 -26.14
C THR A 10 -5.52 -15.56 -26.79
N GLU A 11 -4.93 -14.46 -26.46
CA GLU A 11 -3.61 -14.04 -26.87
C GLU A 11 -3.35 -12.67 -26.35
N ALA A 12 -2.10 -12.32 -26.26
CA ALA A 12 -1.69 -11.04 -25.78
C ALA A 12 -0.30 -10.75 -26.29
N SER A 13 -0.20 -9.82 -27.20
CA SER A 13 1.06 -9.49 -27.83
C SER A 13 2.07 -8.92 -26.84
N SER A 14 1.62 -8.04 -25.99
CA SER A 14 2.50 -7.37 -25.06
C SER A 14 2.66 -8.13 -23.75
N LEU A 15 1.56 -8.72 -23.26
CA LEU A 15 1.49 -9.35 -21.93
C LEU A 15 1.73 -8.36 -20.80
N VAL A 16 1.63 -7.10 -21.12
CA VAL A 16 1.74 -6.06 -20.13
C VAL A 16 0.36 -5.75 -19.66
N GLY A 17 0.19 -5.64 -18.39
CA GLY A 17 -1.10 -5.39 -17.84
C GLY A 17 -1.07 -4.21 -16.91
N LYS A 18 -2.14 -3.49 -16.87
CA LYS A 18 -2.26 -2.36 -16.01
C LYS A 18 -3.56 -2.46 -15.31
N LEU A 19 -3.67 -1.82 -14.22
CA LEU A 19 -4.93 -1.63 -13.62
C LEU A 19 -4.89 -0.34 -12.86
N GLU A 20 -5.89 0.45 -13.01
CA GLU A 20 -5.95 1.67 -12.28
C GLU A 20 -7.31 1.82 -11.67
N THR A 21 -7.34 2.27 -10.46
CA THR A 21 -8.56 2.45 -9.76
C THR A 21 -8.38 3.57 -8.76
N ASP A 22 -9.42 4.32 -8.55
CA ASP A 22 -9.39 5.36 -7.57
C ASP A 22 -10.26 4.96 -6.42
N VAL A 23 -9.75 5.09 -5.26
CA VAL A 23 -10.50 4.80 -4.09
C VAL A 23 -10.68 6.07 -3.31
N GLU A 24 -11.86 6.31 -2.88
CA GLU A 24 -12.14 7.53 -2.20
C GLU A 24 -12.14 7.26 -0.71
N ILE A 25 -11.30 7.94 0.01
CA ILE A 25 -11.13 7.67 1.42
C ILE A 25 -11.68 8.82 2.27
N LYS A 26 -11.66 8.62 3.56
CA LYS A 26 -12.13 9.60 4.52
C LYS A 26 -10.94 10.32 5.10
N ALA A 27 -9.82 9.64 5.11
CA ALA A 27 -8.59 10.19 5.57
C ALA A 27 -8.10 11.29 4.62
N SER A 28 -7.35 12.21 5.16
CA SER A 28 -6.84 13.30 4.39
C SER A 28 -5.42 13.05 3.92
N ALA A 29 -5.12 13.59 2.76
CA ALA A 29 -3.82 13.52 2.14
C ALA A 29 -2.80 14.20 3.04
N ASP A 30 -3.25 15.26 3.68
CA ASP A 30 -2.45 16.01 4.64
C ASP A 30 -1.97 15.12 5.77
N LYS A 31 -2.83 14.21 6.19
CA LYS A 31 -2.52 13.30 7.28
C LYS A 31 -1.50 12.27 6.84
N PHE A 32 -1.62 11.84 5.59
CA PHE A 32 -0.69 10.89 4.99
C PHE A 32 0.72 11.52 5.01
N HIS A 33 0.74 12.82 4.76
CA HIS A 33 1.95 13.62 4.75
C HIS A 33 2.60 13.69 6.15
N HIS A 34 1.79 13.72 7.19
CA HIS A 34 2.32 13.83 8.57
C HIS A 34 2.90 12.53 9.06
N MET A 35 2.12 11.47 8.94
CA MET A 35 2.45 10.17 9.50
C MET A 35 3.77 9.57 8.98
N PHE A 36 4.14 9.90 7.74
CA PHE A 36 5.37 9.36 7.20
C PHE A 36 6.55 10.25 7.56
N ALA A 37 6.29 11.53 7.70
CA ALA A 37 7.33 12.49 8.01
C ALA A 37 7.70 12.44 9.48
N GLY A 38 6.70 12.37 10.33
CA GLY A 38 6.94 12.32 11.75
C GLY A 38 7.18 10.90 12.20
N LYS A 39 7.79 10.74 13.35
CA LYS A 39 8.07 9.41 13.86
C LYS A 39 7.26 9.07 15.09
N PRO A 40 6.18 8.30 14.93
CA PRO A 40 5.44 7.75 16.05
C PRO A 40 6.21 6.54 16.57
N HIS A 41 6.11 6.25 17.86
CA HIS A 41 6.86 5.13 18.43
C HIS A 41 6.29 3.82 17.88
N HIS A 42 5.01 3.82 17.62
CA HIS A 42 4.30 2.73 16.96
C HIS A 42 3.22 3.31 16.14
N VAL A 43 2.73 2.56 15.21
CA VAL A 43 1.65 3.01 14.38
C VAL A 43 0.36 3.05 15.19
N SER A 44 -0.61 3.76 14.68
CA SER A 44 -1.88 3.92 15.33
C SER A 44 -2.59 2.60 15.56
N LYS A 45 -3.29 2.55 16.68
CA LYS A 45 -4.03 1.39 17.15
C LYS A 45 -3.09 0.23 17.44
N ALA A 46 -2.70 -0.50 16.37
CA ALA A 46 -1.83 -1.69 16.40
C ALA A 46 -2.45 -2.83 17.21
N SER A 47 -2.62 -2.59 18.47
CA SER A 47 -3.17 -3.53 19.38
C SER A 47 -4.69 -3.39 19.40
N PRO A 48 -5.42 -4.47 19.69
CA PRO A 48 -6.85 -4.39 19.95
C PRO A 48 -7.04 -3.90 21.40
N GLY A 49 -8.09 -4.31 22.05
CA GLY A 49 -8.27 -3.95 23.45
C GLY A 49 -7.42 -4.84 24.36
N ASN A 50 -6.16 -4.95 24.03
CA ASN A 50 -5.21 -5.83 24.69
C ASN A 50 -3.88 -5.09 24.73
N ILE A 51 -3.10 -5.30 25.76
CA ILE A 51 -1.83 -4.64 25.92
C ILE A 51 -0.72 -5.36 25.17
N GLN A 52 -0.21 -4.71 24.17
CA GLN A 52 0.90 -5.24 23.42
C GLN A 52 2.10 -4.32 23.55
N GLY A 53 3.25 -4.85 23.28
CA GLY A 53 4.45 -4.11 23.33
C GLY A 53 5.40 -4.62 22.29
N CYS A 54 6.66 -4.23 22.41
CA CYS A 54 7.72 -4.63 21.49
C CYS A 54 7.55 -4.00 20.10
N ASP A 55 8.59 -4.01 19.33
CA ASP A 55 8.57 -3.40 18.01
C ASP A 55 8.72 -4.45 16.95
N LEU A 56 8.24 -4.17 15.76
CA LEU A 56 8.36 -5.09 14.66
C LEU A 56 9.71 -4.88 14.00
N HIS A 57 10.64 -5.76 14.28
CA HIS A 57 11.97 -5.63 13.76
C HIS A 57 12.09 -6.35 12.41
N GLU A 58 11.12 -7.19 12.11
CA GLU A 58 11.11 -7.86 10.82
C GLU A 58 10.67 -6.90 9.74
N GLY A 59 11.62 -6.24 9.16
CA GLY A 59 11.36 -5.29 8.15
C GLY A 59 11.31 -3.89 8.72
N ASP A 60 10.71 -2.99 7.98
CA ASP A 60 10.58 -1.57 8.37
C ASP A 60 11.95 -0.89 8.51
N TRP A 61 12.35 -0.29 7.43
CA TRP A 61 13.60 0.42 7.35
C TRP A 61 13.34 1.92 7.41
N GLY A 62 12.10 2.29 7.16
CA GLY A 62 11.69 3.69 7.25
C GLY A 62 12.03 4.52 6.03
N THR A 63 12.86 3.98 5.17
CA THR A 63 13.33 4.67 4.00
C THR A 63 12.93 3.92 2.72
N VAL A 64 13.29 4.45 1.57
CA VAL A 64 13.03 3.78 0.31
C VAL A 64 13.85 2.48 0.26
N GLY A 65 13.26 1.44 -0.27
CA GLY A 65 13.91 0.15 -0.29
C GLY A 65 13.46 -0.70 0.88
N SER A 66 12.68 -0.08 1.76
CA SER A 66 12.19 -0.74 2.94
C SER A 66 11.24 -1.85 2.57
N ILE A 67 11.35 -2.93 3.28
CA ILE A 67 10.50 -4.05 3.13
C ILE A 67 9.74 -4.22 4.42
N VAL A 68 8.45 -4.23 4.32
CA VAL A 68 7.58 -4.33 5.48
C VAL A 68 6.63 -5.48 5.24
N PHE A 69 6.11 -6.08 6.30
CA PHE A 69 5.17 -7.16 6.15
C PHE A 69 3.94 -6.85 6.93
N TRP A 70 2.84 -6.82 6.25
CA TRP A 70 1.61 -6.54 6.88
C TRP A 70 0.68 -7.72 6.71
N ASN A 71 -0.12 -7.99 7.71
CA ASN A 71 -1.03 -9.11 7.71
C ASN A 71 -2.44 -8.59 7.60
N TYR A 72 -3.21 -9.18 6.75
CA TYR A 72 -4.58 -8.78 6.54
C TYR A 72 -5.43 -10.02 6.36
N VAL A 73 -6.70 -9.92 6.62
CA VAL A 73 -7.54 -11.07 6.49
C VAL A 73 -8.39 -10.96 5.26
N HIS A 74 -8.20 -11.88 4.37
CA HIS A 74 -8.90 -11.91 3.12
C HIS A 74 -9.25 -13.35 2.81
N ASP A 75 -10.51 -13.58 2.48
CA ASP A 75 -11.11 -14.91 2.25
C ASP A 75 -11.10 -15.71 3.54
N GLY A 76 -11.12 -15.00 4.65
CA GLY A 76 -11.08 -15.64 5.95
C GLY A 76 -9.67 -16.05 6.37
N GLU A 77 -8.72 -15.99 5.46
CA GLU A 77 -7.35 -16.31 5.77
C GLU A 77 -6.57 -15.07 6.09
N ALA A 78 -5.68 -15.19 7.01
CA ALA A 78 -4.80 -14.12 7.29
C ALA A 78 -3.65 -14.26 6.32
N LYS A 79 -3.53 -13.32 5.47
CA LYS A 79 -2.57 -13.37 4.42
C LYS A 79 -1.51 -12.30 4.65
N VAL A 80 -0.37 -12.51 4.08
CA VAL A 80 0.75 -11.62 4.28
C VAL A 80 1.08 -10.95 2.97
N ALA A 81 1.43 -9.71 3.07
CA ALA A 81 1.85 -8.95 1.93
C ALA A 81 3.32 -8.70 2.07
N LYS A 82 4.09 -9.24 1.14
CA LYS A 82 5.48 -9.00 1.12
C LYS A 82 5.75 -7.98 0.05
N GLU A 83 6.30 -6.88 0.46
CA GLU A 83 6.42 -5.71 -0.37
C GLU A 83 7.77 -5.05 -0.17
N ARG A 84 8.12 -4.22 -1.12
CA ARG A 84 9.31 -3.43 -1.05
C ARG A 84 8.98 -2.02 -1.52
N ILE A 85 9.48 -1.02 -0.82
CA ILE A 85 9.33 0.35 -1.26
C ILE A 85 10.24 0.60 -2.45
N GLU A 86 9.67 1.02 -3.55
CA GLU A 86 10.45 1.24 -4.76
C GLU A 86 10.77 2.75 -4.88
N ALA A 87 9.79 3.57 -4.53
CA ALA A 87 9.92 5.02 -4.55
C ALA A 87 8.92 5.61 -3.59
N VAL A 88 9.28 6.68 -2.93
CA VAL A 88 8.38 7.30 -1.98
C VAL A 88 8.56 8.82 -1.94
N GLU A 89 7.46 9.53 -1.94
CA GLU A 89 7.48 10.95 -1.83
C GLU A 89 6.49 11.36 -0.76
N PRO A 90 6.96 11.77 0.41
CA PRO A 90 6.09 12.20 1.49
C PRO A 90 5.38 13.50 1.17
N ASP A 91 6.01 14.33 0.35
CA ASP A 91 5.47 15.65 0.04
C ASP A 91 4.30 15.56 -0.93
N LYS A 92 4.39 14.62 -1.82
CA LYS A 92 3.35 14.43 -2.82
C LYS A 92 2.42 13.31 -2.42
N ASN A 93 2.65 12.72 -1.23
CA ASN A 93 1.82 11.62 -0.69
C ASN A 93 1.84 10.44 -1.65
N LEU A 94 3.03 10.12 -2.12
CA LEU A 94 3.22 9.11 -3.15
C LEU A 94 4.05 7.97 -2.61
N ILE A 95 3.64 6.77 -2.92
CA ILE A 95 4.37 5.60 -2.52
C ILE A 95 4.23 4.48 -3.57
N THR A 96 5.35 4.06 -4.06
CA THR A 96 5.41 2.99 -5.03
C THR A 96 5.78 1.65 -4.33
N PHE A 97 4.90 0.67 -4.44
CA PHE A 97 5.10 -0.64 -3.84
C PHE A 97 5.51 -1.64 -4.92
N ARG A 98 6.42 -2.50 -4.58
CA ARG A 98 6.93 -3.51 -5.48
C ARG A 98 6.78 -4.85 -4.77
N VAL A 99 6.02 -5.78 -5.36
CA VAL A 99 5.79 -7.06 -4.71
C VAL A 99 7.05 -7.90 -4.77
N ILE A 100 7.36 -8.59 -3.71
CA ILE A 100 8.56 -9.41 -3.68
C ILE A 100 8.23 -10.91 -3.69
N GLU A 101 7.24 -11.31 -2.93
CA GLU A 101 6.87 -12.70 -2.83
C GLU A 101 5.39 -12.85 -2.51
N GLY A 102 4.79 -13.91 -3.02
CA GLY A 102 3.40 -14.18 -2.75
C GLY A 102 2.71 -14.70 -3.99
N ASP A 103 1.38 -14.69 -3.95
CA ASP A 103 0.53 -15.20 -5.06
C ASP A 103 0.76 -14.42 -6.33
N LEU A 104 0.94 -13.12 -6.19
CA LEU A 104 1.06 -12.23 -7.33
C LEU A 104 2.27 -12.55 -8.20
N MET A 105 3.35 -12.95 -7.57
CA MET A 105 4.60 -13.25 -8.28
C MET A 105 4.49 -14.58 -9.05
N LYS A 106 3.40 -15.30 -8.85
CA LYS A 106 3.23 -16.60 -9.49
C LYS A 106 2.65 -16.48 -10.89
N GLU A 107 2.20 -15.28 -11.23
CA GLU A 107 1.71 -15.01 -12.58
C GLU A 107 2.29 -13.73 -13.08
N TYR A 108 2.54 -12.83 -12.22
CA TYR A 108 3.08 -11.64 -12.65
C TYR A 108 4.52 -11.70 -12.26
N LYS A 109 5.38 -11.61 -13.22
CA LYS A 109 6.82 -11.67 -12.98
C LYS A 109 7.31 -10.35 -12.42
N SER A 110 6.42 -9.38 -12.43
CA SER A 110 6.64 -8.11 -11.87
C SER A 110 5.28 -7.45 -11.63
N PHE A 111 5.11 -6.89 -10.47
CA PHE A 111 3.89 -6.21 -10.10
C PHE A 111 4.26 -4.97 -9.31
N LEU A 112 4.07 -3.86 -9.93
CA LEU A 112 4.40 -2.60 -9.34
C LEU A 112 3.11 -1.81 -9.18
N LEU A 113 2.88 -1.30 -8.02
CA LEU A 113 1.69 -0.52 -7.79
C LEU A 113 2.04 0.74 -7.08
N THR A 114 1.53 1.81 -7.55
CA THR A 114 1.83 3.08 -6.98
C THR A 114 0.54 3.73 -6.53
N ILE A 115 0.53 4.21 -5.31
CA ILE A 115 -0.61 4.91 -4.81
C ILE A 115 -0.23 6.31 -4.44
N GLN A 116 -1.13 7.22 -4.62
CA GLN A 116 -0.89 8.57 -4.24
C GLN A 116 -2.18 9.16 -3.72
N VAL A 117 -2.11 9.74 -2.55
CA VAL A 117 -3.28 10.31 -1.95
C VAL A 117 -3.33 11.78 -2.27
N THR A 118 -4.29 12.15 -3.03
CA THR A 118 -4.39 13.47 -3.54
C THR A 118 -5.63 14.18 -2.95
N PRO A 119 -5.47 15.43 -2.45
CA PRO A 119 -6.59 16.21 -1.98
C PRO A 119 -7.42 16.69 -3.17
N LYS A 120 -8.33 15.84 -3.58
CA LYS A 120 -9.15 16.07 -4.75
C LYS A 120 -10.45 16.83 -4.42
N PRO A 121 -11.30 16.36 -3.47
CA PRO A 121 -12.53 17.10 -3.11
C PRO A 121 -12.20 18.26 -2.16
N GLY A 122 -11.11 18.12 -1.46
CA GLY A 122 -10.68 19.09 -0.53
C GLY A 122 -9.72 18.46 0.44
N GLY A 123 -9.70 18.96 1.64
CA GLY A 123 -8.83 18.43 2.66
C GLY A 123 -9.34 17.12 3.24
N PRO A 124 -10.36 17.17 4.13
CA PRO A 124 -10.97 15.97 4.69
C PRO A 124 -11.59 15.11 3.60
N GLY A 125 -11.27 13.84 3.61
CA GLY A 125 -11.75 12.95 2.58
C GLY A 125 -11.00 13.16 1.29
N SER A 126 -9.87 12.52 1.17
CA SER A 126 -9.05 12.64 0.00
C SER A 126 -9.25 11.45 -0.94
N ILE A 127 -8.64 11.52 -2.10
CA ILE A 127 -8.78 10.51 -3.11
C ILE A 127 -7.46 9.82 -3.32
N VAL A 128 -7.48 8.54 -3.30
CA VAL A 128 -6.27 7.79 -3.51
C VAL A 128 -6.24 7.19 -4.90
N HIS A 129 -5.22 7.53 -5.63
CA HIS A 129 -5.04 7.06 -6.98
C HIS A 129 -4.18 5.82 -6.97
N TRP A 130 -4.75 4.69 -7.32
CA TRP A 130 -3.99 3.46 -7.42
C TRP A 130 -3.66 3.22 -8.86
N HIS A 131 -2.40 3.13 -9.15
CA HIS A 131 -1.97 2.86 -10.47
C HIS A 131 -1.10 1.62 -10.42
N LEU A 132 -1.58 0.56 -10.99
CA LEU A 132 -0.92 -0.72 -10.96
C LEU A 132 -0.41 -1.07 -12.34
N GLU A 133 0.83 -1.50 -12.43
CA GLU A 133 1.44 -1.94 -13.66
C GLU A 133 2.14 -3.26 -13.40
N TYR A 134 1.86 -4.23 -14.22
CA TYR A 134 2.36 -5.55 -14.00
C TYR A 134 2.65 -6.29 -15.29
N GLU A 135 3.51 -7.25 -15.19
CA GLU A 135 3.99 -8.00 -16.32
C GLU A 135 3.44 -9.43 -16.22
N LYS A 136 2.70 -9.88 -17.22
CA LYS A 136 2.09 -11.20 -17.20
C LYS A 136 3.12 -12.26 -17.65
N ILE A 137 3.21 -13.34 -16.91
CA ILE A 137 4.01 -14.47 -17.33
C ILE A 137 3.19 -15.21 -18.39
N SER A 138 1.96 -15.42 -18.06
CA SER A 138 1.00 -16.05 -18.89
C SER A 138 -0.30 -15.26 -18.76
N GLU A 139 -1.38 -15.90 -19.05
CA GLU A 139 -2.68 -15.28 -18.97
C GLU A 139 -3.58 -16.12 -18.12
N GLU A 140 -3.31 -17.41 -18.13
CA GLU A 140 -4.12 -18.43 -17.50
C GLU A 140 -4.15 -18.23 -16.00
N VAL A 141 -3.16 -17.59 -15.50
CA VAL A 141 -2.99 -17.47 -14.06
C VAL A 141 -3.33 -16.03 -13.64
N ALA A 142 -3.27 -15.11 -14.61
CA ALA A 142 -3.54 -13.71 -14.39
C ALA A 142 -4.92 -13.49 -13.86
N HIS A 143 -5.00 -12.69 -12.85
CA HIS A 143 -6.23 -12.45 -12.17
C HIS A 143 -6.27 -11.09 -11.53
N PRO A 144 -6.69 -10.07 -12.31
CA PRO A 144 -6.89 -8.69 -11.80
C PRO A 144 -8.01 -8.65 -10.79
N GLU A 145 -8.75 -9.76 -10.74
CA GLU A 145 -9.82 -10.03 -9.82
C GLU A 145 -9.32 -9.81 -8.40
N THR A 146 -8.14 -10.35 -8.13
CA THR A 146 -7.58 -10.32 -6.81
C THR A 146 -6.88 -8.99 -6.56
N LEU A 147 -6.37 -8.39 -7.62
CA LEU A 147 -5.65 -7.13 -7.55
C LEU A 147 -6.54 -6.01 -7.08
N LEU A 148 -7.74 -5.95 -7.63
CA LEU A 148 -8.66 -4.96 -7.30
C LEU A 148 -9.19 -5.17 -5.88
N GLN A 149 -9.31 -6.43 -5.48
CA GLN A 149 -9.73 -6.73 -4.12
C GLN A 149 -8.62 -6.37 -3.14
N PHE A 150 -7.36 -6.64 -3.51
CA PHE A 150 -6.19 -6.28 -2.70
C PHE A 150 -6.22 -4.78 -2.43
N CYS A 151 -6.56 -4.04 -3.47
CA CYS A 151 -6.73 -2.61 -3.40
C CYS A 151 -7.76 -2.23 -2.34
N VAL A 152 -8.93 -2.86 -2.38
CA VAL A 152 -10.01 -2.58 -1.43
C VAL A 152 -9.59 -2.89 0.01
N GLU A 153 -8.93 -4.03 0.19
CA GLU A 153 -8.51 -4.49 1.51
C GLU A 153 -7.54 -3.49 2.13
N VAL A 154 -6.56 -3.08 1.32
CA VAL A 154 -5.58 -2.13 1.78
C VAL A 154 -6.22 -0.75 1.99
N SER A 155 -7.20 -0.39 1.15
CA SER A 155 -7.91 0.88 1.30
C SER A 155 -8.60 0.96 2.66
N LYS A 156 -9.22 -0.13 3.07
CA LYS A 156 -9.86 -0.20 4.38
C LYS A 156 -8.83 -0.01 5.46
N GLU A 157 -7.73 -0.72 5.31
CA GLU A 157 -6.65 -0.71 6.27
C GLU A 157 -6.06 0.68 6.42
N ILE A 158 -5.71 1.29 5.30
CA ILE A 158 -5.02 2.56 5.32
C ILE A 158 -5.92 3.71 5.75
N ASP A 159 -7.12 3.73 5.25
CA ASP A 159 -8.09 4.80 5.53
C ASP A 159 -8.39 4.90 7.02
N GLU A 160 -8.75 3.78 7.62
CA GLU A 160 -9.05 3.75 9.04
C GLU A 160 -7.79 3.98 9.87
N HIS A 161 -6.67 3.54 9.36
CA HIS A 161 -5.39 3.69 10.02
C HIS A 161 -5.00 5.17 10.12
N LEU A 162 -5.16 5.89 9.03
CA LEU A 162 -4.78 7.31 9.01
C LEU A 162 -5.65 8.14 9.93
N LEU A 163 -6.90 7.74 10.07
CA LEU A 163 -7.83 8.44 10.96
C LEU A 163 -7.43 8.27 12.43
N ALA A 164 -6.65 7.26 12.68
CA ALA A 164 -6.21 6.95 14.01
C ALA A 164 -4.91 7.69 14.42
N GLU A 165 -4.14 8.14 13.45
CA GLU A 165 -2.90 8.87 13.74
C GLU A 165 -2.88 10.30 13.20
N GLU A 166 -1.77 10.98 13.40
CA GLU A 166 -1.57 12.38 13.04
C GLU A 166 -1.67 12.67 11.53
N THR A 10 -9.42 -8.23 -22.94
CA THR A 10 -9.07 -9.02 -24.08
C THR A 10 -7.77 -9.73 -23.71
N GLU A 11 -7.43 -10.79 -24.43
CA GLU A 11 -6.19 -11.50 -24.22
C GLU A 11 -4.98 -10.55 -24.31
N ALA A 12 -4.00 -10.81 -23.48
CA ALA A 12 -2.86 -9.96 -23.37
C ALA A 12 -1.78 -10.31 -24.38
N SER A 13 -1.81 -9.62 -25.49
CA SER A 13 -0.84 -9.78 -26.54
C SER A 13 0.51 -9.19 -26.13
N SER A 14 0.45 -8.07 -25.45
CA SER A 14 1.63 -7.37 -25.02
C SER A 14 2.13 -7.93 -23.67
N LEU A 15 1.28 -8.76 -23.04
CA LEU A 15 1.51 -9.34 -21.69
C LEU A 15 1.60 -8.31 -20.56
N VAL A 16 2.26 -7.19 -20.79
CA VAL A 16 2.33 -6.15 -19.79
C VAL A 16 0.94 -5.54 -19.61
N GLY A 17 0.56 -5.38 -18.38
CA GLY A 17 -0.73 -4.90 -18.09
C GLY A 17 -0.72 -3.89 -17.00
N LYS A 18 -1.77 -3.19 -16.90
CA LYS A 18 -1.95 -2.17 -15.92
C LYS A 18 -3.26 -2.31 -15.26
N LEU A 19 -3.35 -1.75 -14.11
CA LEU A 19 -4.60 -1.60 -13.46
C LEU A 19 -4.56 -0.33 -12.66
N GLU A 20 -5.53 0.48 -12.82
CA GLU A 20 -5.60 1.69 -12.09
C GLU A 20 -6.99 1.87 -11.55
N THR A 21 -7.09 2.10 -10.28
CA THR A 21 -8.34 2.26 -9.61
C THR A 21 -8.22 3.34 -8.55
N ASP A 22 -9.21 4.17 -8.46
CA ASP A 22 -9.22 5.22 -7.47
C ASP A 22 -10.17 4.84 -6.34
N VAL A 23 -9.62 4.74 -5.15
CA VAL A 23 -10.39 4.41 -3.98
C VAL A 23 -10.50 5.64 -3.10
N GLU A 24 -11.65 5.89 -2.58
CA GLU A 24 -11.84 7.06 -1.80
C GLU A 24 -11.58 6.77 -0.36
N ILE A 25 -10.96 7.68 0.31
CA ILE A 25 -10.71 7.54 1.71
C ILE A 25 -11.21 8.78 2.45
N LYS A 26 -11.64 8.57 3.66
CA LYS A 26 -12.18 9.63 4.49
C LYS A 26 -11.04 10.41 5.12
N ALA A 27 -9.86 9.86 4.96
CA ALA A 27 -8.65 10.42 5.48
C ALA A 27 -8.34 11.76 4.84
N SER A 28 -7.53 12.52 5.51
CA SER A 28 -7.09 13.79 5.04
C SER A 28 -5.70 13.60 4.45
N ALA A 29 -5.45 14.18 3.29
CA ALA A 29 -4.18 14.02 2.60
C ALA A 29 -3.02 14.52 3.47
N ASP A 30 -3.25 15.55 4.25
CA ASP A 30 -2.22 16.09 5.12
C ASP A 30 -1.88 15.13 6.24
N LYS A 31 -2.88 14.47 6.80
CA LYS A 31 -2.64 13.50 7.87
C LYS A 31 -1.84 12.31 7.35
N PHE A 32 -2.03 12.00 6.08
CA PHE A 32 -1.29 10.95 5.40
C PHE A 32 0.16 11.44 5.20
N HIS A 33 0.29 12.70 4.81
CA HIS A 33 1.58 13.39 4.60
C HIS A 33 2.43 13.36 5.88
N HIS A 34 1.75 13.48 7.03
CA HIS A 34 2.43 13.52 8.33
C HIS A 34 3.12 12.24 8.70
N MET A 35 2.57 11.10 8.34
CA MET A 35 3.18 9.84 8.78
C MET A 35 4.48 9.54 8.03
N PHE A 36 4.60 10.07 6.82
CA PHE A 36 5.84 9.88 6.07
C PHE A 36 6.84 10.94 6.42
N ALA A 37 6.36 12.13 6.73
CA ALA A 37 7.22 13.21 7.14
C ALA A 37 7.25 13.31 8.65
N GLY A 38 7.97 12.40 9.25
CA GLY A 38 8.08 12.33 10.67
C GLY A 38 8.94 11.17 11.06
N LYS A 39 8.82 10.71 12.28
CA LYS A 39 9.62 9.60 12.75
C LYS A 39 8.78 8.33 12.79
N PRO A 40 9.34 7.19 12.28
CA PRO A 40 8.64 5.90 12.32
C PRO A 40 8.53 5.36 13.75
N HIS A 41 9.39 5.88 14.63
CA HIS A 41 9.39 5.49 16.03
C HIS A 41 8.72 6.59 16.83
N HIS A 42 8.00 6.20 17.85
CA HIS A 42 7.29 7.18 18.65
C HIS A 42 7.78 7.23 20.05
N VAL A 43 7.73 8.43 20.59
CA VAL A 43 8.16 8.74 21.93
C VAL A 43 9.66 8.52 22.06
N SER A 44 10.41 9.50 21.63
CA SER A 44 11.85 9.45 21.65
C SER A 44 12.40 9.74 23.04
N LYS A 45 11.58 10.37 23.84
CA LYS A 45 11.92 10.65 25.21
C LYS A 45 10.67 10.60 26.04
N ALA A 46 9.77 11.54 25.79
CA ALA A 46 8.54 11.64 26.53
C ALA A 46 7.44 12.18 25.65
N SER A 47 6.23 12.11 26.15
CA SER A 47 5.03 12.58 25.50
C SER A 47 3.96 12.73 26.60
N PRO A 48 2.76 13.30 26.30
CA PRO A 48 1.67 13.40 27.31
C PRO A 48 1.35 12.02 27.91
N GLY A 49 1.52 11.90 29.22
CA GLY A 49 1.34 10.63 29.90
C GLY A 49 2.65 9.88 29.95
N ASN A 50 3.29 9.81 28.80
CA ASN A 50 4.60 9.19 28.59
C ASN A 50 4.59 7.70 28.74
N ILE A 51 4.26 7.05 27.67
CA ILE A 51 4.30 5.63 27.57
C ILE A 51 4.98 5.30 26.26
N GLN A 52 6.19 4.84 26.36
CA GLN A 52 6.99 4.53 25.19
C GLN A 52 6.53 3.23 24.58
N GLY A 53 6.05 2.34 25.41
CA GLY A 53 5.56 1.06 24.96
C GLY A 53 6.69 0.07 24.88
N CYS A 54 7.73 0.46 24.17
CA CYS A 54 8.93 -0.31 23.96
C CYS A 54 8.66 -1.54 23.13
N ASP A 55 8.71 -1.36 21.83
CA ASP A 55 8.47 -2.44 20.90
C ASP A 55 9.75 -2.77 20.20
N LEU A 56 10.24 -1.80 19.45
CA LEU A 56 11.49 -1.89 18.71
C LEU A 56 11.53 -3.15 17.82
N HIS A 57 10.78 -3.09 16.75
CA HIS A 57 10.72 -4.20 15.80
C HIS A 57 10.95 -3.63 14.43
N GLU A 58 11.21 -4.48 13.45
CA GLU A 58 11.46 -3.99 12.12
C GLU A 58 10.18 -3.72 11.35
N GLY A 59 9.72 -2.51 11.43
CA GLY A 59 8.57 -2.10 10.70
C GLY A 59 9.02 -1.36 9.49
N ASP A 60 8.79 -0.08 9.45
CA ASP A 60 9.28 0.74 8.37
C ASP A 60 10.66 1.27 8.73
N TRP A 61 11.56 1.20 7.78
CA TRP A 61 12.94 1.62 7.97
C TRP A 61 13.07 3.14 7.99
N GLY A 62 12.03 3.84 7.55
CA GLY A 62 12.04 5.29 7.58
C GLY A 62 12.78 5.88 6.40
N THR A 63 13.09 5.06 5.43
CA THR A 63 13.79 5.48 4.24
C THR A 63 13.46 4.50 3.12
N VAL A 64 13.33 5.00 1.90
CA VAL A 64 13.04 4.18 0.71
C VAL A 64 14.02 2.99 0.60
N GLY A 65 13.52 1.86 0.19
CA GLY A 65 14.31 0.64 0.21
C GLY A 65 13.89 -0.18 1.40
N SER A 66 13.01 0.42 2.17
CA SER A 66 12.42 -0.14 3.35
C SER A 66 11.56 -1.33 2.99
N ILE A 67 11.60 -2.34 3.82
CA ILE A 67 10.78 -3.48 3.66
C ILE A 67 9.91 -3.63 4.87
N VAL A 68 8.65 -3.49 4.64
CA VAL A 68 7.64 -3.61 5.64
C VAL A 68 6.50 -4.36 5.03
N PHE A 69 5.88 -5.25 5.77
CA PHE A 69 4.83 -6.06 5.22
C PHE A 69 3.48 -5.63 5.71
N TRP A 70 2.49 -5.84 4.90
CA TRP A 70 1.14 -5.46 5.20
C TRP A 70 0.32 -6.70 5.51
N ASN A 71 -0.39 -6.66 6.60
CA ASN A 71 -1.28 -7.75 6.97
C ASN A 71 -2.70 -7.33 6.67
N TYR A 72 -3.43 -8.17 6.02
CA TYR A 72 -4.79 -7.85 5.66
C TYR A 72 -5.70 -9.04 5.89
N VAL A 73 -6.89 -8.78 6.30
CA VAL A 73 -7.84 -9.83 6.54
C VAL A 73 -8.86 -9.80 5.45
N HIS A 74 -8.93 -10.86 4.69
CA HIS A 74 -9.87 -10.93 3.58
C HIS A 74 -10.63 -12.23 3.66
N ASP A 75 -11.96 -12.13 3.74
CA ASP A 75 -12.88 -13.28 3.90
C ASP A 75 -12.64 -13.95 5.22
N GLY A 76 -12.23 -13.15 6.19
CA GLY A 76 -11.98 -13.63 7.52
C GLY A 76 -10.63 -14.32 7.64
N GLU A 77 -9.93 -14.46 6.55
CA GLU A 77 -8.67 -15.13 6.56
C GLU A 77 -7.58 -14.11 6.68
N ALA A 78 -6.68 -14.38 7.57
CA ALA A 78 -5.58 -13.48 7.83
C ALA A 78 -4.51 -13.73 6.81
N LYS A 79 -4.25 -12.74 6.02
CA LYS A 79 -3.30 -12.84 4.96
C LYS A 79 -2.25 -11.76 5.08
N VAL A 80 -1.13 -12.00 4.48
CA VAL A 80 -0.03 -11.08 4.51
C VAL A 80 0.39 -10.76 3.08
N ALA A 81 0.79 -9.56 2.87
CA ALA A 81 1.25 -9.08 1.62
C ALA A 81 2.73 -8.90 1.74
N LYS A 82 3.44 -9.24 0.71
CA LYS A 82 4.87 -9.16 0.75
C LYS A 82 5.32 -8.16 -0.29
N GLU A 83 6.02 -7.15 0.14
CA GLU A 83 6.38 -6.06 -0.68
C GLU A 83 7.65 -5.37 -0.18
N ARG A 84 8.16 -4.52 -1.01
CA ARG A 84 9.31 -3.70 -0.73
C ARG A 84 9.05 -2.28 -1.22
N ILE A 85 9.53 -1.29 -0.50
CA ILE A 85 9.42 0.09 -0.94
C ILE A 85 10.47 0.40 -1.98
N GLU A 86 10.02 0.80 -3.14
CA GLU A 86 10.90 1.12 -4.26
C GLU A 86 11.05 2.60 -4.41
N ALA A 87 9.99 3.31 -4.16
CA ALA A 87 9.99 4.75 -4.26
C ALA A 87 8.94 5.28 -3.33
N VAL A 88 9.26 6.32 -2.63
CA VAL A 88 8.31 6.93 -1.73
C VAL A 88 8.51 8.43 -1.72
N GLU A 89 7.46 9.15 -1.95
CA GLU A 89 7.52 10.56 -1.95
C GLU A 89 6.61 11.04 -0.85
N PRO A 90 7.19 11.51 0.26
CA PRO A 90 6.42 12.02 1.39
C PRO A 90 5.59 13.23 1.02
N ASP A 91 6.09 14.00 0.06
CA ASP A 91 5.44 15.24 -0.36
C ASP A 91 4.27 14.97 -1.29
N LYS A 92 4.40 13.98 -2.12
CA LYS A 92 3.36 13.67 -3.08
C LYS A 92 2.37 12.70 -2.52
N ASN A 93 2.65 12.19 -1.32
CA ASN A 93 1.81 11.15 -0.68
C ASN A 93 1.82 9.90 -1.55
N LEU A 94 2.99 9.56 -2.05
CA LEU A 94 3.18 8.46 -2.96
C LEU A 94 4.09 7.44 -2.38
N ILE A 95 3.75 6.20 -2.64
CA ILE A 95 4.56 5.08 -2.24
C ILE A 95 4.40 3.90 -3.23
N THR A 96 5.50 3.48 -3.78
CA THR A 96 5.56 2.38 -4.71
C THR A 96 5.97 1.07 -3.99
N PHE A 97 5.09 0.07 -4.08
CA PHE A 97 5.27 -1.25 -3.49
C PHE A 97 5.65 -2.25 -4.57
N ARG A 98 6.68 -3.01 -4.32
CA ARG A 98 7.10 -4.09 -5.21
C ARG A 98 6.87 -5.41 -4.54
N VAL A 99 6.17 -6.31 -5.19
CA VAL A 99 6.01 -7.65 -4.64
C VAL A 99 7.28 -8.46 -4.93
N ILE A 100 7.87 -8.99 -3.88
CA ILE A 100 9.18 -9.62 -3.99
C ILE A 100 9.14 -11.15 -3.77
N GLU A 101 8.08 -11.62 -3.15
CA GLU A 101 7.96 -13.01 -2.73
C GLU A 101 8.18 -14.15 -3.76
N GLY A 102 7.18 -14.47 -4.55
CA GLY A 102 7.28 -15.57 -5.47
C GLY A 102 5.91 -16.12 -5.85
N ASP A 103 5.02 -16.20 -4.88
CA ASP A 103 3.64 -16.73 -5.06
C ASP A 103 2.78 -15.82 -5.94
N LEU A 104 2.84 -14.51 -5.70
CA LEU A 104 2.16 -13.54 -6.57
C LEU A 104 2.92 -13.40 -7.88
N MET A 105 4.19 -13.69 -7.81
CA MET A 105 5.08 -13.69 -8.96
C MET A 105 4.77 -14.88 -9.89
N LYS A 106 3.87 -15.77 -9.46
CA LYS A 106 3.45 -16.87 -10.29
C LYS A 106 2.28 -16.48 -11.18
N GLU A 107 1.75 -15.30 -10.93
CA GLU A 107 0.68 -14.77 -11.75
C GLU A 107 1.23 -13.65 -12.64
N TYR A 108 2.22 -12.97 -12.12
CA TYR A 108 2.83 -11.86 -12.82
C TYR A 108 4.33 -12.04 -12.80
N LYS A 109 4.98 -11.75 -13.91
CA LYS A 109 6.43 -11.90 -14.01
C LYS A 109 7.09 -10.72 -13.29
N SER A 110 6.28 -9.73 -13.05
CA SER A 110 6.65 -8.54 -12.35
C SER A 110 5.37 -7.89 -11.92
N PHE A 111 5.35 -7.36 -10.72
CA PHE A 111 4.15 -6.75 -10.20
C PHE A 111 4.54 -5.57 -9.33
N LEU A 112 4.22 -4.40 -9.79
CA LEU A 112 4.55 -3.19 -9.10
C LEU A 112 3.28 -2.36 -8.93
N LEU A 113 3.09 -1.79 -7.78
CA LEU A 113 1.92 -0.96 -7.55
C LEU A 113 2.30 0.26 -6.76
N THR A 114 1.77 1.37 -7.16
CA THR A 114 2.03 2.61 -6.49
C THR A 114 0.72 3.22 -6.04
N ILE A 115 0.69 3.73 -4.84
CA ILE A 115 -0.48 4.40 -4.36
C ILE A 115 -0.13 5.84 -4.07
N GLN A 116 -1.04 6.72 -4.38
CA GLN A 116 -0.82 8.11 -4.16
C GLN A 116 -2.10 8.75 -3.66
N VAL A 117 -2.04 9.33 -2.50
CA VAL A 117 -3.20 9.93 -1.87
C VAL A 117 -3.23 11.43 -2.08
N THR A 118 -4.18 11.88 -2.84
CA THR A 118 -4.32 13.28 -3.10
C THR A 118 -5.83 13.62 -3.05
N PRO A 119 -6.20 14.86 -2.73
CA PRO A 119 -7.61 15.31 -2.66
C PRO A 119 -8.35 15.20 -4.01
N LYS A 120 -9.68 15.17 -3.94
CA LYS A 120 -10.53 15.08 -5.13
C LYS A 120 -11.81 15.94 -4.96
N PRO A 121 -12.61 15.80 -3.84
CA PRO A 121 -13.78 16.66 -3.60
C PRO A 121 -13.38 18.14 -3.49
N GLY A 122 -12.23 18.37 -2.90
CA GLY A 122 -11.72 19.70 -2.76
C GLY A 122 -10.65 19.74 -1.72
N GLY A 123 -10.93 20.40 -0.61
CA GLY A 123 -9.96 20.47 0.47
C GLY A 123 -9.83 19.13 1.17
N PRO A 124 -10.81 18.78 2.02
CA PRO A 124 -10.83 17.48 2.69
C PRO A 124 -11.32 16.40 1.73
N GLY A 125 -11.10 15.16 2.09
CA GLY A 125 -11.49 14.07 1.26
C GLY A 125 -10.38 13.72 0.30
N SER A 126 -9.69 12.67 0.57
CA SER A 126 -8.61 12.28 -0.26
C SER A 126 -8.91 10.99 -0.97
N ILE A 127 -8.29 10.80 -2.08
CA ILE A 127 -8.48 9.64 -2.87
C ILE A 127 -7.17 8.95 -2.99
N VAL A 128 -7.18 7.69 -2.84
CA VAL A 128 -6.00 6.93 -3.00
C VAL A 128 -5.97 6.38 -4.42
N HIS A 129 -5.03 6.87 -5.18
CA HIS A 129 -4.90 6.47 -6.55
C HIS A 129 -4.00 5.29 -6.61
N TRP A 130 -4.56 4.17 -6.97
CA TRP A 130 -3.79 2.98 -7.12
C TRP A 130 -3.38 2.85 -8.54
N HIS A 131 -2.13 2.81 -8.75
CA HIS A 131 -1.61 2.65 -10.04
C HIS A 131 -0.79 1.39 -10.03
N LEU A 132 -1.28 0.39 -10.69
CA LEU A 132 -0.63 -0.89 -10.72
C LEU A 132 -0.18 -1.14 -12.12
N GLU A 133 1.00 -1.62 -12.28
CA GLU A 133 1.49 -1.98 -13.55
C GLU A 133 2.33 -3.23 -13.37
N TYR A 134 2.06 -4.19 -14.15
CA TYR A 134 2.63 -5.49 -13.96
C TYR A 134 2.73 -6.22 -15.27
N GLU A 135 3.47 -7.27 -15.28
CA GLU A 135 3.59 -8.05 -16.48
C GLU A 135 2.94 -9.40 -16.25
N LYS A 136 1.91 -9.67 -17.02
CA LYS A 136 1.20 -10.91 -16.90
C LYS A 136 2.04 -12.02 -17.49
N ILE A 137 2.18 -13.14 -16.78
CA ILE A 137 2.98 -14.22 -17.33
C ILE A 137 2.22 -14.79 -18.49
N SER A 138 0.95 -14.85 -18.31
CA SER A 138 0.03 -15.23 -19.30
C SER A 138 -1.32 -14.65 -18.89
N GLU A 139 -2.21 -14.57 -19.83
CA GLU A 139 -3.51 -13.91 -19.74
C GLU A 139 -4.32 -14.35 -18.51
N GLU A 140 -4.76 -15.58 -18.55
CA GLU A 140 -5.64 -16.15 -17.53
C GLU A 140 -4.88 -16.50 -16.27
N VAL A 141 -3.58 -16.58 -16.40
CA VAL A 141 -2.73 -16.89 -15.28
C VAL A 141 -2.63 -15.65 -14.38
N ALA A 142 -2.87 -14.50 -14.97
CA ALA A 142 -2.90 -13.26 -14.23
C ALA A 142 -4.34 -12.98 -13.82
N HIS A 143 -4.54 -12.39 -12.67
CA HIS A 143 -5.89 -12.13 -12.20
C HIS A 143 -6.09 -10.70 -11.71
N PRO A 144 -6.47 -9.80 -12.64
CA PRO A 144 -6.69 -8.38 -12.34
C PRO A 144 -7.79 -8.15 -11.31
N GLU A 145 -8.80 -9.02 -11.30
CA GLU A 145 -9.95 -8.83 -10.42
C GLU A 145 -9.58 -8.97 -8.96
N THR A 146 -8.69 -9.88 -8.70
CA THR A 146 -8.25 -10.15 -7.35
C THR A 146 -7.46 -8.97 -6.79
N LEU A 147 -6.82 -8.23 -7.69
CA LEU A 147 -6.02 -7.07 -7.32
C LEU A 147 -6.91 -5.98 -6.73
N LEU A 148 -8.14 -5.85 -7.26
CA LEU A 148 -9.12 -4.88 -6.72
C LEU A 148 -9.41 -5.21 -5.30
N GLN A 149 -9.62 -6.46 -5.04
CA GLN A 149 -9.90 -6.91 -3.71
C GLN A 149 -8.76 -6.64 -2.74
N PHE A 150 -7.51 -6.86 -3.18
CA PHE A 150 -6.34 -6.50 -2.37
C PHE A 150 -6.34 -5.00 -2.10
N CYS A 151 -6.63 -4.26 -3.14
CA CYS A 151 -6.77 -2.82 -3.10
C CYS A 151 -7.79 -2.39 -2.03
N VAL A 152 -8.95 -3.02 -2.04
CA VAL A 152 -10.00 -2.72 -1.07
C VAL A 152 -9.52 -2.93 0.35
N GLU A 153 -8.89 -4.09 0.61
CA GLU A 153 -8.45 -4.47 1.96
C GLU A 153 -7.51 -3.43 2.54
N VAL A 154 -6.60 -2.98 1.72
CA VAL A 154 -5.65 -1.98 2.14
C VAL A 154 -6.34 -0.64 2.35
N SER A 155 -7.18 -0.26 1.39
CA SER A 155 -7.83 1.05 1.40
C SER A 155 -8.68 1.29 2.64
N LYS A 156 -9.55 0.35 2.95
CA LYS A 156 -10.45 0.50 4.10
C LYS A 156 -9.69 0.52 5.43
N GLU A 157 -8.59 -0.19 5.49
CA GLU A 157 -7.82 -0.22 6.72
C GLU A 157 -7.04 1.06 6.89
N ILE A 158 -6.38 1.48 5.82
CA ILE A 158 -5.51 2.63 5.84
C ILE A 158 -6.34 3.90 6.11
N ASP A 159 -7.53 3.88 5.59
CA ASP A 159 -8.55 4.92 5.77
C ASP A 159 -8.75 5.24 7.26
N GLU A 160 -8.96 4.20 8.05
CA GLU A 160 -9.19 4.34 9.48
C GLU A 160 -7.90 4.72 10.20
N HIS A 161 -6.77 4.25 9.69
CA HIS A 161 -5.47 4.55 10.31
C HIS A 161 -5.20 6.05 10.29
N LEU A 162 -5.43 6.69 9.15
CA LEU A 162 -5.20 8.12 9.03
C LEU A 162 -6.21 8.96 9.75
N LEU A 163 -7.39 8.43 9.98
CA LEU A 163 -8.39 9.18 10.75
C LEU A 163 -7.96 9.30 12.21
N ALA A 164 -7.11 8.42 12.60
CA ALA A 164 -6.51 8.43 13.89
C ALA A 164 -5.11 9.02 13.74
N GLU A 165 -4.28 8.86 14.74
CA GLU A 165 -2.92 9.38 14.76
C GLU A 165 -2.84 10.90 14.45
N GLU A 166 -1.63 11.39 14.23
CA GLU A 166 -1.42 12.79 13.97
C GLU A 166 -1.21 13.03 12.49
N THR A 10 -11.93 -7.61 -22.16
CA THR A 10 -10.73 -7.14 -22.80
C THR A 10 -9.75 -8.32 -22.84
N GLU A 11 -9.21 -8.59 -24.01
CA GLU A 11 -8.32 -9.72 -24.19
C GLU A 11 -6.94 -9.44 -23.62
N ALA A 12 -6.17 -10.48 -23.45
CA ALA A 12 -4.85 -10.36 -22.89
C ALA A 12 -3.82 -10.84 -23.88
N SER A 13 -4.08 -10.59 -25.15
CA SER A 13 -3.21 -11.01 -26.25
C SER A 13 -1.76 -10.50 -26.06
N SER A 14 -1.63 -9.23 -25.69
CA SER A 14 -0.33 -8.64 -25.50
C SER A 14 0.13 -8.83 -24.06
N LEU A 15 -0.78 -9.36 -23.24
CA LEU A 15 -0.61 -9.57 -21.80
C LEU A 15 -0.47 -8.26 -21.05
N VAL A 16 0.59 -7.57 -21.35
CA VAL A 16 1.02 -6.32 -20.73
C VAL A 16 1.04 -6.33 -19.19
N GLY A 17 -0.11 -6.06 -18.57
CA GLY A 17 -0.19 -5.90 -17.16
C GLY A 17 -0.16 -4.45 -16.70
N LYS A 18 -1.26 -3.83 -16.74
CA LYS A 18 -1.41 -2.47 -16.25
C LYS A 18 -2.77 -2.28 -15.69
N LEU A 19 -2.89 -1.56 -14.61
CA LEU A 19 -4.19 -1.16 -14.18
C LEU A 19 -4.10 0.10 -13.32
N GLU A 20 -5.14 0.93 -13.35
CA GLU A 20 -5.24 2.03 -12.43
C GLU A 20 -6.63 2.05 -11.84
N THR A 21 -6.71 2.24 -10.56
CA THR A 21 -7.94 2.29 -9.86
C THR A 21 -7.89 3.41 -8.83
N ASP A 22 -8.99 4.08 -8.65
CA ASP A 22 -9.07 5.15 -7.69
C ASP A 22 -9.91 4.70 -6.51
N VAL A 23 -9.33 4.76 -5.36
CA VAL A 23 -10.04 4.42 -4.15
C VAL A 23 -10.25 5.66 -3.35
N GLU A 24 -11.48 5.91 -2.99
CA GLU A 24 -11.77 7.05 -2.19
C GLU A 24 -11.80 6.72 -0.73
N ILE A 25 -11.04 7.45 -0.01
CA ILE A 25 -10.91 7.30 1.39
C ILE A 25 -11.38 8.58 2.04
N LYS A 26 -11.55 8.56 3.32
CA LYS A 26 -12.02 9.72 4.02
C LYS A 26 -10.84 10.43 4.64
N ALA A 27 -9.75 9.72 4.72
CA ALA A 27 -8.52 10.27 5.20
C ALA A 27 -7.96 11.25 4.17
N SER A 28 -7.54 12.38 4.64
CA SER A 28 -7.02 13.42 3.79
C SER A 28 -5.59 13.07 3.34
N ALA A 29 -5.28 13.34 2.09
CA ALA A 29 -3.96 13.15 1.53
C ALA A 29 -2.96 14.02 2.28
N ASP A 30 -3.42 15.19 2.65
CA ASP A 30 -2.63 16.12 3.44
C ASP A 30 -2.40 15.53 4.82
N LYS A 31 -3.47 15.00 5.38
CA LYS A 31 -3.45 14.42 6.71
C LYS A 31 -2.50 13.23 6.80
N PHE A 32 -2.33 12.52 5.68
CA PHE A 32 -1.38 11.40 5.60
C PHE A 32 0.01 11.91 5.98
N HIS A 33 0.38 13.04 5.38
CA HIS A 33 1.65 13.71 5.64
C HIS A 33 1.78 14.12 7.11
N HIS A 34 0.66 14.44 7.72
CA HIS A 34 0.67 14.89 9.10
C HIS A 34 0.86 13.71 10.04
N MET A 35 0.26 12.59 9.70
CA MET A 35 0.37 11.38 10.51
C MET A 35 1.72 10.71 10.36
N PHE A 36 2.38 10.95 9.25
CA PHE A 36 3.69 10.37 9.02
C PHE A 36 4.78 11.21 9.71
N ALA A 37 4.56 12.51 9.79
CA ALA A 37 5.53 13.41 10.38
C ALA A 37 5.18 13.72 11.83
N GLY A 38 4.09 14.43 12.02
CA GLY A 38 3.65 14.82 13.34
C GLY A 38 2.73 13.80 13.92
N LYS A 39 3.30 12.71 14.34
CA LYS A 39 2.58 11.58 14.86
C LYS A 39 1.90 11.95 16.17
N PRO A 40 0.68 11.48 16.40
CA PRO A 40 -0.06 11.75 17.63
C PRO A 40 0.48 10.91 18.79
N HIS A 41 -0.18 11.00 19.93
CA HIS A 41 0.22 10.23 21.08
C HIS A 41 -0.13 8.76 20.84
N HIS A 42 -1.23 8.56 20.09
CA HIS A 42 -1.69 7.25 19.60
C HIS A 42 -2.08 6.34 20.76
N VAL A 43 -3.38 6.16 20.93
CA VAL A 43 -3.88 5.29 21.97
C VAL A 43 -3.37 3.86 21.75
N SER A 44 -2.95 3.23 22.80
CA SER A 44 -2.41 1.92 22.70
C SER A 44 -3.53 0.92 22.44
N LYS A 45 -3.69 0.58 21.18
CA LYS A 45 -4.69 -0.35 20.76
C LYS A 45 -4.15 -1.75 20.94
N ALA A 46 -3.08 -2.02 20.22
CA ALA A 46 -2.38 -3.28 20.21
C ALA A 46 -1.20 -3.16 19.27
N SER A 47 -0.03 -3.02 19.81
CA SER A 47 1.16 -2.91 19.01
C SER A 47 2.13 -4.06 19.31
N PRO A 48 2.32 -4.97 18.34
CA PRO A 48 3.23 -6.11 18.50
C PRO A 48 4.70 -5.69 18.42
N GLY A 49 4.96 -4.48 17.92
CA GLY A 49 6.31 -3.94 17.91
C GLY A 49 7.13 -4.40 16.72
N ASN A 50 7.22 -5.70 16.56
CA ASN A 50 7.95 -6.31 15.47
C ASN A 50 7.17 -7.53 14.99
N ILE A 51 6.78 -7.54 13.73
CA ILE A 51 6.07 -8.69 13.19
C ILE A 51 6.95 -9.49 12.23
N GLN A 52 7.40 -8.85 11.18
CA GLN A 52 8.28 -9.44 10.20
C GLN A 52 9.21 -8.36 9.73
N GLY A 53 10.33 -8.29 10.37
CA GLY A 53 11.27 -7.23 10.11
C GLY A 53 11.13 -6.17 11.16
N CYS A 54 9.91 -5.67 11.28
CA CYS A 54 9.56 -4.69 12.27
C CYS A 54 8.03 -4.57 12.26
N ASP A 55 7.49 -3.56 12.93
CA ASP A 55 6.05 -3.27 12.98
C ASP A 55 5.85 -1.80 13.31
N LEU A 56 6.54 -1.34 14.33
CA LEU A 56 6.53 0.07 14.67
C LEU A 56 7.45 0.76 13.65
N HIS A 57 6.87 1.54 12.77
CA HIS A 57 7.64 2.10 11.66
C HIS A 57 8.51 3.25 12.09
N GLU A 58 9.80 2.99 12.14
CA GLU A 58 10.76 4.00 12.53
C GLU A 58 11.55 4.47 11.30
N GLY A 59 11.65 3.60 10.32
CA GLY A 59 12.42 3.89 9.15
C GLY A 59 13.79 3.24 9.25
N ASP A 60 13.81 2.04 9.82
CA ASP A 60 15.05 1.25 10.05
C ASP A 60 15.88 1.07 8.79
N TRP A 61 15.20 0.93 7.68
CA TRP A 61 15.83 0.67 6.41
C TRP A 61 16.15 1.97 5.65
N GLY A 62 16.09 3.10 6.33
CA GLY A 62 16.38 4.37 5.66
C GLY A 62 15.16 4.93 4.97
N THR A 63 14.01 4.34 5.30
CA THR A 63 12.73 4.68 4.71
C THR A 63 12.64 4.17 3.24
N VAL A 64 13.35 4.81 2.34
CA VAL A 64 13.40 4.33 0.96
C VAL A 64 14.26 3.06 0.93
N GLY A 65 13.72 1.99 0.39
CA GLY A 65 14.45 0.74 0.37
C GLY A 65 13.98 -0.18 1.47
N SER A 66 13.01 0.29 2.24
CA SER A 66 12.45 -0.47 3.34
C SER A 66 11.74 -1.73 2.87
N ILE A 67 11.98 -2.80 3.58
CA ILE A 67 11.31 -4.05 3.34
C ILE A 67 10.75 -4.57 4.65
N VAL A 68 9.46 -4.62 4.73
CA VAL A 68 8.75 -5.14 5.88
C VAL A 68 7.59 -5.95 5.33
N PHE A 69 7.03 -6.84 6.08
CA PHE A 69 5.96 -7.67 5.52
C PHE A 69 4.70 -7.48 6.32
N TRP A 70 3.56 -7.54 5.67
CA TRP A 70 2.32 -7.43 6.38
C TRP A 70 1.47 -8.64 6.05
N ASN A 71 0.60 -8.98 6.94
CA ASN A 71 -0.26 -10.11 6.76
C ASN A 71 -1.66 -9.65 6.55
N TYR A 72 -2.32 -10.17 5.55
CA TYR A 72 -3.65 -9.77 5.23
C TYR A 72 -4.46 -10.98 4.81
N VAL A 73 -5.73 -10.90 4.93
CA VAL A 73 -6.57 -11.98 4.56
C VAL A 73 -7.28 -11.65 3.27
N HIS A 74 -7.03 -12.45 2.27
CA HIS A 74 -7.60 -12.22 0.96
C HIS A 74 -8.26 -13.49 0.49
N ASP A 75 -9.53 -13.36 0.09
CA ASP A 75 -10.38 -14.49 -0.38
C ASP A 75 -10.59 -15.47 0.77
N GLY A 76 -10.56 -14.94 1.98
CA GLY A 76 -10.69 -15.76 3.16
C GLY A 76 -9.40 -16.52 3.49
N GLU A 77 -8.38 -16.29 2.68
CA GLU A 77 -7.11 -16.95 2.85
C GLU A 77 -6.09 -16.04 3.47
N ALA A 78 -5.15 -16.65 4.11
CA ALA A 78 -4.08 -15.94 4.77
C ALA A 78 -2.98 -15.63 3.78
N LYS A 79 -2.76 -14.36 3.56
CA LYS A 79 -1.74 -13.88 2.65
C LYS A 79 -0.70 -13.07 3.37
N VAL A 80 0.52 -13.20 2.92
CA VAL A 80 1.61 -12.40 3.43
C VAL A 80 2.09 -11.55 2.27
N ALA A 81 2.23 -10.29 2.51
CA ALA A 81 2.65 -9.40 1.46
C ALA A 81 4.04 -8.96 1.72
N LYS A 82 4.90 -9.32 0.83
CA LYS A 82 6.25 -8.93 0.92
C LYS A 82 6.52 -7.80 -0.06
N GLU A 83 7.03 -6.69 0.44
CA GLU A 83 7.12 -5.45 -0.30
C GLU A 83 8.52 -4.89 -0.24
N ARG A 84 8.81 -4.03 -1.16
CA ARG A 84 10.01 -3.26 -1.14
C ARG A 84 9.64 -1.85 -1.51
N ILE A 85 10.03 -0.89 -0.72
CA ILE A 85 9.77 0.49 -1.07
C ILE A 85 10.78 0.96 -2.09
N GLU A 86 10.28 1.41 -3.21
CA GLU A 86 11.11 1.90 -4.29
C GLU A 86 11.34 3.38 -4.13
N ALA A 87 10.27 4.06 -3.77
CA ALA A 87 10.29 5.48 -3.59
C ALA A 87 9.14 5.86 -2.72
N VAL A 88 9.35 6.80 -1.85
CA VAL A 88 8.33 7.27 -0.97
C VAL A 88 8.51 8.75 -0.70
N GLU A 89 7.49 9.49 -0.99
CA GLU A 89 7.50 10.91 -0.78
C GLU A 89 6.64 11.25 0.40
N PRO A 90 7.23 11.66 1.52
CA PRO A 90 6.47 12.06 2.69
C PRO A 90 5.65 13.32 2.41
N ASP A 91 6.27 14.30 1.78
CA ASP A 91 5.62 15.58 1.52
C ASP A 91 4.68 15.52 0.32
N LYS A 92 5.06 14.79 -0.70
CA LYS A 92 4.23 14.68 -1.90
C LYS A 92 3.20 13.61 -1.76
N ASN A 93 3.35 12.82 -0.71
CA ASN A 93 2.50 11.69 -0.41
C ASN A 93 2.41 10.73 -1.59
N LEU A 94 3.52 10.08 -1.85
CA LEU A 94 3.68 9.15 -2.93
C LEU A 94 4.39 7.93 -2.43
N ILE A 95 4.01 6.79 -2.89
CA ILE A 95 4.67 5.57 -2.48
C ILE A 95 4.62 4.50 -3.58
N THR A 96 5.79 4.06 -3.97
CA THR A 96 5.95 2.99 -4.94
C THR A 96 6.25 1.65 -4.22
N PHE A 97 5.35 0.67 -4.41
CA PHE A 97 5.48 -0.66 -3.81
C PHE A 97 5.94 -1.67 -4.85
N ARG A 98 6.98 -2.41 -4.55
CA ARG A 98 7.40 -3.52 -5.38
C ARG A 98 7.12 -4.79 -4.60
N VAL A 99 6.60 -5.81 -5.24
CA VAL A 99 6.43 -7.05 -4.53
C VAL A 99 7.74 -7.84 -4.69
N ILE A 100 8.30 -8.35 -3.62
CA ILE A 100 9.51 -9.13 -3.80
C ILE A 100 9.20 -10.61 -3.69
N GLU A 101 8.14 -10.91 -2.98
CA GLU A 101 7.59 -12.25 -2.87
C GLU A 101 6.11 -12.16 -2.50
N GLY A 102 5.30 -13.04 -3.07
CA GLY A 102 3.88 -13.04 -2.78
C GLY A 102 3.16 -13.98 -3.71
N ASP A 103 1.88 -14.26 -3.44
CA ASP A 103 1.13 -15.21 -4.28
C ASP A 103 0.91 -14.65 -5.67
N LEU A 104 0.88 -13.32 -5.75
CA LEU A 104 0.69 -12.61 -7.00
C LEU A 104 1.78 -12.96 -8.02
N MET A 105 2.95 -13.37 -7.54
CA MET A 105 4.08 -13.73 -8.42
C MET A 105 3.83 -15.06 -9.16
N LYS A 106 2.76 -15.74 -8.81
CA LYS A 106 2.40 -17.00 -9.45
C LYS A 106 1.49 -16.74 -10.65
N GLU A 107 1.00 -15.53 -10.74
CA GLU A 107 0.07 -15.15 -11.79
C GLU A 107 0.68 -14.02 -12.62
N TYR A 108 1.43 -13.18 -11.96
CA TYR A 108 2.08 -12.05 -12.58
C TYR A 108 3.56 -12.24 -12.32
N LYS A 109 4.37 -12.06 -13.31
CA LYS A 109 5.82 -12.27 -13.15
C LYS A 109 6.53 -11.06 -12.56
N SER A 110 5.81 -9.98 -12.47
CA SER A 110 6.29 -8.77 -11.87
C SER A 110 5.08 -8.00 -11.43
N PHE A 111 5.19 -7.30 -10.32
CA PHE A 111 4.09 -6.52 -9.79
C PHE A 111 4.65 -5.30 -9.08
N LEU A 112 4.42 -4.17 -9.66
CA LEU A 112 4.88 -2.91 -9.15
C LEU A 112 3.68 -1.97 -9.12
N LEU A 113 3.50 -1.27 -8.04
CA LEU A 113 2.39 -0.37 -7.95
C LEU A 113 2.75 0.90 -7.21
N THR A 114 2.54 1.99 -7.85
CA THR A 114 2.80 3.27 -7.26
C THR A 114 1.48 3.96 -6.97
N ILE A 115 1.27 4.33 -5.74
CA ILE A 115 0.05 4.97 -5.38
C ILE A 115 0.33 6.37 -4.89
N GLN A 116 -0.56 7.28 -5.19
CA GLN A 116 -0.44 8.62 -4.72
C GLN A 116 -1.83 9.11 -4.37
N VAL A 117 -1.95 9.75 -3.25
CA VAL A 117 -3.25 10.15 -2.75
C VAL A 117 -3.44 11.65 -2.98
N THR A 118 -4.60 12.01 -3.52
CA THR A 118 -4.94 13.40 -3.76
C THR A 118 -6.37 13.64 -3.16
N PRO A 119 -6.69 14.85 -2.70
CA PRO A 119 -8.01 15.19 -2.08
C PRO A 119 -9.23 14.87 -2.99
N LYS A 120 -10.41 14.73 -2.38
CA LYS A 120 -11.63 14.50 -3.16
C LYS A 120 -12.18 15.82 -3.67
N PRO A 121 -12.72 15.84 -4.90
CA PRO A 121 -13.29 17.06 -5.51
C PRO A 121 -14.47 17.61 -4.72
N GLY A 122 -15.39 16.75 -4.35
CA GLY A 122 -16.55 17.18 -3.63
C GLY A 122 -16.81 16.35 -2.42
N GLY A 123 -16.14 16.67 -1.34
CA GLY A 123 -16.33 15.96 -0.11
C GLY A 123 -15.03 15.74 0.61
N PRO A 124 -15.04 15.74 1.96
CA PRO A 124 -13.84 15.51 2.77
C PRO A 124 -13.30 14.09 2.60
N GLY A 125 -12.09 13.99 2.13
CA GLY A 125 -11.48 12.73 1.91
C GLY A 125 -10.47 12.82 0.81
N SER A 126 -10.05 11.71 0.29
CA SER A 126 -9.08 11.71 -0.79
C SER A 126 -9.21 10.48 -1.71
N ILE A 127 -8.80 10.66 -2.95
CA ILE A 127 -8.72 9.61 -3.92
C ILE A 127 -7.27 9.16 -4.04
N VAL A 128 -7.06 7.92 -3.82
CA VAL A 128 -5.77 7.38 -4.02
C VAL A 128 -5.71 6.73 -5.38
N HIS A 129 -4.76 7.14 -6.18
CA HIS A 129 -4.57 6.56 -7.49
C HIS A 129 -3.67 5.42 -7.38
N TRP A 130 -4.18 4.27 -7.58
CA TRP A 130 -3.38 3.12 -7.59
C TRP A 130 -2.97 2.88 -9.00
N HIS A 131 -1.71 2.90 -9.24
CA HIS A 131 -1.19 2.66 -10.54
C HIS A 131 -0.40 1.39 -10.47
N LEU A 132 -0.90 0.38 -11.10
CA LEU A 132 -0.32 -0.93 -11.03
C LEU A 132 0.25 -1.32 -12.35
N GLU A 133 1.42 -1.85 -12.31
CA GLU A 133 2.08 -2.35 -13.47
C GLU A 133 2.61 -3.73 -13.16
N TYR A 134 2.27 -4.62 -14.01
CA TYR A 134 2.54 -6.02 -13.85
C TYR A 134 2.67 -6.64 -15.17
N GLU A 135 3.12 -7.83 -15.25
CA GLU A 135 3.19 -8.51 -16.52
C GLU A 135 2.54 -9.88 -16.36
N LYS A 136 1.63 -10.24 -17.24
CA LYS A 136 0.97 -11.54 -17.15
C LYS A 136 1.90 -12.66 -17.58
N ILE A 137 1.91 -13.73 -16.82
CA ILE A 137 2.68 -14.91 -17.20
C ILE A 137 1.93 -15.63 -18.32
N SER A 138 0.65 -15.64 -18.17
CA SER A 138 -0.27 -16.22 -19.10
C SER A 138 -1.58 -15.48 -18.89
N GLU A 139 -2.45 -15.50 -19.87
CA GLU A 139 -3.74 -14.81 -19.79
C GLU A 139 -4.58 -15.37 -18.67
N GLU A 140 -4.94 -16.63 -18.83
CA GLU A 140 -5.86 -17.33 -17.94
C GLU A 140 -5.35 -17.42 -16.51
N VAL A 141 -4.05 -17.27 -16.32
CA VAL A 141 -3.50 -17.43 -14.97
C VAL A 141 -3.68 -16.18 -14.13
N ALA A 142 -3.78 -15.05 -14.79
CA ALA A 142 -3.89 -13.79 -14.10
C ALA A 142 -5.34 -13.45 -13.82
N HIS A 143 -5.56 -12.76 -12.73
CA HIS A 143 -6.90 -12.39 -12.30
C HIS A 143 -6.96 -10.92 -11.90
N PRO A 144 -7.19 -9.99 -12.86
CA PRO A 144 -7.28 -8.53 -12.60
C PRO A 144 -8.18 -8.16 -11.38
N GLU A 145 -9.15 -9.01 -11.10
CA GLU A 145 -10.06 -8.88 -9.95
C GLU A 145 -9.30 -8.74 -8.63
N THR A 146 -8.22 -9.49 -8.50
CA THR A 146 -7.48 -9.58 -7.28
C THR A 146 -6.85 -8.26 -6.92
N LEU A 147 -6.49 -7.50 -7.94
CA LEU A 147 -5.81 -6.25 -7.72
C LEU A 147 -6.77 -5.21 -7.21
N LEU A 148 -7.97 -5.22 -7.75
CA LEU A 148 -8.99 -4.30 -7.32
C LEU A 148 -9.36 -4.56 -5.88
N GLN A 149 -9.44 -5.81 -5.52
CA GLN A 149 -9.73 -6.14 -4.14
C GLN A 149 -8.53 -5.86 -3.24
N PHE A 150 -7.33 -6.14 -3.75
CA PHE A 150 -6.07 -5.89 -3.01
C PHE A 150 -5.97 -4.43 -2.63
N CYS A 151 -6.29 -3.54 -3.57
CA CYS A 151 -6.20 -2.13 -3.30
C CYS A 151 -7.20 -1.73 -2.23
N VAL A 152 -8.36 -2.39 -2.22
CA VAL A 152 -9.39 -2.12 -1.22
C VAL A 152 -8.87 -2.48 0.16
N GLU A 153 -8.33 -3.68 0.28
CA GLU A 153 -7.85 -4.23 1.55
C GLU A 153 -6.74 -3.37 2.16
N VAL A 154 -5.92 -2.79 1.32
CA VAL A 154 -4.87 -1.90 1.77
C VAL A 154 -5.46 -0.51 2.13
N SER A 155 -6.42 -0.05 1.32
CA SER A 155 -7.06 1.24 1.53
C SER A 155 -7.79 1.29 2.87
N LYS A 156 -8.33 0.13 3.28
CA LYS A 156 -9.04 -0.01 4.54
C LYS A 156 -8.13 0.39 5.68
N GLU A 157 -6.98 -0.27 5.70
CA GLU A 157 -5.99 -0.18 6.75
C GLU A 157 -5.47 1.22 6.90
N ILE A 158 -5.05 1.79 5.79
CA ILE A 158 -4.43 3.09 5.82
C ILE A 158 -5.42 4.19 6.21
N ASP A 159 -6.60 4.11 5.65
CA ASP A 159 -7.67 5.09 5.94
C ASP A 159 -8.02 5.11 7.43
N GLU A 160 -8.24 3.93 8.00
CA GLU A 160 -8.58 3.82 9.43
C GLU A 160 -7.41 4.18 10.31
N HIS A 161 -6.21 3.94 9.84
CA HIS A 161 -5.03 4.30 10.59
C HIS A 161 -4.87 5.84 10.64
N LEU A 162 -5.22 6.50 9.54
CA LEU A 162 -5.14 7.96 9.46
C LEU A 162 -6.29 8.65 10.18
N LEU A 163 -7.47 8.04 10.15
CA LEU A 163 -8.62 8.60 10.82
C LEU A 163 -8.58 8.24 12.30
N ALA A 164 -8.21 7.01 12.57
CA ALA A 164 -8.04 6.47 13.91
C ALA A 164 -9.30 6.50 14.79
N GLU A 165 -10.46 6.73 14.15
CA GLU A 165 -11.77 6.71 14.78
C GLU A 165 -11.96 7.79 15.88
N GLU A 166 -13.20 7.97 16.26
CA GLU A 166 -13.56 8.84 17.37
C GLU A 166 -13.86 7.98 18.58
N THR A 10 -7.52 -11.59 -26.52
CA THR A 10 -7.16 -10.18 -26.44
C THR A 10 -6.45 -9.77 -25.12
N GLU A 11 -5.16 -9.67 -25.20
CA GLU A 11 -4.28 -9.13 -24.17
C GLU A 11 -3.19 -8.39 -24.90
N ALA A 12 -2.28 -7.77 -24.18
CA ALA A 12 -1.16 -7.11 -24.82
C ALA A 12 -0.18 -8.17 -25.33
N SER A 13 0.46 -7.91 -26.47
CA SER A 13 1.42 -8.85 -27.03
C SER A 13 2.61 -9.06 -26.09
N SER A 14 2.91 -8.05 -25.30
CA SER A 14 3.97 -8.13 -24.34
C SER A 14 3.46 -8.67 -23.01
N LEU A 15 2.13 -8.87 -22.93
CA LEU A 15 1.44 -9.30 -21.72
C LEU A 15 1.61 -8.32 -20.57
N VAL A 16 1.95 -7.10 -20.90
CA VAL A 16 2.07 -6.06 -19.92
C VAL A 16 0.73 -5.40 -19.77
N GLY A 17 0.23 -5.45 -18.58
CA GLY A 17 -1.06 -4.91 -18.30
C GLY A 17 -0.98 -3.91 -17.19
N LYS A 18 -1.88 -3.01 -17.17
CA LYS A 18 -1.91 -2.02 -16.15
C LYS A 18 -3.34 -1.63 -15.88
N LEU A 19 -3.61 -1.28 -14.67
CA LEU A 19 -4.94 -0.92 -14.29
C LEU A 19 -4.86 0.25 -13.34
N GLU A 20 -5.80 1.15 -13.43
CA GLU A 20 -5.81 2.30 -12.58
C GLU A 20 -7.16 2.41 -11.91
N THR A 21 -7.16 2.77 -10.65
CA THR A 21 -8.38 2.93 -9.92
C THR A 21 -8.17 3.98 -8.82
N ASP A 22 -9.23 4.51 -8.28
CA ASP A 22 -9.17 5.47 -7.20
C ASP A 22 -10.10 5.06 -6.11
N VAL A 23 -9.61 5.07 -4.91
CA VAL A 23 -10.42 4.71 -3.78
C VAL A 23 -10.52 5.88 -2.85
N GLU A 24 -11.72 6.18 -2.43
CA GLU A 24 -11.93 7.27 -1.53
C GLU A 24 -11.82 6.86 -0.08
N ILE A 25 -11.08 7.62 0.63
CA ILE A 25 -10.82 7.37 2.00
C ILE A 25 -11.21 8.58 2.83
N LYS A 26 -11.57 8.33 4.06
CA LYS A 26 -11.97 9.38 5.00
C LYS A 26 -10.72 10.08 5.51
N ALA A 27 -9.61 9.39 5.32
CA ALA A 27 -8.31 9.83 5.71
C ALA A 27 -7.94 11.18 5.10
N SER A 28 -7.20 11.95 5.85
CA SER A 28 -6.77 13.24 5.43
C SER A 28 -5.42 13.12 4.70
N ALA A 29 -5.33 13.72 3.52
CA ALA A 29 -4.12 13.64 2.70
C ALA A 29 -2.95 14.36 3.37
N ASP A 30 -3.24 15.49 3.97
CA ASP A 30 -2.22 16.27 4.67
C ASP A 30 -1.76 15.54 5.89
N LYS A 31 -2.70 14.86 6.54
CA LYS A 31 -2.42 14.11 7.75
C LYS A 31 -1.41 13.02 7.46
N PHE A 32 -1.56 12.38 6.30
CA PHE A 32 -0.66 11.32 5.86
C PHE A 32 0.74 11.91 5.72
N HIS A 33 0.81 13.07 5.07
CA HIS A 33 2.06 13.78 4.82
C HIS A 33 2.77 14.08 6.16
N HIS A 34 2.00 14.45 7.17
CA HIS A 34 2.56 14.74 8.51
C HIS A 34 3.07 13.51 9.21
N MET A 35 2.24 12.47 9.29
CA MET A 35 2.65 11.27 10.00
C MET A 35 3.68 10.43 9.26
N PHE A 36 3.73 10.57 7.94
CA PHE A 36 4.73 9.86 7.16
C PHE A 36 6.09 10.54 7.32
N ALA A 37 6.07 11.82 7.66
CA ALA A 37 7.28 12.60 7.89
C ALA A 37 7.76 12.37 9.32
N GLY A 38 6.87 11.85 10.13
CA GLY A 38 7.19 11.51 11.49
C GLY A 38 7.06 10.04 11.69
N LYS A 39 8.00 9.32 11.14
CA LYS A 39 7.99 7.87 11.17
C LYS A 39 8.20 7.35 12.58
N PRO A 40 7.53 6.24 12.95
CA PRO A 40 7.65 5.63 14.28
C PRO A 40 9.10 5.33 14.62
N HIS A 41 9.60 5.97 15.63
CA HIS A 41 10.96 5.79 16.01
C HIS A 41 11.06 4.67 17.02
N HIS A 42 11.07 3.44 16.50
CA HIS A 42 11.13 2.20 17.28
C HIS A 42 10.02 2.12 18.32
N VAL A 43 8.90 1.57 17.93
CA VAL A 43 7.76 1.41 18.79
C VAL A 43 7.29 -0.04 18.79
N SER A 44 6.61 -0.44 19.83
CA SER A 44 6.09 -1.76 19.94
C SER A 44 4.97 -1.77 20.98
N LYS A 45 3.76 -1.62 20.51
CA LYS A 45 2.55 -1.64 21.33
C LYS A 45 1.35 -1.46 20.42
N ALA A 46 1.25 -0.26 19.87
CA ALA A 46 0.15 0.08 19.01
C ALA A 46 0.45 -0.34 17.59
N SER A 47 0.02 -1.54 17.25
CA SER A 47 0.24 -2.13 15.96
C SER A 47 -0.46 -3.49 15.95
N PRO A 48 -0.70 -4.10 14.76
CA PRO A 48 -1.25 -5.46 14.67
C PRO A 48 -0.37 -6.43 15.46
N GLY A 49 -0.98 -7.30 16.23
CA GLY A 49 -0.26 -8.19 17.09
C GLY A 49 0.34 -9.37 16.37
N ASN A 50 1.26 -9.12 15.49
CA ASN A 50 1.97 -10.17 14.81
C ASN A 50 3.44 -9.94 14.98
N ILE A 51 4.02 -10.64 15.91
CA ILE A 51 5.39 -10.48 16.22
C ILE A 51 6.21 -11.51 15.48
N GLN A 52 7.11 -11.05 14.67
CA GLN A 52 7.98 -11.93 13.93
C GLN A 52 9.15 -12.36 14.82
N GLY A 53 9.44 -13.64 14.81
CA GLY A 53 10.49 -14.15 15.62
C GLY A 53 11.75 -14.34 14.82
N CYS A 54 12.85 -14.57 15.51
CA CYS A 54 14.17 -14.79 14.92
C CYS A 54 14.76 -13.53 14.29
N ASP A 55 14.14 -13.05 13.24
CA ASP A 55 14.64 -11.91 12.52
C ASP A 55 13.59 -10.84 12.43
N LEU A 56 13.71 -9.87 13.28
CA LEU A 56 12.84 -8.74 13.26
C LEU A 56 13.69 -7.57 12.82
N HIS A 57 13.59 -7.24 11.57
CA HIS A 57 14.39 -6.18 11.02
C HIS A 57 13.62 -4.89 11.16
N GLU A 58 14.26 -3.88 11.64
CA GLU A 58 13.64 -2.59 11.75
C GLU A 58 14.69 -1.50 11.55
N GLY A 59 15.31 -1.06 12.68
CA GLY A 59 16.31 -0.01 12.66
C GLY A 59 15.90 1.16 11.80
N ASP A 60 16.84 1.65 11.04
CA ASP A 60 16.58 2.64 10.04
C ASP A 60 16.64 1.91 8.72
N TRP A 61 15.50 1.77 8.09
CA TRP A 61 15.43 0.94 6.90
C TRP A 61 15.74 1.79 5.66
N GLY A 62 15.68 3.10 5.82
CA GLY A 62 16.00 4.01 4.74
C GLY A 62 14.78 4.48 3.99
N THR A 63 13.61 4.10 4.48
CA THR A 63 12.33 4.39 3.84
C THR A 63 12.20 3.63 2.50
N VAL A 64 12.85 4.11 1.46
CA VAL A 64 12.81 3.42 0.21
C VAL A 64 13.64 2.14 0.28
N GLY A 65 13.02 1.06 -0.06
CA GLY A 65 13.64 -0.22 0.07
C GLY A 65 13.11 -0.96 1.27
N SER A 66 12.25 -0.29 2.03
CA SER A 66 11.64 -0.89 3.19
C SER A 66 10.66 -1.97 2.76
N ILE A 67 10.55 -2.97 3.59
CA ILE A 67 9.71 -4.10 3.33
C ILE A 67 8.84 -4.35 4.55
N VAL A 68 7.57 -4.23 4.37
CA VAL A 68 6.62 -4.42 5.45
C VAL A 68 5.60 -5.47 5.02
N PHE A 69 5.08 -6.21 5.98
CA PHE A 69 4.11 -7.24 5.68
C PHE A 69 2.86 -7.08 6.49
N TRP A 70 1.74 -7.10 5.83
CA TRP A 70 0.46 -7.03 6.50
C TRP A 70 -0.19 -8.39 6.44
N ASN A 71 -0.48 -8.94 7.59
CA ASN A 71 -1.08 -10.26 7.69
C ASN A 71 -2.51 -10.10 8.13
N TYR A 72 -3.42 -10.76 7.45
CA TYR A 72 -4.82 -10.68 7.78
C TYR A 72 -5.53 -11.91 7.26
N VAL A 73 -6.72 -12.17 7.73
CA VAL A 73 -7.48 -13.31 7.28
C VAL A 73 -8.59 -12.85 6.38
N HIS A 74 -8.56 -13.32 5.17
CA HIS A 74 -9.54 -12.94 4.18
C HIS A 74 -9.90 -14.16 3.37
N ASP A 75 -11.20 -14.39 3.22
CA ASP A 75 -11.79 -15.58 2.55
C ASP A 75 -11.43 -16.83 3.33
N GLY A 76 -11.23 -16.65 4.62
CA GLY A 76 -10.84 -17.72 5.52
C GLY A 76 -9.35 -18.04 5.47
N GLU A 77 -8.66 -17.52 4.49
CA GLU A 77 -7.24 -17.76 4.35
C GLU A 77 -6.44 -16.66 4.96
N ALA A 78 -5.30 -17.00 5.45
CA ALA A 78 -4.39 -16.02 5.95
C ALA A 78 -3.68 -15.44 4.75
N LYS A 79 -3.88 -14.21 4.51
CA LYS A 79 -3.33 -13.56 3.37
C LYS A 79 -2.43 -12.45 3.81
N VAL A 80 -1.39 -12.23 3.07
CA VAL A 80 -0.41 -11.27 3.43
C VAL A 80 -0.22 -10.29 2.30
N ALA A 81 0.16 -9.10 2.62
CA ALA A 81 0.49 -8.12 1.64
C ALA A 81 1.97 -7.97 1.65
N LYS A 82 2.59 -8.36 0.58
CA LYS A 82 4.02 -8.34 0.47
C LYS A 82 4.44 -7.24 -0.49
N GLU A 83 5.36 -6.40 -0.05
CA GLU A 83 5.68 -5.18 -0.73
C GLU A 83 7.10 -4.76 -0.41
N ARG A 84 7.67 -4.04 -1.32
CA ARG A 84 8.98 -3.50 -1.19
C ARG A 84 8.89 -2.06 -1.69
N ILE A 85 9.25 -1.08 -0.89
CA ILE A 85 9.18 0.31 -1.35
C ILE A 85 10.16 0.55 -2.48
N GLU A 86 9.65 1.00 -3.61
CA GLU A 86 10.46 1.18 -4.78
C GLU A 86 10.78 2.67 -5.00
N ALA A 87 9.80 3.50 -4.80
CA ALA A 87 9.96 4.92 -4.98
C ALA A 87 9.08 5.63 -4.00
N VAL A 88 9.52 6.75 -3.51
CA VAL A 88 8.77 7.49 -2.54
C VAL A 88 8.99 8.99 -2.71
N GLU A 89 7.93 9.75 -2.59
CA GLU A 89 8.06 11.18 -2.59
C GLU A 89 7.30 11.71 -1.40
N PRO A 90 8.02 12.15 -0.36
CA PRO A 90 7.39 12.69 0.83
C PRO A 90 6.67 13.99 0.53
N ASP A 91 7.16 14.72 -0.46
CA ASP A 91 6.60 16.00 -0.83
C ASP A 91 5.31 15.85 -1.58
N LYS A 92 5.23 14.81 -2.39
CA LYS A 92 4.06 14.59 -3.22
C LYS A 92 3.09 13.65 -2.56
N ASN A 93 3.50 13.12 -1.39
CA ASN A 93 2.73 12.12 -0.64
C ASN A 93 2.50 10.91 -1.59
N LEU A 94 3.61 10.46 -2.17
CA LEU A 94 3.62 9.42 -3.19
C LEU A 94 4.42 8.23 -2.70
N ILE A 95 3.95 7.05 -3.02
CA ILE A 95 4.64 5.85 -2.65
C ILE A 95 4.43 4.74 -3.70
N THR A 96 5.53 4.22 -4.17
CA THR A 96 5.55 3.15 -5.15
C THR A 96 5.91 1.83 -4.45
N PHE A 97 5.03 0.85 -4.54
CA PHE A 97 5.28 -0.43 -3.95
C PHE A 97 5.62 -1.43 -5.04
N ARG A 98 6.60 -2.24 -4.80
CA ARG A 98 6.91 -3.34 -5.66
C ARG A 98 6.53 -4.58 -4.91
N VAL A 99 5.63 -5.35 -5.44
CA VAL A 99 5.25 -6.54 -4.75
C VAL A 99 6.25 -7.63 -5.03
N ILE A 100 6.83 -8.16 -3.97
CA ILE A 100 7.79 -9.22 -4.09
C ILE A 100 7.08 -10.55 -3.94
N GLU A 101 6.26 -10.64 -2.89
CA GLU A 101 5.33 -11.74 -2.61
C GLU A 101 5.82 -13.19 -2.90
N GLY A 102 5.76 -13.58 -4.13
CA GLY A 102 6.03 -14.93 -4.51
C GLY A 102 4.80 -15.57 -5.10
N ASP A 103 3.70 -15.47 -4.36
CA ASP A 103 2.42 -16.01 -4.82
C ASP A 103 1.88 -15.23 -6.01
N LEU A 104 1.88 -13.91 -5.90
CA LEU A 104 1.47 -13.05 -7.01
C LEU A 104 2.47 -13.16 -8.16
N MET A 105 3.69 -13.53 -7.82
CA MET A 105 4.75 -13.74 -8.80
C MET A 105 4.55 -15.02 -9.61
N LYS A 106 3.53 -15.82 -9.25
CA LYS A 106 3.27 -17.08 -9.98
C LYS A 106 2.70 -16.80 -11.35
N GLU A 107 2.12 -15.64 -11.51
CA GLU A 107 1.62 -15.24 -12.80
C GLU A 107 2.21 -13.94 -13.20
N TYR A 108 2.40 -13.09 -12.29
CA TYR A 108 2.92 -11.85 -12.64
C TYR A 108 4.37 -11.90 -12.32
N LYS A 109 5.18 -11.69 -13.30
CA LYS A 109 6.61 -11.70 -13.10
C LYS A 109 7.07 -10.38 -12.52
N SER A 110 6.14 -9.46 -12.46
CA SER A 110 6.34 -8.19 -11.88
C SER A 110 4.98 -7.56 -11.63
N PHE A 111 4.85 -6.93 -10.50
CA PHE A 111 3.66 -6.22 -10.12
C PHE A 111 4.08 -4.99 -9.34
N LEU A 112 3.95 -3.86 -9.97
CA LEU A 112 4.35 -2.61 -9.41
C LEU A 112 3.12 -1.76 -9.25
N LEU A 113 2.93 -1.20 -8.10
CA LEU A 113 1.77 -0.37 -7.89
C LEU A 113 2.17 0.91 -7.20
N THR A 114 1.75 1.99 -7.74
CA THR A 114 2.07 3.26 -7.19
C THR A 114 0.80 3.94 -6.73
N ILE A 115 0.79 4.41 -5.51
CA ILE A 115 -0.34 5.10 -5.00
C ILE A 115 0.05 6.51 -4.59
N GLN A 116 -0.84 7.42 -4.78
CA GLN A 116 -0.63 8.76 -4.35
C GLN A 116 -1.93 9.27 -3.81
N VAL A 117 -1.87 9.91 -2.68
CA VAL A 117 -3.07 10.37 -2.02
C VAL A 117 -3.32 11.82 -2.39
N THR A 118 -4.46 12.06 -2.99
CA THR A 118 -4.85 13.34 -3.46
C THR A 118 -6.16 13.73 -2.76
N PRO A 119 -6.29 14.97 -2.24
CA PRO A 119 -7.51 15.44 -1.54
C PRO A 119 -8.77 15.31 -2.43
N LYS A 120 -9.92 15.13 -1.83
CA LYS A 120 -11.16 15.00 -2.58
C LYS A 120 -11.64 16.35 -3.05
N PRO A 121 -12.18 16.43 -4.27
CA PRO A 121 -12.73 17.67 -4.80
C PRO A 121 -14.05 18.03 -4.12
N GLY A 122 -13.98 18.94 -3.18
CA GLY A 122 -15.15 19.34 -2.44
C GLY A 122 -15.66 18.22 -1.58
N GLY A 123 -14.79 17.67 -0.76
CA GLY A 123 -15.18 16.58 0.09
C GLY A 123 -14.14 16.32 1.15
N PRO A 124 -14.57 16.08 2.40
CA PRO A 124 -13.66 15.78 3.49
C PRO A 124 -13.04 14.38 3.34
N GLY A 125 -11.76 14.35 3.12
CA GLY A 125 -11.07 13.11 2.94
C GLY A 125 -10.16 13.17 1.74
N SER A 126 -9.79 12.04 1.22
CA SER A 126 -8.90 12.01 0.09
C SER A 126 -9.14 10.79 -0.80
N ILE A 127 -8.63 10.85 -2.00
CA ILE A 127 -8.63 9.75 -2.92
C ILE A 127 -7.22 9.22 -3.07
N VAL A 128 -7.09 7.96 -2.94
CA VAL A 128 -5.84 7.34 -3.20
C VAL A 128 -5.87 6.81 -4.63
N HIS A 129 -4.97 7.33 -5.45
CA HIS A 129 -4.90 6.92 -6.84
C HIS A 129 -3.98 5.74 -6.98
N TRP A 130 -4.54 4.61 -7.30
CA TRP A 130 -3.81 3.38 -7.46
C TRP A 130 -3.44 3.18 -8.90
N HIS A 131 -2.18 3.04 -9.16
CA HIS A 131 -1.70 2.74 -10.48
C HIS A 131 -1.04 1.39 -10.42
N LEU A 132 -1.64 0.42 -11.04
CA LEU A 132 -1.13 -0.93 -11.01
C LEU A 132 -0.54 -1.26 -12.37
N GLU A 133 0.69 -1.66 -12.38
CA GLU A 133 1.35 -2.05 -13.62
C GLU A 133 1.99 -3.40 -13.42
N TYR A 134 1.71 -4.30 -14.30
CA TYR A 134 2.14 -5.67 -14.13
C TYR A 134 2.33 -6.41 -15.44
N GLU A 135 3.00 -7.52 -15.37
CA GLU A 135 3.34 -8.27 -16.56
C GLU A 135 3.05 -9.77 -16.35
N LYS A 136 2.21 -10.35 -17.24
CA LYS A 136 1.84 -11.76 -17.14
C LYS A 136 2.95 -12.67 -17.66
N ILE A 137 3.17 -13.73 -16.94
CA ILE A 137 4.09 -14.77 -17.31
C ILE A 137 3.44 -15.64 -18.40
N SER A 138 2.21 -16.00 -18.15
CA SER A 138 1.46 -16.83 -19.04
C SER A 138 0.19 -16.12 -19.50
N GLU A 139 -0.84 -16.10 -18.61
CA GLU A 139 -2.18 -15.57 -18.89
C GLU A 139 -3.16 -16.24 -17.94
N GLU A 140 -3.06 -17.56 -17.95
CA GLU A 140 -3.97 -18.48 -17.28
C GLU A 140 -4.00 -18.28 -15.78
N VAL A 141 -2.92 -17.84 -15.24
CA VAL A 141 -2.78 -17.75 -13.80
C VAL A 141 -3.15 -16.32 -13.32
N ALA A 142 -3.41 -15.42 -14.27
CA ALA A 142 -3.68 -14.01 -13.96
C ALA A 142 -5.08 -13.79 -13.47
N HIS A 143 -5.19 -12.98 -12.44
CA HIS A 143 -6.48 -12.64 -11.84
C HIS A 143 -6.47 -11.20 -11.32
N PRO A 144 -6.85 -10.22 -12.17
CA PRO A 144 -6.99 -8.80 -11.74
C PRO A 144 -8.01 -8.65 -10.59
N GLU A 145 -8.86 -9.66 -10.44
CA GLU A 145 -9.89 -9.74 -9.39
C GLU A 145 -9.27 -9.52 -8.04
N THR A 146 -8.22 -10.24 -7.84
CA THR A 146 -7.57 -10.33 -6.59
C THR A 146 -6.67 -9.12 -6.38
N LEU A 147 -6.15 -8.59 -7.48
CA LEU A 147 -5.33 -7.39 -7.45
C LEU A 147 -6.16 -6.22 -6.95
N LEU A 148 -7.39 -6.14 -7.44
CA LEU A 148 -8.28 -5.10 -7.00
C LEU A 148 -8.71 -5.29 -5.57
N GLN A 149 -8.88 -6.54 -5.13
CA GLN A 149 -9.23 -6.78 -3.75
C GLN A 149 -8.04 -6.49 -2.83
N PHE A 150 -6.83 -6.72 -3.36
CA PHE A 150 -5.61 -6.36 -2.67
C PHE A 150 -5.65 -4.85 -2.39
N CYS A 151 -6.08 -4.12 -3.40
CA CYS A 151 -6.30 -2.69 -3.31
C CYS A 151 -7.37 -2.37 -2.26
N VAL A 152 -8.49 -3.05 -2.35
CA VAL A 152 -9.62 -2.85 -1.46
C VAL A 152 -9.24 -3.03 0.01
N GLU A 153 -8.58 -4.12 0.33
CA GLU A 153 -8.27 -4.43 1.72
C GLU A 153 -7.24 -3.47 2.30
N VAL A 154 -6.34 -3.02 1.47
CA VAL A 154 -5.37 -2.03 1.87
C VAL A 154 -6.06 -0.69 2.09
N SER A 155 -6.98 -0.35 1.18
CA SER A 155 -7.71 0.91 1.26
C SER A 155 -8.50 1.02 2.56
N LYS A 156 -9.10 -0.07 2.98
CA LYS A 156 -9.87 -0.12 4.22
C LYS A 156 -8.99 0.18 5.43
N GLU A 157 -7.76 -0.33 5.42
CA GLU A 157 -6.88 -0.16 6.56
C GLU A 157 -6.31 1.24 6.60
N ILE A 158 -5.80 1.69 5.47
CA ILE A 158 -5.15 2.98 5.36
C ILE A 158 -6.16 4.09 5.71
N ASP A 159 -7.40 3.87 5.33
CA ASP A 159 -8.54 4.76 5.66
C ASP A 159 -8.60 4.99 7.16
N GLU A 160 -8.62 3.90 7.90
CA GLU A 160 -8.71 3.92 9.35
C GLU A 160 -7.41 4.35 10.01
N HIS A 161 -6.29 4.02 9.39
CA HIS A 161 -4.96 4.29 9.95
C HIS A 161 -4.76 5.79 10.19
N LEU A 162 -5.29 6.60 9.32
CA LEU A 162 -5.21 8.04 9.50
C LEU A 162 -6.20 8.52 10.53
N LEU A 163 -7.29 7.83 10.66
CA LEU A 163 -8.29 8.22 11.63
C LEU A 163 -7.84 7.81 13.03
N ALA A 164 -6.96 6.85 13.08
CA ALA A 164 -6.33 6.44 14.29
C ALA A 164 -5.14 7.34 14.53
N GLU A 165 -5.24 8.20 15.50
CA GLU A 165 -4.15 9.10 15.77
C GLU A 165 -3.15 8.48 16.71
N GLU A 166 -1.94 8.96 16.65
CA GLU A 166 -0.87 8.46 17.46
C GLU A 166 -0.94 9.09 18.83
N THR A 10 -6.11 -12.07 -24.28
CA THR A 10 -5.07 -11.83 -25.28
C THR A 10 -5.26 -10.42 -25.91
N GLU A 11 -5.69 -9.48 -25.08
CA GLU A 11 -5.93 -8.10 -25.48
C GLU A 11 -4.65 -7.31 -25.39
N ALA A 12 -3.65 -7.96 -24.89
CA ALA A 12 -2.33 -7.42 -24.77
C ALA A 12 -1.35 -8.41 -25.36
N SER A 13 -0.87 -8.12 -26.54
CA SER A 13 0.03 -8.99 -27.26
C SER A 13 1.38 -9.14 -26.54
N SER A 14 1.77 -8.13 -25.81
CA SER A 14 3.01 -8.14 -25.06
C SER A 14 2.82 -8.75 -23.67
N LEU A 15 1.57 -9.09 -23.31
CA LEU A 15 1.20 -9.63 -21.99
C LEU A 15 1.47 -8.64 -20.86
N VAL A 16 1.62 -7.38 -21.20
CA VAL A 16 1.81 -6.36 -20.22
C VAL A 16 0.48 -5.63 -20.02
N GLY A 17 0.13 -5.41 -18.80
CA GLY A 17 -1.11 -4.78 -18.53
C GLY A 17 -1.02 -3.93 -17.32
N LYS A 18 -1.92 -3.05 -17.19
CA LYS A 18 -1.96 -2.17 -16.08
C LYS A 18 -3.38 -1.84 -15.74
N LEU A 19 -3.59 -1.51 -14.53
CA LEU A 19 -4.87 -1.13 -14.06
C LEU A 19 -4.69 0.06 -13.18
N GLU A 20 -5.54 1.00 -13.31
CA GLU A 20 -5.46 2.19 -12.54
C GLU A 20 -6.82 2.49 -11.97
N THR A 21 -6.88 2.71 -10.69
CA THR A 21 -8.13 2.95 -10.04
C THR A 21 -7.94 3.99 -8.97
N ASP A 22 -8.96 4.77 -8.75
CA ASP A 22 -8.98 5.70 -7.65
C ASP A 22 -9.78 5.09 -6.56
N VAL A 23 -9.37 5.31 -5.35
CA VAL A 23 -10.11 4.89 -4.20
C VAL A 23 -10.29 6.06 -3.30
N GLU A 24 -11.50 6.36 -2.97
CA GLU A 24 -11.75 7.43 -2.09
C GLU A 24 -11.78 7.02 -0.64
N ILE A 25 -11.16 7.82 0.16
CA ILE A 25 -11.05 7.61 1.57
C ILE A 25 -11.51 8.84 2.26
N LYS A 26 -11.52 8.75 3.54
CA LYS A 26 -11.86 9.85 4.38
C LYS A 26 -10.53 10.52 4.73
N ALA A 27 -10.41 11.05 5.94
CA ALA A 27 -9.15 11.62 6.42
C ALA A 27 -8.73 12.83 5.62
N SER A 28 -7.50 13.18 5.72
CA SER A 28 -6.96 14.29 4.99
C SER A 28 -5.68 13.82 4.33
N ALA A 29 -5.36 14.39 3.17
CA ALA A 29 -4.12 14.06 2.51
C ALA A 29 -2.96 14.57 3.36
N ASP A 30 -3.23 15.65 4.08
CA ASP A 30 -2.26 16.22 5.01
C ASP A 30 -2.15 15.35 6.22
N LYS A 31 -3.29 14.85 6.69
CA LYS A 31 -3.36 14.02 7.86
C LYS A 31 -2.62 12.71 7.62
N PHE A 32 -2.59 12.28 6.35
CA PHE A 32 -1.85 11.08 5.94
C PHE A 32 -0.39 11.18 6.37
N HIS A 33 0.23 12.34 6.14
CA HIS A 33 1.63 12.58 6.51
C HIS A 33 1.85 12.31 7.98
N HIS A 34 0.96 12.84 8.79
CA HIS A 34 1.11 12.77 10.22
C HIS A 34 0.77 11.39 10.76
N MET A 35 -0.29 10.81 10.28
CA MET A 35 -0.75 9.52 10.79
C MET A 35 0.09 8.34 10.34
N PHE A 36 0.66 8.42 9.15
CA PHE A 36 1.46 7.31 8.65
C PHE A 36 2.85 7.32 9.30
N ALA A 37 3.35 8.51 9.61
CA ALA A 37 4.66 8.63 10.22
C ALA A 37 4.55 8.54 11.74
N GLY A 38 3.40 8.92 12.25
CA GLY A 38 3.18 8.95 13.68
C GLY A 38 2.72 7.63 14.24
N LYS A 39 2.99 6.57 13.52
CA LYS A 39 2.64 5.25 13.96
C LYS A 39 3.76 4.78 14.88
N PRO A 40 3.45 4.45 16.15
CA PRO A 40 4.43 3.92 17.07
C PRO A 40 4.87 2.52 16.64
N HIS A 41 6.04 2.43 16.08
CA HIS A 41 6.52 1.17 15.61
C HIS A 41 7.21 0.42 16.71
N HIS A 42 6.71 -0.75 17.00
CA HIS A 42 7.25 -1.58 18.05
C HIS A 42 6.85 -3.02 17.87
N VAL A 43 5.57 -3.23 17.56
CA VAL A 43 4.96 -4.56 17.52
C VAL A 43 4.86 -5.08 18.95
N SER A 44 3.78 -4.71 19.58
CA SER A 44 3.54 -5.01 20.97
C SER A 44 3.35 -6.50 21.24
N LYS A 45 2.24 -7.07 20.75
CA LYS A 45 1.90 -8.49 20.92
C LYS A 45 1.64 -8.86 22.39
N ALA A 46 1.19 -10.08 22.61
CA ALA A 46 0.99 -10.58 23.97
C ALA A 46 2.34 -10.98 24.53
N SER A 47 3.18 -11.44 23.65
CA SER A 47 4.53 -11.79 23.95
C SER A 47 5.40 -11.30 22.79
N PRO A 48 6.51 -10.56 23.08
CA PRO A 48 7.39 -9.97 22.05
C PRO A 48 7.79 -10.96 20.96
N GLY A 49 8.35 -12.06 21.38
CA GLY A 49 8.80 -13.06 20.45
C GLY A 49 9.32 -14.23 21.19
N ASN A 50 8.42 -15.10 21.57
CA ASN A 50 8.79 -16.24 22.37
C ASN A 50 9.11 -17.44 21.53
N ILE A 51 10.36 -17.53 21.14
CA ILE A 51 10.94 -18.64 20.41
C ILE A 51 12.39 -18.78 20.82
N GLN A 52 13.13 -19.68 20.18
CA GLN A 52 14.56 -19.90 20.47
C GLN A 52 15.35 -18.61 20.35
N GLY A 53 15.28 -17.99 19.20
CA GLY A 53 16.02 -16.79 18.98
C GLY A 53 16.30 -16.57 17.53
N CYS A 54 15.35 -16.03 16.85
CA CYS A 54 15.47 -15.73 15.46
C CYS A 54 14.73 -14.43 15.20
N ASP A 55 15.44 -13.44 14.75
CA ASP A 55 14.83 -12.16 14.48
C ASP A 55 15.30 -11.59 13.16
N LEU A 56 14.45 -11.66 12.18
CA LEU A 56 14.71 -11.07 10.89
C LEU A 56 14.19 -9.64 11.00
N HIS A 57 14.99 -8.71 10.58
CA HIS A 57 14.65 -7.32 10.74
C HIS A 57 13.76 -6.79 9.65
N GLU A 58 12.49 -6.85 9.94
CA GLU A 58 11.44 -6.43 9.06
C GLU A 58 11.03 -5.03 9.48
N GLY A 59 11.46 -4.04 8.76
CA GLY A 59 11.15 -2.70 9.12
C GLY A 59 11.52 -1.76 8.03
N ASP A 60 11.04 -0.55 8.11
CA ASP A 60 11.32 0.44 7.09
C ASP A 60 12.78 0.89 7.14
N TRP A 61 13.39 0.97 5.97
CA TRP A 61 14.79 1.35 5.83
C TRP A 61 14.93 2.86 5.74
N GLY A 62 13.82 3.54 5.46
CA GLY A 62 13.84 4.99 5.35
C GLY A 62 14.30 5.48 3.99
N THR A 63 14.39 4.60 3.04
CA THR A 63 14.87 4.95 1.74
C THR A 63 14.35 3.94 0.70
N VAL A 64 14.71 4.15 -0.54
CA VAL A 64 14.36 3.26 -1.61
C VAL A 64 15.03 1.91 -1.38
N GLY A 65 14.27 0.85 -1.54
CA GLY A 65 14.79 -0.47 -1.28
C GLY A 65 14.28 -0.98 0.06
N SER A 66 13.53 -0.14 0.74
CA SER A 66 12.95 -0.45 2.04
C SER A 66 11.96 -1.61 1.91
N ILE A 67 12.03 -2.54 2.87
CA ILE A 67 11.12 -3.64 2.92
C ILE A 67 10.53 -3.75 4.32
N VAL A 68 9.27 -3.52 4.41
CA VAL A 68 8.53 -3.56 5.64
C VAL A 68 7.19 -4.24 5.36
N PHE A 69 6.60 -4.90 6.32
CA PHE A 69 5.39 -5.64 6.05
C PHE A 69 4.25 -5.19 6.94
N TRP A 70 3.05 -5.17 6.39
CA TRP A 70 1.87 -4.88 7.16
C TRP A 70 0.94 -6.08 7.14
N ASN A 71 0.13 -6.20 8.15
CA ASN A 71 -0.82 -7.27 8.25
C ASN A 71 -2.20 -6.71 8.07
N TYR A 72 -2.99 -7.35 7.28
CA TYR A 72 -4.36 -6.96 7.07
C TYR A 72 -5.24 -8.16 7.29
N VAL A 73 -6.40 -7.98 7.83
CA VAL A 73 -7.21 -9.11 8.19
C VAL A 73 -8.35 -9.28 7.21
N HIS A 74 -8.44 -10.45 6.65
CA HIS A 74 -9.45 -10.77 5.67
C HIS A 74 -9.93 -12.20 5.96
N ASP A 75 -11.25 -12.34 6.11
CA ASP A 75 -11.94 -13.63 6.48
C ASP A 75 -11.47 -14.09 7.85
N GLY A 76 -11.08 -13.15 8.68
CA GLY A 76 -10.61 -13.46 9.99
C GLY A 76 -9.14 -13.89 10.02
N GLU A 77 -8.53 -14.04 8.85
CA GLU A 77 -7.16 -14.46 8.78
C GLU A 77 -6.28 -13.25 8.66
N ALA A 78 -5.14 -13.30 9.28
CA ALA A 78 -4.19 -12.24 9.15
C ALA A 78 -3.42 -12.48 7.89
N LYS A 79 -3.58 -11.61 6.96
CA LYS A 79 -2.96 -11.75 5.69
C LYS A 79 -1.81 -10.80 5.68
N VAL A 80 -0.76 -11.17 5.07
CA VAL A 80 0.42 -10.33 5.10
C VAL A 80 0.73 -9.84 3.69
N ALA A 81 1.21 -8.64 3.59
CA ALA A 81 1.56 -8.08 2.31
C ALA A 81 3.06 -7.98 2.19
N LYS A 82 3.59 -8.52 1.12
CA LYS A 82 5.02 -8.49 0.87
C LYS A 82 5.31 -7.46 -0.21
N GLU A 83 6.13 -6.50 0.14
CA GLU A 83 6.37 -5.34 -0.69
C GLU A 83 7.82 -4.89 -0.57
N ARG A 84 8.25 -4.15 -1.54
CA ARG A 84 9.52 -3.47 -1.51
C ARG A 84 9.29 -2.06 -2.04
N ILE A 85 9.92 -1.09 -1.43
CA ILE A 85 9.79 0.29 -1.86
C ILE A 85 10.67 0.56 -3.08
N GLU A 86 10.04 1.00 -4.14
CA GLU A 86 10.75 1.34 -5.37
C GLU A 86 10.97 2.84 -5.46
N ALA A 87 10.04 3.60 -4.90
CA ALA A 87 10.09 5.05 -4.89
C ALA A 87 9.18 5.55 -3.78
N VAL A 88 9.59 6.57 -3.08
CA VAL A 88 8.78 7.10 -1.99
C VAL A 88 8.90 8.62 -1.85
N GLU A 89 7.77 9.29 -1.91
CA GLU A 89 7.67 10.71 -1.71
C GLU A 89 6.87 10.97 -0.45
N PRO A 90 7.52 11.39 0.63
CA PRO A 90 6.83 11.71 1.87
C PRO A 90 6.00 12.98 1.71
N ASP A 91 6.54 13.92 0.95
CA ASP A 91 5.89 15.21 0.73
C ASP A 91 4.79 15.15 -0.32
N LYS A 92 4.96 14.32 -1.33
CA LYS A 92 3.97 14.22 -2.40
C LYS A 92 2.93 13.15 -2.13
N ASN A 93 3.08 12.41 -1.02
CA ASN A 93 2.17 11.28 -0.67
C ASN A 93 2.19 10.22 -1.77
N LEU A 94 3.35 9.98 -2.34
CA LEU A 94 3.48 9.04 -3.44
C LEU A 94 4.37 7.92 -3.01
N ILE A 95 3.99 6.72 -3.30
CA ILE A 95 4.79 5.59 -2.93
C ILE A 95 4.59 4.41 -3.88
N THR A 96 5.68 3.96 -4.45
CA THR A 96 5.69 2.84 -5.36
C THR A 96 6.12 1.53 -4.63
N PHE A 97 5.23 0.55 -4.65
CA PHE A 97 5.44 -0.76 -4.04
C PHE A 97 5.71 -1.79 -5.13
N ARG A 98 6.55 -2.75 -4.83
CA ARG A 98 6.84 -3.88 -5.70
C ARG A 98 6.53 -5.15 -4.94
N VAL A 99 5.91 -6.14 -5.56
CA VAL A 99 5.70 -7.41 -4.88
C VAL A 99 6.99 -8.22 -5.03
N ILE A 100 7.42 -8.90 -3.99
CA ILE A 100 8.69 -9.61 -4.07
C ILE A 100 8.61 -11.10 -3.72
N GLU A 101 7.61 -11.50 -2.95
CA GLU A 101 7.59 -12.87 -2.47
C GLU A 101 6.95 -13.91 -3.41
N GLY A 102 5.64 -14.19 -3.26
CA GLY A 102 5.12 -15.32 -4.01
C GLY A 102 3.73 -15.21 -4.56
N ASP A 103 2.73 -14.90 -3.72
CA ASP A 103 1.29 -14.96 -4.15
C ASP A 103 1.00 -14.26 -5.47
N LEU A 104 1.43 -13.03 -5.59
CA LEU A 104 1.22 -12.29 -6.84
C LEU A 104 2.19 -12.73 -7.93
N MET A 105 3.33 -13.27 -7.52
CA MET A 105 4.39 -13.72 -8.45
C MET A 105 3.98 -15.01 -9.15
N LYS A 106 2.98 -15.68 -8.60
CA LYS A 106 2.45 -16.91 -9.17
C LYS A 106 1.64 -16.59 -10.40
N GLU A 107 1.06 -15.42 -10.41
CA GLU A 107 0.21 -14.99 -11.47
C GLU A 107 0.92 -14.05 -12.42
N TYR A 108 1.63 -13.12 -11.86
CA TYR A 108 2.30 -12.13 -12.64
C TYR A 108 3.78 -12.29 -12.42
N LYS A 109 4.55 -12.03 -13.42
CA LYS A 109 5.98 -12.15 -13.32
C LYS A 109 6.61 -10.88 -12.79
N SER A 110 5.78 -9.87 -12.68
CA SER A 110 6.16 -8.63 -12.07
C SER A 110 4.89 -7.86 -11.73
N PHE A 111 4.86 -7.27 -10.56
CA PHE A 111 3.73 -6.47 -10.13
C PHE A 111 4.23 -5.26 -9.40
N LEU A 112 3.96 -4.13 -9.96
CA LEU A 112 4.38 -2.88 -9.44
C LEU A 112 3.15 -2.01 -9.23
N LEU A 113 3.00 -1.43 -8.08
CA LEU A 113 1.85 -0.59 -7.82
C LEU A 113 2.26 0.67 -7.13
N THR A 114 1.72 1.76 -7.55
CA THR A 114 2.05 3.03 -6.99
C THR A 114 0.79 3.74 -6.51
N ILE A 115 0.82 4.23 -5.30
CA ILE A 115 -0.31 4.94 -4.78
C ILE A 115 0.09 6.36 -4.45
N GLN A 116 -0.85 7.26 -4.60
CA GLN A 116 -0.63 8.62 -4.23
C GLN A 116 -1.91 9.17 -3.67
N VAL A 117 -1.83 9.80 -2.52
CA VAL A 117 -3.02 10.31 -1.85
C VAL A 117 -3.20 11.76 -2.22
N THR A 118 -4.24 12.02 -2.97
CA THR A 118 -4.55 13.32 -3.47
C THR A 118 -5.89 13.79 -2.85
N PRO A 119 -5.94 15.02 -2.31
CA PRO A 119 -7.15 15.54 -1.68
C PRO A 119 -8.30 15.70 -2.69
N LYS A 120 -9.49 15.40 -2.26
CA LYS A 120 -10.64 15.51 -3.12
C LYS A 120 -11.30 16.87 -2.90
N PRO A 121 -12.17 17.32 -3.84
CA PRO A 121 -12.89 18.59 -3.69
C PRO A 121 -13.75 18.60 -2.42
N GLY A 122 -13.35 19.40 -1.47
CA GLY A 122 -14.03 19.48 -0.21
C GLY A 122 -13.04 19.69 0.89
N GLY A 123 -13.42 19.36 2.10
CA GLY A 123 -12.53 19.50 3.21
C GLY A 123 -11.88 18.18 3.58
N PRO A 124 -12.63 17.28 4.25
CA PRO A 124 -12.14 15.96 4.58
C PRO A 124 -12.35 14.99 3.42
N GLY A 125 -11.53 14.00 3.34
CA GLY A 125 -11.63 13.04 2.29
C GLY A 125 -10.50 13.21 1.31
N SER A 126 -10.09 12.12 0.71
CA SER A 126 -9.04 12.15 -0.29
C SER A 126 -9.21 10.96 -1.23
N ILE A 127 -8.62 11.07 -2.40
CA ILE A 127 -8.59 10.00 -3.36
C ILE A 127 -7.18 9.47 -3.50
N VAL A 128 -7.01 8.21 -3.28
CA VAL A 128 -5.76 7.58 -3.51
C VAL A 128 -5.74 7.01 -4.92
N HIS A 129 -4.80 7.46 -5.70
CA HIS A 129 -4.68 7.01 -7.07
C HIS A 129 -3.78 5.80 -7.13
N TRP A 130 -4.37 4.68 -7.44
CA TRP A 130 -3.65 3.43 -7.56
C TRP A 130 -3.24 3.22 -8.98
N HIS A 131 -1.98 3.07 -9.20
CA HIS A 131 -1.45 2.78 -10.51
C HIS A 131 -0.83 1.42 -10.41
N LEU A 132 -1.39 0.46 -11.07
CA LEU A 132 -0.87 -0.87 -11.03
C LEU A 132 -0.34 -1.23 -12.39
N GLU A 133 0.91 -1.57 -12.46
CA GLU A 133 1.55 -1.99 -13.69
C GLU A 133 2.06 -3.39 -13.48
N TYR A 134 1.73 -4.28 -14.38
CA TYR A 134 2.09 -5.66 -14.18
C TYR A 134 2.26 -6.45 -15.46
N GLU A 135 3.05 -7.46 -15.36
CA GLU A 135 3.42 -8.27 -16.48
C GLU A 135 2.92 -9.70 -16.25
N LYS A 136 2.04 -10.16 -17.14
CA LYS A 136 1.43 -11.48 -17.03
C LYS A 136 2.42 -12.55 -17.38
N ILE A 137 2.39 -13.64 -16.65
CA ILE A 137 3.17 -14.79 -17.01
C ILE A 137 2.49 -15.46 -18.17
N SER A 138 1.21 -15.62 -18.02
CA SER A 138 0.36 -16.22 -19.00
C SER A 138 -1.07 -15.80 -18.68
N GLU A 139 -1.94 -15.90 -19.64
CA GLU A 139 -3.32 -15.47 -19.50
C GLU A 139 -4.07 -16.30 -18.50
N GLU A 140 -4.08 -17.60 -18.71
CA GLU A 140 -4.82 -18.55 -17.86
C GLU A 140 -4.30 -18.48 -16.42
N VAL A 141 -3.12 -17.97 -16.29
CA VAL A 141 -2.42 -17.97 -15.03
C VAL A 141 -2.69 -16.69 -14.22
N ALA A 142 -2.80 -15.57 -14.90
CA ALA A 142 -2.96 -14.30 -14.20
C ALA A 142 -4.42 -13.94 -14.01
N HIS A 143 -4.77 -13.52 -12.81
CA HIS A 143 -6.14 -13.16 -12.50
C HIS A 143 -6.18 -11.74 -11.96
N PRO A 144 -6.32 -10.69 -12.83
CA PRO A 144 -6.37 -9.25 -12.39
C PRO A 144 -7.48 -8.95 -11.35
N GLU A 145 -8.37 -9.92 -11.16
CA GLU A 145 -9.46 -9.90 -10.19
C GLU A 145 -8.93 -9.55 -8.82
N THR A 146 -7.87 -10.22 -8.51
CA THR A 146 -7.26 -10.24 -7.22
C THR A 146 -6.57 -8.90 -6.86
N LEU A 147 -6.00 -8.27 -7.86
CA LEU A 147 -5.26 -7.02 -7.69
C LEU A 147 -6.15 -5.90 -7.20
N LEU A 148 -7.32 -5.78 -7.79
CA LEU A 148 -8.21 -4.76 -7.44
C LEU A 148 -8.77 -4.98 -6.04
N GLN A 149 -8.87 -6.24 -5.64
CA GLN A 149 -9.33 -6.57 -4.30
C GLN A 149 -8.24 -6.24 -3.29
N PHE A 150 -6.99 -6.49 -3.68
CA PHE A 150 -5.82 -6.16 -2.87
C PHE A 150 -5.82 -4.66 -2.59
N CYS A 151 -6.17 -3.88 -3.61
CA CYS A 151 -6.24 -2.43 -3.49
C CYS A 151 -7.28 -2.03 -2.44
N VAL A 152 -8.44 -2.68 -2.48
CA VAL A 152 -9.53 -2.39 -1.56
C VAL A 152 -9.10 -2.68 -0.11
N GLU A 153 -8.49 -3.83 0.10
CA GLU A 153 -8.07 -4.25 1.42
C GLU A 153 -7.01 -3.35 2.00
N VAL A 154 -6.13 -2.87 1.16
CA VAL A 154 -5.12 -1.93 1.59
C VAL A 154 -5.73 -0.54 1.83
N SER A 155 -6.69 -0.15 0.97
CA SER A 155 -7.36 1.13 1.10
C SER A 155 -8.03 1.26 2.47
N LYS A 156 -8.70 0.20 2.90
CA LYS A 156 -9.38 0.23 4.18
C LYS A 156 -8.39 0.28 5.34
N GLU A 157 -7.26 -0.41 5.20
CA GLU A 157 -6.23 -0.40 6.24
C GLU A 157 -5.72 0.98 6.49
N ILE A 158 -5.35 1.65 5.42
CA ILE A 158 -4.78 2.96 5.54
C ILE A 158 -5.82 4.00 5.97
N ASP A 159 -6.98 3.92 5.37
CA ASP A 159 -8.11 4.82 5.68
C ASP A 159 -8.48 4.72 7.16
N GLU A 160 -8.69 3.50 7.64
CA GLU A 160 -9.01 3.28 9.03
C GLU A 160 -7.86 3.69 9.94
N HIS A 161 -6.64 3.56 9.44
CA HIS A 161 -5.44 3.96 10.20
C HIS A 161 -5.41 5.49 10.37
N LEU A 162 -5.88 6.19 9.37
CA LEU A 162 -5.86 7.65 9.38
C LEU A 162 -6.98 8.20 10.26
N LEU A 163 -8.07 7.47 10.34
CA LEU A 163 -9.20 7.86 11.17
C LEU A 163 -8.97 7.42 12.60
N ALA A 164 -8.07 6.49 12.76
CA ALA A 164 -7.68 5.96 14.04
C ALA A 164 -6.70 6.91 14.72
N GLU A 165 -6.03 6.40 15.70
CA GLU A 165 -5.09 7.15 16.49
C GLU A 165 -3.72 6.51 16.43
N GLU A 166 -2.77 7.11 17.09
CA GLU A 166 -1.43 6.58 17.17
C GLU A 166 -1.32 5.52 18.27
N THR A 10 -4.91 -9.05 -30.23
CA THR A 10 -4.12 -7.83 -30.24
C THR A 10 -4.42 -7.02 -28.99
N GLU A 11 -5.07 -7.66 -28.03
CA GLU A 11 -5.55 -6.96 -26.84
C GLU A 11 -4.73 -7.29 -25.60
N ALA A 12 -3.97 -8.32 -25.73
CA ALA A 12 -3.13 -8.79 -24.66
C ALA A 12 -1.82 -9.31 -25.23
N SER A 13 -1.52 -8.86 -26.42
CA SER A 13 -0.31 -9.27 -27.11
C SER A 13 0.89 -8.63 -26.44
N SER A 14 0.68 -7.48 -25.84
CA SER A 14 1.73 -6.79 -25.16
C SER A 14 1.99 -7.40 -23.78
N LEU A 15 0.98 -8.08 -23.21
CA LEU A 15 1.03 -8.66 -21.86
C LEU A 15 1.30 -7.61 -20.78
N VAL A 16 1.09 -6.35 -21.13
CA VAL A 16 1.27 -5.26 -20.22
C VAL A 16 0.08 -5.18 -19.32
N GLY A 17 0.33 -5.26 -18.07
CA GLY A 17 -0.72 -5.29 -17.15
C GLY A 17 -0.82 -4.07 -16.32
N LYS A 18 -1.97 -3.54 -16.24
CA LYS A 18 -2.26 -2.44 -15.39
C LYS A 18 -3.59 -2.58 -14.81
N LEU A 19 -3.73 -1.97 -13.72
CA LEU A 19 -5.00 -1.77 -13.14
C LEU A 19 -4.93 -0.49 -12.40
N GLU A 20 -5.83 0.37 -12.67
CA GLU A 20 -5.81 1.64 -12.07
C GLU A 20 -7.19 1.98 -11.56
N THR A 21 -7.27 2.27 -10.31
CA THR A 21 -8.51 2.56 -9.68
C THR A 21 -8.29 3.63 -8.61
N ASP A 22 -9.25 4.49 -8.43
CA ASP A 22 -9.17 5.50 -7.41
C ASP A 22 -10.15 5.16 -6.33
N VAL A 23 -9.75 5.27 -5.11
CA VAL A 23 -10.58 4.92 -3.98
C VAL A 23 -10.68 6.12 -3.08
N GLU A 24 -11.82 6.33 -2.49
CA GLU A 24 -12.00 7.49 -1.67
C GLU A 24 -11.65 7.16 -0.25
N ILE A 25 -11.04 8.09 0.43
CA ILE A 25 -10.76 7.93 1.82
C ILE A 25 -11.36 9.04 2.66
N LYS A 26 -11.74 8.67 3.85
CA LYS A 26 -12.38 9.55 4.82
C LYS A 26 -11.38 10.54 5.42
N ALA A 27 -10.13 10.35 5.08
CA ALA A 27 -9.08 11.17 5.62
C ALA A 27 -8.57 12.16 4.60
N SER A 28 -7.83 13.14 5.07
CA SER A 28 -7.24 14.13 4.22
C SER A 28 -5.78 13.74 3.94
N ALA A 29 -5.29 14.13 2.77
CA ALA A 29 -3.93 13.81 2.31
C ALA A 29 -2.89 14.42 3.24
N ASP A 30 -3.27 15.50 3.90
CA ASP A 30 -2.43 16.21 4.87
C ASP A 30 -1.92 15.28 5.93
N LYS A 31 -2.80 14.46 6.46
CA LYS A 31 -2.43 13.59 7.56
C LYS A 31 -1.42 12.55 7.18
N PHE A 32 -1.52 12.04 5.94
CA PHE A 32 -0.57 11.06 5.44
C PHE A 32 0.80 11.73 5.38
N HIS A 33 0.79 12.95 4.86
CA HIS A 33 1.99 13.76 4.69
C HIS A 33 2.69 13.96 6.04
N HIS A 34 1.91 14.18 7.09
CA HIS A 34 2.48 14.37 8.42
C HIS A 34 2.93 13.06 9.06
N MET A 35 2.02 12.08 9.12
CA MET A 35 2.28 10.86 9.91
C MET A 35 3.31 9.94 9.28
N PHE A 36 3.49 10.02 7.98
CA PHE A 36 4.48 9.19 7.32
C PHE A 36 5.88 9.62 7.71
N ALA A 37 6.03 10.92 7.97
CA ALA A 37 7.31 11.47 8.38
C ALA A 37 7.55 11.22 9.85
N GLY A 38 6.48 11.23 10.61
CA GLY A 38 6.55 10.99 12.01
C GLY A 38 5.26 11.37 12.67
N LYS A 39 5.13 11.07 13.95
CA LYS A 39 3.93 11.39 14.69
C LYS A 39 3.89 12.87 15.03
N PRO A 40 2.84 13.59 14.62
CA PRO A 40 2.69 15.00 14.94
C PRO A 40 2.45 15.18 16.43
N HIS A 41 1.33 14.65 16.89
CA HIS A 41 0.92 14.72 18.27
C HIS A 41 -0.24 13.78 18.46
N HIS A 42 -0.75 13.71 19.67
CA HIS A 42 -1.89 12.87 19.98
C HIS A 42 -2.87 13.59 20.86
N VAL A 43 -4.12 13.37 20.60
CA VAL A 43 -5.20 14.01 21.33
C VAL A 43 -5.94 12.97 22.15
N SER A 44 -6.15 13.26 23.39
CA SER A 44 -6.78 12.31 24.25
C SER A 44 -8.23 12.66 24.56
N LYS A 45 -9.12 12.10 23.77
CA LYS A 45 -10.55 12.18 24.01
C LYS A 45 -11.08 10.78 23.92
N ALA A 46 -11.78 10.35 24.97
CA ALA A 46 -12.25 8.96 25.10
C ALA A 46 -11.01 8.03 25.04
N SER A 47 -11.20 6.78 24.74
CA SER A 47 -10.07 5.91 24.57
C SER A 47 -9.79 5.77 23.07
N PRO A 48 -8.73 6.43 22.55
CA PRO A 48 -8.38 6.38 21.14
C PRO A 48 -7.78 5.02 20.77
N GLY A 49 -8.27 4.47 19.68
CA GLY A 49 -7.83 3.18 19.20
C GLY A 49 -6.39 3.20 18.74
N ASN A 50 -5.62 2.29 19.27
CA ASN A 50 -4.22 2.17 18.92
C ASN A 50 -4.10 1.18 17.79
N ILE A 51 -3.92 1.70 16.62
CA ILE A 51 -3.82 0.90 15.45
C ILE A 51 -2.40 0.46 15.21
N GLN A 52 -2.25 -0.39 14.26
CA GLN A 52 -0.98 -0.99 13.96
C GLN A 52 -0.47 -0.47 12.63
N GLY A 53 0.83 -0.42 12.46
CA GLY A 53 1.39 0.00 11.19
C GLY A 53 1.88 1.43 11.21
N CYS A 54 1.66 2.12 12.30
CA CYS A 54 2.12 3.49 12.43
C CYS A 54 3.47 3.50 13.12
N ASP A 55 3.74 2.43 13.83
CA ASP A 55 5.01 2.26 14.49
C ASP A 55 5.83 1.31 13.67
N LEU A 56 7.12 1.47 13.69
CA LEU A 56 7.99 0.68 12.85
C LEU A 56 8.47 -0.59 13.53
N HIS A 57 8.10 -1.71 12.96
CA HIS A 57 8.55 -3.02 13.43
C HIS A 57 9.96 -3.30 12.95
N GLU A 58 10.29 -2.74 11.80
CA GLU A 58 11.56 -2.98 11.16
C GLU A 58 11.74 -1.96 10.06
N GLY A 59 12.95 -1.82 9.58
CA GLY A 59 13.25 -0.88 8.54
C GLY A 59 14.68 -0.45 8.61
N ASP A 60 14.89 0.85 8.83
CA ASP A 60 16.23 1.47 8.95
C ASP A 60 17.01 1.43 7.60
N TRP A 61 16.28 1.16 6.52
CA TRP A 61 16.87 1.08 5.19
C TRP A 61 16.95 2.45 4.54
N GLY A 62 16.50 3.47 5.23
CA GLY A 62 16.49 4.78 4.63
C GLY A 62 15.13 5.05 4.05
N THR A 63 14.17 4.21 4.45
CA THR A 63 12.80 4.24 3.98
C THR A 63 12.68 3.67 2.56
N VAL A 64 13.37 4.26 1.61
CA VAL A 64 13.38 3.74 0.26
C VAL A 64 14.20 2.45 0.25
N GLY A 65 13.58 1.35 -0.13
CA GLY A 65 14.27 0.09 -0.13
C GLY A 65 13.91 -0.76 1.07
N SER A 66 13.02 -0.24 1.91
CA SER A 66 12.60 -0.92 3.12
C SER A 66 11.74 -2.14 2.76
N ILE A 67 11.81 -3.17 3.58
CA ILE A 67 11.04 -4.38 3.39
C ILE A 67 10.32 -4.79 4.67
N VAL A 68 9.03 -4.91 4.61
CA VAL A 68 8.22 -5.35 5.75
C VAL A 68 7.14 -6.32 5.24
N PHE A 69 6.71 -7.25 6.07
CA PHE A 69 5.72 -8.20 5.64
C PHE A 69 4.43 -7.99 6.41
N TRP A 70 3.32 -8.05 5.70
CA TRP A 70 2.03 -7.79 6.32
C TRP A 70 1.25 -9.06 6.46
N ASN A 71 0.65 -9.23 7.62
CA ASN A 71 -0.26 -10.36 7.85
C ASN A 71 -1.66 -9.81 7.95
N TYR A 72 -2.59 -10.46 7.30
CA TYR A 72 -3.98 -10.03 7.26
C TYR A 72 -4.84 -11.21 6.88
N VAL A 73 -6.14 -11.13 7.10
CA VAL A 73 -7.01 -12.24 6.78
C VAL A 73 -7.81 -11.93 5.52
N HIS A 74 -7.65 -12.76 4.54
CA HIS A 74 -8.28 -12.61 3.25
C HIS A 74 -8.78 -13.98 2.81
N ASP A 75 -10.10 -14.09 2.61
CA ASP A 75 -10.76 -15.37 2.25
C ASP A 75 -10.63 -16.39 3.35
N GLY A 76 -10.59 -15.90 4.57
CA GLY A 76 -10.54 -16.76 5.73
C GLY A 76 -9.16 -17.24 6.10
N GLU A 77 -8.16 -16.86 5.35
CA GLU A 77 -6.83 -17.27 5.67
C GLU A 77 -5.98 -16.06 5.96
N ALA A 78 -5.04 -16.23 6.85
CA ALA A 78 -4.09 -15.19 7.12
C ALA A 78 -3.07 -15.26 6.02
N LYS A 79 -3.01 -14.23 5.25
CA LYS A 79 -2.15 -14.19 4.12
C LYS A 79 -0.97 -13.32 4.46
N VAL A 80 0.11 -13.53 3.80
CA VAL A 80 1.27 -12.73 4.00
C VAL A 80 1.58 -11.98 2.72
N ALA A 81 1.81 -10.71 2.85
CA ALA A 81 2.16 -9.89 1.73
C ALA A 81 3.61 -9.50 1.87
N LYS A 82 4.34 -9.73 0.82
CA LYS A 82 5.75 -9.46 0.79
C LYS A 82 6.02 -8.32 -0.15
N GLU A 83 6.76 -7.33 0.31
CA GLU A 83 6.91 -6.11 -0.44
C GLU A 83 8.25 -5.47 -0.17
N ARG A 84 8.56 -4.52 -0.99
CA ARG A 84 9.69 -3.66 -0.82
C ARG A 84 9.23 -2.24 -1.15
N ILE A 85 9.75 -1.23 -0.48
CA ILE A 85 9.47 0.13 -0.91
C ILE A 85 10.39 0.42 -2.08
N GLU A 86 9.82 0.76 -3.19
CA GLU A 86 10.63 1.01 -4.37
C GLU A 86 10.87 2.50 -4.52
N ALA A 87 9.85 3.28 -4.28
CA ALA A 87 9.94 4.71 -4.39
C ALA A 87 8.89 5.34 -3.52
N VAL A 88 9.23 6.40 -2.88
CA VAL A 88 8.29 7.09 -2.05
C VAL A 88 8.54 8.59 -2.08
N GLU A 89 7.54 9.34 -2.41
CA GLU A 89 7.64 10.77 -2.38
C GLU A 89 6.66 11.27 -1.36
N PRO A 90 7.13 11.70 -0.20
CA PRO A 90 6.28 12.21 0.86
C PRO A 90 5.64 13.53 0.45
N ASP A 91 6.33 14.27 -0.41
CA ASP A 91 5.89 15.62 -0.77
C ASP A 91 4.68 15.57 -1.67
N LYS A 92 4.64 14.57 -2.50
CA LYS A 92 3.55 14.38 -3.44
C LYS A 92 2.57 13.36 -2.90
N ASN A 93 2.88 12.84 -1.72
CA ASN A 93 2.09 11.79 -1.06
C ASN A 93 1.97 10.59 -2.00
N LEU A 94 3.10 9.98 -2.26
CA LEU A 94 3.23 8.89 -3.21
C LEU A 94 4.04 7.77 -2.60
N ILE A 95 3.64 6.55 -2.84
CA ILE A 95 4.40 5.41 -2.39
C ILE A 95 4.22 4.19 -3.33
N THR A 96 5.32 3.66 -3.78
CA THR A 96 5.34 2.50 -4.65
C THR A 96 5.64 1.21 -3.85
N PHE A 97 4.74 0.24 -3.95
CA PHE A 97 4.89 -1.06 -3.31
C PHE A 97 5.31 -2.04 -4.40
N ARG A 98 6.38 -2.76 -4.16
CA ARG A 98 6.86 -3.73 -5.13
C ARG A 98 6.84 -5.09 -4.46
N VAL A 99 6.06 -6.01 -4.98
CA VAL A 99 5.99 -7.33 -4.38
C VAL A 99 7.22 -8.10 -4.82
N ILE A 100 7.98 -8.59 -3.86
CA ILE A 100 9.22 -9.28 -4.21
C ILE A 100 9.04 -10.78 -4.20
N GLU A 101 8.08 -11.25 -3.44
CA GLU A 101 7.76 -12.65 -3.35
C GLU A 101 6.31 -12.76 -2.96
N GLY A 102 5.66 -13.83 -3.32
CA GLY A 102 4.29 -13.98 -2.99
C GLY A 102 3.53 -14.67 -4.07
N ASP A 103 2.27 -14.90 -3.82
CA ASP A 103 1.41 -15.60 -4.75
C ASP A 103 1.17 -14.78 -6.02
N LEU A 104 1.21 -13.47 -5.88
CA LEU A 104 1.04 -12.57 -7.02
C LEU A 104 2.28 -12.61 -7.91
N MET A 105 3.39 -12.98 -7.31
CA MET A 105 4.68 -13.00 -8.02
C MET A 105 4.75 -14.17 -9.01
N LYS A 106 3.87 -15.14 -8.84
CA LYS A 106 3.84 -16.25 -9.77
C LYS A 106 2.86 -15.99 -10.92
N GLU A 107 2.06 -14.97 -10.75
CA GLU A 107 1.11 -14.55 -11.77
C GLU A 107 1.78 -13.61 -12.69
N TYR A 108 2.32 -12.59 -12.08
CA TYR A 108 2.95 -11.56 -12.79
C TYR A 108 4.41 -11.69 -12.47
N LYS A 109 5.23 -11.62 -13.48
CA LYS A 109 6.67 -11.74 -13.30
C LYS A 109 7.27 -10.50 -12.66
N SER A 110 6.44 -9.51 -12.48
CA SER A 110 6.76 -8.28 -11.82
C SER A 110 5.45 -7.60 -11.50
N PHE A 111 5.34 -7.08 -10.29
CA PHE A 111 4.10 -6.46 -9.86
C PHE A 111 4.39 -5.24 -9.00
N LEU A 112 3.89 -4.12 -9.46
CA LEU A 112 4.00 -2.85 -8.78
C LEU A 112 2.66 -2.27 -8.54
N LEU A 113 2.56 -1.63 -7.47
CA LEU A 113 1.38 -0.88 -7.12
C LEU A 113 1.77 0.39 -6.43
N THR A 114 1.44 1.48 -7.01
CA THR A 114 1.81 2.74 -6.50
C THR A 114 0.57 3.51 -6.14
N ILE A 115 0.54 4.07 -4.97
CA ILE A 115 -0.58 4.86 -4.56
C ILE A 115 -0.16 6.26 -4.32
N GLN A 116 -1.02 7.17 -4.65
CA GLN A 116 -0.79 8.54 -4.41
C GLN A 116 -2.08 9.15 -3.92
N VAL A 117 -2.02 9.77 -2.77
CA VAL A 117 -3.21 10.30 -2.14
C VAL A 117 -3.34 11.76 -2.49
N THR A 118 -4.39 12.06 -3.19
CA THR A 118 -4.65 13.37 -3.71
C THR A 118 -6.05 13.79 -3.28
N PRO A 119 -6.25 15.06 -2.87
CA PRO A 119 -7.57 15.60 -2.43
C PRO A 119 -8.74 15.20 -3.36
N LYS A 120 -9.91 15.02 -2.77
CA LYS A 120 -11.12 14.68 -3.51
C LYS A 120 -11.59 15.88 -4.29
N PRO A 121 -12.22 15.65 -5.46
CA PRO A 121 -12.80 16.72 -6.27
C PRO A 121 -13.81 17.52 -5.46
N GLY A 122 -13.45 18.72 -5.13
CA GLY A 122 -14.26 19.56 -4.33
C GLY A 122 -13.44 20.16 -3.22
N GLY A 123 -12.77 19.32 -2.47
CA GLY A 123 -11.92 19.79 -1.40
C GLY A 123 -11.79 18.79 -0.26
N PRO A 124 -12.80 18.72 0.64
CA PRO A 124 -12.80 17.84 1.82
C PRO A 124 -12.50 16.37 1.51
N GLY A 125 -11.48 15.84 2.19
CA GLY A 125 -11.11 14.46 2.02
C GLY A 125 -10.14 14.25 0.88
N SER A 126 -9.68 13.04 0.71
CA SER A 126 -8.77 12.73 -0.34
C SER A 126 -9.11 11.42 -1.02
N ILE A 127 -8.62 11.27 -2.21
CA ILE A 127 -8.83 10.11 -2.98
C ILE A 127 -7.46 9.41 -3.06
N VAL A 128 -7.43 8.14 -3.12
CA VAL A 128 -6.20 7.45 -3.30
C VAL A 128 -6.15 6.86 -4.70
N HIS A 129 -5.18 7.29 -5.46
CA HIS A 129 -5.02 6.80 -6.81
C HIS A 129 -4.13 5.58 -6.79
N TRP A 130 -4.70 4.43 -7.09
CA TRP A 130 -3.94 3.20 -7.14
C TRP A 130 -3.51 2.94 -8.54
N HIS A 131 -2.24 2.81 -8.74
CA HIS A 131 -1.74 2.45 -10.03
C HIS A 131 -1.07 1.15 -9.88
N LEU A 132 -1.62 0.15 -10.45
CA LEU A 132 -1.02 -1.14 -10.39
C LEU A 132 -0.47 -1.41 -11.75
N GLU A 133 0.79 -1.66 -11.80
CA GLU A 133 1.47 -1.89 -13.04
C GLU A 133 2.24 -3.17 -12.91
N TYR A 134 2.03 -4.04 -13.83
CA TYR A 134 2.58 -5.37 -13.74
C TYR A 134 2.81 -6.00 -15.11
N GLU A 135 3.56 -7.06 -15.11
CA GLU A 135 3.94 -7.74 -16.34
C GLU A 135 3.37 -9.17 -16.32
N LYS A 136 2.53 -9.51 -17.30
CA LYS A 136 1.97 -10.87 -17.36
C LYS A 136 2.97 -11.86 -17.89
N ILE A 137 3.02 -13.01 -17.26
CA ILE A 137 3.79 -14.12 -17.78
C ILE A 137 2.97 -14.73 -18.92
N SER A 138 1.67 -14.73 -18.68
CA SER A 138 0.67 -15.21 -19.60
C SER A 138 -0.66 -14.70 -19.00
N GLU A 139 -1.76 -14.90 -19.69
CA GLU A 139 -3.04 -14.40 -19.18
C GLU A 139 -3.64 -15.38 -18.22
N GLU A 140 -3.68 -16.62 -18.68
CA GLU A 140 -4.29 -17.74 -17.99
C GLU A 140 -3.66 -18.00 -16.63
N VAL A 141 -2.46 -17.52 -16.46
CA VAL A 141 -1.75 -17.73 -15.19
C VAL A 141 -2.10 -16.61 -14.19
N ALA A 142 -2.49 -15.48 -14.72
CA ALA A 142 -2.73 -14.30 -13.91
C ALA A 142 -4.20 -14.13 -13.60
N HIS A 143 -4.47 -13.35 -12.57
CA HIS A 143 -5.83 -12.98 -12.20
C HIS A 143 -5.92 -11.53 -11.68
N PRO A 144 -5.99 -10.54 -12.61
CA PRO A 144 -6.06 -9.09 -12.27
C PRO A 144 -7.38 -8.68 -11.61
N GLU A 145 -8.26 -9.62 -11.50
CA GLU A 145 -9.58 -9.43 -10.89
C GLU A 145 -9.46 -9.24 -9.39
N THR A 146 -8.66 -10.08 -8.81
CA THR A 146 -8.47 -10.17 -7.38
C THR A 146 -7.80 -8.90 -6.82
N LEU A 147 -7.02 -8.24 -7.67
CA LEU A 147 -6.32 -7.00 -7.32
C LEU A 147 -7.29 -5.95 -6.74
N LEU A 148 -8.52 -5.89 -7.29
CA LEU A 148 -9.53 -4.94 -6.78
C LEU A 148 -9.91 -5.27 -5.36
N GLN A 149 -9.94 -6.55 -5.05
CA GLN A 149 -10.25 -7.01 -3.71
C GLN A 149 -9.14 -6.63 -2.76
N PHE A 150 -7.91 -6.71 -3.25
CA PHE A 150 -6.74 -6.37 -2.44
C PHE A 150 -6.71 -4.86 -2.17
N CYS A 151 -6.95 -4.07 -3.19
CA CYS A 151 -6.90 -2.63 -3.04
C CYS A 151 -8.04 -2.11 -2.14
N VAL A 152 -9.22 -2.69 -2.23
CA VAL A 152 -10.37 -2.19 -1.47
C VAL A 152 -10.20 -2.38 0.03
N GLU A 153 -9.70 -3.55 0.42
CA GLU A 153 -9.48 -3.84 1.84
C GLU A 153 -8.36 -2.99 2.41
N VAL A 154 -7.32 -2.78 1.63
CA VAL A 154 -6.21 -1.95 2.06
C VAL A 154 -6.66 -0.48 2.13
N SER A 155 -7.55 -0.07 1.23
CA SER A 155 -8.10 1.28 1.24
C SER A 155 -8.84 1.58 2.54
N LYS A 156 -9.73 0.67 2.95
CA LYS A 156 -10.52 0.85 4.18
C LYS A 156 -9.59 0.95 5.38
N GLU A 157 -8.51 0.20 5.30
CA GLU A 157 -7.50 0.16 6.33
C GLU A 157 -6.76 1.51 6.35
N ILE A 158 -6.46 2.02 5.17
CA ILE A 158 -5.70 3.23 5.01
C ILE A 158 -6.52 4.44 5.53
N ASP A 159 -7.87 4.41 5.33
CA ASP A 159 -8.76 5.48 5.88
C ASP A 159 -8.49 5.64 7.36
N GLU A 160 -8.55 4.52 8.03
CA GLU A 160 -8.40 4.44 9.46
C GLU A 160 -6.97 4.66 9.88
N HIS A 161 -6.05 4.27 9.03
CA HIS A 161 -4.64 4.47 9.28
C HIS A 161 -4.34 5.97 9.39
N LEU A 162 -4.97 6.74 8.53
CA LEU A 162 -4.80 8.17 8.56
C LEU A 162 -5.63 8.82 9.65
N LEU A 163 -6.90 8.41 9.78
CA LEU A 163 -7.76 9.03 10.80
C LEU A 163 -7.24 8.72 12.18
N ALA A 164 -6.86 7.45 12.37
CA ALA A 164 -6.28 6.89 13.60
C ALA A 164 -7.07 7.21 14.88
N GLU A 165 -6.96 8.42 15.34
CA GLU A 165 -7.62 8.89 16.51
C GLU A 165 -9.03 9.28 16.16
N GLU A 166 -9.80 9.56 17.15
CA GLU A 166 -11.17 9.88 16.95
C GLU A 166 -11.53 10.96 17.96
#